data_8DDT
#
_entry.id   8DDT
#
_cell.length_a   1.00
_cell.length_b   1.00
_cell.length_c   1.00
_cell.angle_alpha   90.00
_cell.angle_beta   90.00
_cell.angle_gamma   90.00
#
_symmetry.space_group_name_H-M   'P 1'
#
loop_
_entity.id
_entity.type
_entity.pdbx_description
1 polymer 'Transient receptor potential cation channel, subfamily M, member 3'
2 polymer 'Unidentified segment at the N-terminus of TRPM3'
3 non-polymer 1,2-DIACYL-GLYCEROL-3-SN-PHOSPHATE
4 non-polymer (3beta,14beta,17beta,25R)-3-[4-methoxy-3-(methoxymethyl)butoxy]spirost-5-en
5 non-polymer '[(2R)-2-octanoyloxy-3-[oxidanyl-[(1R,2R,3S,4R,5R,6S)-2,3,6-tris(oxidanyl)-4,5-diphosphonooxy-cyclohexyl]oxy-phosphoryl]oxy-propyl] octanoate'
6 non-polymer 'SODIUM ION'
#
loop_
_entity_poly.entity_id
_entity_poly.type
_entity_poly.pdbx_seq_one_letter_code
_entity_poly.pdbx_strand_id
1 'polypeptide(L)'
;MGKKWRDAGELERGCSDREDSAESRRRSRSASRGRFAESWKRLSSKQGSTKRSGLPAQQTPAQKSWIERAFYKRECVHII
PSTKDPHRCCCGRLIGQHVGLTPSISVLQNEKNESRLSRNDIQSEKWSISKHTQLSPTDAFGTIEFQGGGHSNKAMYVRV
SFDTKPDLLLHLMTKEWQLELPKLLISVHGGLQNFELQPKLKQVFGKGLIKAAMTTGAWIFTGGVNTGVIRHVGDALKDH
ASKSRGKICTIGIAPWGIVENQEDLIGRDVVRPYQTMSNPMSKLTVLNSMHSHFILADNGTTGKYGAEVKLRRQLEKHIS
LQKINTRIGQGVPVVALIVEGGPNVISIVLEYLRDTPPVPVVVCDGSGRASDILAFGHKYSEEGGLINESLRDQLLVTIQ
KTFTYTRTQAQHLFIILMECMKKKELITVFRMGSEGHQDIDLAILTALLKGANASAPDQLSLALAWNRVDIARSQIFIYG
QQWPVGSLEQAMLDALVLDRVDFVKLLIENGVSMHRFLTISRLEELYNTRHGPSNTLYHLVRDVKKGNLPPDYRISLIDI
GLVIEYLMGGAYRCNYTRKRFRTLYHNLFGPKRPKALKLLGMEDDIPLRRGRKTTKKREEEVDIDLDDPEINHFPFPFHE
LMVWAVLMKRQKMALFFWQHGEEAMAKALVACKLCKAMAHEASENDMVDDISQELNHNSRDFGQLAVELLDQSYKQDEQL
AMKLLTYELKNWSNATCLQLAVAAKHRDFIAHTCSQMLLTDMWMGRLRMRKNSGLKVILGILLPPSILSLEFKNKDDMPY
MTQAQEIHLQEKEPEEPEKPTKEKDEEDMELTAMLGRSNGESSRKKDEEEVQSRHRLIPVGRKIYEFYNAPIVKFWFYTL
AYIGYLMLFNYIVLVKMERWPSTQEWIVISYIFTLGIEKMREILMSEPGKLLQKVKVWLQEYWNVTDLIAILLFSVGMIL
RLQDQPFRSDGRVIYCVNIIYWYIRLLDIFGVNKYLGPYVMMIGKMMIDMMYFVIIMLVVLMSFGVARQAILFPNEEPSW
KLAKNIFYMPYWMIYGEVFADQIDPPCGQNETREDGKTIQLPPCKTGAWIVPAIMACYLLVANILLVNLLIAVFNNTFFE
VKSISNQVWKFQRYQLIMTFHERPVLPPPLIIFSHMTMIFQHVCCRWRKHESDQDERDYGLKLFITDDELKKVHDFEEQC
IEEYFREKDDRFNSSNDERIRVTSERVENMSMRLEEVNEREHSMKASLQTVDIRLAQLEDLIGRMATALERLTGLERAES
NKIRSRTSSDCTDAAYIVRQSSFNSQEGNTFKLQESIDPAGEETISPTSPTLMPRMRSHSFYSVNVKDKGGIEKLESIFK
ERSLSLHRATS
;
A,B,C,D
2 'polypeptide(L)'
;(UNK)(UNK)(UNK)(UNK)(UNK)(UNK)(UNK)(UNK)(UNK)(UNK)(UNK)(UNK)(UNK)(UNK)(UNK)(UNK)
(UNK)
;
E,F,G,H
#
# COMPACT_ATOMS: atom_id res chain seq x y z
N ILE A 129 -51.10 -56.91 -23.54
CA ILE A 129 -51.08 -58.31 -23.13
C ILE A 129 -50.88 -58.42 -21.63
N SER A 130 -50.83 -59.65 -21.13
CA SER A 130 -50.64 -59.90 -19.70
C SER A 130 -49.16 -60.06 -19.36
N LYS A 131 -48.36 -59.09 -19.82
CA LYS A 131 -46.92 -59.02 -19.54
C LYS A 131 -46.20 -60.31 -19.98
N HIS A 132 -46.37 -60.65 -21.26
CA HIS A 132 -45.66 -61.78 -21.87
C HIS A 132 -44.49 -61.19 -22.65
N THR A 133 -43.35 -61.04 -21.98
CA THR A 133 -42.19 -60.36 -22.54
C THR A 133 -40.98 -61.29 -22.49
N GLN A 134 -40.05 -61.06 -23.41
CA GLN A 134 -38.82 -61.83 -23.48
C GLN A 134 -37.85 -61.39 -22.39
N LEU A 135 -37.32 -62.36 -21.64
CA LEU A 135 -36.42 -62.08 -20.52
C LEU A 135 -34.97 -62.10 -20.97
N SER A 136 -34.68 -61.29 -21.99
CA SER A 136 -33.32 -61.22 -22.53
C SER A 136 -32.39 -60.52 -21.55
N PRO A 137 -31.09 -60.81 -21.62
CA PRO A 137 -30.13 -60.10 -20.76
C PRO A 137 -29.97 -58.64 -21.18
N THR A 138 -29.43 -57.86 -20.24
CA THR A 138 -29.23 -56.43 -20.47
C THR A 138 -28.19 -56.20 -21.57
N ASP A 139 -28.37 -55.09 -22.30
CA ASP A 139 -27.48 -54.79 -23.41
C ASP A 139 -27.11 -53.31 -23.50
N ALA A 140 -27.25 -52.54 -22.41
CA ALA A 140 -26.95 -51.11 -22.46
C ALA A 140 -26.49 -50.67 -21.07
N PHE A 141 -25.18 -50.51 -20.91
CA PHE A 141 -24.62 -50.02 -19.66
C PHE A 141 -23.26 -49.40 -19.94
N GLY A 142 -22.90 -48.41 -19.12
CA GLY A 142 -21.63 -47.73 -19.30
C GLY A 142 -21.65 -46.30 -18.81
N THR A 143 -21.24 -45.37 -19.67
CA THR A 143 -21.15 -43.95 -19.32
C THR A 143 -21.65 -43.13 -20.50
N ILE A 144 -22.43 -42.09 -20.22
CA ILE A 144 -22.94 -41.19 -21.24
C ILE A 144 -22.52 -39.77 -20.91
N GLU A 145 -22.13 -39.01 -21.92
CA GLU A 145 -21.86 -37.59 -21.78
C GLU A 145 -22.92 -36.80 -22.53
N PHE A 146 -23.30 -35.67 -21.97
CA PHE A 146 -24.41 -34.87 -22.49
C PHE A 146 -23.83 -33.75 -23.35
N GLN A 147 -23.78 -34.00 -24.66
CA GLN A 147 -23.36 -32.97 -25.59
C GLN A 147 -24.44 -31.90 -25.73
N GLY A 148 -24.00 -30.67 -25.98
CA GLY A 148 -24.91 -29.56 -26.12
C GLY A 148 -25.29 -28.87 -24.84
N GLY A 149 -24.84 -29.37 -23.69
CA GLY A 149 -25.11 -28.71 -22.43
C GLY A 149 -24.08 -27.64 -22.09
N GLY A 150 -24.43 -26.83 -21.08
CA GLY A 150 -23.51 -25.80 -20.63
C GLY A 150 -22.26 -26.36 -19.98
N HIS A 151 -22.41 -27.45 -19.24
CA HIS A 151 -21.32 -28.06 -18.50
C HIS A 151 -21.04 -29.47 -19.04
N SER A 152 -19.77 -29.84 -19.03
CA SER A 152 -19.36 -31.18 -19.42
C SER A 152 -19.62 -32.13 -18.25
N ASN A 153 -20.64 -32.97 -18.37
CA ASN A 153 -21.07 -33.85 -17.29
C ASN A 153 -21.05 -35.29 -17.77
N LYS A 154 -20.40 -36.15 -17.01
CA LYS A 154 -20.35 -37.58 -17.29
C LYS A 154 -21.29 -38.31 -16.34
N ALA A 155 -22.13 -39.19 -16.89
CA ALA A 155 -23.13 -39.91 -16.11
C ALA A 155 -23.06 -41.39 -16.44
N MET A 156 -22.92 -42.21 -15.40
CA MET A 156 -22.99 -43.65 -15.58
C MET A 156 -24.44 -44.12 -15.61
N TYR A 157 -24.67 -45.23 -16.29
CA TYR A 157 -26.04 -45.71 -16.48
C TYR A 157 -26.02 -47.21 -16.73
N VAL A 158 -27.06 -47.89 -16.25
CA VAL A 158 -27.33 -49.28 -16.59
C VAL A 158 -28.82 -49.42 -16.84
N ARG A 159 -29.19 -50.50 -17.52
CA ARG A 159 -30.60 -50.86 -17.67
C ARG A 159 -30.83 -52.24 -17.06
N VAL A 160 -31.88 -52.33 -16.24
CA VAL A 160 -32.23 -53.57 -15.55
C VAL A 160 -33.73 -53.74 -15.59
N SER A 161 -34.18 -54.96 -15.36
CA SER A 161 -35.61 -55.23 -15.29
C SER A 161 -36.20 -54.63 -14.01
N PHE A 162 -37.51 -54.40 -14.05
CA PHE A 162 -38.20 -53.83 -12.90
C PHE A 162 -38.38 -54.82 -11.76
N ASP A 163 -38.03 -56.09 -11.96
CA ASP A 163 -38.08 -57.11 -10.93
C ASP A 163 -36.70 -57.40 -10.34
N THR A 164 -35.73 -56.52 -10.58
CA THR A 164 -34.37 -56.75 -10.10
C THR A 164 -34.31 -56.65 -8.58
N LYS A 165 -33.54 -57.54 -7.97
CA LYS A 165 -33.44 -57.58 -6.52
C LYS A 165 -32.67 -56.36 -6.01
N PRO A 166 -33.17 -55.70 -4.97
CA PRO A 166 -32.46 -54.51 -4.44
C PRO A 166 -31.07 -54.80 -3.93
N ASP A 167 -30.79 -56.03 -3.48
CA ASP A 167 -29.45 -56.35 -2.99
C ASP A 167 -28.42 -56.25 -4.11
N LEU A 168 -28.75 -56.79 -5.30
CA LEU A 168 -27.83 -56.69 -6.42
C LEU A 168 -27.66 -55.24 -6.88
N LEU A 169 -28.74 -54.46 -6.84
CA LEU A 169 -28.63 -53.04 -7.17
C LEU A 169 -27.70 -52.31 -6.21
N LEU A 170 -27.82 -52.59 -4.91
CA LEU A 170 -26.92 -51.98 -3.93
C LEU A 170 -25.49 -52.44 -4.14
N HIS A 171 -25.29 -53.72 -4.48
CA HIS A 171 -23.95 -54.22 -4.75
C HIS A 171 -23.33 -53.50 -5.94
N LEU A 172 -24.12 -53.32 -7.01
CA LEU A 172 -23.65 -52.59 -8.18
C LEU A 172 -23.36 -51.13 -7.85
N MET A 173 -24.18 -50.51 -7.01
CA MET A 173 -24.00 -49.10 -6.68
C MET A 173 -22.80 -48.88 -5.75
N THR A 174 -22.47 -49.86 -4.92
CA THR A 174 -21.38 -49.72 -3.96
C THR A 174 -20.04 -50.15 -4.54
N LYS A 175 -19.98 -51.28 -5.24
CA LYS A 175 -18.72 -51.84 -5.73
C LYS A 175 -18.42 -51.46 -7.17
N GLU A 176 -19.41 -51.54 -8.06
CA GLU A 176 -19.17 -51.27 -9.48
C GLU A 176 -19.20 -49.78 -9.80
N TRP A 177 -19.67 -48.93 -8.89
CA TRP A 177 -19.68 -47.50 -9.10
C TRP A 177 -18.83 -46.73 -8.10
N GLN A 178 -18.19 -47.43 -7.14
CA GLN A 178 -17.27 -46.83 -6.17
C GLN A 178 -17.95 -45.74 -5.35
N LEU A 179 -19.19 -45.98 -4.96
CA LEU A 179 -19.96 -45.07 -4.12
C LEU A 179 -19.99 -45.60 -2.70
N GLU A 180 -19.56 -44.77 -1.76
CA GLU A 180 -19.60 -45.14 -0.35
C GLU A 180 -21.04 -45.06 0.19
N LEU A 181 -21.26 -45.75 1.29
CA LEU A 181 -22.61 -45.83 1.87
C LEU A 181 -23.03 -44.44 2.36
N PRO A 182 -24.22 -43.98 2.01
CA PRO A 182 -24.64 -42.62 2.39
C PRO A 182 -24.98 -42.52 3.88
N LYS A 183 -24.84 -41.30 4.38
CA LYS A 183 -25.28 -40.96 5.73
C LYS A 183 -26.71 -40.44 5.76
N LEU A 184 -27.34 -40.27 4.60
CA LEU A 184 -28.66 -39.68 4.49
C LEU A 184 -29.22 -39.98 3.11
N LEU A 185 -30.53 -40.18 3.05
CA LEU A 185 -31.23 -40.42 1.78
C LEU A 185 -32.39 -39.44 1.66
N ILE A 186 -32.53 -38.82 0.49
CA ILE A 186 -33.57 -37.83 0.24
C ILE A 186 -34.38 -38.27 -0.96
N SER A 187 -35.70 -38.21 -0.84
CA SER A 187 -36.62 -38.51 -1.93
C SER A 187 -37.34 -37.23 -2.34
N VAL A 188 -37.44 -37.01 -3.65
CA VAL A 188 -37.87 -35.73 -4.20
C VAL A 188 -39.17 -35.90 -5.00
N HIS A 189 -40.05 -36.79 -4.53
CA HIS A 189 -41.32 -37.05 -5.19
C HIS A 189 -42.07 -35.75 -5.51
N GLY A 190 -42.61 -35.68 -6.72
CA GLY A 190 -43.31 -34.49 -7.15
C GLY A 190 -44.09 -34.72 -8.42
N GLY A 191 -44.62 -33.64 -8.97
CA GLY A 191 -45.44 -33.74 -10.15
C GLY A 191 -44.64 -34.04 -11.41
N LEU A 192 -45.32 -34.62 -12.39
CA LEU A 192 -44.71 -35.00 -13.66
C LEU A 192 -44.94 -33.99 -14.76
N GLN A 193 -45.66 -32.91 -14.48
CA GLN A 193 -45.91 -31.86 -15.45
C GLN A 193 -44.96 -30.69 -15.21
N ASN A 194 -44.49 -30.08 -16.30
CA ASN A 194 -43.47 -29.04 -16.23
C ASN A 194 -44.09 -27.75 -15.73
N PHE A 195 -44.38 -27.73 -14.43
CA PHE A 195 -44.88 -26.52 -13.78
C PHE A 195 -43.76 -25.51 -13.61
N GLU A 196 -44.14 -24.28 -13.26
CA GLU A 196 -43.19 -23.21 -13.01
C GLU A 196 -43.36 -22.72 -11.57
N LEU A 197 -42.27 -22.76 -10.81
CA LEU A 197 -42.27 -22.18 -9.48
C LEU A 197 -42.10 -20.68 -9.56
N GLN A 198 -42.72 -19.98 -8.60
CA GLN A 198 -42.58 -18.54 -8.54
C GLN A 198 -41.15 -18.15 -8.17
N PRO A 199 -40.67 -17.00 -8.61
CA PRO A 199 -39.32 -16.56 -8.25
C PRO A 199 -39.21 -16.30 -6.75
N LYS A 200 -37.96 -16.29 -6.29
CA LYS A 200 -37.58 -16.09 -4.88
C LYS A 200 -38.06 -17.23 -3.99
N LEU A 201 -38.54 -18.32 -4.57
CA LEU A 201 -38.91 -19.52 -3.83
C LEU A 201 -38.15 -20.75 -4.30
N LYS A 202 -37.96 -20.91 -5.61
CA LYS A 202 -37.11 -21.99 -6.10
C LYS A 202 -35.64 -21.74 -5.78
N GLN A 203 -35.25 -20.47 -5.62
CA GLN A 203 -33.86 -20.17 -5.27
C GLN A 203 -33.51 -20.68 -3.87
N VAL A 204 -34.34 -20.35 -2.88
CA VAL A 204 -34.07 -20.79 -1.51
C VAL A 204 -34.24 -22.30 -1.39
N PHE A 205 -35.22 -22.86 -2.10
CA PHE A 205 -35.40 -24.31 -2.09
C PHE A 205 -34.17 -25.02 -2.66
N GLY A 206 -33.67 -24.54 -3.82
CA GLY A 206 -32.50 -25.15 -4.40
C GLY A 206 -31.26 -25.00 -3.54
N LYS A 207 -31.05 -23.80 -2.98
CA LYS A 207 -29.88 -23.59 -2.13
C LYS A 207 -29.94 -24.45 -0.88
N GLY A 208 -31.11 -24.58 -0.26
CA GLY A 208 -31.23 -25.42 0.92
C GLY A 208 -31.02 -26.88 0.61
N LEU A 209 -31.60 -27.37 -0.49
CA LEU A 209 -31.40 -28.77 -0.86
C LEU A 209 -29.94 -29.06 -1.18
N ILE A 210 -29.29 -28.15 -1.91
CA ILE A 210 -27.87 -28.34 -2.25
C ILE A 210 -27.01 -28.32 -0.99
N LYS A 211 -27.28 -27.38 -0.07
CA LYS A 211 -26.50 -27.32 1.16
C LYS A 211 -26.70 -28.56 2.02
N ALA A 212 -27.94 -29.06 2.10
CA ALA A 212 -28.21 -30.26 2.87
C ALA A 212 -27.54 -31.49 2.25
N ALA A 213 -27.51 -31.57 0.93
CA ALA A 213 -26.91 -32.72 0.26
C ALA A 213 -25.39 -32.61 0.16
N MET A 214 -24.82 -31.42 0.35
CA MET A 214 -23.38 -31.24 0.28
C MET A 214 -22.70 -31.27 1.64
N THR A 215 -23.25 -30.58 2.64
CA THR A 215 -22.66 -30.61 3.98
C THR A 215 -22.77 -32.00 4.62
N THR A 216 -23.73 -32.80 4.18
CA THR A 216 -23.90 -34.17 4.64
C THR A 216 -23.71 -35.11 3.47
N GLY A 217 -22.92 -36.17 3.67
CA GLY A 217 -22.77 -37.17 2.65
C GLY A 217 -24.07 -37.91 2.43
N ALA A 218 -24.74 -37.64 1.31
CA ALA A 218 -26.10 -38.11 1.10
C ALA A 218 -26.32 -38.44 -0.37
N TRP A 219 -27.34 -39.23 -0.62
CA TRP A 219 -27.81 -39.55 -1.96
C TRP A 219 -29.16 -38.89 -2.21
N ILE A 220 -29.39 -38.48 -3.46
CA ILE A 220 -30.64 -37.87 -3.86
C ILE A 220 -31.30 -38.78 -4.89
N PHE A 221 -32.50 -39.27 -4.58
CA PHE A 221 -33.25 -40.11 -5.49
C PHE A 221 -34.28 -39.24 -6.21
N THR A 222 -34.14 -39.13 -7.54
CA THR A 222 -35.04 -38.35 -8.36
C THR A 222 -35.64 -39.24 -9.43
N GLY A 223 -36.59 -38.68 -10.18
CA GLY A 223 -37.19 -39.43 -11.26
C GLY A 223 -36.25 -39.68 -12.42
N GLY A 224 -35.37 -38.73 -12.72
CA GLY A 224 -34.38 -38.91 -13.76
C GLY A 224 -34.69 -38.21 -15.06
N VAL A 225 -35.95 -38.26 -15.49
CA VAL A 225 -36.35 -37.58 -16.70
C VAL A 225 -36.44 -36.08 -16.45
N ASN A 226 -36.41 -35.31 -17.53
CA ASN A 226 -36.39 -33.84 -17.43
C ASN A 226 -37.80 -33.26 -17.44
N THR A 227 -38.65 -33.73 -16.52
CA THR A 227 -40.02 -33.24 -16.40
C THR A 227 -40.35 -32.97 -14.95
N GLY A 228 -41.07 -31.88 -14.69
CA GLY A 228 -41.59 -31.59 -13.38
C GLY A 228 -40.58 -31.05 -12.39
N VAL A 229 -40.62 -31.55 -11.16
CA VAL A 229 -39.71 -31.10 -10.12
C VAL A 229 -38.27 -31.49 -10.43
N ILE A 230 -38.07 -32.50 -11.26
CA ILE A 230 -36.72 -32.95 -11.60
C ILE A 230 -35.97 -31.88 -12.38
N ARG A 231 -36.69 -31.08 -13.19
CA ARG A 231 -36.05 -29.95 -13.85
C ARG A 231 -35.60 -28.90 -12.83
N HIS A 232 -36.40 -28.68 -11.79
CA HIS A 232 -36.00 -27.76 -10.73
C HIS A 232 -34.76 -28.26 -10.01
N VAL A 233 -34.71 -29.56 -9.71
CA VAL A 233 -33.52 -30.13 -9.07
C VAL A 233 -32.32 -30.03 -10.00
N GLY A 234 -32.53 -30.22 -11.29
CA GLY A 234 -31.44 -30.10 -12.25
C GLY A 234 -30.87 -28.70 -12.32
N ASP A 235 -31.73 -27.68 -12.36
CA ASP A 235 -31.21 -26.31 -12.40
C ASP A 235 -30.62 -25.90 -11.06
N ALA A 236 -31.13 -26.45 -9.95
CA ALA A 236 -30.50 -26.20 -8.65
C ALA A 236 -29.09 -26.79 -8.61
N LEU A 237 -28.91 -28.00 -9.15
CA LEU A 237 -27.57 -28.59 -9.23
C LEU A 237 -26.67 -27.81 -10.18
N LYS A 238 -27.23 -27.32 -11.30
CA LYS A 238 -26.44 -26.58 -12.27
C LYS A 238 -25.97 -25.24 -11.71
N ASP A 239 -26.83 -24.54 -10.97
CA ASP A 239 -26.45 -23.27 -10.38
C ASP A 239 -25.50 -23.42 -9.21
N HIS A 240 -25.37 -24.63 -8.66
CA HIS A 240 -24.43 -24.89 -7.56
C HIS A 240 -23.03 -25.20 -8.06
N ALA A 241 -22.91 -25.93 -9.17
CA ALA A 241 -21.60 -26.30 -9.69
C ALA A 241 -20.83 -25.11 -10.25
N SER A 242 -21.51 -24.01 -10.54
CA SER A 242 -20.86 -22.82 -11.07
C SER A 242 -20.24 -21.94 -9.99
N LYS A 243 -20.40 -22.28 -8.72
CA LYS A 243 -19.86 -21.47 -7.63
C LYS A 243 -19.09 -22.26 -6.58
N SER A 244 -19.28 -23.57 -6.47
CA SER A 244 -18.63 -24.34 -5.42
C SER A 244 -18.06 -25.63 -6.00
N ARG A 245 -17.05 -26.15 -5.32
CA ARG A 245 -16.44 -27.41 -5.70
C ARG A 245 -17.21 -28.57 -5.05
N GLY A 246 -16.73 -29.79 -5.25
CA GLY A 246 -17.40 -30.96 -4.74
C GLY A 246 -18.51 -31.43 -5.65
N LYS A 247 -18.96 -32.66 -5.42
CA LYS A 247 -19.98 -33.28 -6.25
C LYS A 247 -21.12 -33.78 -5.37
N ILE A 248 -22.32 -33.78 -5.93
CA ILE A 248 -23.52 -34.28 -5.28
C ILE A 248 -23.92 -35.58 -5.97
N CYS A 249 -24.17 -36.61 -5.18
CA CYS A 249 -24.53 -37.93 -5.71
C CYS A 249 -26.02 -37.97 -5.97
N THR A 250 -26.41 -37.53 -7.17
CA THR A 250 -27.81 -37.53 -7.59
C THR A 250 -28.05 -38.78 -8.46
N ILE A 251 -29.09 -39.53 -8.12
CA ILE A 251 -29.39 -40.79 -8.77
C ILE A 251 -30.80 -40.70 -9.34
N GLY A 252 -30.94 -40.99 -10.63
CA GLY A 252 -32.23 -40.97 -11.31
C GLY A 252 -32.69 -42.37 -11.67
N ILE A 253 -33.88 -42.71 -11.22
CA ILE A 253 -34.50 -43.99 -11.50
C ILE A 253 -35.66 -43.72 -12.45
N ALA A 254 -35.41 -43.87 -13.75
CA ALA A 254 -36.38 -43.51 -14.77
C ALA A 254 -36.79 -44.75 -15.58
N PRO A 255 -38.03 -44.79 -16.05
CA PRO A 255 -38.43 -45.87 -16.97
C PRO A 255 -37.72 -45.74 -18.31
N TRP A 256 -37.47 -46.89 -18.93
CA TRP A 256 -36.75 -46.94 -20.20
C TRP A 256 -37.60 -46.51 -21.38
N GLY A 257 -38.93 -46.55 -21.26
CA GLY A 257 -39.81 -46.25 -22.37
C GLY A 257 -40.10 -44.79 -22.62
N ILE A 258 -39.55 -43.89 -21.83
CA ILE A 258 -39.83 -42.46 -21.98
C ILE A 258 -38.63 -41.68 -22.50
N VAL A 259 -37.46 -42.31 -22.64
CA VAL A 259 -36.29 -41.60 -23.16
C VAL A 259 -36.53 -41.24 -24.62
N GLU A 260 -36.02 -40.06 -25.02
CA GLU A 260 -36.23 -39.61 -26.39
C GLU A 260 -35.43 -40.43 -27.40
N ASN A 261 -34.34 -41.07 -26.96
CA ASN A 261 -33.51 -41.90 -27.80
C ASN A 261 -33.28 -43.23 -27.08
N GLN A 262 -34.13 -44.21 -27.37
CA GLN A 262 -33.87 -45.57 -26.88
C GLN A 262 -32.57 -46.10 -27.48
N GLU A 263 -32.33 -45.83 -28.76
CA GLU A 263 -31.06 -46.11 -29.39
C GLU A 263 -30.04 -45.06 -28.97
N ASP A 264 -28.85 -45.12 -29.59
CA ASP A 264 -27.70 -44.26 -29.28
C ASP A 264 -27.26 -44.42 -27.83
N LEU A 265 -27.69 -45.51 -27.17
CA LEU A 265 -27.35 -45.77 -25.78
C LEU A 265 -27.03 -47.24 -25.55
N ILE A 266 -26.98 -48.06 -26.60
CA ILE A 266 -26.85 -49.50 -26.46
C ILE A 266 -25.40 -49.96 -26.32
N GLY A 267 -24.45 -49.03 -26.36
CA GLY A 267 -23.04 -49.39 -26.22
C GLY A 267 -22.69 -49.90 -24.84
N ARG A 268 -22.36 -51.19 -24.74
CA ARG A 268 -22.05 -51.80 -23.47
C ARG A 268 -20.65 -51.42 -23.02
N ASP A 269 -20.54 -50.79 -21.84
CA ASP A 269 -19.26 -50.45 -21.22
C ASP A 269 -18.40 -49.57 -22.12
N VAL A 270 -19.04 -48.61 -22.80
CA VAL A 270 -18.34 -47.68 -23.67
C VAL A 270 -19.08 -46.35 -23.65
N VAL A 271 -18.31 -45.26 -23.77
CA VAL A 271 -18.88 -43.92 -23.70
C VAL A 271 -19.75 -43.67 -24.92
N ARG A 272 -20.98 -43.21 -24.68
CA ARG A 272 -21.94 -42.96 -25.74
C ARG A 272 -22.40 -41.50 -25.70
N PRO A 273 -22.34 -40.77 -26.81
CA PRO A 273 -22.84 -39.40 -26.81
C PRO A 273 -24.34 -39.34 -26.63
N TYR A 274 -24.80 -38.22 -26.08
CA TYR A 274 -26.22 -38.00 -25.84
C TYR A 274 -26.53 -36.52 -26.05
N GLN A 275 -27.68 -36.25 -26.67
CA GLN A 275 -28.08 -34.88 -27.02
C GLN A 275 -29.15 -34.40 -26.07
N THR A 276 -28.96 -33.21 -25.51
CA THR A 276 -29.90 -32.63 -24.55
C THR A 276 -31.01 -31.82 -25.23
N MET A 277 -30.91 -31.59 -26.54
CA MET A 277 -31.95 -30.81 -27.23
C MET A 277 -33.25 -31.60 -27.30
N SER A 278 -34.37 -30.90 -27.14
CA SER A 278 -35.68 -31.52 -27.07
C SER A 278 -36.57 -31.02 -28.20
N ASN A 279 -37.41 -31.93 -28.70
CA ASN A 279 -38.43 -31.60 -29.69
C ASN A 279 -39.80 -31.83 -29.07
N PRO A 280 -40.64 -30.79 -28.95
CA PRO A 280 -41.93 -30.97 -28.26
C PRO A 280 -42.89 -31.93 -28.96
N MET A 281 -42.69 -32.21 -30.25
CA MET A 281 -43.57 -33.08 -31.00
C MET A 281 -43.15 -34.54 -30.95
N SER A 282 -42.09 -34.87 -30.22
CA SER A 282 -41.60 -36.24 -30.15
C SER A 282 -42.38 -37.10 -29.16
N LYS A 283 -43.27 -36.51 -28.37
CA LYS A 283 -44.13 -37.22 -27.42
C LYS A 283 -43.33 -37.95 -26.33
N LEU A 284 -42.05 -37.64 -26.19
CA LEU A 284 -41.19 -38.24 -25.17
C LEU A 284 -40.42 -37.12 -24.48
N THR A 285 -39.54 -37.49 -23.57
CA THR A 285 -38.73 -36.52 -22.84
C THR A 285 -37.28 -36.99 -22.81
N VAL A 286 -36.38 -36.03 -22.63
CA VAL A 286 -34.95 -36.29 -22.68
C VAL A 286 -34.44 -36.52 -21.26
N LEU A 287 -33.35 -37.27 -21.16
CA LEU A 287 -32.72 -37.52 -19.88
C LEU A 287 -32.14 -36.23 -19.32
N ASN A 288 -32.28 -36.04 -18.02
CA ASN A 288 -31.86 -34.79 -17.38
C ASN A 288 -30.39 -34.85 -17.03
N SER A 289 -29.62 -33.87 -17.52
CA SER A 289 -28.21 -33.77 -17.19
C SER A 289 -28.04 -33.31 -15.75
N MET A 290 -26.78 -33.18 -15.33
CA MET A 290 -26.42 -32.87 -13.94
C MET A 290 -26.95 -33.93 -12.98
N HIS A 291 -27.04 -35.17 -13.47
CA HIS A 291 -27.41 -36.34 -12.67
C HIS A 291 -26.27 -37.34 -12.78
N SER A 292 -25.69 -37.70 -11.64
CA SER A 292 -24.47 -38.50 -11.63
C SER A 292 -24.69 -39.94 -12.08
N HIS A 293 -25.82 -40.56 -11.75
CA HIS A 293 -26.02 -41.97 -12.06
C HIS A 293 -27.47 -42.20 -12.46
N PHE A 294 -27.70 -43.18 -13.33
CA PHE A 294 -29.03 -43.50 -13.80
C PHE A 294 -29.30 -44.99 -13.62
N ILE A 295 -30.56 -45.32 -13.32
CA ILE A 295 -31.04 -46.70 -13.27
C ILE A 295 -32.29 -46.75 -14.14
N LEU A 296 -32.15 -47.30 -15.34
CA LEU A 296 -33.27 -47.38 -16.28
C LEU A 296 -33.97 -48.73 -16.10
N ALA A 297 -35.21 -48.69 -15.63
CA ALA A 297 -35.99 -49.88 -15.39
C ALA A 297 -37.07 -50.02 -16.47
N ASP A 298 -37.14 -51.18 -17.09
CA ASP A 298 -38.09 -51.44 -18.16
C ASP A 298 -38.95 -52.65 -17.84
N ASN A 299 -40.25 -52.53 -18.14
CA ASN A 299 -41.18 -53.64 -18.01
C ASN A 299 -41.63 -54.17 -19.37
N GLY A 300 -41.01 -53.71 -20.45
CA GLY A 300 -41.34 -54.15 -21.79
C GLY A 300 -42.15 -53.15 -22.60
N THR A 301 -42.80 -52.20 -21.95
CA THR A 301 -43.62 -51.22 -22.66
C THR A 301 -42.75 -50.09 -23.20
N THR A 302 -43.41 -49.11 -23.82
CA THR A 302 -42.71 -47.94 -24.37
C THR A 302 -43.70 -46.78 -24.43
N GLY A 303 -43.34 -45.67 -23.80
CA GLY A 303 -44.18 -44.49 -23.81
C GLY A 303 -45.12 -44.33 -22.64
N LYS A 304 -44.96 -45.11 -21.57
CA LYS A 304 -45.84 -45.05 -20.42
C LYS A 304 -45.02 -45.19 -19.14
N TYR A 305 -45.50 -44.56 -18.07
CA TYR A 305 -44.83 -44.56 -16.79
C TYR A 305 -45.20 -45.80 -15.98
N GLY A 306 -44.83 -45.81 -14.70
CA GLY A 306 -45.20 -46.88 -13.81
C GLY A 306 -44.28 -48.08 -13.78
N ALA A 307 -43.09 -47.97 -14.36
CA ALA A 307 -42.16 -49.09 -14.42
C ALA A 307 -41.00 -48.94 -13.43
N GLU A 308 -41.03 -47.94 -12.55
CA GLU A 308 -39.91 -47.71 -11.65
C GLU A 308 -40.29 -47.42 -10.21
N VAL A 309 -41.58 -47.21 -9.89
CA VAL A 309 -41.95 -46.84 -8.53
C VAL A 309 -41.68 -47.97 -7.55
N LYS A 310 -42.04 -49.20 -7.91
CA LYS A 310 -41.86 -50.33 -7.00
C LYS A 310 -40.39 -50.61 -6.74
N LEU A 311 -39.57 -50.58 -7.79
CA LEU A 311 -38.14 -50.83 -7.61
C LEU A 311 -37.49 -49.73 -6.78
N ARG A 312 -37.90 -48.48 -7.00
CA ARG A 312 -37.37 -47.37 -6.21
C ARG A 312 -37.74 -47.51 -4.74
N ARG A 313 -38.99 -47.88 -4.46
CA ARG A 313 -39.41 -48.07 -3.07
C ARG A 313 -38.68 -49.24 -2.43
N GLN A 314 -38.49 -50.33 -3.17
CA GLN A 314 -37.76 -51.48 -2.63
C GLN A 314 -36.31 -51.12 -2.33
N LEU A 315 -35.67 -50.35 -3.21
CA LEU A 315 -34.30 -49.92 -2.97
C LEU A 315 -34.22 -49.00 -1.76
N GLU A 316 -35.20 -48.09 -1.60
CA GLU A 316 -35.22 -47.23 -0.42
C GLU A 316 -35.40 -48.04 0.85
N LYS A 317 -36.27 -49.05 0.82
CA LYS A 317 -36.46 -49.92 1.98
C LYS A 317 -35.19 -50.69 2.31
N HIS A 318 -34.50 -51.19 1.30
CA HIS A 318 -33.30 -51.99 1.55
C HIS A 318 -32.14 -51.13 2.03
N ILE A 319 -32.03 -49.88 1.55
CA ILE A 319 -30.96 -49.02 2.02
C ILE A 319 -31.29 -48.39 3.37
N SER A 320 -32.58 -48.29 3.73
CA SER A 320 -32.95 -47.82 5.06
C SER A 320 -32.51 -48.81 6.13
N LEU A 321 -32.66 -50.11 5.86
CA LEU A 321 -32.24 -51.14 6.79
C LEU A 321 -30.74 -51.36 6.81
N GLN A 322 -30.01 -50.79 5.85
CA GLN A 322 -28.56 -50.93 5.83
C GLN A 322 -27.94 -50.20 7.02
N LYS A 323 -26.89 -50.79 7.57
CA LYS A 323 -26.31 -50.31 8.81
C LYS A 323 -25.25 -49.24 8.54
N ILE A 324 -25.37 -48.11 9.24
CA ILE A 324 -24.38 -47.04 9.18
C ILE A 324 -23.16 -47.49 9.97
N ASN A 325 -22.04 -46.76 9.82
CA ASN A 325 -20.78 -47.17 10.44
C ASN A 325 -20.84 -47.17 11.96
N THR A 326 -21.73 -46.40 12.57
CA THR A 326 -21.85 -46.41 14.02
C THR A 326 -22.40 -47.75 14.50
N ARG A 327 -21.86 -48.22 15.62
CA ARG A 327 -22.22 -49.53 16.17
C ARG A 327 -23.37 -49.47 17.16
N ILE A 328 -24.10 -48.34 17.21
CA ILE A 328 -25.28 -48.27 18.07
C ILE A 328 -26.35 -49.25 17.61
N GLY A 329 -26.61 -49.27 16.30
CA GLY A 329 -27.63 -50.15 15.75
C GLY A 329 -28.60 -49.42 14.84
N GLN A 330 -28.37 -48.12 14.65
CA GLN A 330 -29.22 -47.31 13.80
C GLN A 330 -28.82 -47.42 12.35
N GLY A 331 -29.81 -47.34 11.46
CA GLY A 331 -29.59 -47.40 10.03
C GLY A 331 -29.52 -46.03 9.40
N VAL A 332 -29.48 -46.03 8.07
CA VAL A 332 -29.41 -44.80 7.28
C VAL A 332 -30.76 -44.08 7.37
N PRO A 333 -30.80 -42.83 7.84
CA PRO A 333 -32.06 -42.10 7.87
C PRO A 333 -32.56 -41.77 6.46
N VAL A 334 -33.88 -41.77 6.30
CA VAL A 334 -34.52 -41.49 5.03
C VAL A 334 -35.55 -40.41 5.24
N VAL A 335 -35.55 -39.40 4.37
CA VAL A 335 -36.51 -38.31 4.40
C VAL A 335 -37.15 -38.19 3.01
N ALA A 336 -38.32 -37.57 2.98
CA ALA A 336 -39.06 -37.38 1.73
C ALA A 336 -39.35 -35.90 1.56
N LEU A 337 -39.07 -35.39 0.37
CA LEU A 337 -39.31 -33.98 0.02
C LEU A 337 -40.39 -33.93 -1.05
N ILE A 338 -41.45 -33.16 -0.77
CA ILE A 338 -42.61 -33.08 -1.66
C ILE A 338 -42.70 -31.66 -2.20
N VAL A 339 -42.65 -31.53 -3.52
CA VAL A 339 -42.84 -30.27 -4.23
C VAL A 339 -43.88 -30.51 -5.31
N GLU A 340 -44.86 -29.60 -5.42
CA GLU A 340 -46.02 -29.77 -6.30
C GLU A 340 -46.73 -31.07 -5.95
N GLY A 341 -47.15 -31.83 -6.95
CA GLY A 341 -47.74 -33.12 -6.69
C GLY A 341 -48.86 -33.53 -7.62
N GLY A 342 -49.78 -34.35 -7.11
CA GLY A 342 -50.88 -34.84 -7.88
C GLY A 342 -51.79 -35.74 -7.06
N PRO A 343 -52.72 -36.42 -7.72
CA PRO A 343 -53.61 -37.35 -6.99
C PRO A 343 -52.88 -38.53 -6.37
N ASN A 344 -51.69 -38.88 -6.85
CA ASN A 344 -50.94 -40.00 -6.31
C ASN A 344 -49.90 -39.58 -5.28
N VAL A 345 -49.58 -38.28 -5.18
CA VAL A 345 -48.63 -37.82 -4.19
C VAL A 345 -49.18 -38.01 -2.79
N ILE A 346 -50.49 -37.79 -2.60
CA ILE A 346 -51.10 -38.04 -1.30
C ILE A 346 -51.00 -39.52 -0.96
N SER A 347 -51.21 -40.40 -1.95
CA SER A 347 -51.12 -41.83 -1.71
C SER A 347 -49.71 -42.25 -1.31
N ILE A 348 -48.69 -41.73 -2.01
CA ILE A 348 -47.32 -42.12 -1.67
C ILE A 348 -46.91 -41.52 -0.33
N VAL A 349 -47.40 -40.33 0.01
CA VAL A 349 -47.15 -39.77 1.33
C VAL A 349 -47.76 -40.66 2.41
N LEU A 350 -48.99 -41.11 2.20
CA LEU A 350 -49.63 -41.99 3.17
C LEU A 350 -48.88 -43.31 3.31
N GLU A 351 -48.45 -43.89 2.18
CA GLU A 351 -47.71 -45.14 2.26
C GLU A 351 -46.32 -44.96 2.84
N TYR A 352 -45.76 -43.75 2.78
CA TYR A 352 -44.54 -43.45 3.54
C TYR A 352 -44.83 -43.39 5.03
N LEU A 353 -45.91 -42.72 5.43
CA LEU A 353 -46.24 -42.59 6.84
C LEU A 353 -46.72 -43.89 7.46
N ARG A 354 -47.15 -44.85 6.64
CA ARG A 354 -47.69 -46.12 7.14
C ARG A 354 -46.65 -47.24 7.18
N ASP A 355 -45.39 -46.96 6.84
CA ASP A 355 -44.35 -47.96 6.92
C ASP A 355 -44.09 -48.33 8.38
N THR A 356 -43.64 -49.57 8.59
CA THR A 356 -43.36 -50.03 9.95
C THR A 356 -42.26 -49.19 10.59
N PRO A 357 -41.16 -48.87 9.92
CA PRO A 357 -40.38 -47.71 10.33
C PRO A 357 -40.90 -46.45 9.65
N PRO A 358 -41.42 -45.49 10.41
CA PRO A 358 -41.97 -44.28 9.80
C PRO A 358 -40.89 -43.46 9.09
N VAL A 359 -41.31 -42.78 8.03
CA VAL A 359 -40.44 -41.94 7.23
C VAL A 359 -41.01 -40.53 7.24
N PRO A 360 -40.31 -39.54 7.82
CA PRO A 360 -40.84 -38.18 7.82
C PRO A 360 -40.85 -37.58 6.42
N VAL A 361 -41.78 -36.65 6.20
CA VAL A 361 -41.91 -35.98 4.92
C VAL A 361 -41.83 -34.48 5.14
N VAL A 362 -41.43 -33.77 4.09
CA VAL A 362 -41.34 -32.31 4.09
C VAL A 362 -42.05 -31.81 2.84
N VAL A 363 -43.00 -30.90 3.02
CA VAL A 363 -43.78 -30.35 1.91
C VAL A 363 -43.53 -28.85 1.83
N CYS A 364 -43.95 -28.27 0.71
CA CYS A 364 -43.82 -26.84 0.47
C CYS A 364 -45.18 -26.27 0.10
N ASP A 365 -45.42 -25.04 0.54
CA ASP A 365 -46.72 -24.40 0.36
C ASP A 365 -46.88 -23.73 -1.00
N GLY A 366 -45.84 -23.02 -1.46
CA GLY A 366 -45.94 -22.28 -2.70
C GLY A 366 -45.80 -23.13 -3.95
N SER A 367 -46.74 -24.05 -4.15
CA SER A 367 -46.68 -24.94 -5.31
C SER A 367 -48.01 -24.96 -6.06
N GLY A 368 -49.10 -24.73 -5.34
CA GLY A 368 -50.42 -24.79 -5.96
C GLY A 368 -50.82 -26.17 -6.42
N ARG A 369 -50.57 -27.19 -5.61
CA ARG A 369 -50.89 -28.57 -5.95
C ARG A 369 -51.19 -29.31 -4.66
N ALA A 370 -51.13 -30.65 -4.71
CA ALA A 370 -51.43 -31.47 -3.53
C ALA A 370 -50.55 -31.14 -2.33
N SER A 371 -49.34 -30.62 -2.56
CA SER A 371 -48.53 -30.15 -1.44
C SER A 371 -49.15 -28.89 -0.82
N ASP A 372 -49.67 -27.99 -1.65
CA ASP A 372 -50.36 -26.82 -1.12
C ASP A 372 -51.64 -27.19 -0.37
N ILE A 373 -52.35 -28.21 -0.85
CA ILE A 373 -53.54 -28.67 -0.15
C ILE A 373 -53.15 -29.28 1.20
N LEU A 374 -52.04 -30.00 1.24
CA LEU A 374 -51.55 -30.54 2.52
C LEU A 374 -51.14 -29.41 3.46
N ALA A 375 -50.50 -28.36 2.93
CA ALA A 375 -50.13 -27.22 3.76
C ALA A 375 -51.36 -26.53 4.32
N PHE A 376 -52.42 -26.41 3.51
CA PHE A 376 -53.68 -25.87 4.01
C PHE A 376 -54.29 -26.77 5.07
N GLY A 377 -54.25 -28.08 4.86
CA GLY A 377 -54.78 -29.04 5.82
C GLY A 377 -53.98 -29.15 7.10
N HIS A 378 -52.74 -28.65 7.10
CA HIS A 378 -51.99 -28.57 8.35
C HIS A 378 -52.69 -27.63 9.34
N LYS A 379 -53.22 -26.52 8.84
CA LYS A 379 -54.06 -25.66 9.66
C LYS A 379 -55.44 -26.29 9.86
N TYR A 380 -55.94 -26.19 11.09
CA TYR A 380 -57.25 -26.73 11.48
C TYR A 380 -57.32 -28.23 11.20
N SER A 381 -56.49 -28.98 11.91
CA SER A 381 -56.51 -30.43 11.84
C SER A 381 -57.52 -30.98 12.84
N GLU A 382 -57.51 -32.30 13.03
CA GLU A 382 -58.42 -32.94 13.97
C GLU A 382 -57.66 -33.62 15.09
N VAL A 397 -65.36 -29.11 7.61
CA VAL A 397 -64.80 -28.48 6.43
C VAL A 397 -64.66 -29.51 5.31
N THR A 398 -65.77 -29.76 4.61
CA THR A 398 -65.79 -30.68 3.48
C THR A 398 -66.34 -30.07 2.20
N ILE A 399 -67.06 -28.95 2.28
CA ILE A 399 -67.55 -28.28 1.07
C ILE A 399 -66.48 -27.44 0.39
N GLN A 400 -65.31 -27.29 1.02
CA GLN A 400 -64.20 -26.56 0.43
C GLN A 400 -63.33 -27.43 -0.47
N LYS A 401 -63.69 -28.71 -0.65
CA LYS A 401 -62.90 -29.63 -1.46
C LYS A 401 -63.16 -29.48 -2.95
N THR A 402 -64.12 -28.65 -3.35
CA THR A 402 -64.44 -28.48 -4.77
C THR A 402 -63.40 -27.55 -5.39
N PHE A 403 -62.40 -28.14 -6.04
CA PHE A 403 -61.35 -27.39 -6.72
C PHE A 403 -61.32 -27.62 -8.22
N THR A 404 -62.30 -28.37 -8.76
CA THR A 404 -62.30 -28.80 -10.16
C THR A 404 -61.00 -29.53 -10.50
N TYR A 405 -60.51 -30.31 -9.54
CA TYR A 405 -59.24 -31.02 -9.69
C TYR A 405 -59.42 -32.53 -9.84
N THR A 406 -60.53 -33.08 -9.37
CA THR A 406 -60.88 -34.48 -9.51
C THR A 406 -62.26 -34.59 -10.13
N ARG A 407 -62.83 -35.80 -10.14
CA ARG A 407 -64.14 -36.03 -10.72
C ARG A 407 -65.20 -35.44 -9.80
N THR A 408 -65.36 -34.12 -9.89
CA THR A 408 -66.34 -33.30 -9.19
C THR A 408 -66.24 -33.55 -7.69
N GLN A 409 -67.35 -33.36 -6.97
CA GLN A 409 -67.43 -33.71 -5.56
C GLN A 409 -67.77 -35.18 -5.35
N ALA A 410 -68.15 -35.88 -6.43
CA ALA A 410 -68.44 -37.32 -6.31
C ALA A 410 -67.18 -38.12 -6.00
N GLN A 411 -66.04 -37.74 -6.56
CA GLN A 411 -64.77 -38.40 -6.29
C GLN A 411 -63.90 -37.49 -5.45
N HIS A 412 -63.36 -38.03 -4.36
CA HIS A 412 -62.53 -37.24 -3.45
C HIS A 412 -61.49 -38.14 -2.81
N LEU A 413 -60.34 -37.54 -2.48
CA LEU A 413 -59.27 -38.21 -1.75
C LEU A 413 -59.23 -37.76 -0.30
N PHE A 414 -60.38 -37.31 0.22
CA PHE A 414 -60.41 -36.72 1.55
C PHE A 414 -60.20 -37.75 2.65
N ILE A 415 -60.54 -39.02 2.39
CA ILE A 415 -60.25 -40.06 3.37
C ILE A 415 -58.75 -40.24 3.54
N ILE A 416 -58.00 -40.29 2.43
CA ILE A 416 -56.56 -40.39 2.50
C ILE A 416 -55.96 -39.14 3.13
N LEU A 417 -56.50 -37.96 2.77
CA LEU A 417 -56.00 -36.71 3.33
C LEU A 417 -56.21 -36.64 4.83
N MET A 418 -57.39 -37.07 5.30
CA MET A 418 -57.67 -37.02 6.73
C MET A 418 -56.88 -38.08 7.49
N GLU A 419 -56.58 -39.22 6.86
CA GLU A 419 -55.67 -40.17 7.49
C GLU A 419 -54.27 -39.58 7.63
N CYS A 420 -53.78 -38.91 6.58
CA CYS A 420 -52.47 -38.27 6.65
C CYS A 420 -52.43 -37.19 7.72
N MET A 421 -53.48 -36.38 7.81
CA MET A 421 -53.54 -35.36 8.85
C MET A 421 -53.82 -35.93 10.23
N LYS A 422 -54.35 -37.15 10.32
CA LYS A 422 -54.39 -37.85 11.60
C LYS A 422 -53.00 -38.29 12.02
N LYS A 423 -52.16 -38.64 11.05
CA LYS A 423 -50.75 -38.97 11.33
C LYS A 423 -49.83 -37.80 11.03
N LYS A 424 -50.27 -36.57 11.35
CA LYS A 424 -49.55 -35.34 11.03
C LYS A 424 -48.36 -35.08 11.93
N GLU A 425 -47.97 -36.03 12.78
CA GLU A 425 -46.84 -35.81 13.68
C GLU A 425 -45.52 -35.71 12.92
N LEU A 426 -45.41 -36.40 11.79
CA LEU A 426 -44.17 -36.43 11.01
C LEU A 426 -44.14 -35.41 9.88
N ILE A 427 -45.28 -34.83 9.53
CA ILE A 427 -45.33 -33.91 8.40
C ILE A 427 -44.72 -32.57 8.81
N THR A 428 -43.79 -32.07 8.01
CA THR A 428 -43.17 -30.78 8.21
C THR A 428 -43.49 -29.90 7.02
N VAL A 429 -43.94 -28.68 7.28
CA VAL A 429 -44.32 -27.74 6.24
C VAL A 429 -43.34 -26.57 6.26
N PHE A 430 -42.77 -26.26 5.09
CA PHE A 430 -41.84 -25.15 4.94
C PHE A 430 -42.58 -23.98 4.31
N ARG A 431 -42.73 -22.91 5.07
CA ARG A 431 -43.40 -21.69 4.61
C ARG A 431 -42.37 -20.57 4.54
N MET A 432 -42.23 -19.97 3.36
CA MET A 432 -41.29 -18.87 3.19
C MET A 432 -41.75 -17.64 3.96
N GLY A 433 -40.81 -16.99 4.63
CA GLY A 433 -41.14 -15.83 5.44
C GLY A 433 -42.06 -16.12 6.60
N SER A 434 -41.78 -17.18 7.36
CA SER A 434 -42.69 -17.61 8.41
C SER A 434 -41.98 -17.68 9.76
N GLU A 435 -42.63 -18.29 10.75
CA GLU A 435 -42.12 -18.31 12.11
C GLU A 435 -40.79 -19.06 12.21
N GLY A 436 -40.80 -20.36 11.89
CA GLY A 436 -39.63 -21.18 12.07
C GLY A 436 -39.25 -21.92 10.81
N HIS A 437 -37.99 -22.36 10.78
CA HIS A 437 -37.40 -23.13 9.69
C HIS A 437 -37.51 -22.38 8.35
N GLN A 438 -36.84 -21.23 8.31
CA GLN A 438 -36.77 -20.44 7.07
C GLN A 438 -35.80 -21.05 6.06
N ASP A 439 -35.01 -22.04 6.45
CA ASP A 439 -34.04 -22.67 5.56
C ASP A 439 -34.45 -24.11 5.28
N ILE A 440 -34.33 -24.50 4.00
CA ILE A 440 -34.70 -25.86 3.60
C ILE A 440 -33.80 -26.89 4.26
N ASP A 441 -32.48 -26.64 4.29
CA ASP A 441 -31.56 -27.59 4.88
C ASP A 441 -31.81 -27.77 6.38
N LEU A 442 -32.20 -26.69 7.06
CA LEU A 442 -32.59 -26.83 8.46
C LEU A 442 -33.92 -27.56 8.60
N ALA A 443 -34.85 -27.33 7.68
CA ALA A 443 -36.13 -28.03 7.74
C ALA A 443 -35.95 -29.54 7.53
N ILE A 444 -35.09 -29.93 6.59
CA ILE A 444 -34.88 -31.35 6.31
C ILE A 444 -34.16 -32.01 7.48
N LEU A 445 -33.09 -31.40 7.96
CA LEU A 445 -32.24 -32.05 8.97
C LEU A 445 -32.93 -32.14 10.33
N THR A 446 -33.68 -31.10 10.72
CA THR A 446 -34.39 -31.15 11.99
C THR A 446 -35.53 -32.15 11.97
N ALA A 447 -36.11 -32.42 10.80
CA ALA A 447 -37.16 -33.44 10.71
C ALA A 447 -36.62 -34.85 10.91
N LEU A 448 -35.34 -35.08 10.58
CA LEU A 448 -34.74 -36.39 10.73
C LEU A 448 -34.42 -36.75 12.17
N LEU A 449 -34.30 -35.75 13.05
CA LEU A 449 -34.06 -36.02 14.46
C LEU A 449 -35.36 -36.23 15.22
N LYS A 450 -36.36 -35.37 14.99
CA LYS A 450 -37.66 -35.58 15.61
C LYS A 450 -38.34 -36.82 15.05
N GLY A 451 -38.21 -37.05 13.75
CA GLY A 451 -38.86 -38.19 13.12
C GLY A 451 -38.20 -39.52 13.40
N ALA A 452 -36.96 -39.51 13.90
CA ALA A 452 -36.30 -40.77 14.24
C ALA A 452 -36.86 -41.35 15.53
N ASN A 453 -37.39 -40.50 16.42
CA ASN A 453 -37.96 -40.91 17.70
C ASN A 453 -36.96 -41.73 18.51
N ALA A 454 -35.70 -41.31 18.50
CA ALA A 454 -34.65 -41.99 19.23
C ALA A 454 -34.24 -41.15 20.44
N SER A 455 -33.25 -41.64 21.19
CA SER A 455 -32.79 -40.96 22.38
C SER A 455 -31.77 -39.87 22.01
N ALA A 456 -31.40 -39.09 23.03
CA ALA A 456 -30.39 -38.05 22.82
C ALA A 456 -29.03 -38.56 22.36
N PRO A 457 -28.48 -39.67 22.89
CA PRO A 457 -27.22 -40.18 22.32
C PRO A 457 -27.32 -40.52 20.84
N ASP A 458 -28.45 -41.06 20.39
CA ASP A 458 -28.58 -41.39 18.96
C ASP A 458 -28.67 -40.12 18.11
N GLN A 459 -29.37 -39.09 18.59
CA GLN A 459 -29.39 -37.83 17.88
C GLN A 459 -28.00 -37.21 17.81
N LEU A 460 -27.24 -37.29 18.90
CA LEU A 460 -25.89 -36.76 18.90
C LEU A 460 -24.99 -37.55 17.95
N SER A 461 -25.17 -38.87 17.90
CA SER A 461 -24.41 -39.68 16.95
C SER A 461 -24.75 -39.33 15.51
N LEU A 462 -26.04 -39.08 15.23
CA LEU A 462 -26.43 -38.68 13.87
C LEU A 462 -25.83 -37.34 13.50
N ALA A 463 -25.89 -36.36 14.42
CA ALA A 463 -25.30 -35.06 14.15
C ALA A 463 -23.78 -35.14 14.00
N LEU A 464 -23.14 -36.04 14.73
CA LEU A 464 -21.71 -36.23 14.59
C LEU A 464 -21.35 -36.87 13.26
N ALA A 465 -22.18 -37.83 12.81
CA ALA A 465 -21.95 -38.45 11.51
C ALA A 465 -22.15 -37.45 10.38
N TRP A 466 -23.14 -36.56 10.51
CA TRP A 466 -23.40 -35.57 9.48
C TRP A 466 -22.44 -34.38 9.53
N ASN A 467 -21.62 -34.28 10.58
CA ASN A 467 -20.67 -33.17 10.77
C ASN A 467 -21.38 -31.82 10.71
N ARG A 468 -22.49 -31.73 11.45
CA ARG A 468 -23.27 -30.50 11.55
C ARG A 468 -23.31 -30.11 13.03
N VAL A 469 -22.47 -29.15 13.42
CA VAL A 469 -22.40 -28.75 14.81
C VAL A 469 -23.54 -27.81 15.16
N ASP A 470 -24.07 -27.05 14.19
CA ASP A 470 -25.15 -26.13 14.49
C ASP A 470 -26.45 -26.86 14.80
N ILE A 471 -26.70 -27.99 14.13
CA ILE A 471 -27.89 -28.78 14.42
C ILE A 471 -27.84 -29.32 15.84
N ALA A 472 -26.69 -29.84 16.26
CA ALA A 472 -26.54 -30.34 17.63
C ALA A 472 -26.60 -29.21 18.65
N ARG A 473 -26.09 -28.03 18.29
CA ARG A 473 -26.10 -26.90 19.21
C ARG A 473 -27.51 -26.37 19.43
N SER A 474 -28.32 -26.29 18.36
CA SER A 474 -29.63 -25.67 18.45
C SER A 474 -30.74 -26.65 18.85
N GLN A 475 -30.54 -27.94 18.64
CA GLN A 475 -31.56 -28.94 18.94
C GLN A 475 -31.19 -29.91 20.05
N ILE A 476 -30.02 -30.52 19.97
CA ILE A 476 -29.66 -31.60 20.89
C ILE A 476 -29.28 -31.06 22.26
N PHE A 477 -28.47 -30.00 22.31
CA PHE A 477 -28.02 -29.43 23.58
C PHE A 477 -28.98 -28.31 23.99
N ILE A 478 -30.06 -28.71 24.64
CA ILE A 478 -31.08 -27.76 25.09
C ILE A 478 -31.40 -28.00 26.56
N TYR A 479 -32.40 -27.29 27.07
CA TYR A 479 -32.77 -27.32 28.48
C TYR A 479 -33.27 -28.70 28.88
N GLY A 480 -32.51 -29.39 29.73
CA GLY A 480 -32.98 -30.62 30.35
C GLY A 480 -33.16 -31.79 29.41
N GLN A 481 -32.06 -32.34 28.89
CA GLN A 481 -32.12 -33.43 27.93
C GLN A 481 -31.93 -34.81 28.55
N GLN A 482 -31.43 -34.90 29.79
CA GLN A 482 -31.34 -36.14 30.55
C GLN A 482 -30.50 -37.19 29.80
N TRP A 483 -29.22 -36.87 29.67
CA TRP A 483 -28.30 -37.82 29.06
C TRP A 483 -28.08 -39.01 29.98
N PRO A 484 -28.06 -40.23 29.44
CA PRO A 484 -27.73 -41.40 30.27
C PRO A 484 -26.28 -41.35 30.74
N VAL A 485 -26.02 -42.07 31.84
CA VAL A 485 -24.69 -42.09 32.42
C VAL A 485 -23.74 -42.83 31.49
N GLY A 486 -22.60 -42.19 31.18
CA GLY A 486 -21.62 -42.77 30.30
C GLY A 486 -21.86 -42.57 28.82
N SER A 487 -22.77 -41.67 28.45
CA SER A 487 -23.06 -41.40 27.04
C SER A 487 -22.19 -40.31 26.47
N LEU A 488 -22.00 -39.21 27.20
CA LEU A 488 -21.17 -38.12 26.72
C LEU A 488 -19.71 -38.54 26.60
N GLU A 489 -19.26 -39.48 27.43
CA GLU A 489 -17.90 -40.00 27.32
C GLU A 489 -17.69 -40.71 26.00
N GLN A 490 -18.64 -41.59 25.63
CA GLN A 490 -18.54 -42.27 24.35
C GLN A 490 -18.71 -41.31 23.18
N ALA A 491 -19.55 -40.29 23.33
CA ALA A 491 -19.67 -39.28 22.29
C ALA A 491 -18.36 -38.52 22.09
N MET A 492 -17.68 -38.18 23.19
CA MET A 492 -16.39 -37.52 23.10
C MET A 492 -15.35 -38.42 22.45
N LEU A 493 -15.37 -39.72 22.79
CA LEU A 493 -14.44 -40.65 22.17
C LEU A 493 -14.68 -40.74 20.66
N ASP A 494 -15.95 -40.83 20.26
CA ASP A 494 -16.27 -40.91 18.83
C ASP A 494 -15.89 -39.63 18.09
N ALA A 495 -16.13 -38.46 18.71
CA ALA A 495 -15.74 -37.21 18.09
C ALA A 495 -14.22 -37.05 18.03
N LEU A 496 -13.51 -37.65 18.99
CA LEU A 496 -12.06 -37.58 19.00
C LEU A 496 -11.44 -38.46 17.94
N VAL A 497 -12.03 -39.64 17.71
CA VAL A 497 -11.52 -40.54 16.66
C VAL A 497 -11.74 -39.93 15.29
N LEU A 498 -12.94 -39.40 15.04
CA LEU A 498 -13.34 -38.95 13.72
C LEU A 498 -12.80 -37.57 13.35
N ASP A 499 -11.97 -36.96 14.20
CA ASP A 499 -11.40 -35.63 13.96
C ASP A 499 -12.50 -34.59 13.76
N ARG A 500 -13.30 -34.42 14.81
CA ARG A 500 -14.39 -33.44 14.85
C ARG A 500 -14.05 -32.44 15.95
N VAL A 501 -13.29 -31.39 15.58
CA VAL A 501 -12.83 -30.43 16.57
C VAL A 501 -14.00 -29.64 17.16
N ASP A 502 -14.96 -29.26 16.31
CA ASP A 502 -16.10 -28.49 16.78
C ASP A 502 -16.93 -29.27 17.79
N PHE A 503 -17.13 -30.56 17.53
CA PHE A 503 -17.90 -31.38 18.47
C PHE A 503 -17.15 -31.63 19.77
N VAL A 504 -15.82 -31.75 19.71
CA VAL A 504 -15.03 -31.87 20.93
C VAL A 504 -15.14 -30.61 21.75
N LYS A 505 -15.05 -29.45 21.11
CA LYS A 505 -15.20 -28.18 21.83
C LYS A 505 -16.61 -28.05 22.42
N LEU A 506 -17.63 -28.44 21.67
CA LEU A 506 -19.00 -28.36 22.16
C LEU A 506 -19.24 -29.28 23.35
N LEU A 507 -18.69 -30.50 23.30
CA LEU A 507 -18.86 -31.44 24.40
C LEU A 507 -18.10 -30.99 25.63
N ILE A 508 -16.90 -30.44 25.46
CA ILE A 508 -16.15 -29.90 26.59
C ILE A 508 -16.92 -28.74 27.21
N GLU A 509 -17.50 -27.88 26.38
CA GLU A 509 -18.29 -26.76 26.88
C GLU A 509 -19.55 -27.24 27.59
N ASN A 510 -20.10 -28.40 27.20
CA ASN A 510 -21.38 -28.87 27.70
C ASN A 510 -21.24 -30.00 28.73
N GLY A 511 -20.15 -30.01 29.50
CA GLY A 511 -20.12 -30.85 30.68
C GLY A 511 -18.96 -31.80 30.87
N VAL A 512 -18.44 -32.41 29.79
CA VAL A 512 -17.44 -33.45 29.94
C VAL A 512 -16.12 -32.83 30.39
N SER A 513 -15.38 -33.57 31.21
CA SER A 513 -14.09 -33.15 31.72
C SER A 513 -13.01 -34.09 31.19
N MET A 514 -11.93 -33.52 30.66
CA MET A 514 -10.90 -34.33 30.03
C MET A 514 -10.06 -35.09 31.04
N HIS A 515 -10.12 -34.71 32.32
CA HIS A 515 -9.32 -35.41 33.33
C HIS A 515 -9.88 -36.79 33.64
N ARG A 516 -11.21 -36.91 33.74
CA ARG A 516 -11.82 -38.20 34.01
C ARG A 516 -11.97 -39.04 32.75
N PHE A 517 -12.09 -38.39 31.59
CA PHE A 517 -12.28 -39.13 30.34
C PHE A 517 -11.04 -39.95 29.99
N LEU A 518 -9.87 -39.33 30.01
CA LEU A 518 -8.66 -39.92 29.44
C LEU A 518 -8.11 -40.96 30.42
N THR A 519 -8.11 -42.22 29.99
CA THR A 519 -7.50 -43.31 30.72
C THR A 519 -6.44 -43.97 29.84
N ILE A 520 -5.71 -44.93 30.41
CA ILE A 520 -4.68 -45.63 29.65
C ILE A 520 -5.30 -46.43 28.51
N SER A 521 -6.41 -47.13 28.79
CA SER A 521 -7.06 -47.94 27.77
C SER A 521 -7.65 -47.07 26.67
N ARG A 522 -8.23 -45.92 27.03
CA ARG A 522 -8.79 -45.03 26.02
C ARG A 522 -7.70 -44.44 25.14
N LEU A 523 -6.55 -44.08 25.72
CA LEU A 523 -5.45 -43.59 24.90
C LEU A 523 -4.90 -44.68 23.99
N GLU A 524 -4.85 -45.92 24.50
CA GLU A 524 -4.44 -47.05 23.67
C GLU A 524 -5.40 -47.25 22.50
N GLU A 525 -6.70 -47.12 22.75
CA GLU A 525 -7.68 -47.20 21.67
C GLU A 525 -7.50 -46.06 20.68
N LEU A 526 -7.24 -44.85 21.18
CA LEU A 526 -7.03 -43.69 20.30
C LEU A 526 -5.80 -43.86 19.42
N TYR A 527 -4.78 -44.56 19.91
CA TYR A 527 -3.57 -44.77 19.12
C TYR A 527 -3.72 -45.92 18.12
N ASN A 528 -4.84 -46.63 18.11
CA ASN A 528 -5.05 -47.76 17.22
C ASN A 528 -6.37 -47.63 16.47
N THR A 529 -6.62 -46.46 15.89
CA THR A 529 -7.85 -46.22 15.16
C THR A 529 -7.63 -46.32 13.66
N ARG A 530 -8.74 -46.43 12.93
CA ARG A 530 -8.73 -46.42 11.47
C ARG A 530 -9.53 -45.28 10.86
N HIS A 531 -10.42 -44.64 11.62
CA HIS A 531 -11.24 -43.55 11.12
C HIS A 531 -10.45 -42.26 11.23
N GLY A 532 -9.92 -41.81 10.10
CA GLY A 532 -9.18 -40.57 10.07
C GLY A 532 -8.30 -40.45 8.84
N PRO A 533 -7.63 -39.31 8.69
CA PRO A 533 -6.73 -39.12 7.55
C PRO A 533 -5.47 -39.96 7.66
N SER A 534 -4.63 -39.91 6.63
CA SER A 534 -3.42 -40.72 6.61
C SER A 534 -2.38 -40.18 7.59
N ASN A 535 -1.60 -41.09 8.17
CA ASN A 535 -0.52 -40.73 9.07
C ASN A 535 0.59 -41.76 8.94
N THR A 536 1.80 -41.36 9.36
CA THR A 536 2.99 -42.18 9.22
C THR A 536 3.41 -42.82 10.55
N LEU A 537 2.46 -43.09 11.43
CA LEU A 537 2.80 -43.64 12.74
C LEU A 537 3.20 -45.10 12.64
N TYR A 538 2.53 -45.88 11.80
CA TYR A 538 2.85 -47.30 11.66
C TYR A 538 4.25 -47.50 11.11
N HIS A 539 4.64 -46.68 10.14
CA HIS A 539 5.99 -46.78 9.59
C HIS A 539 7.05 -46.45 10.64
N LEU A 540 6.79 -45.44 11.47
CA LEU A 540 7.73 -45.11 12.55
C LEU A 540 7.82 -46.23 13.58
N VAL A 541 6.68 -46.85 13.92
CA VAL A 541 6.70 -47.96 14.88
C VAL A 541 7.47 -49.14 14.30
N ARG A 542 7.27 -49.43 13.01
CA ARG A 542 8.03 -50.47 12.34
C ARG A 542 9.53 -50.16 12.31
N ASP A 543 9.89 -48.89 12.12
CA ASP A 543 11.29 -48.51 12.06
C ASP A 543 11.97 -48.59 13.42
N VAL A 544 11.26 -48.23 14.48
CA VAL A 544 11.82 -48.35 15.82
C VAL A 544 11.98 -49.81 16.21
N LYS A 545 11.04 -50.65 15.81
CA LYS A 545 11.09 -52.08 16.11
C LYS A 545 12.03 -52.84 15.19
N LYS A 546 12.64 -52.17 14.21
CA LYS A 546 13.56 -52.79 13.25
C LYS A 546 12.89 -53.93 12.49
N GLY A 547 11.66 -53.70 12.04
CA GLY A 547 10.93 -54.71 11.30
C GLY A 547 10.44 -55.83 12.20
N ASN A 548 10.15 -56.97 11.56
CA ASN A 548 9.66 -58.17 12.24
C ASN A 548 8.38 -57.89 13.02
N LEU A 549 7.51 -57.07 12.44
CA LEU A 549 6.27 -56.68 13.10
C LEU A 549 5.14 -57.57 12.60
N PRO A 550 4.47 -58.32 13.49
CA PRO A 550 3.39 -59.20 13.04
C PRO A 550 2.22 -58.41 12.52
N PRO A 551 1.46 -58.96 11.58
CA PRO A 551 0.28 -58.26 11.06
C PRO A 551 -0.79 -58.09 12.13
N ASP A 552 -1.56 -57.01 11.99
CA ASP A 552 -2.64 -56.65 12.92
C ASP A 552 -2.10 -56.54 14.35
N TYR A 553 -1.10 -55.69 14.51
CA TYR A 553 -0.42 -55.48 15.78
C TYR A 553 -1.02 -54.27 16.49
N ARG A 554 -1.39 -54.45 17.76
CA ARG A 554 -1.89 -53.36 18.57
C ARG A 554 -0.72 -52.56 19.14
N ILE A 555 -0.72 -51.26 18.89
CA ILE A 555 0.39 -50.40 19.30
C ILE A 555 0.20 -50.04 20.77
N SER A 556 1.14 -50.49 21.61
CA SER A 556 1.11 -50.18 23.03
C SER A 556 1.78 -48.85 23.30
N LEU A 557 1.50 -48.29 24.48
CA LEU A 557 2.09 -47.00 24.86
C LEU A 557 3.60 -47.08 25.05
N ILE A 558 4.14 -48.27 25.31
CA ILE A 558 5.59 -48.41 25.42
C ILE A 558 6.26 -48.14 24.07
N ASP A 559 5.69 -48.66 22.99
CA ASP A 559 6.21 -48.38 21.66
C ASP A 559 6.07 -46.91 21.31
N ILE A 560 5.00 -46.27 21.77
CA ILE A 560 4.83 -44.83 21.53
C ILE A 560 5.88 -44.04 22.29
N GLY A 561 6.20 -44.45 23.51
CA GLY A 561 7.29 -43.82 24.24
C GLY A 561 8.63 -44.01 23.54
N LEU A 562 8.86 -45.21 23.00
CA LEU A 562 10.11 -45.47 22.27
C LEU A 562 10.21 -44.59 21.03
N VAL A 563 9.12 -44.46 20.27
CA VAL A 563 9.18 -43.65 19.06
C VAL A 563 9.29 -42.17 19.39
N ILE A 564 8.72 -41.73 20.52
CA ILE A 564 8.91 -40.35 20.96
C ILE A 564 10.37 -40.10 21.32
N GLU A 565 11.00 -41.05 22.03
CA GLU A 565 12.41 -40.91 22.37
C GLU A 565 13.28 -40.90 21.11
N TYR A 566 12.95 -41.74 20.14
CA TYR A 566 13.71 -41.75 18.89
C TYR A 566 13.54 -40.46 18.12
N LEU A 567 12.32 -39.90 18.09
CA LEU A 567 12.07 -38.67 17.35
C LEU A 567 12.69 -37.46 18.04
N MET A 568 12.76 -37.46 19.38
CA MET A 568 13.13 -36.25 20.10
C MET A 568 14.64 -36.01 20.05
N GLY A 569 15.43 -36.93 20.58
CA GLY A 569 16.86 -36.75 20.60
C GLY A 569 17.54 -37.82 21.43
N GLY A 570 18.82 -37.59 21.70
CA GLY A 570 19.63 -38.55 22.42
C GLY A 570 19.39 -38.58 23.91
N ALA A 571 19.32 -37.40 24.54
CA ALA A 571 19.19 -37.32 25.99
C ALA A 571 17.75 -37.36 26.46
N TYR A 572 16.77 -37.30 25.55
CA TYR A 572 15.38 -37.26 25.94
C TYR A 572 14.91 -38.62 26.44
N ARG A 573 14.01 -38.59 27.43
CA ARG A 573 13.46 -39.81 28.01
C ARG A 573 11.98 -39.58 28.29
N CYS A 574 11.12 -40.21 27.48
CA CYS A 574 9.68 -40.04 27.65
C CYS A 574 9.20 -40.73 28.93
N ASN A 575 8.06 -40.25 29.43
CA ASN A 575 7.49 -40.80 30.66
C ASN A 575 6.94 -42.21 30.46
N TYR A 576 6.68 -42.63 29.22
CA TYR A 576 6.11 -43.95 28.99
C TYR A 576 7.12 -45.06 29.23
N THR A 577 8.39 -44.81 28.93
CA THR A 577 9.42 -45.83 29.07
C THR A 577 10.03 -45.87 30.46
N ARG A 578 9.61 -45.00 31.36
CA ARG A 578 10.12 -45.03 32.73
C ARG A 578 9.60 -46.24 33.47
N LYS A 579 10.33 -46.62 34.52
CA LYS A 579 10.03 -47.87 35.23
C LYS A 579 8.69 -47.80 35.96
N ARG A 580 8.33 -46.62 36.51
CA ARG A 580 7.06 -46.50 37.22
C ARG A 580 5.88 -46.72 36.30
N PHE A 581 5.91 -46.12 35.11
CA PHE A 581 4.82 -46.33 34.16
C PHE A 581 4.81 -47.76 33.63
N ARG A 582 5.98 -48.38 33.48
CA ARG A 582 6.02 -49.77 33.05
C ARG A 582 5.39 -50.69 34.09
N THR A 583 5.66 -50.44 35.37
CA THR A 583 5.02 -51.22 36.43
C THR A 583 3.52 -50.96 36.49
N LEU A 584 3.10 -49.72 36.29
CA LEU A 584 1.67 -49.41 36.30
C LEU A 584 0.95 -50.01 35.11
N TYR A 585 1.65 -50.17 33.98
CA TYR A 585 1.06 -50.72 32.76
C TYR A 585 1.14 -52.24 32.70
N HIS A 586 2.07 -52.87 33.42
CA HIS A 586 2.21 -54.31 33.35
C HIS A 586 1.03 -55.04 33.98
N ASN A 587 0.43 -54.46 35.02
CA ASN A 587 -0.70 -55.08 35.71
C ASN A 587 -2.04 -54.50 35.27
N LEU A 588 -2.16 -54.11 34.01
CA LEU A 588 -3.40 -53.55 33.49
C LEU A 588 -3.70 -54.14 32.10
N ASN A 632 -5.38 -46.42 35.08
CA ASN A 632 -5.58 -45.27 35.97
C ASN A 632 -5.92 -44.02 35.17
N HIS A 633 -5.39 -42.89 35.61
CA HIS A 633 -5.61 -41.60 34.97
C HIS A 633 -4.26 -40.93 34.69
N PHE A 634 -4.33 -39.72 34.13
CA PHE A 634 -3.16 -38.90 33.88
C PHE A 634 -3.31 -37.56 34.59
N PRO A 635 -2.27 -37.05 35.24
CA PRO A 635 -2.38 -35.74 35.88
C PRO A 635 -2.59 -34.61 34.89
N PHE A 636 -1.89 -34.64 33.75
CA PHE A 636 -2.06 -33.64 32.70
C PHE A 636 -2.51 -34.35 31.43
N PRO A 637 -3.80 -34.37 31.14
CA PRO A 637 -4.28 -35.14 29.98
C PRO A 637 -4.01 -34.44 28.66
N PHE A 638 -3.94 -33.11 28.68
CA PHE A 638 -3.76 -32.37 27.45
C PHE A 638 -2.35 -32.53 26.88
N HIS A 639 -1.36 -32.84 27.71
CA HIS A 639 -0.03 -33.14 27.19
C HIS A 639 -0.06 -34.37 26.29
N GLU A 640 -0.64 -35.47 26.79
CA GLU A 640 -0.73 -36.68 25.99
C GLU A 640 -1.67 -36.49 24.80
N LEU A 641 -2.75 -35.73 24.96
CA LEU A 641 -3.65 -35.49 23.83
C LEU A 641 -2.96 -34.70 22.73
N MET A 642 -2.17 -33.68 23.10
CA MET A 642 -1.47 -32.90 22.08
C MET A 642 -0.37 -33.74 21.41
N VAL A 643 0.31 -34.58 22.19
CA VAL A 643 1.32 -35.47 21.59
C VAL A 643 0.65 -36.43 20.62
N TRP A 644 -0.51 -36.97 20.98
CA TRP A 644 -1.24 -37.85 20.08
C TRP A 644 -1.67 -37.13 18.81
N ALA A 645 -2.18 -35.90 18.95
CA ALA A 645 -2.60 -35.14 17.79
C ALA A 645 -1.43 -34.79 16.88
N VAL A 646 -0.25 -34.54 17.45
CA VAL A 646 0.93 -34.27 16.63
C VAL A 646 1.39 -35.54 15.92
N LEU A 647 1.41 -36.67 16.62
CA LEU A 647 1.87 -37.91 16.01
C LEU A 647 0.90 -38.44 14.96
N MET A 648 -0.39 -38.18 15.12
CA MET A 648 -1.39 -38.60 14.15
C MET A 648 -1.60 -37.57 13.04
N LYS A 649 -0.85 -36.47 13.06
CA LYS A 649 -0.87 -35.45 12.01
C LYS A 649 -2.25 -34.81 11.88
N ARG A 650 -2.78 -34.33 12.99
CA ARG A 650 -4.06 -33.62 13.03
C ARG A 650 -3.77 -32.23 13.58
N GLN A 651 -3.60 -31.25 12.68
CA GLN A 651 -3.09 -29.95 13.08
C GLN A 651 -4.14 -29.14 13.84
N LYS A 652 -5.40 -29.19 13.41
CA LYS A 652 -6.44 -28.44 14.09
C LYS A 652 -6.67 -28.97 15.51
N MET A 653 -6.65 -30.29 15.68
CA MET A 653 -6.79 -30.87 17.00
C MET A 653 -5.62 -30.49 17.90
N ALA A 654 -4.41 -30.48 17.34
CA ALA A 654 -3.23 -30.09 18.12
C ALA A 654 -3.30 -28.63 18.53
N LEU A 655 -3.74 -27.76 17.62
CA LEU A 655 -3.89 -26.35 17.96
C LEU A 655 -4.97 -26.13 19.02
N PHE A 656 -6.04 -26.92 18.98
CA PHE A 656 -7.06 -26.82 20.02
C PHE A 656 -6.53 -27.30 21.36
N PHE A 657 -5.78 -28.40 21.38
CA PHE A 657 -5.24 -28.94 22.62
C PHE A 657 -4.08 -28.13 23.18
N TRP A 658 -3.42 -27.31 22.35
CA TRP A 658 -2.26 -26.58 22.82
C TRP A 658 -2.65 -25.49 23.82
N GLN A 659 -3.78 -24.81 23.59
CA GLN A 659 -4.16 -23.68 24.43
C GLN A 659 -4.85 -24.10 25.72
N HIS A 660 -5.10 -25.40 25.92
CA HIS A 660 -5.70 -25.90 27.15
C HIS A 660 -4.63 -26.59 28.00
N GLY A 661 -4.65 -26.30 29.30
CA GLY A 661 -3.66 -26.85 30.21
C GLY A 661 -2.46 -25.94 30.40
N GLU A 662 -1.53 -26.41 31.22
CA GLU A 662 -0.33 -25.66 31.58
C GLU A 662 0.82 -26.00 30.63
N GLU A 663 1.89 -25.23 30.76
CA GLU A 663 3.13 -25.41 29.99
C GLU A 663 2.86 -25.34 28.49
N ALA A 664 2.36 -24.18 28.06
CA ALA A 664 2.02 -23.99 26.65
C ALA A 664 3.28 -23.85 25.79
N MET A 665 4.26 -23.11 26.27
CA MET A 665 5.49 -22.89 25.51
C MET A 665 6.28 -24.18 25.34
N ALA A 666 6.37 -24.98 26.41
CA ALA A 666 7.04 -26.27 26.32
C ALA A 666 6.34 -27.18 25.32
N LYS A 667 5.00 -27.19 25.35
CA LYS A 667 4.25 -28.01 24.41
C LYS A 667 4.47 -27.55 22.98
N ALA A 668 4.52 -26.23 22.75
CA ALA A 668 4.78 -25.71 21.41
C ALA A 668 6.16 -26.12 20.91
N LEU A 669 7.18 -25.98 21.75
CA LEU A 669 8.53 -26.35 21.34
C LEU A 669 8.66 -27.85 21.08
N VAL A 670 8.03 -28.67 21.93
CA VAL A 670 8.07 -30.11 21.74
C VAL A 670 7.36 -30.49 20.45
N ALA A 671 6.20 -29.87 20.16
CA ALA A 671 5.49 -30.14 18.92
C ALA A 671 6.31 -29.73 17.71
N CYS A 672 6.99 -28.58 17.78
CA CYS A 672 7.84 -28.16 16.67
C CYS A 672 8.96 -29.16 16.41
N LYS A 673 9.63 -29.61 17.48
CA LYS A 673 10.71 -30.59 17.30
C LYS A 673 10.18 -31.91 16.73
N LEU A 674 9.03 -32.37 17.26
CA LEU A 674 8.46 -33.63 16.77
C LEU A 674 8.04 -33.52 15.31
N CYS A 675 7.43 -32.40 14.91
CA CYS A 675 7.04 -32.23 13.51
C CYS A 675 8.25 -32.16 12.59
N LYS A 676 9.32 -31.48 13.02
CA LYS A 676 10.53 -31.44 12.21
C LYS A 676 11.13 -32.84 12.06
N ALA A 677 11.19 -33.61 13.15
CA ALA A 677 11.73 -34.96 13.07
C ALA A 677 10.89 -35.85 12.17
N MET A 678 9.56 -35.74 12.27
CA MET A 678 8.69 -36.52 11.41
C MET A 678 8.84 -36.12 9.95
N ALA A 679 9.02 -34.83 9.68
CA ALA A 679 9.25 -34.39 8.31
C ALA A 679 10.54 -34.97 7.75
N HIS A 680 11.62 -34.96 8.56
CA HIS A 680 12.87 -35.54 8.11
C HIS A 680 12.73 -37.04 7.87
N GLU A 681 12.03 -37.75 8.77
CA GLU A 681 11.83 -39.18 8.59
C GLU A 681 11.01 -39.49 7.35
N ALA A 682 9.97 -38.70 7.10
CA ALA A 682 9.14 -38.92 5.91
C ALA A 682 9.91 -38.64 4.63
N SER A 683 10.72 -37.58 4.62
CA SER A 683 11.52 -37.28 3.45
C SER A 683 12.64 -38.29 3.25
N GLU A 684 13.09 -38.96 4.31
CA GLU A 684 14.13 -39.98 4.17
C GLU A 684 13.63 -41.19 3.41
N ASN A 685 12.39 -41.61 3.67
CA ASN A 685 11.84 -42.84 3.10
C ASN A 685 11.13 -42.63 1.77
N ASP A 686 11.24 -41.44 1.18
CA ASP A 686 10.71 -41.13 -0.15
C ASP A 686 9.20 -41.36 -0.22
N MET A 687 8.49 -40.53 0.53
CA MET A 687 7.03 -40.52 0.51
C MET A 687 6.54 -39.61 -0.62
N VAL A 688 5.25 -39.25 -0.57
CA VAL A 688 4.60 -38.49 -1.64
C VAL A 688 5.13 -37.06 -1.69
N ASP A 689 5.95 -36.68 -0.71
CA ASP A 689 6.62 -35.38 -0.56
C ASP A 689 5.66 -34.24 -0.26
N ASP A 690 4.34 -34.49 -0.21
CA ASP A 690 3.41 -33.50 0.32
C ASP A 690 3.27 -33.64 1.82
N ILE A 691 3.47 -34.85 2.34
CA ILE A 691 3.47 -35.06 3.78
C ILE A 691 4.62 -34.28 4.43
N SER A 692 5.79 -34.28 3.79
CA SER A 692 6.92 -33.53 4.33
C SER A 692 6.64 -32.04 4.35
N GLN A 693 6.02 -31.52 3.30
CA GLN A 693 5.67 -30.09 3.28
C GLN A 693 4.65 -29.76 4.36
N GLU A 694 3.65 -30.62 4.55
CA GLU A 694 2.67 -30.38 5.60
C GLU A 694 3.31 -30.40 6.99
N LEU A 695 4.22 -31.35 7.21
CA LEU A 695 4.89 -31.44 8.52
C LEU A 695 5.79 -30.23 8.74
N ASN A 696 6.48 -29.75 7.70
CA ASN A 696 7.29 -28.54 7.84
C ASN A 696 6.42 -27.33 8.14
N HIS A 697 5.24 -27.24 7.50
CA HIS A 697 4.32 -26.14 7.80
C HIS A 697 3.82 -26.21 9.24
N ASN A 698 3.53 -27.42 9.73
CA ASN A 698 3.10 -27.57 11.11
C ASN A 698 4.22 -27.16 12.08
N SER A 699 5.46 -27.54 11.77
CA SER A 699 6.59 -27.14 12.60
C SER A 699 6.74 -25.62 12.62
N ARG A 700 6.62 -24.98 11.46
CA ARG A 700 6.70 -23.52 11.41
C ARG A 700 5.58 -22.87 12.21
N ASP A 701 4.36 -23.41 12.12
CA ASP A 701 3.24 -22.85 12.87
C ASP A 701 3.48 -22.94 14.38
N PHE A 702 3.94 -24.10 14.85
CA PHE A 702 4.18 -24.25 16.29
C PHE A 702 5.35 -23.37 16.75
N GLY A 703 6.40 -23.25 15.92
CA GLY A 703 7.49 -22.36 16.27
C GLY A 703 7.06 -20.91 16.37
N GLN A 704 6.22 -20.46 15.43
CA GLN A 704 5.73 -19.09 15.48
C GLN A 704 4.83 -18.89 16.69
N LEU A 705 4.02 -19.88 17.05
CA LEU A 705 3.22 -19.79 18.27
C LEU A 705 4.11 -19.62 19.49
N ALA A 706 5.18 -20.42 19.58
CA ALA A 706 6.09 -20.31 20.72
C ALA A 706 6.75 -18.94 20.78
N VAL A 707 7.18 -18.42 19.62
CA VAL A 707 7.83 -17.12 19.58
C VAL A 707 6.87 -16.02 20.01
N GLU A 708 5.63 -16.06 19.53
CA GLU A 708 4.65 -15.03 19.88
C GLU A 708 4.27 -15.11 21.36
N LEU A 709 4.16 -16.33 21.90
CA LEU A 709 3.89 -16.46 23.33
C LEU A 709 5.05 -15.92 24.17
N LEU A 710 6.29 -16.19 23.75
CA LEU A 710 7.45 -15.63 24.45
C LEU A 710 7.45 -14.11 24.39
N ASP A 711 7.10 -13.55 23.23
CA ASP A 711 7.05 -12.10 23.09
C ASP A 711 5.99 -11.50 24.00
N GLN A 712 4.80 -12.10 24.06
CA GLN A 712 3.76 -11.62 24.94
C GLN A 712 4.17 -11.70 26.40
N SER A 713 4.79 -12.82 26.80
CA SER A 713 5.23 -12.98 28.18
C SER A 713 6.29 -11.95 28.55
N TYR A 714 7.25 -11.71 27.66
CA TYR A 714 8.29 -10.72 27.95
C TYR A 714 7.72 -9.30 27.99
N LYS A 715 6.76 -9.00 27.12
CA LYS A 715 6.14 -7.68 27.12
C LYS A 715 5.33 -7.45 28.39
N GLN A 716 4.70 -8.50 28.92
CA GLN A 716 3.90 -8.33 30.13
C GLN A 716 4.78 -8.18 31.37
N ASP A 717 5.58 -9.20 31.68
CA ASP A 717 6.46 -9.17 32.85
C ASP A 717 7.78 -9.81 32.49
N GLU A 718 8.89 -9.14 32.83
CA GLU A 718 10.20 -9.60 32.39
C GLU A 718 10.78 -10.66 33.32
N GLN A 719 10.70 -10.44 34.64
CA GLN A 719 11.28 -11.38 35.59
C GLN A 719 10.58 -12.74 35.53
N LEU A 720 9.25 -12.73 35.44
CA LEU A 720 8.53 -13.99 35.30
C LEU A 720 8.79 -14.63 33.94
N ALA A 721 9.02 -13.82 32.90
CA ALA A 721 9.38 -14.39 31.60
C ALA A 721 10.72 -15.11 31.67
N MET A 722 11.70 -14.53 32.37
CA MET A 722 13.00 -15.19 32.52
C MET A 722 12.88 -16.43 33.40
N LYS A 723 12.02 -16.38 34.43
CA LYS A 723 11.80 -17.56 35.26
C LYS A 723 11.08 -18.65 34.48
N LEU A 724 10.29 -18.28 33.47
CA LEU A 724 9.55 -19.26 32.70
C LEU A 724 10.45 -20.06 31.76
N LEU A 725 11.58 -19.48 31.36
CA LEU A 725 12.47 -20.11 30.39
C LEU A 725 13.51 -21.03 31.02
N THR A 726 13.72 -20.97 32.34
CA THR A 726 14.81 -21.70 32.96
C THR A 726 14.36 -22.73 33.99
N TYR A 727 13.08 -22.81 34.33
CA TYR A 727 12.65 -23.74 35.36
C TYR A 727 12.52 -25.14 34.80
N GLU A 728 12.90 -26.13 35.61
CA GLU A 728 12.94 -27.51 35.16
C GLU A 728 11.55 -28.05 34.91
N LEU A 729 11.38 -28.77 33.80
CA LEU A 729 10.11 -29.36 33.42
C LEU A 729 10.13 -30.84 33.79
N LYS A 730 9.33 -31.22 34.78
CA LYS A 730 9.30 -32.60 35.22
C LYS A 730 8.63 -33.51 34.20
N ASN A 731 7.68 -32.99 33.43
CA ASN A 731 6.93 -33.78 32.47
C ASN A 731 7.65 -33.96 31.14
N TRP A 732 8.72 -33.21 30.88
CA TRP A 732 9.39 -33.28 29.59
C TRP A 732 10.86 -33.68 29.73
N SER A 733 11.10 -34.75 30.50
CA SER A 733 12.42 -35.36 30.64
C SER A 733 13.45 -34.42 31.24
N ASN A 734 13.00 -33.52 32.13
CA ASN A 734 13.87 -32.62 32.89
C ASN A 734 14.75 -31.77 31.96
N ALA A 735 14.08 -30.94 31.17
CA ALA A 735 14.76 -30.04 30.23
C ALA A 735 14.03 -28.71 30.22
N THR A 736 14.79 -27.62 30.23
CA THR A 736 14.22 -26.29 30.21
C THR A 736 13.75 -25.92 28.81
N CYS A 737 13.05 -24.79 28.71
CA CYS A 737 12.58 -24.34 27.41
C CYS A 737 13.71 -23.90 26.50
N LEU A 738 14.80 -23.39 27.07
CA LEU A 738 15.97 -23.05 26.27
C LEU A 738 16.56 -24.28 25.59
N GLN A 739 16.66 -25.38 26.33
CA GLN A 739 17.20 -26.61 25.74
C GLN A 739 16.27 -27.18 24.69
N LEU A 740 14.95 -27.05 24.90
CA LEU A 740 13.99 -27.50 23.90
C LEU A 740 14.07 -26.67 22.64
N ALA A 741 14.28 -25.36 22.77
CA ALA A 741 14.38 -24.49 21.60
C ALA A 741 15.70 -24.71 20.87
N VAL A 742 16.78 -24.98 21.61
CA VAL A 742 18.07 -25.23 20.98
C VAL A 742 18.07 -26.58 20.27
N ALA A 743 17.48 -27.60 20.88
CA ALA A 743 17.41 -28.92 20.25
C ALA A 743 16.56 -28.91 18.99
N ALA A 744 15.69 -27.92 18.82
CA ALA A 744 14.88 -27.78 17.62
C ALA A 744 15.49 -26.83 16.61
N LYS A 745 16.68 -26.31 16.88
CA LYS A 745 17.36 -25.34 16.00
C LYS A 745 16.46 -24.15 15.70
N HIS A 746 15.76 -23.67 16.71
CA HIS A 746 14.82 -22.55 16.56
C HIS A 746 15.60 -21.25 16.78
N ARG A 747 16.07 -20.66 15.69
CA ARG A 747 16.94 -19.49 15.78
C ARG A 747 16.18 -18.22 16.14
N ASP A 748 14.89 -18.14 15.77
CA ASP A 748 14.12 -16.95 16.10
C ASP A 748 13.70 -16.90 17.57
N PHE A 749 13.83 -18.02 18.29
CA PHE A 749 13.50 -18.04 19.70
C PHE A 749 14.70 -17.60 20.55
N ILE A 750 15.88 -18.14 20.26
CA ILE A 750 17.08 -17.76 21.01
C ILE A 750 17.52 -16.34 20.71
N ALA A 751 17.15 -15.80 19.55
CA ALA A 751 17.54 -14.45 19.17
C ALA A 751 16.61 -13.39 19.73
N HIS A 752 15.56 -13.78 20.46
CA HIS A 752 14.65 -12.81 21.05
C HIS A 752 15.35 -12.05 22.17
N THR A 753 14.77 -10.91 22.53
CA THR A 753 15.40 -10.05 23.54
C THR A 753 15.43 -10.71 24.91
N CYS A 754 14.35 -11.40 25.29
CA CYS A 754 14.33 -12.07 26.58
C CYS A 754 15.37 -13.18 26.65
N SER A 755 15.49 -13.97 25.58
CA SER A 755 16.49 -15.03 25.57
C SER A 755 17.90 -14.47 25.63
N GLN A 756 18.16 -13.37 24.93
CA GLN A 756 19.49 -12.77 24.96
C GLN A 756 19.81 -12.19 26.33
N MET A 757 18.83 -11.56 26.99
CA MET A 757 19.05 -11.07 28.34
C MET A 757 19.31 -12.21 29.32
N LEU A 758 18.55 -13.30 29.19
CA LEU A 758 18.78 -14.46 30.04
C LEU A 758 20.16 -15.06 29.81
N LEU A 759 20.58 -15.12 28.54
CA LEU A 759 21.92 -15.63 28.23
C LEU A 759 23.01 -14.70 28.78
N THR A 760 22.78 -13.38 28.73
CA THR A 760 23.75 -12.45 29.31
C THR A 760 23.85 -12.64 30.82
N ASP A 761 22.71 -12.81 31.50
CA ASP A 761 22.73 -13.05 32.94
C ASP A 761 23.43 -14.36 33.27
N MET A 762 23.20 -15.39 32.46
CA MET A 762 23.86 -16.68 32.67
C MET A 762 25.36 -16.60 32.40
N TRP A 763 25.76 -15.75 31.44
CA TRP A 763 27.16 -15.60 31.09
C TRP A 763 27.93 -14.78 32.11
N MET A 764 27.29 -13.79 32.72
CA MET A 764 27.95 -12.96 33.70
C MET A 764 28.21 -13.69 35.02
N GLY A 765 27.55 -14.83 35.23
CA GLY A 765 27.74 -15.59 36.45
C GLY A 765 27.01 -15.00 37.64
N ARG A 766 27.67 -14.99 38.79
CA ARG A 766 27.11 -14.44 40.03
C ARG A 766 27.61 -13.04 40.30
N LEU A 767 27.84 -12.26 39.26
CA LEU A 767 28.33 -10.89 39.36
C LEU A 767 27.23 -9.92 38.93
N ARG A 768 27.47 -8.64 39.20
CA ARG A 768 26.50 -7.60 38.87
C ARG A 768 27.10 -6.46 38.06
N MET A 769 28.38 -6.52 37.71
CA MET A 769 29.03 -5.46 36.94
C MET A 769 28.50 -5.48 35.51
N ARG A 770 27.62 -4.52 35.20
CA ARG A 770 27.02 -4.43 33.88
C ARG A 770 27.36 -3.13 33.15
N LYS A 771 27.98 -2.16 33.83
CA LYS A 771 28.28 -0.89 33.18
C LYS A 771 29.48 -1.01 32.23
N ASN A 772 30.65 -1.36 32.76
CA ASN A 772 31.86 -1.53 31.95
C ASN A 772 32.54 -2.83 32.38
N SER A 773 32.16 -3.92 31.71
CA SER A 773 32.75 -5.22 31.98
C SER A 773 34.03 -5.38 31.16
N GLY A 774 34.61 -6.58 31.23
CA GLY A 774 35.83 -6.85 30.48
C GLY A 774 37.09 -6.36 31.17
N LEU A 775 37.22 -5.03 31.30
CA LEU A 775 38.40 -4.46 31.95
C LEU A 775 38.47 -4.86 33.42
N LYS A 776 37.34 -4.83 34.12
CA LYS A 776 37.33 -5.19 35.53
C LYS A 776 37.62 -6.68 35.73
N VAL A 777 37.15 -7.53 34.81
CA VAL A 777 37.49 -8.95 34.88
C VAL A 777 38.99 -9.15 34.70
N ILE A 778 39.60 -8.43 33.76
CA ILE A 778 41.04 -8.53 33.56
C ILE A 778 41.79 -8.05 34.79
N LEU A 779 41.34 -6.94 35.40
CA LEU A 779 41.98 -6.44 36.61
C LEU A 779 41.88 -7.43 37.75
N GLY A 780 40.71 -8.04 37.92
CA GLY A 780 40.54 -9.05 38.97
C GLY A 780 41.28 -10.34 38.69
N ILE A 781 41.57 -10.64 37.43
CA ILE A 781 42.27 -11.87 37.11
C ILE A 781 43.78 -11.68 37.06
N LEU A 782 44.26 -10.44 36.97
CA LEU A 782 45.70 -10.17 37.05
C LEU A 782 46.15 -9.96 38.49
N LEU A 783 45.43 -9.13 39.25
CA LEU A 783 45.69 -8.95 40.67
C LEU A 783 44.51 -9.51 41.46
N PRO A 784 44.66 -10.68 42.08
CA PRO A 784 43.55 -11.29 42.84
C PRO A 784 43.01 -10.42 43.97
N PRO A 785 43.81 -9.58 44.63
CA PRO A 785 43.22 -8.66 45.62
C PRO A 785 42.19 -7.69 45.06
N SER A 786 42.15 -7.45 43.76
CA SER A 786 41.15 -6.57 43.17
C SER A 786 39.77 -7.21 43.09
N ILE A 787 39.65 -8.51 43.36
CA ILE A 787 38.37 -9.20 43.25
C ILE A 787 37.39 -8.69 44.30
N LEU A 788 37.86 -8.47 45.53
CA LEU A 788 36.95 -8.20 46.64
C LEU A 788 36.23 -6.86 46.50
N SER A 789 36.71 -5.97 45.64
CA SER A 789 36.01 -4.71 45.37
C SER A 789 35.06 -4.85 44.20
N LEU A 790 34.20 -5.86 44.25
CA LEU A 790 33.22 -6.11 43.20
C LEU A 790 31.88 -6.45 43.83
N GLU A 791 30.81 -5.90 43.25
CA GLU A 791 29.47 -6.20 43.73
C GLU A 791 29.02 -7.56 43.20
N PHE A 792 28.31 -8.30 44.04
CA PHE A 792 27.81 -9.63 43.72
C PHE A 792 26.30 -9.67 43.83
N LYS A 793 25.73 -10.82 43.51
CA LYS A 793 24.29 -11.04 43.58
C LYS A 793 23.97 -11.98 44.74
N ASN A 794 22.93 -11.65 45.48
CA ASN A 794 22.53 -12.42 46.66
C ASN A 794 22.08 -13.82 46.30
N GLY A 861 37.01 -15.73 50.85
CA GLY A 861 36.63 -17.12 51.01
C GLY A 861 35.76 -17.64 49.89
N ARG A 862 34.44 -17.52 50.07
CA ARG A 862 33.49 -17.96 49.05
C ARG A 862 33.41 -16.99 47.89
N LYS A 863 33.84 -15.73 48.08
CA LYS A 863 33.79 -14.75 47.00
C LYS A 863 34.78 -15.09 45.90
N ILE A 864 35.94 -15.64 46.26
CA ILE A 864 36.92 -16.03 45.25
C ILE A 864 36.41 -17.20 44.42
N TYR A 865 35.83 -18.20 45.07
CA TYR A 865 35.22 -19.31 44.34
C TYR A 865 34.05 -18.84 43.50
N GLU A 866 33.31 -17.84 43.97
CA GLU A 866 32.22 -17.27 43.17
C GLU A 866 32.76 -16.55 41.95
N PHE A 867 33.90 -15.88 42.08
CA PHE A 867 34.46 -15.11 40.98
C PHE A 867 35.10 -16.01 39.93
N TYR A 868 35.83 -17.03 40.35
CA TYR A 868 36.61 -17.82 39.41
C TYR A 868 35.81 -18.93 38.74
N ASN A 869 34.52 -19.06 39.03
CA ASN A 869 33.67 -20.04 38.37
C ASN A 869 32.67 -19.42 37.41
N ALA A 870 32.71 -18.10 37.22
CA ALA A 870 31.86 -17.46 36.23
C ALA A 870 32.36 -17.77 34.82
N PRO A 871 31.45 -17.91 33.86
CA PRO A 871 31.88 -18.20 32.47
C PRO A 871 32.76 -17.11 31.87
N ILE A 872 32.49 -15.84 32.18
CA ILE A 872 33.26 -14.75 31.58
C ILE A 872 34.70 -14.76 32.09
N VAL A 873 34.88 -15.07 33.37
CA VAL A 873 36.23 -15.14 33.94
C VAL A 873 37.01 -16.30 33.33
N LYS A 874 36.36 -17.45 33.15
CA LYS A 874 37.01 -18.57 32.48
C LYS A 874 37.38 -18.21 31.06
N PHE A 875 36.48 -17.51 30.34
CA PHE A 875 36.77 -17.11 28.97
C PHE A 875 37.98 -16.19 28.90
N TRP A 876 38.04 -15.20 29.80
CA TRP A 876 39.19 -14.28 29.78
C TRP A 876 40.47 -14.98 30.20
N PHE A 877 40.40 -15.93 31.13
CA PHE A 877 41.57 -16.72 31.49
C PHE A 877 42.09 -17.49 30.28
N TYR A 878 41.19 -18.16 29.55
CA TYR A 878 41.59 -18.89 28.36
C TYR A 878 42.15 -17.95 27.30
N THR A 879 41.55 -16.77 27.15
CA THR A 879 42.02 -15.81 26.15
C THR A 879 43.43 -15.32 26.46
N LEU A 880 43.69 -14.98 27.72
CA LEU A 880 45.03 -14.54 28.11
C LEU A 880 46.06 -15.67 27.94
N ALA A 881 45.66 -16.90 28.29
CA ALA A 881 46.57 -18.03 28.10
C ALA A 881 46.87 -18.23 26.62
N TYR A 882 45.87 -18.10 25.75
CA TYR A 882 46.10 -18.26 24.32
C TYR A 882 46.98 -17.14 23.77
N ILE A 883 46.81 -15.92 24.27
CA ILE A 883 47.67 -14.81 23.84
C ILE A 883 49.11 -15.10 24.23
N GLY A 884 49.34 -15.55 25.47
CA GLY A 884 50.70 -15.89 25.88
C GLY A 884 51.29 -17.04 25.08
N TYR A 885 50.47 -18.04 24.76
CA TYR A 885 50.93 -19.15 23.94
C TYR A 885 51.32 -18.67 22.54
N LEU A 886 50.50 -17.79 21.95
CA LEU A 886 50.85 -17.23 20.64
C LEU A 886 52.14 -16.44 20.71
N MET A 887 52.34 -15.68 21.80
CA MET A 887 53.58 -14.93 21.95
C MET A 887 54.79 -15.85 22.01
N LEU A 888 54.71 -16.92 22.80
CA LEU A 888 55.84 -17.85 22.88
C LEU A 888 56.07 -18.59 21.56
N PHE A 889 54.99 -18.95 20.86
CA PHE A 889 55.13 -19.59 19.56
C PHE A 889 55.79 -18.66 18.55
N ASN A 890 55.44 -17.37 18.58
CA ASN A 890 56.12 -16.40 17.73
C ASN A 890 57.59 -16.27 18.11
N TYR A 891 57.90 -16.29 19.41
CA TYR A 891 59.30 -16.14 19.83
C TYR A 891 60.15 -17.32 19.37
N ILE A 892 59.63 -18.55 19.47
CA ILE A 892 60.49 -19.71 19.24
C ILE A 892 60.86 -19.90 17.77
N VAL A 893 60.10 -19.31 16.84
CA VAL A 893 60.39 -19.51 15.41
C VAL A 893 61.25 -18.40 14.83
N LEU A 894 61.18 -17.18 15.36
CA LEU A 894 61.98 -16.08 14.81
C LEU A 894 63.46 -16.24 15.16
N VAL A 895 63.76 -16.60 16.40
CA VAL A 895 65.14 -16.71 16.86
C VAL A 895 65.72 -18.04 16.40
N LYS A 896 67.05 -18.18 16.51
CA LYS A 896 67.73 -19.37 16.04
C LYS A 896 67.31 -20.59 16.87
N MET A 897 67.06 -21.71 16.19
CA MET A 897 66.62 -22.93 16.83
C MET A 897 67.83 -23.82 17.13
N GLU A 898 67.97 -24.22 18.39
CA GLU A 898 69.15 -24.94 18.84
C GLU A 898 68.90 -26.45 18.72
N ARG A 899 69.87 -27.25 19.19
CA ARG A 899 69.76 -28.71 19.08
C ARG A 899 68.63 -29.24 19.94
N TRP A 900 68.48 -28.74 21.17
CA TRP A 900 67.45 -29.19 22.07
C TRP A 900 66.50 -28.05 22.41
N PRO A 901 65.21 -28.34 22.65
CA PRO A 901 64.24 -27.27 22.89
C PRO A 901 64.58 -26.43 24.11
N SER A 902 64.33 -25.13 24.00
CA SER A 902 64.52 -24.20 25.10
C SER A 902 63.28 -24.21 25.99
N THR A 903 63.24 -23.31 26.98
CA THR A 903 62.11 -23.27 27.91
C THR A 903 60.81 -22.92 27.22
N GLN A 904 60.84 -21.91 26.34
CA GLN A 904 59.63 -21.50 25.64
C GLN A 904 59.11 -22.59 24.74
N GLU A 905 60.01 -23.33 24.08
CA GLU A 905 59.57 -24.44 23.23
C GLU A 905 58.92 -25.54 24.05
N TRP A 906 59.46 -25.82 25.24
CA TRP A 906 58.84 -26.82 26.12
C TRP A 906 57.48 -26.35 26.60
N ILE A 907 57.32 -25.06 26.88
CA ILE A 907 56.02 -24.53 27.27
C ILE A 907 55.02 -24.67 26.12
N VAL A 908 55.45 -24.39 24.90
CA VAL A 908 54.58 -24.54 23.73
C VAL A 908 54.16 -25.99 23.54
N ILE A 909 55.12 -26.92 23.70
CA ILE A 909 54.80 -28.35 23.56
C ILE A 909 53.84 -28.78 24.65
N SER A 910 54.02 -28.28 25.88
CA SER A 910 53.10 -28.61 26.95
C SER A 910 51.70 -28.08 26.67
N TYR A 911 51.61 -26.87 26.11
CA TYR A 911 50.31 -26.33 25.72
C TYR A 911 49.62 -27.22 24.69
N ILE A 912 50.37 -27.64 23.67
CA ILE A 912 49.79 -28.49 22.63
C ILE A 912 49.33 -29.83 23.21
N PHE A 913 50.17 -30.44 24.06
CA PHE A 913 49.82 -31.73 24.63
C PHE A 913 48.60 -31.64 25.54
N THR A 914 48.54 -30.63 26.40
CA THR A 914 47.37 -30.47 27.27
C THR A 914 46.12 -30.13 26.48
N LEU A 915 46.25 -29.35 25.38
CA LEU A 915 45.10 -29.08 24.54
C LEU A 915 44.58 -30.37 23.88
N GLY A 916 45.49 -31.23 23.43
CA GLY A 916 45.07 -32.50 22.87
C GLY A 916 44.38 -33.39 23.90
N ILE A 917 44.91 -33.42 25.13
CA ILE A 917 44.28 -34.19 26.19
C ILE A 917 42.88 -33.64 26.50
N GLU A 918 42.75 -32.30 26.50
CA GLU A 918 41.45 -31.69 26.72
C GLU A 918 40.46 -32.04 25.60
N LYS A 919 40.94 -32.07 24.35
CA LYS A 919 40.08 -32.47 23.24
C LYS A 919 39.62 -33.92 23.40
N MET A 920 40.53 -34.80 23.81
CA MET A 920 40.15 -36.20 24.05
C MET A 920 39.13 -36.31 25.17
N ARG A 921 39.32 -35.53 26.25
CA ARG A 921 38.36 -35.53 27.34
C ARG A 921 36.98 -35.03 26.88
N GLU A 922 36.96 -34.00 26.04
CA GLU A 922 35.70 -33.49 25.52
C GLU A 922 35.02 -34.51 24.62
N ILE A 923 35.81 -35.27 23.85
CA ILE A 923 35.25 -36.35 23.05
C ILE A 923 34.63 -37.42 23.93
N LEU A 924 35.36 -37.84 24.98
CA LEU A 924 34.91 -38.95 25.81
C LEU A 924 33.68 -38.61 26.65
N MET A 925 33.49 -37.35 27.02
CA MET A 925 32.39 -36.93 27.87
C MET A 925 31.24 -36.33 27.07
N SER A 926 30.99 -36.84 25.87
CA SER A 926 29.92 -36.33 25.02
C SER A 926 28.59 -36.95 25.45
N GLU A 927 27.54 -36.69 24.67
CA GLU A 927 26.19 -37.14 25.01
C GLU A 927 25.92 -38.61 24.71
N PRO A 928 26.26 -39.15 23.53
CA PRO A 928 25.96 -40.56 23.27
C PRO A 928 26.84 -41.49 24.10
N GLY A 929 26.40 -42.73 24.20
CA GLY A 929 27.12 -43.74 24.95
C GLY A 929 28.02 -44.61 24.09
N LYS A 930 28.05 -44.34 22.79
CA LYS A 930 28.86 -45.10 21.86
C LYS A 930 30.13 -44.34 21.51
N LEU A 931 31.26 -45.04 21.49
CA LEU A 931 32.54 -44.41 21.21
C LEU A 931 32.59 -43.84 19.79
N LEU A 932 32.09 -44.59 18.82
CA LEU A 932 32.13 -44.15 17.43
C LEU A 932 31.04 -43.15 17.08
N GLN A 933 30.02 -43.01 17.93
CA GLN A 933 28.99 -42.01 17.71
C GLN A 933 29.36 -40.65 18.27
N LYS A 934 30.14 -40.62 19.36
CA LYS A 934 30.62 -39.35 19.87
C LYS A 934 31.65 -38.72 18.94
N VAL A 935 32.41 -39.55 18.22
CA VAL A 935 33.44 -39.03 17.31
C VAL A 935 32.82 -38.22 16.19
N LYS A 936 31.74 -38.72 15.57
CA LYS A 936 31.16 -38.01 14.44
C LYS A 936 30.45 -36.73 14.89
N VAL A 937 29.76 -36.77 16.03
CA VAL A 937 29.11 -35.56 16.51
C VAL A 937 30.11 -34.54 17.04
N TRP A 938 31.31 -34.99 17.43
CA TRP A 938 32.37 -34.04 17.74
C TRP A 938 33.00 -33.49 16.47
N LEU A 939 33.08 -34.29 15.41
CA LEU A 939 33.60 -33.85 14.12
C LEU A 939 32.60 -33.07 13.29
N GLN A 940 31.36 -32.91 13.78
CA GLN A 940 30.40 -32.09 13.06
C GLN A 940 30.89 -30.66 12.90
N GLU A 941 31.45 -30.08 13.97
CA GLU A 941 32.00 -28.73 13.89
C GLU A 941 33.32 -28.73 13.12
N TYR A 942 33.54 -27.68 12.34
CA TYR A 942 34.75 -27.59 11.52
C TYR A 942 35.97 -27.21 12.36
N TRP A 943 35.79 -26.40 13.41
CA TRP A 943 36.92 -26.00 14.23
C TRP A 943 37.57 -27.19 14.91
N ASN A 944 36.78 -28.17 15.33
CA ASN A 944 37.34 -29.37 15.95
C ASN A 944 38.20 -30.14 14.95
N VAL A 945 37.74 -30.28 13.71
CA VAL A 945 38.51 -30.99 12.69
C VAL A 945 39.80 -30.25 12.39
N THR A 946 39.74 -28.92 12.26
CA THR A 946 40.95 -28.15 12.00
C THR A 946 41.93 -28.23 13.17
N ASP A 947 41.43 -28.20 14.40
CA ASP A 947 42.30 -28.35 15.56
C ASP A 947 42.96 -29.72 15.59
N LEU A 948 42.21 -30.77 15.27
CA LEU A 948 42.78 -32.11 15.23
C LEU A 948 43.89 -32.20 14.18
N ILE A 949 43.64 -31.66 12.99
CA ILE A 949 44.65 -31.68 11.93
C ILE A 949 45.89 -30.90 12.35
N ALA A 950 45.70 -29.74 12.96
CA ALA A 950 46.83 -28.92 13.39
C ALA A 950 47.62 -29.60 14.50
N ILE A 951 46.94 -30.26 15.44
CA ILE A 951 47.64 -30.96 16.51
C ILE A 951 48.47 -32.11 15.95
N LEU A 952 47.90 -32.88 15.00
CA LEU A 952 48.66 -33.95 14.39
C LEU A 952 49.86 -33.42 13.62
N LEU A 953 49.67 -32.31 12.89
CA LEU A 953 50.78 -31.71 12.14
C LEU A 953 51.87 -31.21 13.07
N PHE A 954 51.50 -30.59 14.20
CA PHE A 954 52.49 -30.14 15.16
C PHE A 954 53.21 -31.31 15.80
N SER A 955 52.51 -32.42 16.04
CA SER A 955 53.17 -33.61 16.56
C SER A 955 54.20 -34.15 15.58
N VAL A 956 53.84 -34.19 14.30
CA VAL A 956 54.79 -34.64 13.27
C VAL A 956 56.00 -33.72 13.22
N GLY A 957 55.76 -32.40 13.25
CA GLY A 957 56.86 -31.45 13.21
C GLY A 957 57.75 -31.53 14.43
N MET A 958 57.17 -31.79 15.61
CA MET A 958 57.96 -31.95 16.82
C MET A 958 58.80 -33.22 16.76
N ILE A 959 58.23 -34.31 16.23
CA ILE A 959 58.98 -35.55 16.09
C ILE A 959 60.16 -35.36 15.13
N LEU A 960 59.91 -34.70 13.99
CA LEU A 960 61.00 -34.47 13.03
C LEU A 960 62.03 -33.47 13.53
N ARG A 961 61.67 -32.62 14.50
CA ARG A 961 62.60 -31.59 14.95
C ARG A 961 63.73 -32.19 15.77
N LEU A 962 63.46 -33.23 16.54
CA LEU A 962 64.46 -33.83 17.41
C LEU A 962 65.31 -34.85 16.64
N GLN A 963 65.91 -34.41 15.54
CA GLN A 963 66.69 -35.27 14.67
C GLN A 963 67.91 -34.49 14.20
N ASP A 964 68.57 -34.95 13.15
CA ASP A 964 69.72 -34.25 12.60
C ASP A 964 69.25 -32.98 11.88
N GLN A 965 70.19 -32.30 11.22
CA GLN A 965 69.92 -30.96 10.70
C GLN A 965 68.80 -30.88 9.66
N PRO A 966 68.77 -31.73 8.62
CA PRO A 966 67.69 -31.57 7.62
C PRO A 966 66.30 -31.83 8.18
N PHE A 967 66.15 -32.87 9.00
CA PHE A 967 64.85 -33.12 9.62
C PHE A 967 64.48 -32.03 10.61
N ARG A 968 65.49 -31.42 11.26
CA ARG A 968 65.23 -30.27 12.12
C ARG A 968 64.69 -29.09 11.31
N SER A 969 65.26 -28.86 10.12
CA SER A 969 64.74 -27.81 9.25
C SER A 969 63.33 -28.11 8.78
N ASP A 970 63.05 -29.38 8.46
CA ASP A 970 61.69 -29.76 8.08
C ASP A 970 60.70 -29.52 9.23
N GLY A 971 61.09 -29.88 10.44
CA GLY A 971 60.25 -29.60 11.60
C GLY A 971 60.04 -28.12 11.82
N ARG A 972 61.06 -27.31 11.57
CA ARG A 972 60.89 -25.86 11.68
C ARG A 972 59.89 -25.33 10.64
N VAL A 973 59.92 -25.88 9.42
CA VAL A 973 58.96 -25.48 8.41
C VAL A 973 57.54 -25.87 8.84
N ILE A 974 57.40 -27.06 9.41
CA ILE A 974 56.09 -27.47 9.96
C ILE A 974 55.65 -26.51 11.07
N TYR A 975 56.60 -26.06 11.90
CA TYR A 975 56.28 -25.08 12.93
C TYR A 975 55.78 -23.77 12.31
N CYS A 976 56.37 -23.34 11.19
CA CYS A 976 55.91 -22.13 10.54
C CYS A 976 54.48 -22.27 10.01
N VAL A 977 54.17 -23.42 9.40
CA VAL A 977 52.80 -23.64 8.94
C VAL A 977 51.83 -23.67 10.12
N ASN A 978 52.25 -24.28 11.23
CA ASN A 978 51.41 -24.30 12.42
C ASN A 978 51.19 -22.91 12.98
N ILE A 979 52.21 -22.04 12.95
CA ILE A 979 52.02 -20.69 13.46
C ILE A 979 51.07 -19.92 12.56
N ILE A 980 51.07 -20.22 11.25
CA ILE A 980 50.05 -19.65 10.37
C ILE A 980 48.66 -20.05 10.86
N TYR A 981 48.45 -21.34 11.13
CA TYR A 981 47.12 -21.77 11.55
C TYR A 981 46.73 -21.18 12.90
N TRP A 982 47.66 -21.15 13.86
CA TRP A 982 47.32 -20.66 15.19
C TRP A 982 47.16 -19.14 15.21
N TYR A 983 47.71 -18.43 14.22
CA TYR A 983 47.37 -17.03 14.04
C TYR A 983 45.97 -16.87 13.46
N ILE A 984 45.61 -17.73 12.49
CA ILE A 984 44.28 -17.64 11.91
C ILE A 984 43.21 -17.96 12.94
N ARG A 985 43.49 -18.86 13.87
CA ARG A 985 42.49 -19.25 14.88
C ARG A 985 42.12 -18.11 15.89
N LEU A 986 42.59 -16.87 15.75
CA LEU A 986 42.15 -15.82 16.66
C LEU A 986 40.75 -15.32 16.35
N LEU A 987 40.22 -15.62 15.16
CA LEU A 987 38.87 -15.19 14.83
C LEU A 987 37.83 -15.91 15.68
N ASP A 988 38.12 -17.14 16.10
CA ASP A 988 37.24 -17.84 17.03
C ASP A 988 37.14 -17.10 18.36
N ILE A 989 38.27 -16.58 18.85
CA ILE A 989 38.24 -15.76 20.05
C ILE A 989 37.50 -14.45 19.80
N PHE A 990 37.73 -13.84 18.64
CA PHE A 990 37.07 -12.58 18.29
C PHE A 990 35.56 -12.73 18.14
N GLY A 991 35.06 -13.94 17.86
CA GLY A 991 33.64 -14.16 17.66
C GLY A 991 32.77 -13.96 18.88
N VAL A 992 33.32 -13.50 20.01
CA VAL A 992 32.50 -13.17 21.17
C VAL A 992 32.05 -11.72 21.15
N ASN A 993 32.82 -10.82 20.53
CA ASN A 993 32.42 -9.42 20.41
C ASN A 993 31.14 -9.31 19.58
N LYS A 994 30.31 -8.33 19.94
CA LYS A 994 29.00 -8.19 19.32
C LYS A 994 29.10 -7.83 17.84
N TYR A 995 30.15 -7.12 17.45
CA TYR A 995 30.29 -6.63 16.08
C TYR A 995 31.30 -7.41 15.26
N LEU A 996 32.14 -8.24 15.87
CA LEU A 996 33.20 -8.94 15.16
C LEU A 996 32.85 -10.37 14.76
N GLY A 997 31.80 -10.95 15.35
CA GLY A 997 31.35 -12.27 14.98
C GLY A 997 30.58 -12.33 13.67
N PRO A 998 29.53 -11.50 13.55
CA PRO A 998 28.80 -11.43 12.29
C PRO A 998 29.67 -11.07 11.09
N TYR A 999 30.69 -10.24 11.27
CA TYR A 999 31.56 -9.92 10.16
C TYR A 999 32.30 -11.16 9.65
N VAL A 1000 32.80 -11.99 10.56
CA VAL A 1000 33.48 -13.22 10.16
C VAL A 1000 32.52 -14.20 9.49
N MET A 1001 31.30 -14.31 10.02
CA MET A 1001 30.34 -15.22 9.41
C MET A 1001 29.81 -14.71 8.08
N MET A 1002 29.91 -13.40 7.80
CA MET A 1002 29.71 -12.90 6.45
C MET A 1002 30.93 -13.17 5.57
N ILE A 1003 32.13 -13.10 6.15
CA ILE A 1003 33.35 -13.35 5.42
C ILE A 1003 33.34 -14.76 4.83
N GLY A 1004 32.80 -15.74 5.57
CA GLY A 1004 32.74 -17.09 5.05
C GLY A 1004 31.93 -17.22 3.76
N LYS A 1005 30.72 -16.67 3.75
CA LYS A 1005 29.88 -16.74 2.57
C LYS A 1005 30.47 -15.93 1.41
N MET A 1006 30.99 -14.73 1.71
CA MET A 1006 31.63 -13.95 0.68
C MET A 1006 32.85 -14.66 0.12
N MET A 1007 33.50 -15.50 0.93
CA MET A 1007 34.63 -16.29 0.44
C MET A 1007 34.17 -17.39 -0.51
N ILE A 1008 33.02 -18.01 -0.23
CA ILE A 1008 32.51 -19.00 -1.17
C ILE A 1008 32.18 -18.34 -2.51
N ASP A 1009 31.60 -17.13 -2.46
CA ASP A 1009 31.33 -16.39 -3.69
C ASP A 1009 32.63 -16.00 -4.40
N MET A 1010 33.66 -15.65 -3.62
CA MET A 1010 34.94 -15.28 -4.18
C MET A 1010 35.59 -16.44 -4.93
N MET A 1011 35.48 -17.66 -4.39
CA MET A 1011 36.01 -18.82 -5.10
C MET A 1011 35.24 -19.06 -6.40
N TYR A 1012 33.89 -18.95 -6.34
CA TYR A 1012 33.08 -19.12 -7.53
C TYR A 1012 33.46 -18.11 -8.62
N PHE A 1013 33.82 -16.89 -8.23
CA PHE A 1013 34.29 -15.91 -9.20
C PHE A 1013 35.78 -16.02 -9.52
N VAL A 1014 36.54 -16.75 -8.72
CA VAL A 1014 37.98 -16.89 -8.94
C VAL A 1014 38.29 -17.95 -9.99
N ILE A 1015 37.38 -18.91 -10.18
CA ILE A 1015 37.61 -19.95 -11.20
C ILE A 1015 37.80 -19.32 -12.59
N ILE A 1016 36.95 -18.36 -12.96
CA ILE A 1016 37.00 -17.75 -14.28
C ILE A 1016 38.30 -16.97 -14.46
N MET A 1017 38.70 -16.21 -13.44
CA MET A 1017 39.96 -15.48 -13.50
C MET A 1017 41.14 -16.43 -13.63
N LEU A 1018 41.06 -17.60 -12.99
CA LEU A 1018 42.12 -18.59 -13.15
C LEU A 1018 42.19 -19.08 -14.59
N VAL A 1019 41.03 -19.28 -15.23
CA VAL A 1019 41.01 -19.71 -16.63
C VAL A 1019 41.69 -18.66 -17.52
N VAL A 1020 41.30 -17.38 -17.35
CA VAL A 1020 41.85 -16.32 -18.18
C VAL A 1020 43.35 -16.17 -17.94
N LEU A 1021 43.78 -16.26 -16.68
CA LEU A 1021 45.19 -16.15 -16.34
C LEU A 1021 46.00 -17.28 -16.97
N MET A 1022 45.49 -18.51 -16.92
CA MET A 1022 46.19 -19.63 -17.53
C MET A 1022 46.30 -19.43 -19.04
N SER A 1023 45.24 -18.93 -19.67
CA SER A 1023 45.28 -18.67 -21.11
C SER A 1023 46.38 -17.67 -21.47
N PHE A 1024 46.41 -16.53 -20.78
CA PHE A 1024 47.41 -15.51 -21.08
C PHE A 1024 48.82 -16.02 -20.79
N GLY A 1025 49.00 -16.72 -19.67
CA GLY A 1025 50.33 -17.23 -19.34
C GLY A 1025 50.86 -18.21 -20.35
N VAL A 1026 50.02 -19.17 -20.78
CA VAL A 1026 50.45 -20.14 -21.78
C VAL A 1026 50.79 -19.44 -23.09
N ALA A 1027 49.94 -18.50 -23.52
CA ALA A 1027 50.20 -17.80 -24.77
C ALA A 1027 51.52 -17.03 -24.73
N ARG A 1028 51.74 -16.27 -23.67
CA ARG A 1028 52.97 -15.47 -23.55
C ARG A 1028 54.20 -16.37 -23.48
N GLN A 1029 54.15 -17.42 -22.65
CA GLN A 1029 55.30 -18.30 -22.49
C GLN A 1029 55.63 -19.01 -23.79
N ALA A 1030 54.62 -19.46 -24.53
CA ALA A 1030 54.87 -20.14 -25.79
C ALA A 1030 55.38 -19.18 -26.87
N ILE A 1031 54.92 -17.92 -26.85
CA ILE A 1031 55.38 -16.96 -27.85
C ILE A 1031 56.83 -16.57 -27.60
N LEU A 1032 57.18 -16.25 -26.36
CA LEU A 1032 58.49 -15.65 -26.09
C LEU A 1032 59.61 -16.68 -26.18
N PHE A 1033 59.42 -17.87 -25.64
CA PHE A 1033 60.49 -18.87 -25.54
C PHE A 1033 60.15 -20.11 -26.36
N PRO A 1034 60.63 -20.22 -27.59
CA PRO A 1034 60.26 -21.35 -28.46
C PRO A 1034 61.24 -22.52 -28.48
N ASN A 1035 62.26 -22.53 -27.63
CA ASN A 1035 63.30 -23.56 -27.66
C ASN A 1035 63.55 -24.11 -26.26
N GLU A 1036 62.47 -24.48 -25.57
CA GLU A 1036 62.56 -24.95 -24.20
C GLU A 1036 62.35 -26.46 -24.13
N GLU A 1037 63.24 -27.15 -23.41
CA GLU A 1037 63.08 -28.56 -23.15
C GLU A 1037 61.97 -28.76 -22.12
N PRO A 1038 61.35 -29.96 -22.09
CA PRO A 1038 60.30 -30.20 -21.10
C PRO A 1038 60.86 -30.25 -19.68
N SER A 1039 60.56 -29.22 -18.90
CA SER A 1039 61.01 -29.13 -17.52
C SER A 1039 59.86 -28.57 -16.66
N TRP A 1040 59.91 -28.87 -15.37
CA TRP A 1040 58.86 -28.42 -14.46
C TRP A 1040 58.86 -26.91 -14.28
N LYS A 1041 59.91 -26.21 -14.71
CA LYS A 1041 59.91 -24.76 -14.68
C LYS A 1041 58.93 -24.17 -15.69
N LEU A 1042 58.51 -24.95 -16.69
CA LEU A 1042 57.49 -24.49 -17.62
C LEU A 1042 56.15 -24.29 -16.94
N ALA A 1043 55.82 -25.13 -15.96
CA ALA A 1043 54.57 -24.98 -15.22
C ALA A 1043 54.61 -23.84 -14.22
N LYS A 1044 55.80 -23.32 -13.90
CA LYS A 1044 55.91 -22.20 -12.97
C LYS A 1044 55.73 -20.86 -13.69
N ASN A 1045 56.21 -20.76 -14.93
CA ASN A 1045 56.13 -19.50 -15.66
C ASN A 1045 54.71 -19.16 -16.12
N ILE A 1046 53.79 -20.12 -16.05
CA ILE A 1046 52.43 -19.87 -16.51
C ILE A 1046 51.61 -19.14 -15.45
N PHE A 1047 51.74 -19.55 -14.19
CA PHE A 1047 50.92 -19.01 -13.12
C PHE A 1047 51.56 -17.82 -12.42
N TYR A 1048 52.88 -17.83 -12.26
CA TYR A 1048 53.58 -16.88 -11.41
C TYR A 1048 53.41 -15.43 -11.86
N MET A 1049 53.96 -15.11 -13.03
CA MET A 1049 54.01 -13.74 -13.52
C MET A 1049 52.63 -13.18 -13.85
N PRO A 1050 51.74 -13.91 -14.56
CA PRO A 1050 50.39 -13.37 -14.76
C PRO A 1050 49.63 -13.12 -13.47
N TYR A 1051 49.89 -13.91 -12.41
CA TYR A 1051 49.20 -13.66 -11.15
C TYR A 1051 49.76 -12.42 -10.45
N TRP A 1052 51.08 -12.24 -10.46
CA TRP A 1052 51.61 -11.01 -9.90
C TRP A 1052 51.33 -9.79 -10.75
N MET A 1053 50.94 -9.98 -12.02
CA MET A 1053 50.69 -8.85 -12.90
C MET A 1053 49.41 -8.10 -12.54
N ILE A 1054 48.39 -8.79 -12.02
CA ILE A 1054 47.12 -8.15 -11.73
C ILE A 1054 47.08 -7.50 -10.36
N TYR A 1055 48.16 -7.58 -9.58
CA TYR A 1055 48.23 -6.94 -8.28
C TYR A 1055 49.17 -5.74 -8.27
N GLY A 1056 49.42 -5.14 -9.43
CA GLY A 1056 50.20 -3.93 -9.52
C GLY A 1056 51.64 -4.08 -9.96
N GLU A 1057 52.05 -5.27 -10.38
CA GLU A 1057 53.40 -5.49 -10.89
C GLU A 1057 53.29 -5.73 -12.40
N VAL A 1058 53.31 -4.65 -13.16
CA VAL A 1058 53.07 -4.69 -14.60
C VAL A 1058 54.34 -4.23 -15.32
N PHE A 1059 55.49 -4.58 -14.78
CA PHE A 1059 56.78 -4.14 -15.31
C PHE A 1059 56.93 -4.53 -16.77
N ALA A 1060 56.97 -3.53 -17.65
CA ALA A 1060 56.91 -3.72 -19.09
C ALA A 1060 58.25 -4.10 -19.70
N ASP A 1061 59.30 -4.26 -18.90
CA ASP A 1061 60.56 -4.78 -19.42
C ASP A 1061 60.64 -6.30 -19.27
N GLN A 1062 60.08 -6.85 -18.19
CA GLN A 1062 60.07 -8.29 -18.03
C GLN A 1062 59.05 -8.96 -18.95
N ILE A 1063 57.95 -8.27 -19.27
CA ILE A 1063 56.97 -8.75 -20.24
C ILE A 1063 57.17 -7.95 -21.52
N ASP A 1064 57.23 -8.67 -22.66
CA ASP A 1064 57.57 -8.10 -23.96
C ASP A 1064 58.88 -7.32 -23.86
N PRO A 1065 60.01 -8.01 -23.75
CA PRO A 1065 61.30 -7.30 -23.61
C PRO A 1065 61.62 -6.52 -24.87
N PRO A 1066 62.40 -5.43 -24.74
CA PRO A 1066 62.72 -4.62 -25.92
C PRO A 1066 63.67 -5.34 -26.88
N CYS A 1067 63.12 -6.24 -27.67
CA CYS A 1067 63.92 -7.00 -28.63
C CYS A 1067 64.15 -6.20 -29.90
N GLN A 1080 74.02 -5.31 -31.36
CA GLN A 1080 73.80 -4.79 -30.00
C GLN A 1080 72.49 -5.30 -29.42
N LEU A 1081 71.39 -4.86 -29.99
CA LEU A 1081 70.08 -5.26 -29.51
C LEU A 1081 69.86 -6.75 -29.78
N PRO A 1082 69.18 -7.46 -28.87
CA PRO A 1082 68.97 -8.89 -29.08
C PRO A 1082 68.06 -9.14 -30.27
N PRO A 1083 68.18 -10.30 -30.93
CA PRO A 1083 67.29 -10.60 -32.06
C PRO A 1083 65.85 -10.77 -31.61
N CYS A 1084 64.93 -10.24 -32.41
CA CYS A 1084 63.52 -10.31 -32.10
C CYS A 1084 62.98 -11.71 -32.36
N LYS A 1085 61.89 -12.03 -31.66
CA LYS A 1085 61.19 -13.30 -31.83
C LYS A 1085 60.05 -13.12 -32.82
N THR A 1086 59.66 -14.24 -33.45
CA THR A 1086 58.57 -14.23 -34.40
C THR A 1086 57.25 -14.07 -33.63
N GLY A 1087 56.50 -13.03 -33.96
CA GLY A 1087 55.26 -12.76 -33.27
C GLY A 1087 55.40 -12.14 -31.90
N ALA A 1088 56.56 -11.56 -31.58
CA ALA A 1088 56.77 -10.97 -30.27
C ALA A 1088 55.96 -9.70 -30.03
N TRP A 1089 55.38 -9.12 -31.09
CA TRP A 1089 54.55 -7.93 -30.94
C TRP A 1089 53.15 -8.26 -30.46
N ILE A 1090 52.76 -9.53 -30.40
CA ILE A 1090 51.42 -9.90 -30.00
C ILE A 1090 51.26 -9.85 -28.48
N VAL A 1091 52.34 -10.07 -27.73
CA VAL A 1091 52.23 -10.14 -26.27
C VAL A 1091 51.76 -8.84 -25.64
N PRO A 1092 52.26 -7.65 -25.99
CA PRO A 1092 51.70 -6.42 -25.41
C PRO A 1092 50.30 -6.10 -25.86
N ALA A 1093 49.79 -6.74 -26.92
CA ALA A 1093 48.40 -6.61 -27.31
C ALA A 1093 47.49 -7.56 -26.55
N ILE A 1094 47.97 -8.77 -26.26
CA ILE A 1094 47.21 -9.69 -25.41
C ILE A 1094 47.17 -9.17 -23.97
N MET A 1095 48.25 -8.56 -23.52
CA MET A 1095 48.33 -8.09 -22.13
C MET A 1095 47.30 -7.01 -21.85
N ALA A 1096 47.06 -6.14 -22.83
CA ALA A 1096 46.07 -5.08 -22.65
C ALA A 1096 44.68 -5.66 -22.43
N CYS A 1097 44.29 -6.62 -23.26
CA CYS A 1097 42.97 -7.25 -23.12
C CYS A 1097 42.90 -8.04 -21.81
N TYR A 1098 44.00 -8.71 -21.42
CA TYR A 1098 44.01 -9.47 -20.19
C TYR A 1098 43.83 -8.57 -18.97
N LEU A 1099 44.54 -7.44 -18.93
CA LEU A 1099 44.38 -6.50 -17.83
C LEU A 1099 42.99 -5.88 -17.83
N LEU A 1100 42.45 -5.55 -19.01
CA LEU A 1100 41.12 -4.97 -19.08
C LEU A 1100 40.06 -5.93 -18.56
N VAL A 1101 40.18 -7.22 -18.90
CA VAL A 1101 39.21 -8.19 -18.42
C VAL A 1101 39.38 -8.44 -16.92
N ALA A 1102 40.62 -8.58 -16.46
CA ALA A 1102 40.85 -8.98 -15.07
C ALA A 1102 40.58 -7.85 -14.08
N ASN A 1103 40.97 -6.62 -14.42
CA ASN A 1103 40.95 -5.52 -13.45
C ASN A 1103 39.78 -4.56 -13.63
N ILE A 1104 38.99 -4.67 -14.70
CA ILE A 1104 37.92 -3.71 -14.93
C ILE A 1104 36.57 -4.43 -14.97
N LEU A 1105 36.57 -5.69 -15.39
CA LEU A 1105 35.33 -6.43 -15.60
C LEU A 1105 35.02 -7.38 -14.44
N LEU A 1106 35.91 -8.35 -14.19
CA LEU A 1106 35.60 -9.40 -13.22
C LEU A 1106 35.57 -8.86 -11.80
N VAL A 1107 36.53 -7.99 -11.45
CA VAL A 1107 36.56 -7.48 -10.08
C VAL A 1107 35.41 -6.53 -9.82
N ASN A 1108 35.01 -5.73 -10.81
CA ASN A 1108 33.85 -4.86 -10.64
C ASN A 1108 32.56 -5.67 -10.54
N LEU A 1109 32.45 -6.75 -11.33
CA LEU A 1109 31.29 -7.62 -11.21
C LEU A 1109 31.25 -8.31 -9.85
N LEU A 1110 32.41 -8.69 -9.32
CA LEU A 1110 32.47 -9.27 -7.99
C LEU A 1110 32.08 -8.25 -6.92
N ILE A 1111 32.49 -7.00 -7.10
CA ILE A 1111 32.07 -5.93 -6.19
C ILE A 1111 30.55 -5.79 -6.21
N ALA A 1112 29.95 -5.81 -7.40
CA ALA A 1112 28.50 -5.73 -7.51
C ALA A 1112 27.82 -6.92 -6.84
N VAL A 1113 28.39 -8.11 -7.01
CA VAL A 1113 27.81 -9.32 -6.40
C VAL A 1113 27.87 -9.23 -4.88
N PHE A 1114 29.00 -8.79 -4.33
CA PHE A 1114 29.10 -8.60 -2.89
C PHE A 1114 28.14 -7.51 -2.40
N ASN A 1115 27.93 -6.48 -3.22
CA ASN A 1115 27.13 -5.34 -2.79
C ASN A 1115 25.65 -5.68 -2.76
N ASN A 1116 25.16 -6.39 -3.79
CA ASN A 1116 23.73 -6.63 -3.90
C ASN A 1116 23.25 -7.82 -3.08
N THR A 1117 24.16 -8.59 -2.48
CA THR A 1117 23.76 -9.71 -1.65
C THR A 1117 24.31 -9.56 -0.24
N PHE A 1118 24.20 -8.37 0.33
CA PHE A 1118 24.78 -8.07 1.64
C PHE A 1118 23.74 -8.02 2.75
N PHE A 1119 22.52 -7.57 2.45
CA PHE A 1119 21.50 -7.42 3.48
C PHE A 1119 21.06 -8.76 4.05
N GLU A 1120 20.79 -9.73 3.17
CA GLU A 1120 20.37 -11.05 3.61
C GLU A 1120 21.48 -11.75 4.40
N VAL A 1121 22.72 -11.65 3.90
CA VAL A 1121 23.84 -12.27 4.60
C VAL A 1121 24.03 -11.63 5.97
N LYS A 1122 23.87 -10.31 6.07
CA LYS A 1122 24.02 -9.63 7.35
C LYS A 1122 22.95 -10.08 8.34
N SER A 1123 21.70 -10.15 7.90
CA SER A 1123 20.63 -10.57 8.80
C SER A 1123 20.82 -12.01 9.25
N ILE A 1124 21.17 -12.89 8.32
CA ILE A 1124 21.38 -14.30 8.66
C ILE A 1124 22.55 -14.45 9.64
N SER A 1125 23.63 -13.69 9.41
CA SER A 1125 24.78 -13.76 10.32
C SER A 1125 24.42 -13.27 11.71
N ASN A 1126 23.64 -12.20 11.81
CA ASN A 1126 23.22 -11.73 13.12
C ASN A 1126 22.38 -12.78 13.84
N GLN A 1127 21.42 -13.39 13.13
CA GLN A 1127 20.58 -14.41 13.76
C GLN A 1127 21.40 -15.62 14.19
N VAL A 1128 22.34 -16.07 13.36
CA VAL A 1128 23.13 -17.25 13.68
C VAL A 1128 24.07 -16.98 14.85
N TRP A 1129 24.64 -15.77 14.91
CA TRP A 1129 25.49 -15.42 16.05
C TRP A 1129 24.69 -15.38 17.34
N LYS A 1130 23.50 -14.77 17.30
CA LYS A 1130 22.64 -14.76 18.49
C LYS A 1130 22.22 -16.16 18.89
N PHE A 1131 22.11 -17.08 17.93
CA PHE A 1131 21.79 -18.47 18.27
C PHE A 1131 22.98 -19.17 18.92
N GLN A 1132 24.19 -18.96 18.38
CA GLN A 1132 25.39 -19.65 18.85
C GLN A 1132 25.94 -19.09 20.16
N ARG A 1133 25.46 -17.92 20.58
CA ARG A 1133 25.82 -17.42 21.91
C ARG A 1133 25.50 -18.44 23.00
N TYR A 1134 24.39 -19.17 22.86
CA TYR A 1134 24.03 -20.17 23.85
C TYR A 1134 25.07 -21.29 23.93
N GLN A 1135 25.52 -21.77 22.77
CA GLN A 1135 26.52 -22.83 22.76
C GLN A 1135 27.84 -22.32 23.35
N LEU A 1136 28.21 -21.08 23.04
CA LEU A 1136 29.41 -20.49 23.63
C LEU A 1136 29.32 -20.47 25.15
N ILE A 1137 28.19 -19.98 25.68
CA ILE A 1137 28.01 -19.87 27.13
C ILE A 1137 28.04 -21.24 27.78
N MET A 1138 27.37 -22.22 27.18
CA MET A 1138 27.33 -23.56 27.77
C MET A 1138 28.71 -24.22 27.74
N THR A 1139 29.44 -24.10 26.63
CA THR A 1139 30.73 -24.75 26.53
C THR A 1139 31.79 -24.05 27.39
N PHE A 1140 31.58 -22.80 27.78
CA PHE A 1140 32.45 -22.20 28.78
C PHE A 1140 31.95 -22.40 30.20
N HIS A 1141 30.69 -22.78 30.37
CA HIS A 1141 30.19 -23.17 31.68
C HIS A 1141 30.65 -24.57 32.07
N GLU A 1142 30.80 -25.47 31.10
CA GLU A 1142 31.18 -26.84 31.41
C GLU A 1142 32.69 -27.03 31.60
N ARG A 1143 33.51 -26.05 31.20
CA ARG A 1143 34.95 -26.22 31.19
C ARG A 1143 35.55 -26.06 32.59
N PRO A 1144 36.72 -26.65 32.83
CA PRO A 1144 37.43 -26.43 34.09
C PRO A 1144 37.94 -25.00 34.19
N VAL A 1145 38.30 -24.62 35.42
CA VAL A 1145 38.73 -23.26 35.69
C VAL A 1145 40.10 -22.99 35.07
N LEU A 1146 41.02 -23.95 35.20
CA LEU A 1146 42.40 -23.65 34.82
C LEU A 1146 42.58 -23.72 33.31
N PRO A 1147 43.37 -22.80 32.75
CA PRO A 1147 43.61 -22.77 31.31
C PRO A 1147 44.48 -23.93 30.86
N PRO A 1148 44.55 -24.20 29.56
CA PRO A 1148 45.33 -25.36 29.06
C PRO A 1148 46.80 -25.35 29.43
N PRO A 1149 47.46 -24.18 29.62
CA PRO A 1149 48.84 -24.24 30.11
C PRO A 1149 48.99 -24.96 31.44
N LEU A 1150 48.02 -24.84 32.34
CA LEU A 1150 48.07 -25.47 33.65
C LEU A 1150 46.79 -26.24 33.94
N ILE A 1151 46.16 -26.78 32.89
CA ILE A 1151 44.96 -27.60 33.06
C ILE A 1151 45.30 -29.02 33.46
N ILE A 1152 46.58 -29.41 33.46
CA ILE A 1152 46.95 -30.75 33.85
C ILE A 1152 46.65 -31.01 35.33
N PHE A 1153 46.54 -29.96 36.14
CA PHE A 1153 46.11 -30.13 37.52
C PHE A 1153 44.63 -30.47 37.60
N SER A 1154 43.80 -29.81 36.79
CA SER A 1154 42.37 -30.10 36.80
C SER A 1154 42.07 -31.46 36.19
N HIS A 1155 42.96 -31.97 35.34
CA HIS A 1155 42.77 -33.31 34.80
C HIS A 1155 43.11 -34.38 35.84
N MET A 1156 44.11 -34.13 36.69
CA MET A 1156 44.47 -35.09 37.72
C MET A 1156 43.40 -35.18 38.79
N THR A 1157 42.80 -34.05 39.17
CA THR A 1157 41.80 -34.05 40.23
C THR A 1157 40.52 -34.74 39.82
N MET A 1158 40.25 -34.86 38.52
CA MET A 1158 39.07 -35.60 38.08
C MET A 1158 39.22 -37.09 38.34
N ILE A 1159 40.45 -37.60 38.29
CA ILE A 1159 40.68 -39.01 38.60
C ILE A 1159 40.41 -39.29 40.08
N PHE A 1160 40.81 -38.35 40.95
CA PHE A 1160 40.56 -38.51 42.38
C PHE A 1160 39.07 -38.53 42.69
N GLN A 1161 38.30 -37.66 42.03
CA GLN A 1161 36.85 -37.67 42.17
C GLN A 1161 36.19 -38.81 41.40
N HIS A 1162 36.93 -39.45 40.47
CA HIS A 1162 36.37 -40.58 39.74
C HIS A 1162 36.22 -41.81 40.62
N VAL A 1163 37.23 -42.08 41.46
CA VAL A 1163 37.17 -43.24 42.36
C VAL A 1163 36.29 -43.00 43.57
N CYS A 1164 35.86 -41.77 43.81
CA CYS A 1164 35.01 -41.47 44.95
C CYS A 1164 33.53 -41.58 44.58
N ARG A 1177 23.07 -28.97 39.02
CA ARG A 1177 23.10 -27.67 38.37
C ARG A 1177 22.07 -26.73 38.97
N ASP A 1178 22.41 -26.06 40.07
CA ASP A 1178 21.50 -25.10 40.68
C ASP A 1178 21.20 -23.95 39.73
N TYR A 1179 22.22 -23.47 39.02
CA TYR A 1179 22.02 -22.49 37.95
C TYR A 1179 23.15 -22.65 36.95
N GLY A 1180 22.92 -22.11 35.76
CA GLY A 1180 23.82 -22.32 34.64
C GLY A 1180 23.17 -23.18 33.58
N LEU A 1181 22.39 -24.17 34.02
CA LEU A 1181 21.55 -24.95 33.14
C LEU A 1181 20.07 -24.80 33.47
N LYS A 1182 19.69 -25.06 34.72
CA LYS A 1182 18.28 -25.14 35.11
C LYS A 1182 18.02 -24.17 36.26
N LEU A 1183 16.79 -24.26 36.80
CA LEU A 1183 16.38 -23.44 37.94
C LEU A 1183 15.27 -24.19 38.66
N PHE A 1184 15.58 -24.71 39.84
CA PHE A 1184 14.64 -25.52 40.60
C PHE A 1184 13.81 -24.64 41.54
N ILE A 1185 12.49 -24.82 41.51
CA ILE A 1185 11.57 -24.00 42.30
C ILE A 1185 10.62 -24.90 43.06
N THR A 1186 10.00 -24.32 44.08
CA THR A 1186 9.05 -25.04 44.93
C THR A 1186 7.69 -25.09 44.23
N ASP A 1187 6.68 -25.62 44.94
CA ASP A 1187 5.36 -25.76 44.35
C ASP A 1187 4.60 -24.44 44.26
N ASP A 1188 4.80 -23.54 45.23
CA ASP A 1188 4.12 -22.25 45.19
C ASP A 1188 4.59 -21.42 44.01
N GLU A 1189 5.90 -21.34 43.79
CA GLU A 1189 6.42 -20.61 42.64
C GLU A 1189 6.00 -21.27 41.34
N LEU A 1190 5.94 -22.60 41.31
CA LEU A 1190 5.49 -23.31 40.12
C LEU A 1190 4.03 -22.97 39.80
N LYS A 1191 3.18 -22.93 40.83
CA LYS A 1191 1.79 -22.55 40.63
C LYS A 1191 1.68 -21.10 40.13
N LYS A 1192 2.48 -20.20 40.69
CA LYS A 1192 2.45 -18.82 40.24
C LYS A 1192 2.90 -18.70 38.79
N VAL A 1193 3.92 -19.46 38.40
CA VAL A 1193 4.40 -19.46 37.02
C VAL A 1193 3.32 -20.00 36.08
N HIS A 1194 2.63 -21.07 36.49
CA HIS A 1194 1.56 -21.61 35.65
C HIS A 1194 0.42 -20.62 35.48
N ASP A 1195 0.03 -19.93 36.56
CA ASP A 1195 -1.00 -18.92 36.45
C ASP A 1195 -0.58 -17.77 35.54
N PHE A 1196 0.68 -17.34 35.67
CA PHE A 1196 1.21 -16.29 34.80
C PHE A 1196 1.18 -16.73 33.34
N GLU A 1197 1.54 -17.97 33.07
CA GLU A 1197 1.57 -18.47 31.69
C GLU A 1197 0.17 -18.55 31.10
N GLU A 1198 -0.81 -19.03 31.87
CA GLU A 1198 -2.16 -19.10 31.34
C GLU A 1198 -2.76 -17.70 31.14
N GLN A 1199 -2.43 -16.76 32.03
CA GLN A 1199 -2.84 -15.37 31.82
C GLN A 1199 -2.23 -14.82 30.54
N CYS A 1200 -0.94 -15.10 30.30
CA CYS A 1200 -0.28 -14.62 29.10
C CYS A 1200 -0.93 -15.21 27.84
N ILE A 1201 -1.23 -16.51 27.86
CA ILE A 1201 -1.77 -17.13 26.64
C ILE A 1201 -3.20 -16.63 26.36
N GLU A 1202 -4.01 -16.44 27.41
CA GLU A 1202 -5.35 -15.92 27.16
C GLU A 1202 -5.31 -14.47 26.71
N GLU A 1203 -4.38 -13.67 27.25
CA GLU A 1203 -4.22 -12.30 26.77
C GLU A 1203 -3.77 -12.28 25.32
N TYR A 1204 -2.87 -13.19 24.94
CA TYR A 1204 -2.39 -13.26 23.56
C TYR A 1204 -3.53 -13.61 22.60
N PHE A 1205 -4.35 -14.60 22.96
CA PHE A 1205 -5.46 -14.97 22.09
C PHE A 1205 -6.49 -13.83 21.99
N ARG A 1206 -6.80 -13.17 23.10
CA ARG A 1206 -7.74 -12.06 23.06
C ARG A 1206 -7.22 -10.92 22.20
N GLU A 1207 -5.93 -10.60 22.34
CA GLU A 1207 -5.33 -9.53 21.54
C GLU A 1207 -5.34 -9.88 20.06
N LYS A 1208 -5.04 -11.14 19.73
CA LYS A 1208 -5.08 -11.57 18.33
C LYS A 1208 -6.47 -11.45 17.75
N ASP A 1209 -7.49 -11.88 18.51
CA ASP A 1209 -8.86 -11.77 18.03
C ASP A 1209 -9.28 -10.32 17.85
N ASP A 1210 -8.89 -9.44 18.79
CA ASP A 1210 -9.23 -8.04 18.68
C ASP A 1210 -8.54 -7.38 17.49
N ARG A 1211 -7.28 -7.76 17.21
CA ARG A 1211 -6.62 -7.24 16.02
C ARG A 1211 -7.27 -7.74 14.74
N PHE A 1212 -7.71 -9.00 14.72
CA PHE A 1212 -8.36 -9.53 13.53
C PHE A 1212 -9.70 -8.85 13.26
N ASN A 1213 -10.50 -8.64 14.31
CA ASN A 1213 -11.85 -8.10 14.11
C ASN A 1213 -11.86 -6.63 13.70
N SER A 1214 -10.77 -5.90 13.96
CA SER A 1214 -10.72 -4.47 13.66
C SER A 1214 -9.97 -4.16 12.38
N SER A 1215 -9.66 -5.15 11.57
CA SER A 1215 -8.97 -4.91 10.31
C SER A 1215 -9.95 -4.38 9.27
N ASN A 1216 -9.39 -3.77 8.22
CA ASN A 1216 -10.23 -3.19 7.18
C ASN A 1216 -10.92 -4.25 6.35
N ASP A 1217 -10.24 -5.36 6.05
CA ASP A 1217 -10.82 -6.39 5.21
C ASP A 1217 -12.03 -7.04 5.89
N GLU A 1218 -11.90 -7.36 7.19
CA GLU A 1218 -13.01 -7.98 7.91
C GLU A 1218 -14.18 -7.02 8.02
N ARG A 1219 -13.92 -5.74 8.29
CA ARG A 1219 -14.99 -4.76 8.35
C ARG A 1219 -15.70 -4.62 7.01
N ILE A 1220 -14.95 -4.58 5.91
CA ILE A 1220 -15.56 -4.49 4.59
C ILE A 1220 -16.42 -5.72 4.29
N ARG A 1221 -15.92 -6.91 4.62
CA ARG A 1221 -16.67 -8.14 4.36
C ARG A 1221 -17.96 -8.18 5.17
N VAL A 1222 -17.89 -7.83 6.46
CA VAL A 1222 -19.07 -7.86 7.31
C VAL A 1222 -20.07 -6.80 6.86
N THR A 1223 -19.58 -5.62 6.47
CA THR A 1223 -20.47 -4.58 5.95
C THR A 1223 -21.17 -5.04 4.68
N SER A 1224 -20.43 -5.71 3.78
CA SER A 1224 -21.04 -6.20 2.55
C SER A 1224 -22.11 -7.24 2.82
N GLU A 1225 -21.84 -8.18 3.73
CA GLU A 1225 -22.83 -9.20 4.05
C GLU A 1225 -24.08 -8.59 4.68
N ARG A 1226 -23.90 -7.66 5.63
CA ARG A 1226 -25.04 -7.02 6.26
C ARG A 1226 -25.83 -6.16 5.29
N VAL A 1227 -25.14 -5.49 4.35
CA VAL A 1227 -25.84 -4.70 3.34
C VAL A 1227 -26.65 -5.60 2.43
N GLU A 1228 -26.11 -6.75 2.04
CA GLU A 1228 -26.86 -7.69 1.20
C GLU A 1228 -28.12 -8.19 1.91
N ASN A 1229 -27.97 -8.60 3.18
CA ASN A 1229 -29.12 -9.08 3.93
C ASN A 1229 -30.16 -7.98 4.12
N MET A 1230 -29.69 -6.76 4.43
CA MET A 1230 -30.59 -5.64 4.65
C MET A 1230 -31.33 -5.27 3.37
N SER A 1231 -30.66 -5.32 2.22
CA SER A 1231 -31.31 -5.06 0.94
C SER A 1231 -32.38 -6.11 0.65
N MET A 1232 -32.07 -7.38 0.92
CA MET A 1232 -33.07 -8.42 0.72
C MET A 1232 -34.30 -8.20 1.60
N ARG A 1233 -34.08 -7.87 2.88
CA ARG A 1233 -35.19 -7.64 3.79
C ARG A 1233 -35.99 -6.40 3.39
N LEU A 1234 -35.32 -5.34 2.93
CA LEU A 1234 -36.04 -4.14 2.52
C LEU A 1234 -36.86 -4.39 1.27
N GLU A 1235 -36.34 -5.17 0.32
CA GLU A 1235 -37.14 -5.53 -0.85
C GLU A 1235 -38.34 -6.38 -0.44
N GLU A 1236 -38.15 -7.27 0.54
CA GLU A 1236 -39.27 -8.05 1.07
C GLU A 1236 -40.34 -7.14 1.67
N VAL A 1237 -39.92 -6.13 2.45
CA VAL A 1237 -40.87 -5.21 3.07
C VAL A 1237 -41.60 -4.39 2.01
N ASN A 1238 -40.87 -3.85 1.04
CA ASN A 1238 -41.48 -3.01 0.01
C ASN A 1238 -42.45 -3.79 -0.86
N GLU A 1239 -42.11 -5.04 -1.20
CA GLU A 1239 -43.00 -5.85 -2.02
C GLU A 1239 -44.29 -6.20 -1.28
N ARG A 1240 -44.26 -6.17 0.06
CA ARG A 1240 -45.36 -6.65 0.89
C ARG A 1240 -46.14 -5.51 1.53
N GLU A 1241 -46.34 -4.42 0.79
CA GLU A 1241 -47.18 -3.35 1.30
C GLU A 1241 -48.66 -3.74 1.22
N HIS A 1242 -49.46 -3.14 2.08
CA HIS A 1242 -50.88 -3.46 2.15
C HIS A 1242 -51.79 -2.35 1.64
N SER A 1243 -51.49 -1.10 1.94
CA SER A 1243 -52.31 0.03 1.48
C SER A 1243 -51.71 0.66 0.23
N UNK B 1 -16.80 -59.09 -17.64
CA UNK B 1 -16.87 -58.56 -16.28
C UNK B 1 -18.23 -58.87 -15.65
N UNK B 2 -18.45 -58.34 -14.45
CA UNK B 2 -19.71 -58.54 -13.75
C UNK B 2 -20.78 -57.60 -14.29
N UNK B 3 -21.15 -57.79 -15.55
CA UNK B 3 -22.09 -56.92 -16.23
C UNK B 3 -23.41 -57.64 -16.50
N UNK B 4 -23.32 -58.85 -17.02
CA UNK B 4 -24.50 -59.65 -17.33
C UNK B 4 -24.99 -60.41 -16.11
N UNK B 5 -25.31 -59.66 -15.05
CA UNK B 5 -25.80 -60.25 -13.81
C UNK B 5 -27.29 -59.95 -13.64
N UNK B 6 -27.86 -59.26 -14.61
CA UNK B 6 -29.27 -58.91 -14.58
C UNK B 6 -29.97 -59.36 -15.86
N UNK B 7 -31.13 -58.77 -16.13
CA UNK B 7 -31.89 -59.12 -17.32
C UNK B 7 -32.70 -57.91 -17.81
N UNK B 8 -33.36 -58.06 -18.95
CA UNK B 8 -34.17 -56.99 -19.52
C UNK B 8 -35.60 -57.47 -19.76
N UNK B 9 -36.34 -56.73 -20.58
CA UNK B 9 -37.71 -57.09 -20.91
C UNK B 9 -38.13 -56.49 -22.24
N UNK B 10 -38.32 -57.36 -23.23
CA UNK B 10 -38.73 -56.92 -24.56
C UNK B 10 -40.05 -57.58 -24.95
N UNK B 11 -40.95 -56.79 -25.53
CA UNK B 11 -42.25 -57.29 -25.96
C UNK B 11 -42.11 -58.23 -27.15
N UNK B 12 -42.57 -59.47 -26.98
CA UNK B 12 -42.49 -60.47 -28.03
C UNK B 12 -43.63 -60.31 -29.03
N UNK B 13 -44.30 -61.41 -29.33
CA UNK B 13 -45.43 -61.39 -30.25
C UNK B 13 -46.62 -60.68 -29.63
N UNK B 14 -46.86 -59.45 -30.05
CA UNK B 14 -47.93 -58.64 -29.49
C UNK B 14 -49.00 -58.34 -30.55
N UNK B 15 -50.21 -58.05 -30.08
CA UNK B 15 -51.32 -57.73 -30.97
C UNK B 15 -52.28 -56.76 -30.28
N UNK B 16 -52.41 -55.56 -30.83
CA UNK B 16 -53.29 -54.55 -30.27
C UNK B 16 -53.76 -53.58 -31.36
N UNK B 17 -54.39 -52.49 -30.93
CA UNK B 17 -54.92 -51.46 -31.82
C UNK B 17 -55.86 -52.02 -32.88
N ILE C 129 -54.17 31.94 -49.47
CA ILE C 129 -54.38 31.54 -50.86
C ILE C 129 -54.48 30.03 -50.95
N SER C 130 -54.72 29.53 -52.16
CA SER C 130 -54.82 28.09 -52.40
C SER C 130 -53.47 27.49 -52.77
N LYS C 131 -52.46 27.78 -51.95
CA LYS C 131 -51.10 27.27 -52.11
C LYS C 131 -50.53 27.59 -53.48
N HIS C 132 -50.49 28.89 -53.81
CA HIS C 132 -49.88 29.38 -55.04
C HIS C 132 -48.51 29.95 -54.66
N THR C 133 -47.50 29.07 -54.63
CA THR C 133 -46.17 29.42 -54.16
C THR C 133 -45.14 29.17 -55.25
N GLN C 134 -44.03 29.90 -55.17
CA GLN C 134 -42.94 29.77 -56.13
C GLN C 134 -42.12 28.52 -55.81
N LEU C 135 -41.87 27.70 -56.83
CA LEU C 135 -41.14 26.44 -56.65
C LEU C 135 -39.64 26.64 -56.90
N SER C 136 -39.08 27.59 -56.17
CA SER C 136 -37.66 27.90 -56.31
C SER C 136 -36.81 26.77 -55.73
N PRO C 137 -35.57 26.62 -56.20
CA PRO C 137 -34.67 25.62 -55.63
C PRO C 137 -34.24 26.00 -54.22
N THR C 138 -33.73 24.99 -53.50
CA THR C 138 -33.30 25.19 -52.12
C THR C 138 -32.06 26.08 -52.06
N ASP C 139 -31.94 26.82 -50.96
CA ASP C 139 -30.83 27.76 -50.81
C ASP C 139 -30.24 27.77 -49.40
N ALA C 140 -30.46 26.72 -48.60
CA ALA C 140 -29.94 26.70 -47.23
C ALA C 140 -29.67 25.25 -46.85
N PHE C 141 -28.39 24.86 -46.86
CA PHE C 141 -27.99 23.54 -46.43
C PHE C 141 -26.53 23.59 -46.00
N GLY C 142 -26.16 22.66 -45.12
CA GLY C 142 -24.80 22.62 -44.62
C GLY C 142 -24.70 22.17 -43.18
N THR C 143 -24.06 22.98 -42.35
CA THR C 143 -23.83 22.66 -40.95
C THR C 143 -24.03 23.92 -40.12
N ILE C 144 -24.63 23.76 -38.93
CA ILE C 144 -24.81 24.87 -38.01
C ILE C 144 -24.23 24.48 -36.66
N GLU C 145 -23.53 25.41 -36.02
CA GLU C 145 -23.05 25.24 -34.66
C GLU C 145 -23.86 26.14 -33.74
N PHE C 146 -24.13 25.64 -32.54
CA PHE C 146 -25.02 26.32 -31.59
C PHE C 146 -24.15 27.08 -30.59
N GLN C 147 -23.96 28.37 -30.85
CA GLN C 147 -23.25 29.23 -29.92
C GLN C 147 -24.12 29.53 -28.71
N GLY C 148 -23.47 29.71 -27.56
CA GLY C 148 -24.17 30.00 -26.33
C GLY C 148 -24.65 28.80 -25.56
N GLY C 149 -24.50 27.59 -26.09
CA GLY C 149 -24.88 26.40 -25.37
C GLY C 149 -23.78 25.89 -24.44
N GLY C 150 -24.17 24.98 -23.55
CA GLY C 150 -23.20 24.38 -22.65
C GLY C 150 -22.19 23.51 -23.39
N HIS C 151 -22.64 22.78 -24.40
CA HIS C 151 -21.81 21.85 -25.14
C HIS C 151 -21.64 22.34 -26.58
N SER C 152 -20.44 22.12 -27.12
CA SER C 152 -20.17 22.44 -28.53
C SER C 152 -20.74 21.33 -29.39
N ASN C 153 -21.85 21.62 -30.08
CA ASN C 153 -22.58 20.63 -30.85
C ASN C 153 -22.70 21.09 -32.29
N LYS C 154 -22.32 20.23 -33.23
CA LYS C 154 -22.46 20.49 -34.65
C LYS C 154 -23.61 19.67 -35.20
N ALA C 155 -24.51 20.31 -35.93
CA ALA C 155 -25.70 19.65 -36.48
C ALA C 155 -25.84 20.03 -37.94
N MET C 156 -25.96 19.03 -38.81
CA MET C 156 -26.19 19.28 -40.22
C MET C 156 -27.67 19.57 -40.46
N TYR C 157 -27.94 20.27 -41.55
CA TYR C 157 -29.30 20.69 -41.84
C TYR C 157 -29.46 20.94 -43.34
N VAL C 158 -30.67 20.68 -43.84
CA VAL C 158 -31.07 21.05 -45.19
C VAL C 158 -32.49 21.59 -45.11
N ARG C 159 -32.92 22.26 -46.17
CA ARG C 159 -34.30 22.66 -46.33
C ARG C 159 -34.84 22.10 -47.65
N VAL C 160 -36.00 21.45 -47.58
CA VAL C 160 -36.64 20.84 -48.74
C VAL C 160 -38.12 21.14 -48.68
N SER C 161 -38.79 20.98 -49.82
CA SER C 161 -40.23 21.15 -49.87
C SER C 161 -40.92 19.99 -49.16
N PHE C 162 -42.17 20.25 -48.75
CA PHE C 162 -42.95 19.23 -48.05
C PHE C 162 -43.46 18.14 -48.98
N ASP C 163 -43.27 18.28 -50.29
CA ASP C 163 -43.64 17.28 -51.26
C ASP C 163 -42.44 16.45 -51.73
N THR C 164 -41.33 16.53 -51.03
CA THR C 164 -40.12 15.82 -51.43
C THR C 164 -40.30 14.32 -51.30
N LYS C 165 -39.79 13.58 -52.27
CA LYS C 165 -39.94 12.13 -52.28
C LYS C 165 -39.10 11.50 -51.18
N PRO C 166 -39.65 10.56 -50.41
CA PRO C 166 -38.86 9.94 -49.32
C PRO C 166 -37.62 9.20 -49.80
N ASP C 167 -37.62 8.70 -51.04
CA ASP C 167 -36.44 7.99 -51.55
C ASP C 167 -35.23 8.90 -51.63
N LEU C 168 -35.42 10.12 -52.13
CA LEU C 168 -34.30 11.06 -52.20
C LEU C 168 -33.84 11.48 -50.81
N LEU C 169 -34.78 11.64 -49.87
CA LEU C 169 -34.40 11.95 -48.50
C LEU C 169 -33.57 10.84 -47.88
N LEU C 170 -33.96 9.58 -48.11
CA LEU C 170 -33.18 8.46 -47.61
C LEU C 170 -31.81 8.39 -48.28
N HIS C 171 -31.75 8.70 -49.58
CA HIS C 171 -30.46 8.74 -50.28
C HIS C 171 -29.54 9.79 -49.67
N LEU C 172 -30.07 10.99 -49.42
CA LEU C 172 -29.28 12.05 -48.80
C LEU C 172 -28.88 11.70 -47.38
N MET C 173 -29.75 11.01 -46.64
CA MET C 173 -29.44 10.66 -45.25
C MET C 173 -28.43 9.52 -45.17
N THR C 174 -28.38 8.67 -46.18
CA THR C 174 -27.47 7.52 -46.17
C THR C 174 -26.10 7.84 -46.75
N LYS C 175 -26.05 8.57 -47.87
CA LYS C 175 -24.77 8.82 -48.54
C LYS C 175 -24.23 10.23 -48.33
N GLU C 176 -25.07 11.25 -48.37
CA GLU C 176 -24.59 12.62 -48.17
C GLU C 176 -24.31 12.94 -46.71
N TRP C 177 -24.84 12.15 -45.77
CA TRP C 177 -24.56 12.33 -44.35
C TRP C 177 -23.82 11.16 -43.72
N GLN C 178 -23.56 10.09 -44.49
CA GLN C 178 -22.75 8.95 -44.03
C GLN C 178 -23.34 8.30 -42.78
N LEU C 179 -24.65 8.06 -42.81
CA LEU C 179 -25.35 7.39 -41.72
C LEU C 179 -25.69 5.97 -42.13
N GLU C 180 -25.35 5.01 -41.27
CA GLU C 180 -25.69 3.62 -41.54
C GLU C 180 -27.18 3.39 -41.38
N LEU C 181 -27.67 2.34 -42.04
CA LEU C 181 -29.09 2.01 -41.96
C LEU C 181 -29.44 1.59 -40.54
N PRO C 182 -30.48 2.16 -39.94
CA PRO C 182 -30.78 1.87 -38.54
C PRO C 182 -31.31 0.46 -38.34
N LYS C 183 -31.04 -0.08 -37.16
CA LYS C 183 -31.65 -1.33 -36.73
C LYS C 183 -32.96 -1.13 -35.99
N LEU C 184 -33.35 0.12 -35.74
CA LEU C 184 -34.53 0.45 -34.96
C LEU C 184 -34.90 1.90 -35.21
N LEU C 185 -36.20 2.18 -35.21
CA LEU C 185 -36.71 3.54 -35.37
C LEU C 185 -37.64 3.85 -34.21
N ILE C 186 -37.47 5.04 -33.61
CA ILE C 186 -38.29 5.48 -32.48
C ILE C 186 -38.93 6.80 -32.85
N SER C 187 -40.24 6.92 -32.62
CA SER C 187 -40.97 8.15 -32.83
C SER C 187 -41.44 8.68 -31.48
N VAL C 188 -41.27 9.99 -31.28
CA VAL C 188 -41.42 10.61 -29.96
C VAL C 188 -42.57 11.62 -29.97
N HIS C 189 -43.64 11.30 -30.70
CA HIS C 189 -44.81 12.16 -30.79
C HIS C 189 -45.29 12.61 -29.41
N GLY C 190 -45.57 13.90 -29.28
CA GLY C 190 -46.01 14.47 -28.02
C GLY C 190 -46.76 15.77 -28.17
N GLY C 191 -46.60 16.68 -27.22
CA GLY C 191 -47.30 17.95 -27.26
C GLY C 191 -46.43 19.12 -27.64
N LEU C 192 -47.03 20.12 -28.31
CA LEU C 192 -46.32 21.31 -28.77
C LEU C 192 -46.29 22.41 -27.73
N GLN C 193 -46.99 22.24 -26.61
CA GLN C 193 -46.99 23.22 -25.53
C GLN C 193 -46.09 22.72 -24.42
N ASN C 194 -45.24 23.60 -23.91
CA ASN C 194 -44.25 23.20 -22.90
C ASN C 194 -44.93 22.74 -21.62
N PHE C 195 -44.49 21.60 -21.10
CA PHE C 195 -45.01 21.04 -19.87
C PHE C 195 -43.86 20.54 -19.01
N GLU C 196 -44.11 20.42 -17.71
CA GLU C 196 -43.10 19.97 -16.77
C GLU C 196 -43.50 18.61 -16.21
N LEU C 197 -42.63 17.63 -16.38
CA LEU C 197 -42.83 16.34 -15.73
C LEU C 197 -42.43 16.42 -14.26
N GLN C 198 -43.07 15.58 -13.45
CA GLN C 198 -42.70 15.49 -12.05
C GLN C 198 -41.30 14.90 -11.92
N PRO C 199 -40.55 15.26 -10.87
CA PRO C 199 -39.20 14.72 -10.70
C PRO C 199 -39.22 13.22 -10.50
N LYS C 200 -38.08 12.60 -10.83
CA LYS C 200 -37.87 11.15 -10.77
C LYS C 200 -38.78 10.39 -11.74
N LEU C 201 -39.39 11.09 -12.70
CA LEU C 201 -40.10 10.47 -13.81
C LEU C 201 -39.46 10.80 -15.15
N LYS C 202 -39.13 12.07 -15.39
CA LYS C 202 -38.43 12.42 -16.62
C LYS C 202 -37.00 11.88 -16.62
N GLN C 203 -36.41 11.71 -15.44
CA GLN C 203 -35.05 11.15 -15.37
C GLN C 203 -35.04 9.70 -15.81
N VAL C 204 -35.97 8.90 -15.30
CA VAL C 204 -36.04 7.49 -15.69
C VAL C 204 -36.40 7.36 -17.17
N PHE C 205 -37.36 8.17 -17.63
CA PHE C 205 -37.73 8.15 -19.04
C PHE C 205 -36.55 8.50 -19.94
N GLY C 206 -35.81 9.55 -19.58
CA GLY C 206 -34.65 9.94 -20.36
C GLY C 206 -33.56 8.89 -20.37
N LYS C 207 -33.25 8.32 -19.20
CA LYS C 207 -32.23 7.29 -19.12
C LYS C 207 -32.62 6.06 -19.91
N GLY C 208 -33.89 5.64 -19.82
CA GLY C 208 -34.33 4.49 -20.59
C GLY C 208 -34.29 4.73 -22.08
N LEU C 209 -34.74 5.91 -22.53
CA LEU C 209 -34.70 6.22 -23.96
C LEU C 209 -33.26 6.28 -24.46
N ILE C 210 -32.35 6.89 -23.69
CA ILE C 210 -30.96 6.98 -24.09
C ILE C 210 -30.33 5.60 -24.15
N LYS C 211 -30.59 4.75 -23.16
CA LYS C 211 -30.04 3.40 -23.17
C LYS C 211 -30.57 2.59 -24.34
N ALA C 212 -31.86 2.71 -24.64
CA ALA C 212 -32.43 1.99 -25.77
C ALA C 212 -31.87 2.48 -27.10
N ALA C 213 -31.64 3.78 -27.23
CA ALA C 213 -31.11 4.32 -28.49
C ALA C 213 -29.60 4.19 -28.61
N MET C 214 -28.90 3.90 -27.52
CA MET C 214 -27.45 3.75 -27.56
C MET C 214 -27.00 2.30 -27.62
N THR C 215 -27.60 1.41 -26.83
CA THR C 215 -27.25 0.00 -26.91
C THR C 215 -27.66 -0.63 -28.23
N THR C 216 -28.65 -0.05 -28.91
CA THR C 216 -29.09 -0.49 -30.22
C THR C 216 -28.84 0.63 -31.22
N GLY C 217 -28.26 0.29 -32.37
CA GLY C 217 -28.10 1.28 -33.41
C GLY C 217 -29.43 1.71 -33.96
N ALA C 218 -29.86 2.93 -33.63
CA ALA C 218 -31.22 3.37 -33.90
C ALA C 218 -31.23 4.85 -34.24
N TRP C 219 -32.31 5.27 -34.89
CA TRP C 219 -32.58 6.67 -35.17
C TRP C 219 -33.74 7.16 -34.32
N ILE C 220 -33.70 8.42 -33.93
CA ILE C 220 -34.76 9.04 -33.15
C ILE C 220 -35.36 10.16 -33.98
N PHE C 221 -36.65 10.06 -34.29
CA PHE C 221 -37.36 11.09 -35.03
C PHE C 221 -38.11 11.98 -34.05
N THR C 222 -37.77 13.26 -34.03
CA THR C 222 -38.38 14.24 -33.15
C THR C 222 -38.93 15.40 -33.97
N GLY C 223 -39.66 16.28 -33.29
CA GLY C 223 -40.18 17.46 -33.94
C GLY C 223 -39.08 18.42 -34.36
N GLY C 224 -38.07 18.60 -33.51
CA GLY C 224 -36.94 19.44 -33.85
C GLY C 224 -36.93 20.78 -33.16
N VAL C 225 -38.09 21.42 -33.05
CA VAL C 225 -38.18 22.70 -32.37
C VAL C 225 -38.21 22.48 -30.86
N ASN C 226 -37.68 23.45 -30.12
CA ASN C 226 -37.52 23.33 -28.66
C ASN C 226 -38.83 23.65 -27.94
N THR C 227 -39.82 22.77 -28.13
CA THR C 227 -41.13 22.93 -27.51
C THR C 227 -41.60 21.59 -26.96
N GLY C 228 -42.06 21.59 -25.72
CA GLY C 228 -42.73 20.44 -25.14
C GLY C 228 -41.87 19.22 -24.92
N VAL C 229 -42.26 18.10 -25.55
CA VAL C 229 -41.55 16.84 -25.39
C VAL C 229 -40.12 16.94 -25.91
N ILE C 230 -39.91 17.74 -26.96
CA ILE C 230 -38.59 17.85 -27.57
C ILE C 230 -37.59 18.46 -26.59
N ARG C 231 -38.04 19.37 -25.73
CA ARG C 231 -37.15 19.88 -24.70
C ARG C 231 -36.72 18.79 -23.73
N HIS C 232 -37.66 17.90 -23.36
CA HIS C 232 -37.32 16.79 -22.50
C HIS C 232 -36.32 15.85 -23.16
N VAL C 233 -36.52 15.56 -24.45
CA VAL C 233 -35.58 14.72 -25.18
C VAL C 233 -34.21 15.40 -25.27
N GLY C 234 -34.21 16.72 -25.45
CA GLY C 234 -32.95 17.46 -25.52
C GLY C 234 -32.18 17.42 -24.21
N ASP C 235 -32.86 17.60 -23.08
CA ASP C 235 -32.14 17.54 -21.81
C ASP C 235 -31.75 16.11 -21.46
N ALA C 236 -32.51 15.13 -21.92
CA ALA C 236 -32.10 13.73 -21.75
C ALA C 236 -30.83 13.44 -22.54
N LEU C 237 -30.74 13.96 -23.77
CA LEU C 237 -29.52 13.82 -24.56
C LEU C 237 -28.36 14.56 -23.92
N LYS C 238 -28.62 15.74 -23.35
CA LYS C 238 -27.57 16.54 -22.75
C LYS C 238 -27.01 15.86 -21.49
N ASP C 239 -27.88 15.32 -20.65
CA ASP C 239 -27.42 14.66 -19.43
C ASP C 239 -26.71 13.34 -19.72
N HIS C 240 -26.88 12.78 -20.92
CA HIS C 240 -26.18 11.56 -21.30
C HIS C 240 -24.78 11.85 -21.83
N ALA C 241 -24.62 12.93 -22.60
CA ALA C 241 -23.31 13.25 -23.18
C ALA C 241 -22.29 13.68 -22.13
N SER C 242 -22.76 14.08 -20.94
CA SER C 242 -21.85 14.50 -19.89
C SER C 242 -21.27 13.34 -19.08
N LYS C 243 -21.69 12.11 -19.36
CA LYS C 243 -21.20 10.95 -18.62
C LYS C 243 -20.74 9.79 -19.48
N SER C 244 -21.15 9.70 -20.75
CA SER C 244 -20.87 8.52 -21.56
C SER C 244 -20.38 8.94 -22.93
N ARG C 245 -19.72 7.99 -23.61
CA ARG C 245 -19.24 8.19 -24.97
C ARG C 245 -20.37 7.89 -25.96
N GLY C 246 -20.04 7.85 -27.24
CA GLY C 246 -21.00 7.51 -28.26
C GLY C 246 -21.90 8.67 -28.65
N LYS C 247 -22.53 8.53 -29.81
CA LYS C 247 -23.43 9.54 -30.32
C LYS C 247 -24.76 8.90 -30.68
N ILE C 248 -25.84 9.67 -30.56
CA ILE C 248 -27.19 9.22 -30.86
C ILE C 248 -27.66 9.97 -32.10
N CYS C 249 -28.17 9.24 -33.07
CA CYS C 249 -28.62 9.83 -34.34
C CYS C 249 -30.03 10.37 -34.13
N THR C 250 -30.11 11.57 -33.54
CA THR C 250 -31.38 12.25 -33.31
C THR C 250 -31.66 13.16 -34.51
N ILE C 251 -32.82 12.98 -35.13
CA ILE C 251 -33.18 13.70 -36.34
C ILE C 251 -34.44 14.51 -36.06
N GLY C 252 -34.38 15.80 -36.36
CA GLY C 252 -35.50 16.70 -36.15
C GLY C 252 -36.11 17.12 -37.49
N ILE C 253 -37.40 16.83 -37.64
CA ILE C 253 -38.14 17.23 -38.83
C ILE C 253 -39.07 18.36 -38.45
N ALA C 254 -38.62 19.60 -38.65
CA ALA C 254 -39.35 20.78 -38.19
C ALA C 254 -39.78 21.65 -39.36
N PRO C 255 -40.92 22.32 -39.25
CA PRO C 255 -41.30 23.30 -40.27
C PRO C 255 -40.37 24.49 -40.28
N TRP C 256 -40.19 25.07 -41.47
CA TRP C 256 -39.28 26.20 -41.65
C TRP C 256 -39.84 27.50 -41.11
N GLY C 257 -41.16 27.62 -40.97
CA GLY C 257 -41.78 28.86 -40.58
C GLY C 257 -41.82 29.15 -39.09
N ILE C 258 -41.27 28.28 -38.26
CA ILE C 258 -41.32 28.46 -36.81
C ILE C 258 -39.95 28.79 -36.21
N VAL C 259 -38.87 28.68 -36.98
CA VAL C 259 -37.55 29.01 -36.46
C VAL C 259 -37.49 30.50 -36.14
N GLU C 260 -36.79 30.83 -35.04
CA GLU C 260 -36.71 32.22 -34.61
C GLU C 260 -35.86 33.06 -35.56
N ASN C 261 -34.96 32.44 -36.30
CA ASN C 261 -34.10 33.12 -37.28
C ASN C 261 -34.19 32.36 -38.60
N GLN C 262 -35.14 32.77 -39.45
CA GLN C 262 -35.17 32.24 -40.81
C GLN C 262 -33.90 32.62 -41.56
N GLU C 263 -33.42 33.84 -41.36
CA GLU C 263 -32.12 34.27 -41.87
C GLU C 263 -31.02 33.70 -40.98
N ASP C 264 -29.79 34.13 -41.24
CA ASP C 264 -28.58 33.64 -40.57
C ASP C 264 -28.38 32.13 -40.74
N LEU C 265 -29.08 31.55 -41.73
CA LEU C 265 -29.01 30.13 -42.01
C LEU C 265 -28.98 29.81 -43.49
N ILE C 266 -28.87 30.82 -44.35
CA ILE C 266 -29.02 30.65 -45.79
C ILE C 266 -27.69 30.28 -46.42
N GLY C 267 -26.68 30.07 -45.59
CA GLY C 267 -25.36 29.71 -46.08
C GLY C 267 -25.30 28.30 -46.64
N ARG C 268 -25.13 28.19 -47.95
CA ARG C 268 -25.10 26.88 -48.61
C ARG C 268 -23.73 26.22 -48.41
N ASP C 269 -23.74 25.05 -47.77
CA ASP C 269 -22.54 24.23 -47.58
C ASP C 269 -21.43 24.97 -46.86
N VAL C 270 -21.80 25.78 -45.86
CA VAL C 270 -20.84 26.52 -45.05
C VAL C 270 -21.38 26.56 -43.61
N VAL C 271 -20.46 26.45 -42.65
CA VAL C 271 -20.85 26.43 -41.24
C VAL C 271 -21.39 27.81 -40.86
N ARG C 272 -22.59 27.83 -40.28
CA ARG C 272 -23.24 29.08 -39.91
C ARG C 272 -23.56 29.11 -38.42
N PRO C 273 -23.22 30.20 -37.73
CA PRO C 273 -23.53 30.30 -36.30
C PRO C 273 -25.03 30.36 -36.04
N TYR C 274 -25.42 29.88 -34.87
CA TYR C 274 -26.82 29.91 -34.44
C TYR C 274 -26.87 30.18 -32.95
N GLN C 275 -27.82 31.00 -32.53
CA GLN C 275 -27.94 31.42 -31.15
C GLN C 275 -29.09 30.68 -30.46
N THR C 276 -28.80 30.08 -29.32
CA THR C 276 -29.78 29.31 -28.57
C THR C 276 -30.63 30.16 -27.63
N MET C 277 -30.28 31.43 -27.44
CA MET C 277 -31.05 32.28 -26.54
C MET C 277 -32.42 32.58 -27.14
N SER C 278 -33.43 32.58 -26.29
CA SER C 278 -34.82 32.72 -26.71
C SER C 278 -35.44 33.97 -26.12
N ASN C 279 -36.22 34.68 -26.94
CA ASN C 279 -37.00 35.83 -26.50
C ASN C 279 -38.48 35.44 -26.50
N PRO C 280 -39.14 35.42 -25.35
CA PRO C 280 -40.54 34.95 -25.32
C PRO C 280 -41.51 35.81 -26.11
N MET C 281 -41.17 37.05 -26.42
CA MET C 281 -42.06 37.95 -27.14
C MET C 281 -41.89 37.87 -28.65
N SER C 282 -41.03 36.98 -29.15
CA SER C 282 -40.79 36.87 -30.58
C SER C 282 -41.84 36.03 -31.30
N LYS C 283 -42.76 35.40 -30.57
CA LYS C 283 -43.86 34.60 -31.11
C LYS C 283 -43.38 33.39 -31.92
N LEU C 284 -42.11 33.02 -31.77
CA LEU C 284 -41.54 31.87 -32.46
C LEU C 284 -40.75 31.06 -31.44
N THR C 285 -40.10 29.99 -31.92
CA THR C 285 -39.29 29.15 -31.05
C THR C 285 -37.95 28.87 -31.73
N VAL C 286 -36.96 28.54 -30.92
CA VAL C 286 -35.59 28.36 -31.38
C VAL C 286 -35.37 26.88 -31.67
N LEU C 287 -34.43 26.60 -32.59
CA LEU C 287 -34.09 25.23 -32.91
C LEU C 287 -33.41 24.57 -31.71
N ASN C 288 -33.78 23.33 -31.44
CA ASN C 288 -33.30 22.62 -30.27
C ASN C 288 -31.90 22.06 -30.52
N SER C 289 -30.96 22.39 -29.64
CA SER C 289 -29.61 21.87 -29.71
C SER C 289 -29.59 20.41 -29.27
N MET C 290 -28.38 19.83 -29.23
CA MET C 290 -28.16 18.42 -28.92
C MET C 290 -28.89 17.49 -29.90
N HIS C 291 -29.22 17.99 -31.08
CA HIS C 291 -29.73 17.18 -32.18
C HIS C 291 -28.63 16.99 -33.20
N SER C 292 -28.73 15.89 -33.95
CA SER C 292 -27.67 15.53 -34.88
C SER C 292 -27.93 16.05 -36.29
N HIS C 293 -29.15 15.91 -36.78
CA HIS C 293 -29.50 16.33 -38.13
C HIS C 293 -30.88 16.97 -38.14
N PHE C 294 -31.11 17.85 -39.11
CA PHE C 294 -32.36 18.55 -39.25
C PHE C 294 -32.88 18.44 -40.67
N ILE C 295 -34.19 18.24 -40.79
CA ILE C 295 -34.89 18.26 -42.08
C ILE C 295 -35.95 19.34 -41.97
N LEU C 296 -35.73 20.48 -42.61
CA LEU C 296 -36.60 21.64 -42.52
C LEU C 296 -37.52 21.65 -43.73
N ALA C 297 -38.81 21.36 -43.50
CA ALA C 297 -39.80 21.28 -44.56
C ALA C 297 -40.65 22.55 -44.55
N ASP C 298 -40.81 23.15 -45.73
CA ASP C 298 -41.58 24.38 -45.86
C ASP C 298 -42.65 24.22 -46.92
N ASN C 299 -43.80 24.84 -46.66
CA ASN C 299 -44.90 24.88 -47.62
C ASN C 299 -45.21 26.30 -48.07
N GLY C 300 -44.35 27.27 -47.75
CA GLY C 300 -44.54 28.65 -48.15
C GLY C 300 -45.05 29.55 -47.05
N THR C 301 -45.65 28.99 -45.99
CA THR C 301 -46.18 29.80 -44.91
C THR C 301 -45.08 30.19 -43.93
N THR C 302 -45.47 30.89 -42.86
CA THR C 302 -44.54 31.32 -41.82
C THR C 302 -45.32 31.53 -40.54
N GLY C 303 -44.92 30.84 -39.48
CA GLY C 303 -45.56 30.98 -38.19
C GLY C 303 -46.65 29.99 -37.88
N LYS C 304 -46.79 28.91 -38.65
CA LYS C 304 -47.82 27.93 -38.44
C LYS C 304 -47.25 26.53 -38.67
N TYR C 305 -47.82 25.55 -37.97
CA TYR C 305 -47.38 24.17 -38.04
C TYR C 305 -48.07 23.44 -39.19
N GLY C 306 -47.93 22.13 -39.24
CA GLY C 306 -48.60 21.30 -40.21
C GLY C 306 -47.86 21.08 -41.51
N ALA C 307 -46.61 21.52 -41.62
CA ALA C 307 -45.84 21.38 -42.85
C ALA C 307 -44.88 20.20 -42.84
N GLU C 308 -44.93 19.37 -41.80
CA GLU C 308 -43.95 18.28 -41.68
C GLU C 308 -44.53 16.93 -41.29
N VAL C 309 -45.80 16.84 -40.89
CA VAL C 309 -46.34 15.58 -40.41
C VAL C 309 -46.43 14.55 -41.54
N LYS C 310 -46.93 14.97 -42.71
CA LYS C 310 -47.07 14.05 -43.83
C LYS C 310 -45.71 13.56 -44.32
N LEU C 311 -44.74 14.46 -44.43
CA LEU C 311 -43.40 14.06 -44.87
C LEU C 311 -42.76 13.11 -43.86
N ARG C 312 -42.92 13.38 -42.57
CA ARG C 312 -42.37 12.50 -41.55
C ARG C 312 -43.00 11.12 -41.62
N ARG C 313 -44.32 11.06 -41.80
CA ARG C 313 -44.99 9.76 -41.90
C ARG C 313 -44.56 9.01 -43.15
N GLN C 314 -44.42 9.72 -44.28
CA GLN C 314 -43.97 9.07 -45.51
C GLN C 314 -42.55 8.53 -45.37
N LEU C 315 -41.67 9.30 -44.72
CA LEU C 315 -40.30 8.82 -44.51
C LEU C 315 -40.28 7.60 -43.58
N GLU C 316 -41.10 7.61 -42.53
CA GLU C 316 -41.20 6.45 -41.66
C GLU C 316 -41.70 5.22 -42.41
N LYS C 317 -42.71 5.41 -43.27
CA LYS C 317 -43.22 4.30 -44.08
C LYS C 317 -42.15 3.76 -45.02
N HIS C 318 -41.39 4.66 -45.65
CA HIS C 318 -40.39 4.20 -46.62
C HIS C 318 -39.22 3.51 -45.93
N ILE C 319 -38.82 3.98 -44.74
CA ILE C 319 -37.72 3.33 -44.04
C ILE C 319 -38.17 2.06 -43.34
N SER C 320 -39.46 1.93 -43.02
CA SER C 320 -39.96 0.69 -42.47
C SER C 320 -39.89 -0.46 -43.47
N LEU C 321 -40.18 -0.18 -44.74
CA LEU C 321 -40.09 -1.19 -45.79
C LEU C 321 -38.66 -1.47 -46.22
N GLN C 322 -37.70 -0.65 -45.78
CA GLN C 322 -36.30 -0.89 -46.14
C GLN C 322 -35.80 -2.17 -45.47
N LYS C 323 -34.93 -2.88 -46.17
CA LYS C 323 -34.50 -4.21 -45.74
C LYS C 323 -33.27 -4.11 -44.85
N ILE C 324 -33.34 -4.78 -43.70
CA ILE C 324 -32.21 -4.89 -42.77
C ILE C 324 -31.22 -5.87 -43.37
N ASN C 325 -29.99 -5.91 -42.82
CA ASN C 325 -28.93 -6.75 -43.39
C ASN C 325 -29.25 -8.23 -43.35
N THR C 326 -30.11 -8.68 -42.43
CA THR C 326 -30.48 -10.09 -42.39
C THR C 326 -31.29 -10.46 -43.63
N ARG C 327 -31.05 -11.66 -44.14
CA ARG C 327 -31.68 -12.13 -45.37
C ARG C 327 -32.96 -12.91 -45.11
N ILE C 328 -33.52 -12.84 -43.90
CA ILE C 328 -34.80 -13.49 -43.63
C ILE C 328 -35.90 -12.83 -44.45
N GLY C 329 -35.92 -11.51 -44.49
CA GLY C 329 -36.94 -10.78 -45.22
C GLY C 329 -37.62 -9.72 -44.38
N GLN C 330 -37.20 -9.60 -43.12
CA GLN C 330 -37.77 -8.62 -42.21
C GLN C 330 -37.15 -7.25 -42.42
N GLY C 331 -37.95 -6.21 -42.22
CA GLY C 331 -37.51 -4.84 -42.35
C GLY C 331 -37.13 -4.22 -41.01
N VAL C 332 -36.87 -2.92 -41.07
CA VAL C 332 -36.48 -2.15 -39.88
C VAL C 332 -37.70 -2.01 -38.97
N PRO C 333 -37.63 -2.46 -37.72
CA PRO C 333 -38.75 -2.27 -36.80
C PRO C 333 -38.95 -0.81 -36.44
N VAL C 334 -40.21 -0.42 -36.26
CA VAL C 334 -40.59 0.95 -35.94
C VAL C 334 -41.48 0.93 -34.71
N VAL C 335 -41.18 1.79 -33.73
CA VAL C 335 -41.96 1.92 -32.53
C VAL C 335 -42.32 3.40 -32.34
N ALA C 336 -43.37 3.64 -31.56
CA ALA C 336 -43.83 5.00 -31.29
C ALA C 336 -43.87 5.23 -29.80
N LEU C 337 -43.41 6.41 -29.38
CA LEU C 337 -43.39 6.80 -27.97
C LEU C 337 -44.28 8.03 -27.79
N ILE C 338 -45.21 7.94 -26.86
CA ILE C 338 -46.22 8.99 -26.65
C ILE C 338 -46.07 9.51 -25.22
N VAL C 339 -45.93 10.83 -25.09
CA VAL C 339 -45.89 11.50 -23.79
C VAL C 339 -46.58 12.85 -23.92
N GLU C 340 -47.77 12.98 -23.33
CA GLU C 340 -48.50 14.23 -23.22
C GLU C 340 -48.75 14.85 -24.60
N GLY C 341 -49.49 14.11 -25.42
CA GLY C 341 -49.73 14.51 -26.80
C GLY C 341 -50.78 15.59 -26.99
N GLY C 342 -52.02 15.31 -26.65
CA GLY C 342 -53.10 16.25 -26.84
C GLY C 342 -54.27 15.68 -27.61
N PRO C 343 -55.01 16.54 -28.31
CA PRO C 343 -56.19 16.04 -29.04
C PRO C 343 -55.83 15.22 -30.28
N ASN C 344 -54.82 15.64 -31.04
CA ASN C 344 -54.46 14.94 -32.27
C ASN C 344 -53.62 13.70 -32.03
N VAL C 345 -53.09 13.52 -30.82
CA VAL C 345 -52.26 12.35 -30.56
C VAL C 345 -53.11 11.07 -30.59
N ILE C 346 -54.39 11.16 -30.26
CA ILE C 346 -55.27 10.00 -30.40
C ILE C 346 -55.42 9.64 -31.87
N SER C 347 -55.55 10.65 -32.73
CA SER C 347 -55.66 10.40 -34.16
C SER C 347 -54.39 9.77 -34.72
N ILE C 348 -53.22 10.27 -34.31
CA ILE C 348 -51.99 9.69 -34.85
C ILE C 348 -51.75 8.30 -34.27
N VAL C 349 -52.16 8.04 -33.04
CA VAL C 349 -52.08 6.69 -32.50
C VAL C 349 -52.98 5.74 -33.29
N LEU C 350 -54.20 6.19 -33.61
CA LEU C 350 -55.10 5.35 -34.39
C LEU C 350 -54.53 5.07 -35.78
N GLU C 351 -54.00 6.09 -36.44
CA GLU C 351 -53.42 5.88 -37.77
C GLU C 351 -52.15 5.05 -37.72
N TYR C 352 -51.46 5.04 -36.57
CA TYR C 352 -50.36 4.08 -36.40
C TYR C 352 -50.88 2.65 -36.27
N LEU C 353 -51.93 2.47 -35.46
CA LEU C 353 -52.47 1.13 -35.23
C LEU C 353 -53.22 0.56 -36.43
N ARG C 354 -53.62 1.41 -37.38
CA ARG C 354 -54.39 0.97 -38.53
C ARG C 354 -53.52 0.65 -39.74
N ASP C 355 -52.21 0.80 -39.63
CA ASP C 355 -51.32 0.45 -40.73
C ASP C 355 -51.31 -1.06 -40.95
N THR C 356 -51.22 -1.47 -42.22
CA THR C 356 -51.19 -2.88 -42.56
C THR C 356 -49.93 -3.54 -41.97
N PRO C 357 -48.76 -2.91 -42.01
CA PRO C 357 -47.70 -3.26 -41.04
C PRO C 357 -47.84 -2.45 -39.77
N PRO C 358 -48.66 -2.91 -38.81
CA PRO C 358 -48.99 -2.07 -37.67
C PRO C 358 -47.76 -1.74 -36.82
N VAL C 359 -47.79 -0.55 -36.23
CA VAL C 359 -46.67 -0.01 -35.45
C VAL C 359 -47.09 0.01 -33.98
N PRO C 360 -46.44 -0.76 -33.11
CA PRO C 360 -46.75 -0.69 -31.68
C PRO C 360 -46.37 0.67 -31.10
N VAL C 361 -47.12 1.08 -30.08
CA VAL C 361 -46.89 2.36 -29.41
C VAL C 361 -46.65 2.10 -27.93
N VAL C 362 -45.98 3.05 -27.29
CA VAL C 362 -45.71 3.03 -25.86
C VAL C 362 -46.12 4.37 -25.28
N VAL C 363 -46.94 4.36 -24.25
CA VAL C 363 -47.45 5.57 -23.63
C VAL C 363 -47.00 5.63 -22.18
N CYS C 364 -47.18 6.79 -21.56
CA CYS C 364 -46.84 7.00 -20.16
C CYS C 364 -48.01 7.65 -19.44
N ASP C 365 -48.16 7.32 -18.17
CA ASP C 365 -49.31 7.76 -17.38
C ASP C 365 -49.01 8.95 -16.48
N GLY C 366 -47.76 9.38 -16.39
CA GLY C 366 -47.41 10.49 -15.53
C GLY C 366 -47.39 11.83 -16.23
N SER C 367 -48.02 11.90 -17.40
CA SER C 367 -48.01 13.12 -18.20
C SER C 367 -49.18 14.04 -17.87
N GLY C 368 -50.41 13.55 -18.03
CA GLY C 368 -51.60 14.30 -17.72
C GLY C 368 -52.53 14.54 -18.90
N ARG C 369 -52.01 14.49 -20.11
CA ARG C 369 -52.81 14.72 -21.31
C ARG C 369 -53.37 13.38 -21.79
N ALA C 370 -53.82 13.32 -23.05
CA ALA C 370 -54.49 12.15 -23.59
C ALA C 370 -53.66 10.86 -23.46
N SER C 371 -52.34 10.97 -23.27
CA SER C 371 -51.56 9.79 -22.93
C SER C 371 -51.99 9.23 -21.58
N ASP C 372 -52.21 10.11 -20.59
CA ASP C 372 -52.75 9.67 -19.31
C ASP C 372 -54.18 9.17 -19.45
N ILE C 373 -54.98 9.84 -20.30
CA ILE C 373 -56.34 9.38 -20.56
C ILE C 373 -56.33 8.00 -21.22
N LEU C 374 -55.39 7.78 -22.14
CA LEU C 374 -55.27 6.47 -22.79
C LEU C 374 -54.82 5.41 -21.78
N ALA C 375 -53.91 5.78 -20.88
CA ALA C 375 -53.48 4.85 -19.83
C ALA C 375 -54.64 4.48 -18.92
N PHE C 376 -55.49 5.46 -18.57
CA PHE C 376 -56.69 5.17 -17.80
C PHE C 376 -57.63 4.26 -18.59
N GLY C 377 -57.79 4.52 -19.88
CA GLY C 377 -58.63 3.69 -20.74
C GLY C 377 -58.10 2.29 -20.96
N HIS C 378 -56.81 2.07 -20.69
CA HIS C 378 -56.28 0.71 -20.70
C HIS C 378 -56.98 -0.16 -19.66
N LYS C 379 -57.24 0.40 -18.48
CA LYS C 379 -58.06 -0.27 -17.49
C LYS C 379 -59.52 -0.22 -17.90
N TYR C 380 -60.23 -1.32 -17.66
CA TYR C 380 -61.66 -1.46 -17.97
C TYR C 380 -61.93 -1.21 -19.45
N SER C 381 -61.37 -2.09 -20.28
CA SER C 381 -61.60 -2.04 -21.72
C SER C 381 -62.86 -2.83 -22.07
N GLU C 382 -63.09 -3.03 -23.35
CA GLU C 382 -64.25 -3.77 -23.81
C GLU C 382 -63.85 -5.03 -24.58
N VAL C 397 -69.39 3.82 -18.47
CA VAL C 397 -68.45 4.92 -18.31
C VAL C 397 -68.46 5.81 -19.54
N THR C 398 -69.42 6.73 -19.59
CA THR C 398 -69.53 7.67 -20.70
C THR C 398 -69.58 9.10 -20.17
N ILE C 399 -70.02 9.27 -18.92
CA ILE C 399 -70.08 10.58 -18.30
C ILE C 399 -68.78 10.96 -17.59
N GLN C 400 -67.80 10.06 -17.57
CA GLN C 400 -66.49 10.39 -17.00
C GLN C 400 -65.57 11.10 -17.97
N LYS C 401 -66.01 11.32 -19.21
CA LYS C 401 -65.19 11.96 -20.23
C LYS C 401 -65.23 13.48 -20.13
N THR C 402 -66.03 14.05 -19.23
CA THR C 402 -66.14 15.50 -19.09
C THR C 402 -64.94 16.01 -18.30
N PHE C 403 -63.93 16.50 -19.01
CA PHE C 403 -62.72 17.04 -18.40
C PHE C 403 -62.52 18.51 -18.70
N THR C 404 -63.51 19.17 -19.33
CA THR C 404 -63.41 20.56 -19.77
C THR C 404 -62.19 20.76 -20.67
N TYR C 405 -61.89 19.75 -21.48
CA TYR C 405 -60.75 19.77 -22.38
C TYR C 405 -61.15 19.95 -23.84
N THR C 406 -62.40 19.66 -24.19
CA THR C 406 -62.95 19.86 -25.52
C THR C 406 -64.22 20.70 -25.40
N ARG C 407 -64.97 20.80 -26.51
CA ARG C 407 -66.20 21.60 -26.54
C ARG C 407 -67.28 20.83 -25.78
N THR C 408 -67.21 20.93 -24.47
CA THR C 408 -68.15 20.37 -23.49
C THR C 408 -68.33 18.87 -23.75
N GLN C 409 -69.49 18.33 -23.39
CA GLN C 409 -69.84 16.95 -23.71
C GLN C 409 -70.42 16.81 -25.12
N ALA C 410 -70.75 17.93 -25.76
CA ALA C 410 -71.24 17.88 -27.13
C ALA C 410 -70.18 17.40 -28.11
N GLN C 411 -68.93 17.80 -27.89
CA GLN C 411 -67.81 17.33 -28.70
C GLN C 411 -66.96 16.38 -27.87
N HIS C 412 -66.67 15.20 -28.44
CA HIS C 412 -65.91 14.19 -27.72
C HIS C 412 -65.10 13.37 -28.71
N LEU C 413 -64.02 12.78 -28.21
CA LEU C 413 -63.20 11.84 -28.97
C LEU C 413 -63.38 10.41 -28.46
N PHE C 414 -64.54 10.13 -27.87
CA PHE C 414 -64.77 8.82 -27.28
C PHE C 414 -64.86 7.73 -28.35
N ILE C 415 -65.36 8.05 -29.53
CA ILE C 415 -65.47 7.05 -30.60
C ILE C 415 -64.08 6.60 -31.04
N ILE C 416 -63.18 7.55 -31.29
CA ILE C 416 -61.84 7.18 -31.73
C ILE C 416 -61.05 6.56 -30.58
N LEU C 417 -61.29 6.98 -29.33
CA LEU C 417 -60.65 6.33 -28.19
C LEU C 417 -61.12 4.88 -28.05
N MET C 418 -62.41 4.64 -28.26
CA MET C 418 -62.93 3.27 -28.22
C MET C 418 -62.39 2.43 -29.36
N GLU C 419 -62.19 3.02 -30.54
CA GLU C 419 -61.54 2.27 -31.63
C GLU C 419 -60.10 1.92 -31.26
N CYS C 420 -59.37 2.86 -30.68
CA CYS C 420 -57.99 2.59 -30.26
C CYS C 420 -57.93 1.49 -29.20
N MET C 421 -58.85 1.53 -28.23
CA MET C 421 -58.90 0.48 -27.22
C MET C 421 -59.47 -0.83 -27.75
N LYS C 422 -60.18 -0.80 -28.88
CA LYS C 422 -60.51 -2.03 -29.58
C LYS C 422 -59.28 -2.60 -30.26
N LYS C 423 -58.34 -1.74 -30.64
CA LYS C 423 -57.04 -2.17 -31.17
C LYS C 423 -55.95 -2.12 -30.11
N LYS C 424 -56.28 -2.48 -28.87
CA LYS C 424 -55.37 -2.34 -27.73
C LYS C 424 -54.36 -3.49 -27.63
N GLU C 425 -54.28 -4.36 -28.63
CA GLU C 425 -53.34 -5.48 -28.56
C GLU C 425 -51.90 -5.00 -28.65
N LEU C 426 -51.67 -3.84 -29.25
CA LEU C 426 -50.32 -3.30 -29.43
C LEU C 426 -50.00 -2.18 -28.45
N ILE C 427 -50.97 -1.69 -27.69
CA ILE C 427 -50.75 -0.60 -26.75
C ILE C 427 -49.94 -1.11 -25.57
N THR C 428 -48.91 -0.37 -25.20
CA THR C 428 -48.08 -0.67 -24.04
C THR C 428 -48.05 0.55 -23.12
N VAL C 429 -48.33 0.34 -21.84
CA VAL C 429 -48.38 1.41 -20.85
C VAL C 429 -47.24 1.22 -19.87
N PHE C 430 -46.46 2.27 -19.66
CA PHE C 430 -45.35 2.25 -18.72
C PHE C 430 -45.79 2.91 -17.41
N ARG C 431 -45.73 2.15 -16.31
CA ARG C 431 -46.12 2.64 -15.01
C ARG C 431 -45.05 2.30 -13.99
N MET C 432 -44.90 3.15 -12.98
CA MET C 432 -43.88 3.00 -11.96
C MET C 432 -44.49 2.31 -10.74
N GLY C 433 -43.98 1.12 -10.43
CA GLY C 433 -44.38 0.42 -9.22
C GLY C 433 -45.68 -0.35 -9.33
N SER C 434 -46.65 0.22 -10.07
CA SER C 434 -47.96 -0.43 -10.18
C SER C 434 -47.87 -1.72 -10.99
N GLU C 435 -47.09 -1.71 -12.08
CA GLU C 435 -47.00 -2.87 -12.95
C GLU C 435 -45.56 -3.29 -13.17
N GLY C 436 -45.33 -4.23 -14.07
CA GLY C 436 -43.99 -4.62 -14.46
C GLY C 436 -43.42 -3.68 -15.51
N HIS C 437 -42.26 -4.08 -16.05
CA HIS C 437 -41.52 -3.29 -17.03
C HIS C 437 -41.22 -1.88 -16.50
N GLN C 438 -40.47 -1.84 -15.40
CA GLN C 438 -40.13 -0.58 -14.76
C GLN C 438 -39.07 0.20 -15.51
N ASP C 439 -38.48 -0.38 -16.55
CA ASP C 439 -37.46 0.29 -17.36
C ASP C 439 -38.01 0.65 -18.72
N ILE C 440 -37.74 1.89 -19.15
CA ILE C 440 -38.24 2.36 -20.44
C ILE C 440 -37.61 1.56 -21.59
N ASP C 441 -36.30 1.32 -21.52
CA ASP C 441 -35.64 0.59 -22.60
C ASP C 441 -36.16 -0.85 -22.71
N LEU C 442 -36.52 -1.46 -21.58
CA LEU C 442 -37.16 -2.77 -21.63
C LEU C 442 -38.59 -2.69 -22.15
N ALA C 443 -39.31 -1.61 -21.81
CA ALA C 443 -40.67 -1.45 -22.32
C ALA C 443 -40.68 -1.27 -23.83
N ILE C 444 -39.74 -0.50 -24.36
CA ILE C 444 -39.68 -0.27 -25.81
C ILE C 444 -39.29 -1.54 -26.54
N LEU C 445 -38.23 -2.21 -26.07
CA LEU C 445 -37.67 -3.33 -26.81
C LEU C 445 -38.59 -4.55 -26.76
N THR C 446 -39.23 -4.81 -25.62
CA THR C 446 -40.16 -5.95 -25.54
C THR C 446 -41.41 -5.72 -26.37
N ALA C 447 -41.79 -4.46 -26.61
CA ALA C 447 -42.94 -4.19 -27.45
C ALA C 447 -42.67 -4.48 -28.91
N LEU C 448 -41.40 -4.39 -29.33
CA LEU C 448 -41.03 -4.64 -30.71
C LEU C 448 -41.01 -6.12 -31.06
N LEU C 449 -40.89 -7.00 -30.07
CA LEU C 449 -40.94 -8.43 -30.32
C LEU C 449 -42.37 -8.96 -30.36
N LYS C 450 -43.18 -8.57 -29.37
CA LYS C 450 -44.58 -8.95 -29.37
C LYS C 450 -45.33 -8.28 -30.52
N GLY C 451 -45.02 -7.01 -30.79
CA GLY C 451 -45.70 -6.27 -31.83
C GLY C 451 -45.30 -6.66 -33.24
N ALA C 452 -44.17 -7.36 -33.40
CA ALA C 452 -43.78 -7.83 -34.72
C ALA C 452 -44.63 -9.00 -35.17
N ASN C 453 -45.17 -9.78 -34.23
CA ASN C 453 -46.00 -10.95 -34.53
C ASN C 453 -45.28 -11.93 -35.45
N ALA C 454 -43.99 -12.12 -35.23
CA ALA C 454 -43.19 -13.03 -36.02
C ALA C 454 -42.87 -14.29 -35.22
N SER C 455 -42.11 -15.18 -35.84
CA SER C 455 -41.76 -16.45 -35.20
C SER C 455 -40.55 -16.26 -34.28
N ALA C 456 -40.23 -17.33 -33.54
CA ALA C 456 -39.07 -17.30 -32.66
C ALA C 456 -37.74 -17.08 -33.38
N PRO C 457 -37.46 -17.69 -34.55
CA PRO C 457 -36.21 -17.34 -35.24
C PRO C 457 -36.10 -15.86 -35.61
N ASP C 458 -37.21 -15.22 -35.98
CA ASP C 458 -37.15 -13.81 -36.32
C ASP C 458 -36.90 -12.94 -35.08
N GLN C 459 -37.51 -13.31 -33.95
CA GLN C 459 -37.22 -12.60 -32.71
C GLN C 459 -35.76 -12.77 -32.30
N LEU C 460 -35.22 -13.98 -32.47
CA LEU C 460 -33.82 -14.21 -32.15
C LEU C 460 -32.90 -13.42 -33.08
N SER C 461 -33.26 -13.34 -34.36
CA SER C 461 -32.49 -12.53 -35.30
C SER C 461 -32.52 -11.05 -34.93
N LEU C 462 -33.69 -10.56 -34.51
CA LEU C 462 -33.78 -9.16 -34.08
C LEU C 462 -32.94 -8.90 -32.84
N ALA C 463 -33.01 -9.79 -31.86
CA ALA C 463 -32.20 -9.62 -30.65
C ALA C 463 -30.71 -9.73 -30.96
N LEU C 464 -30.33 -10.57 -31.93
CA LEU C 464 -28.94 -10.68 -32.33
C LEU C 464 -28.47 -9.42 -33.03
N ALA C 465 -29.33 -8.84 -33.88
CA ALA C 465 -28.99 -7.60 -34.56
C ALA C 465 -28.84 -6.45 -33.57
N TRP C 466 -29.70 -6.41 -32.54
CA TRP C 466 -29.63 -5.35 -31.55
C TRP C 466 -28.52 -5.56 -30.52
N ASN C 467 -27.89 -6.74 -30.51
CA ASN C 467 -26.83 -7.08 -29.56
C ASN C 467 -27.31 -6.92 -28.11
N ARG C 468 -28.52 -7.41 -27.85
CA ARG C 468 -29.12 -7.40 -26.52
C ARG C 468 -29.33 -8.84 -26.10
N VAL C 469 -28.46 -9.35 -25.23
CA VAL C 469 -28.55 -10.74 -24.82
C VAL C 469 -29.59 -10.91 -23.71
N ASP C 470 -29.84 -9.88 -22.91
CA ASP C 470 -30.82 -10.00 -21.83
C ASP C 470 -32.23 -10.07 -22.37
N ILE C 471 -32.52 -9.35 -23.47
CA ILE C 471 -33.85 -9.43 -24.08
C ILE C 471 -34.12 -10.83 -24.59
N ALA C 472 -33.13 -11.44 -25.27
CA ALA C 472 -33.31 -12.80 -25.76
C ALA C 472 -33.37 -13.80 -24.61
N ARG C 473 -32.64 -13.54 -23.53
CA ARG C 473 -32.65 -14.46 -22.39
C ARG C 473 -33.99 -14.45 -21.67
N SER C 474 -34.58 -13.28 -21.47
CA SER C 474 -35.79 -13.15 -20.67
C SER C 474 -37.07 -13.35 -21.47
N GLN C 475 -37.04 -13.14 -22.78
CA GLN C 475 -38.24 -13.23 -23.61
C GLN C 475 -38.22 -14.41 -24.57
N ILE C 476 -37.13 -14.57 -25.32
CA ILE C 476 -37.13 -15.55 -26.41
C ILE C 476 -36.92 -16.97 -25.88
N PHE C 477 -35.96 -17.15 -24.98
CA PHE C 477 -35.64 -18.48 -24.46
C PHE C 477 -36.48 -18.71 -23.20
N ILE C 478 -37.68 -19.24 -23.40
CA ILE C 478 -38.59 -19.58 -22.33
C ILE C 478 -39.15 -20.98 -22.57
N TYR C 479 -40.07 -21.40 -21.71
CA TYR C 479 -40.65 -22.74 -21.80
C TYR C 479 -41.53 -22.86 -23.04
N GLY C 480 -41.30 -23.92 -23.82
CA GLY C 480 -42.17 -24.26 -24.94
C GLY C 480 -42.20 -23.24 -26.06
N GLN C 481 -41.10 -23.10 -26.78
CA GLN C 481 -41.01 -22.12 -27.85
C GLN C 481 -41.11 -22.72 -29.25
N GLN C 482 -40.85 -24.03 -29.39
CA GLN C 482 -41.06 -24.77 -30.64
C GLN C 482 -40.24 -24.17 -31.78
N TRP C 483 -38.93 -24.26 -31.64
CA TRP C 483 -38.03 -23.83 -32.69
C TRP C 483 -38.12 -24.76 -33.89
N PRO C 484 -38.20 -24.23 -35.10
CA PRO C 484 -38.17 -25.08 -36.30
C PRO C 484 -36.83 -25.79 -36.43
N VAL C 485 -36.87 -26.92 -37.13
CA VAL C 485 -35.66 -27.73 -37.30
C VAL C 485 -34.68 -26.99 -38.19
N GLY C 486 -33.44 -26.85 -37.71
CA GLY C 486 -32.41 -26.13 -38.44
C GLY C 486 -32.38 -24.63 -38.21
N SER C 487 -33.13 -24.12 -37.24
CA SER C 487 -33.13 -22.69 -36.97
C SER C 487 -32.01 -22.28 -36.03
N LEU C 488 -31.80 -23.05 -34.96
CA LEU C 488 -30.74 -22.73 -34.01
C LEU C 488 -29.36 -22.86 -34.64
N GLU C 489 -29.20 -23.75 -35.62
CA GLU C 489 -27.92 -23.86 -36.31
C GLU C 489 -27.61 -22.59 -37.10
N GLN C 490 -28.59 -22.07 -37.83
CA GLN C 490 -28.39 -20.82 -38.55
C GLN C 490 -28.21 -19.65 -37.60
N ALA C 491 -28.91 -19.66 -36.46
CA ALA C 491 -28.71 -18.61 -35.47
C ALA C 491 -27.28 -18.64 -34.91
N MET C 492 -26.76 -19.85 -34.65
CA MET C 492 -25.39 -19.98 -34.19
C MET C 492 -24.39 -19.51 -35.24
N LEU C 493 -24.65 -19.83 -36.51
CA LEU C 493 -23.78 -19.37 -37.58
C LEU C 493 -23.77 -17.84 -37.67
N ASP C 494 -24.96 -17.23 -37.58
CA ASP C 494 -25.05 -15.78 -37.64
C ASP C 494 -24.37 -15.12 -36.45
N ALA C 495 -24.53 -15.69 -35.25
CA ALA C 495 -23.87 -15.14 -34.07
C ALA C 495 -22.36 -15.34 -34.14
N LEU C 496 -21.91 -16.40 -34.81
CA LEU C 496 -20.49 -16.66 -34.96
C LEU C 496 -19.84 -15.71 -35.96
N VAL C 497 -20.54 -15.38 -37.04
CA VAL C 497 -20.00 -14.44 -38.02
C VAL C 497 -19.90 -13.04 -37.43
N LEU C 498 -20.94 -12.60 -36.72
CA LEU C 498 -21.04 -11.23 -36.25
C LEU C 498 -20.24 -10.96 -34.98
N ASP C 499 -19.49 -11.94 -34.48
CA ASP C 499 -18.69 -11.80 -33.25
C ASP C 499 -19.58 -11.43 -32.06
N ARG C 500 -20.51 -12.32 -31.75
CA ARG C 500 -21.43 -12.18 -30.63
C ARG C 500 -21.14 -13.32 -29.66
N VAL C 501 -20.20 -13.08 -28.75
CA VAL C 501 -19.76 -14.13 -27.83
C VAL C 501 -20.89 -14.50 -26.86
N ASP C 502 -21.63 -13.50 -26.37
CA ASP C 502 -22.71 -13.76 -25.43
C ASP C 502 -23.80 -14.62 -26.06
N PHE C 503 -24.14 -14.34 -27.32
CA PHE C 503 -25.17 -15.13 -27.99
C PHE C 503 -24.69 -16.53 -28.31
N VAL C 504 -23.41 -16.70 -28.64
CA VAL C 504 -22.86 -18.04 -28.84
C VAL C 504 -22.93 -18.84 -27.55
N LYS C 505 -22.55 -18.22 -26.43
CA LYS C 505 -22.64 -18.90 -25.13
C LYS C 505 -24.09 -19.25 -24.79
N LEU C 506 -25.02 -18.32 -25.05
CA LEU C 506 -26.42 -18.57 -24.76
C LEU C 506 -26.99 -19.71 -25.60
N LEU C 507 -26.63 -19.74 -26.89
CA LEU C 507 -27.13 -20.80 -27.76
C LEU C 507 -26.52 -22.16 -27.40
N ILE C 508 -25.23 -22.18 -27.03
CA ILE C 508 -24.62 -23.42 -26.57
C ILE C 508 -25.30 -23.90 -25.30
N GLU C 509 -25.60 -22.98 -24.38
CA GLU C 509 -26.31 -23.34 -23.16
C GLU C 509 -27.72 -23.84 -23.43
N ASN C 510 -28.36 -23.35 -24.50
CA ASN C 510 -29.76 -23.63 -24.77
C ASN C 510 -29.96 -24.66 -25.87
N GLY C 511 -29.03 -25.61 -26.02
CA GLY C 511 -29.34 -26.78 -26.83
C GLY C 511 -28.38 -27.18 -27.93
N VAL C 512 -27.79 -26.20 -28.62
CA VAL C 512 -26.98 -26.53 -29.80
C VAL C 512 -25.68 -27.20 -29.36
N SER C 513 -25.20 -28.12 -30.19
CA SER C 513 -23.97 -28.84 -29.96
C SER C 513 -22.97 -28.50 -31.05
N MET C 514 -21.74 -28.16 -30.65
CA MET C 514 -20.74 -27.73 -31.62
C MET C 514 -20.21 -28.86 -32.48
N HIS C 515 -20.41 -30.12 -32.06
CA HIS C 515 -19.91 -31.24 -32.84
C HIS C 515 -20.73 -31.44 -34.11
N ARG C 516 -22.06 -31.34 -34.02
CA ARG C 516 -22.90 -31.49 -35.19
C ARG C 516 -22.96 -30.22 -36.03
N PHE C 517 -22.81 -29.05 -35.40
CA PHE C 517 -22.90 -27.79 -36.13
C PHE C 517 -21.74 -27.65 -37.12
N LEU C 518 -20.51 -27.84 -36.65
CA LEU C 518 -19.34 -27.51 -37.45
C LEU C 518 -19.10 -28.58 -38.52
N THR C 519 -19.13 -28.17 -39.77
CA THR C 519 -18.82 -29.03 -40.91
C THR C 519 -17.80 -28.30 -41.79
N ILE C 520 -17.32 -29.00 -42.82
CA ILE C 520 -16.29 -28.42 -43.69
C ILE C 520 -16.84 -27.20 -44.41
N SER C 521 -18.07 -27.29 -44.93
CA SER C 521 -18.65 -26.17 -45.67
C SER C 521 -18.90 -24.97 -44.76
N ARG C 522 -19.36 -25.22 -43.52
CA ARG C 522 -19.61 -24.13 -42.59
C ARG C 522 -18.31 -23.44 -42.19
N LEU C 523 -17.23 -24.20 -41.98
CA LEU C 523 -15.94 -23.60 -41.69
C LEU C 523 -15.43 -22.81 -42.89
N GLU C 524 -15.65 -23.33 -44.10
CA GLU C 524 -15.29 -22.59 -45.31
C GLU C 524 -16.02 -21.26 -45.38
N GLU C 525 -17.32 -21.26 -45.07
CA GLU C 525 -18.07 -20.01 -45.04
C GLU C 525 -17.57 -19.07 -43.95
N LEU C 526 -17.22 -19.63 -42.77
CA LEU C 526 -16.69 -18.81 -41.68
C LEU C 526 -15.37 -18.16 -42.05
N TYR C 527 -14.56 -18.81 -42.88
CA TYR C 527 -13.30 -18.23 -43.29
C TYR C 527 -13.44 -17.23 -44.43
N ASN C 528 -14.63 -17.02 -44.96
CA ASN C 528 -14.86 -16.12 -46.07
C ASN C 528 -16.00 -15.15 -45.78
N THR C 529 -15.96 -14.52 -44.61
CA THR C 529 -17.00 -13.59 -44.21
C THR C 529 -16.54 -12.15 -44.36
N ARG C 530 -17.52 -11.23 -44.35
CA ARG C 530 -17.27 -9.80 -44.38
C ARG C 530 -17.74 -9.08 -43.13
N HIS C 531 -18.65 -9.67 -42.36
CA HIS C 531 -19.20 -9.05 -41.15
C HIS C 531 -18.23 -9.29 -40.00
N GLY C 532 -17.52 -8.24 -39.61
CA GLY C 532 -16.60 -8.33 -38.49
C GLY C 532 -15.51 -7.29 -38.56
N PRO C 533 -14.65 -7.26 -37.53
CA PRO C 533 -13.55 -6.31 -37.53
C PRO C 533 -12.48 -6.69 -38.55
N SER C 534 -11.54 -5.78 -38.74
CA SER C 534 -10.48 -5.97 -39.73
C SER C 534 -9.51 -7.07 -39.29
N ASN C 535 -8.97 -7.79 -40.27
CA ASN C 535 -7.99 -8.83 -40.01
C ASN C 535 -7.03 -8.91 -41.18
N THR C 536 -5.85 -9.47 -40.92
CA THR C 536 -4.78 -9.55 -41.91
C THR C 536 -4.70 -10.93 -42.56
N LEU C 537 -5.82 -11.65 -42.62
CA LEU C 537 -5.81 -13.01 -43.17
C LEU C 537 -5.63 -12.98 -44.69
N TYR C 538 -6.26 -12.03 -45.37
CA TYR C 538 -6.18 -11.98 -46.82
C TYR C 538 -4.75 -11.70 -47.30
N HIS C 539 -4.04 -10.80 -46.60
CA HIS C 539 -2.66 -10.52 -46.97
C HIS C 539 -1.79 -11.76 -46.79
N LEU C 540 -1.99 -12.50 -45.71
CA LEU C 540 -1.23 -13.73 -45.49
C LEU C 540 -1.54 -14.77 -46.55
N VAL C 541 -2.81 -14.90 -46.94
CA VAL C 541 -3.18 -15.86 -47.97
C VAL C 541 -2.55 -15.48 -49.31
N ARG C 542 -2.54 -14.18 -49.62
CA ARG C 542 -1.86 -13.73 -50.84
C ARG C 542 -0.37 -14.02 -50.79
N ASP C 543 0.27 -13.76 -49.66
CA ASP C 543 1.71 -13.94 -49.56
C ASP C 543 2.11 -15.40 -49.64
N VAL C 544 1.35 -16.28 -48.99
CA VAL C 544 1.71 -17.70 -48.96
C VAL C 544 1.52 -18.35 -50.32
N LYS C 545 0.42 -18.03 -51.01
CA LYS C 545 0.07 -18.76 -52.22
C LYS C 545 1.04 -18.47 -53.36
N LYS C 546 1.09 -17.22 -53.82
CA LYS C 546 1.93 -16.84 -54.95
C LYS C 546 2.34 -15.39 -54.77
N GLY C 547 2.90 -14.79 -55.83
CA GLY C 547 3.13 -13.37 -55.82
C GLY C 547 1.84 -12.56 -55.89
N ASN C 548 0.88 -13.04 -56.67
CA ASN C 548 -0.38 -12.33 -56.87
C ASN C 548 -1.53 -13.32 -56.75
N LEU C 549 -2.69 -12.80 -56.33
CA LEU C 549 -3.91 -13.58 -56.17
C LEU C 549 -5.03 -12.96 -56.99
N PRO C 550 -5.82 -13.76 -57.72
CA PRO C 550 -6.91 -13.20 -58.50
C PRO C 550 -7.97 -12.60 -57.60
N PRO C 551 -8.66 -11.55 -58.05
CA PRO C 551 -9.72 -10.94 -57.22
C PRO C 551 -10.92 -11.86 -57.07
N ASP C 552 -11.66 -11.63 -55.98
CA ASP C 552 -12.87 -12.38 -55.65
C ASP C 552 -12.57 -13.87 -55.52
N TYR C 553 -11.60 -14.19 -54.67
CA TYR C 553 -11.14 -15.56 -54.48
C TYR C 553 -11.69 -16.11 -53.16
N ARG C 554 -12.30 -17.29 -53.24
CA ARG C 554 -12.78 -17.98 -52.05
C ARG C 554 -11.62 -18.74 -51.41
N ILE C 555 -11.40 -18.51 -50.12
CA ILE C 555 -10.28 -19.10 -49.41
C ILE C 555 -10.66 -20.52 -48.99
N SER C 556 -9.97 -21.50 -49.55
CA SER C 556 -10.19 -22.90 -49.21
C SER C 556 -9.38 -23.28 -47.97
N LEU C 557 -9.77 -24.40 -47.35
CA LEU C 557 -9.08 -24.87 -46.15
C LEU C 557 -7.65 -25.31 -46.43
N ILE C 558 -7.33 -25.67 -47.69
CA ILE C 558 -5.96 -26.02 -48.02
C ILE C 558 -5.04 -24.81 -47.89
N ASP C 559 -5.51 -23.63 -48.36
CA ASP C 559 -4.74 -22.41 -48.19
C ASP C 559 -4.59 -22.04 -46.72
N ILE C 560 -5.62 -22.32 -45.91
CA ILE C 560 -5.52 -22.06 -44.47
C ILE C 560 -4.50 -22.99 -43.83
N GLY C 561 -4.47 -24.25 -44.25
CA GLY C 561 -3.42 -25.14 -43.78
C GLY C 561 -2.03 -24.68 -44.17
N LEU C 562 -1.89 -24.19 -45.41
CA LEU C 562 -0.60 -23.68 -45.86
C LEU C 562 -0.16 -22.48 -45.05
N VAL C 563 -1.08 -21.55 -44.78
CA VAL C 563 -0.70 -20.35 -44.02
C VAL C 563 -0.42 -20.71 -42.55
N ILE C 564 -1.10 -21.72 -42.01
CA ILE C 564 -0.79 -22.19 -40.67
C ILE C 564 0.61 -22.80 -40.62
N GLU C 565 0.96 -23.59 -41.63
CA GLU C 565 2.30 -24.16 -41.69
C GLU C 565 3.37 -23.08 -41.84
N TYR C 566 3.09 -22.06 -42.64
CA TYR C 566 4.04 -20.96 -42.81
C TYR C 566 4.20 -20.17 -41.51
N LEU C 567 3.10 -19.94 -40.80
CA LEU C 567 3.16 -19.17 -39.56
C LEU C 567 3.82 -19.96 -38.43
N MET C 568 3.67 -21.28 -38.42
CA MET C 568 4.09 -22.06 -37.26
C MET C 568 5.60 -22.26 -37.23
N GLY C 569 6.15 -22.92 -38.24
CA GLY C 569 7.57 -23.19 -38.28
C GLY C 569 7.92 -24.11 -39.42
N GLY C 570 9.16 -24.60 -39.36
CA GLY C 570 9.69 -25.46 -40.41
C GLY C 570 9.19 -26.89 -40.37
N ALA C 571 9.20 -27.49 -39.18
CA ALA C 571 8.83 -28.90 -39.04
C ALA C 571 7.34 -29.11 -38.85
N TYR C 572 6.55 -28.05 -38.68
CA TYR C 572 5.13 -28.20 -38.42
C TYR C 572 4.38 -28.61 -39.69
N ARG C 573 3.35 -29.42 -39.52
CA ARG C 573 2.54 -29.91 -40.62
C ARG C 573 1.08 -29.93 -40.17
N CYS C 574 0.29 -28.99 -40.69
CA CYS C 574 -1.12 -28.89 -40.32
C CYS C 574 -1.91 -30.08 -40.89
N ASN C 575 -3.03 -30.38 -40.25
CA ASN C 575 -3.87 -31.49 -40.68
C ASN C 575 -4.59 -31.21 -41.99
N TYR C 576 -4.69 -29.94 -42.40
CA TYR C 576 -5.41 -29.62 -43.63
C TYR C 576 -4.62 -30.03 -44.86
N THR C 577 -3.30 -29.95 -44.82
CA THR C 577 -2.46 -30.25 -45.97
C THR C 577 -2.12 -31.73 -46.07
N ARG C 578 -2.56 -32.56 -45.12
CA ARG C 578 -2.29 -33.99 -45.18
C ARG C 578 -3.11 -34.64 -46.30
N LYS C 579 -2.63 -35.79 -46.75
CA LYS C 579 -3.23 -36.45 -47.90
C LYS C 579 -4.65 -36.93 -47.63
N ARG C 580 -4.91 -37.41 -46.40
CA ARG C 580 -6.24 -37.89 -46.07
C ARG C 580 -7.27 -36.78 -46.16
N PHE C 581 -6.97 -35.61 -45.59
CA PHE C 581 -7.90 -34.48 -45.67
C PHE C 581 -8.03 -33.97 -47.10
N ARG C 582 -6.94 -34.01 -47.88
CA ARG C 582 -7.04 -33.60 -49.28
C ARG C 582 -7.96 -34.53 -50.07
N THR C 583 -7.87 -35.84 -49.83
CA THR C 583 -8.79 -36.77 -50.47
C THR C 583 -10.22 -36.56 -50.00
N LEU C 584 -10.42 -36.29 -48.70
CA LEU C 584 -11.78 -36.06 -48.20
C LEU C 584 -12.36 -34.75 -48.72
N TYR C 585 -11.51 -33.78 -49.03
CA TYR C 585 -11.95 -32.47 -49.50
C TYR C 585 -12.10 -32.41 -51.02
N HIS C 586 -11.41 -33.27 -51.77
CA HIS C 586 -11.47 -33.21 -53.22
C HIS C 586 -12.82 -33.65 -53.76
N ASN C 587 -13.49 -34.57 -53.06
CA ASN C 587 -14.79 -35.07 -53.48
C ASN C 587 -15.94 -34.42 -52.72
N LEU C 588 -15.80 -33.15 -52.37
CA LEU C 588 -16.85 -32.43 -51.65
C LEU C 588 -16.99 -31.01 -52.21
N ASN C 632 -18.02 -33.67 -44.25
CA ASN C 632 -18.18 -34.50 -43.06
C ASN C 632 -18.17 -33.64 -41.80
N HIS C 633 -17.59 -34.16 -40.73
CA HIS C 633 -17.49 -33.47 -39.45
C HIS C 633 -16.03 -33.46 -38.98
N PHE C 634 -15.83 -32.88 -37.81
CA PHE C 634 -14.52 -32.85 -37.17
C PHE C 634 -14.60 -33.52 -35.80
N PRO C 635 -13.61 -34.34 -35.44
CA PRO C 635 -13.65 -34.95 -34.10
C PRO C 635 -13.51 -33.94 -32.98
N PHE C 636 -12.65 -32.94 -33.14
CA PHE C 636 -12.47 -31.87 -32.16
C PHE C 636 -12.81 -30.55 -32.83
N PRO C 637 -14.02 -30.03 -32.66
CA PRO C 637 -14.42 -28.81 -33.38
C PRO C 637 -13.82 -27.56 -32.77
N PHE C 638 -13.55 -27.59 -31.46
CA PHE C 638 -13.06 -26.40 -30.78
C PHE C 638 -11.62 -26.08 -31.17
N HIS C 639 -10.83 -27.08 -31.59
CA HIS C 639 -9.49 -26.80 -32.10
C HIS C 639 -9.55 -25.90 -33.33
N GLU C 640 -10.36 -26.29 -34.32
CA GLU C 640 -10.50 -25.49 -35.52
C GLU C 640 -11.18 -24.16 -35.23
N LEU C 641 -12.15 -24.13 -34.32
CA LEU C 641 -12.80 -22.87 -33.98
C LEU C 641 -11.83 -21.90 -33.32
N MET C 642 -10.97 -22.39 -32.42
CA MET C 642 -10.00 -21.51 -31.78
C MET C 642 -8.93 -21.04 -32.78
N VAL C 643 -8.53 -21.92 -33.70
CA VAL C 643 -7.57 -21.50 -34.73
C VAL C 643 -8.20 -20.43 -35.61
N TRP C 644 -9.47 -20.60 -35.97
CA TRP C 644 -10.16 -19.58 -36.76
C TRP C 644 -10.26 -18.26 -36.01
N ALA C 645 -10.60 -18.31 -34.72
CA ALA C 645 -10.70 -17.09 -33.94
C ALA C 645 -9.35 -16.39 -33.79
N VAL C 646 -8.26 -17.16 -33.69
CA VAL C 646 -6.95 -16.55 -33.62
C VAL C 646 -6.57 -15.92 -34.95
N LEU C 647 -6.82 -16.62 -36.05
CA LEU C 647 -6.45 -16.10 -37.37
C LEU C 647 -7.30 -14.90 -37.77
N MET C 648 -8.56 -14.84 -37.33
CA MET C 648 -9.42 -13.71 -37.62
C MET C 648 -9.28 -12.58 -36.61
N LYS C 649 -8.39 -12.73 -35.62
CA LYS C 649 -8.08 -11.69 -34.64
C LYS C 649 -9.31 -11.32 -33.81
N ARG C 650 -9.95 -12.33 -33.23
CA ARG C 650 -11.09 -12.15 -32.34
C ARG C 650 -10.70 -12.75 -30.99
N GLN C 651 -10.24 -11.89 -30.09
CA GLN C 651 -9.62 -12.37 -28.85
C GLN C 651 -10.66 -12.94 -27.88
N LYS C 652 -11.82 -12.29 -27.76
CA LYS C 652 -12.84 -12.79 -26.85
C LYS C 652 -13.38 -14.15 -27.30
N MET C 653 -13.58 -14.31 -28.61
CA MET C 653 -14.02 -15.60 -29.13
C MET C 653 -12.99 -16.68 -28.90
N ALA C 654 -11.70 -16.34 -29.08
CA ALA C 654 -10.64 -17.31 -28.85
C ALA C 654 -10.56 -17.70 -27.38
N LEU C 655 -10.70 -16.73 -26.47
CA LEU C 655 -10.70 -17.04 -25.05
C LEU C 655 -11.90 -17.89 -24.65
N PHE C 656 -13.05 -17.67 -25.28
CA PHE C 656 -14.21 -18.52 -25.01
C PHE C 656 -13.98 -19.94 -25.52
N PHE C 657 -13.42 -20.08 -26.72
CA PHE C 657 -13.18 -21.40 -27.30
C PHE C 657 -12.02 -22.14 -26.65
N TRP C 658 -11.13 -21.44 -25.97
CA TRP C 658 -9.97 -22.11 -25.39
C TRP C 658 -10.36 -23.02 -24.23
N GLN C 659 -11.32 -22.60 -23.41
CA GLN C 659 -11.67 -23.37 -22.22
C GLN C 659 -12.63 -24.52 -22.49
N HIS C 660 -13.08 -24.68 -23.74
CA HIS C 660 -13.93 -25.79 -24.12
C HIS C 660 -13.14 -26.82 -24.92
N GLY C 661 -13.35 -28.09 -24.63
CA GLY C 661 -12.63 -29.16 -25.28
C GLY C 661 -11.35 -29.54 -24.56
N GLU C 662 -10.66 -30.51 -25.13
CA GLU C 662 -9.44 -31.05 -24.54
C GLU C 662 -8.20 -30.32 -25.07
N GLU C 663 -7.07 -30.63 -24.45
CA GLU C 663 -5.75 -30.08 -24.84
C GLU C 663 -5.75 -28.55 -24.76
N ALA C 664 -6.02 -28.04 -23.56
CA ALA C 664 -6.07 -26.60 -23.36
C ALA C 664 -4.68 -25.97 -23.42
N MET C 665 -3.68 -26.63 -22.82
CA MET C 665 -2.34 -26.08 -22.80
C MET C 665 -1.72 -26.05 -24.19
N ALA C 666 -1.94 -27.12 -24.97
CA ALA C 666 -1.46 -27.14 -26.34
C ALA C 666 -2.11 -26.04 -27.16
N LYS C 667 -3.41 -25.83 -26.99
CA LYS C 667 -4.10 -24.78 -27.70
C LYS C 667 -3.58 -23.40 -27.32
N ALA C 668 -3.30 -23.19 -26.03
CA ALA C 668 -2.74 -21.92 -25.60
C ALA C 668 -1.37 -21.66 -26.20
N LEU C 669 -0.50 -22.67 -26.19
CA LEU C 669 0.84 -22.49 -26.76
C LEU C 669 0.78 -22.25 -28.27
N VAL C 670 -0.09 -22.99 -28.97
CA VAL C 670 -0.24 -22.80 -30.41
C VAL C 670 -0.77 -21.40 -30.72
N ALA C 671 -1.75 -20.93 -29.94
CA ALA C 671 -2.27 -19.59 -30.14
C ALA C 671 -1.21 -18.53 -29.87
N CYS C 672 -0.39 -18.73 -28.84
CA CYS C 672 0.69 -17.78 -28.57
C CYS C 672 1.68 -17.71 -29.73
N LYS C 673 2.08 -18.87 -30.25
CA LYS C 673 3.02 -18.88 -31.37
C LYS C 673 2.40 -18.24 -32.61
N LEU C 674 1.14 -18.54 -32.90
CA LEU C 674 0.47 -17.97 -34.06
C LEU C 674 0.34 -16.46 -33.94
N CYS C 675 -0.02 -15.97 -32.75
CA CYS C 675 -0.16 -14.53 -32.55
C CYS C 675 1.19 -13.82 -32.69
N LYS C 676 2.26 -14.42 -32.16
CA LYS C 676 3.59 -13.84 -32.32
C LYS C 676 4.00 -13.79 -33.79
N ALA C 677 3.75 -14.87 -34.52
CA ALA C 677 4.09 -14.90 -35.94
C ALA C 677 3.29 -13.87 -36.73
N MET C 678 2.01 -13.74 -36.43
CA MET C 678 1.19 -12.73 -37.11
C MET C 678 1.64 -11.32 -36.76
N ALA C 679 2.05 -11.09 -35.52
CA ALA C 679 2.58 -9.77 -35.15
C ALA C 679 3.85 -9.45 -35.92
N HIS C 680 4.75 -10.43 -36.04
CA HIS C 680 5.97 -10.21 -36.81
C HIS C 680 5.65 -9.95 -38.28
N GLU C 681 4.72 -10.71 -38.85
CA GLU C 681 4.35 -10.51 -40.25
C GLU C 681 3.71 -9.13 -40.47
N ALA C 682 2.86 -8.70 -39.53
CA ALA C 682 2.23 -7.38 -39.65
C ALA C 682 3.26 -6.27 -39.53
N SER C 683 4.22 -6.41 -38.61
CA SER C 683 5.26 -5.39 -38.46
C SER C 683 6.20 -5.38 -39.66
N GLU C 684 6.36 -6.52 -40.33
CA GLU C 684 7.22 -6.57 -41.51
C GLU C 684 6.62 -5.79 -42.67
N ASN C 685 5.30 -5.85 -42.85
CA ASN C 685 4.62 -5.25 -43.99
C ASN C 685 4.03 -3.89 -43.68
N ASP C 686 4.72 -3.08 -42.87
CA ASP C 686 4.38 -1.70 -42.50
C ASP C 686 2.89 -1.50 -42.21
N MET C 687 2.38 -2.17 -41.19
CA MET C 687 1.00 -1.98 -40.76
C MET C 687 0.88 -0.70 -39.94
N VAL C 688 -0.28 -0.50 -39.30
CA VAL C 688 -0.53 0.73 -38.56
C VAL C 688 0.18 0.77 -37.21
N ASP C 689 0.95 -0.26 -36.86
CA ASP C 689 1.66 -0.39 -35.59
C ASP C 689 0.72 -0.42 -34.39
N ASP C 690 -0.58 -0.60 -34.62
CA ASP C 690 -1.53 -0.93 -33.58
C ASP C 690 -2.03 -2.36 -33.66
N ILE C 691 -2.14 -2.88 -34.88
CA ILE C 691 -2.43 -4.31 -35.07
C ILE C 691 -1.32 -5.15 -34.47
N SER C 692 -0.06 -4.74 -34.67
CA SER C 692 1.07 -5.47 -34.09
C SER C 692 1.02 -5.45 -32.57
N GLN C 693 0.67 -4.30 -31.97
CA GLN C 693 0.55 -4.22 -30.52
C GLN C 693 -0.57 -5.10 -30.00
N GLU C 694 -1.72 -5.12 -30.71
CA GLU C 694 -2.82 -5.99 -30.29
C GLU C 694 -2.42 -7.46 -30.38
N LEU C 695 -1.72 -7.84 -31.45
CA LEU C 695 -1.29 -9.22 -31.60
C LEU C 695 -0.29 -9.62 -30.53
N ASN C 696 0.63 -8.70 -30.17
CA ASN C 696 1.57 -8.98 -29.10
C ASN C 696 0.85 -9.13 -27.76
N HIS C 697 -0.17 -8.30 -27.52
CA HIS C 697 -0.94 -8.43 -26.29
C HIS C 697 -1.69 -9.76 -26.25
N ASN C 698 -2.24 -10.19 -27.39
CA ASN C 698 -2.90 -11.50 -27.44
C ASN C 698 -1.92 -12.63 -27.17
N SER C 699 -0.71 -12.53 -27.74
CA SER C 699 0.31 -13.55 -27.48
C SER C 699 0.68 -13.59 -26.00
N ARG C 700 0.83 -12.42 -25.38
CA ARG C 700 1.14 -12.39 -23.95
C ARG C 700 0.01 -13.00 -23.12
N ASP C 701 -1.23 -12.69 -23.48
CA ASP C 701 -2.37 -13.24 -22.75
C ASP C 701 -2.41 -14.77 -22.84
N PHE C 702 -2.21 -15.31 -24.04
CA PHE C 702 -2.24 -16.77 -24.18
C PHE C 702 -1.05 -17.42 -23.47
N GLY C 703 0.12 -16.79 -23.52
CA GLY C 703 1.26 -17.32 -22.79
C GLY C 703 1.04 -17.34 -21.30
N GLN C 704 0.45 -16.27 -20.75
CA GLN C 704 0.16 -16.23 -19.33
C GLN C 704 -0.89 -17.27 -18.95
N LEU C 705 -1.88 -17.49 -19.82
CA LEU C 705 -2.86 -18.55 -19.58
C LEU C 705 -2.18 -19.91 -19.52
N ALA C 706 -1.27 -20.19 -20.45
CA ALA C 706 -0.55 -21.47 -20.45
C ALA C 706 0.29 -21.63 -19.19
N VAL C 707 0.97 -20.56 -18.77
CA VAL C 707 1.80 -20.63 -17.57
C VAL C 707 0.96 -20.90 -16.33
N GLU C 708 -0.18 -20.21 -16.21
CA GLU C 708 -1.04 -20.40 -15.04
C GLU C 708 -1.67 -21.79 -15.03
N LEU C 709 -2.05 -22.30 -16.20
CA LEU C 709 -2.57 -23.66 -16.26
C LEU C 709 -1.51 -24.68 -15.88
N LEU C 710 -0.26 -24.48 -16.33
CA LEU C 710 0.83 -25.37 -15.92
C LEU C 710 1.06 -25.30 -14.42
N ASP C 711 1.00 -24.10 -13.84
CA ASP C 711 1.19 -23.96 -12.40
C ASP C 711 0.09 -24.69 -11.63
N GLN C 712 -1.17 -24.54 -12.07
CA GLN C 712 -2.27 -25.24 -11.41
C GLN C 712 -2.11 -26.75 -11.52
N SER C 713 -1.74 -27.24 -12.71
CA SER C 713 -1.56 -28.68 -12.90
C SER C 713 -0.45 -29.23 -12.03
N TYR C 714 0.68 -28.51 -11.94
CA TYR C 714 1.78 -28.96 -11.10
C TYR C 714 1.42 -28.91 -9.62
N LYS C 715 0.66 -27.90 -9.20
CA LYS C 715 0.26 -27.81 -7.81
C LYS C 715 -0.73 -28.90 -7.44
N GLN C 716 -1.56 -29.34 -8.38
CA GLN C 716 -2.53 -30.38 -8.08
C GLN C 716 -1.88 -31.76 -8.02
N ASP C 717 -1.26 -32.19 -9.12
CA ASP C 717 -0.61 -33.49 -9.19
C ASP C 717 0.65 -33.37 -10.03
N GLU C 718 1.77 -33.87 -9.50
CA GLU C 718 3.06 -33.66 -10.16
C GLU C 718 3.31 -34.68 -11.27
N GLN C 719 3.03 -35.97 -11.01
CA GLN C 719 3.30 -37.00 -11.99
C GLN C 719 2.43 -36.82 -13.24
N LEU C 720 1.15 -36.51 -13.04
CA LEU C 720 0.28 -36.24 -14.18
C LEU C 720 0.67 -34.95 -14.89
N ALA C 721 1.20 -33.96 -14.16
CA ALA C 721 1.69 -32.75 -14.80
C ALA C 721 2.88 -33.05 -15.70
N MET C 722 3.81 -33.90 -15.25
CA MET C 722 4.93 -34.27 -16.10
C MET C 722 4.50 -35.13 -17.27
N LYS C 723 3.50 -35.99 -17.07
CA LYS C 723 2.95 -36.77 -18.18
C LYS C 723 2.23 -35.89 -19.18
N LEU C 724 1.68 -34.76 -18.73
CA LEU C 724 0.95 -33.86 -19.62
C LEU C 724 1.88 -33.09 -20.55
N LEU C 725 3.12 -32.87 -20.13
CA LEU C 725 4.07 -32.06 -20.89
C LEU C 725 4.85 -32.85 -21.93
N THR C 726 4.78 -34.19 -21.92
CA THR C 726 5.63 -35.00 -22.79
C THR C 726 4.88 -35.94 -23.71
N TYR C 727 3.56 -36.06 -23.60
CA TYR C 727 2.84 -37.01 -24.44
C TYR C 727 2.61 -36.42 -25.83
N GLU C 728 2.72 -37.29 -26.83
CA GLU C 728 2.64 -36.86 -28.22
C GLU C 728 1.24 -36.38 -28.56
N LEU C 729 1.16 -35.25 -29.27
CA LEU C 729 -0.11 -34.65 -29.67
C LEU C 729 -0.38 -35.02 -31.13
N LYS C 730 -1.37 -35.87 -31.36
CA LYS C 730 -1.69 -36.29 -32.71
C LYS C 730 -2.29 -35.17 -33.54
N ASN C 731 -3.03 -34.26 -32.89
CA ASN C 731 -3.71 -33.19 -33.60
C ASN C 731 -2.81 -32.00 -33.92
N TRP C 732 -1.62 -31.93 -33.34
CA TRP C 732 -0.75 -30.77 -33.52
C TRP C 732 0.60 -31.16 -34.14
N SER C 733 0.56 -31.96 -35.21
CA SER C 733 1.73 -32.32 -36.00
C SER C 733 2.77 -33.10 -35.20
N ASN C 734 2.31 -33.89 -34.23
CA ASN C 734 3.17 -34.78 -33.43
C ASN C 734 4.30 -34.02 -32.76
N ALA C 735 3.91 -33.11 -31.85
CA ALA C 735 4.86 -32.32 -31.09
C ALA C 735 4.35 -32.17 -29.66
N THR C 736 5.25 -32.32 -28.70
CA THR C 736 4.90 -32.21 -27.29
C THR C 736 4.73 -30.74 -26.90
N CYS C 737 4.22 -30.52 -25.69
CA CYS C 737 4.04 -29.16 -25.20
C CYS C 737 5.37 -28.46 -24.96
N LEU C 738 6.41 -29.21 -24.59
CA LEU C 738 7.74 -28.62 -24.45
C LEU C 738 8.24 -28.05 -25.76
N GLN C 739 8.06 -28.80 -26.85
CA GLN C 739 8.50 -28.31 -28.16
C GLN C 739 7.69 -27.12 -28.61
N LEU C 740 6.39 -27.10 -28.30
CA LEU C 740 5.55 -25.95 -28.64
C LEU C 740 5.96 -24.71 -27.85
N ALA C 741 6.34 -24.88 -26.58
CA ALA C 741 6.77 -23.75 -25.77
C ALA C 741 8.14 -23.26 -26.19
N VAL C 742 9.03 -24.17 -26.60
CA VAL C 742 10.36 -23.77 -27.04
C VAL C 742 10.28 -23.06 -28.38
N ALA C 743 9.45 -23.57 -29.30
CA ALA C 743 9.30 -22.93 -30.61
C ALA C 743 8.68 -21.55 -30.51
N ALA C 744 8.00 -21.24 -29.41
CA ALA C 744 7.44 -19.91 -29.19
C ALA C 744 8.34 -19.02 -28.36
N LYS C 745 9.54 -19.49 -28.01
CA LYS C 745 10.49 -18.74 -27.17
C LYS C 745 9.84 -18.28 -25.86
N HIS C 746 9.05 -19.17 -25.26
CA HIS C 746 8.34 -18.86 -24.02
C HIS C 746 9.25 -19.21 -22.86
N ARG C 747 9.99 -18.21 -22.37
CA ARG C 747 10.99 -18.44 -21.34
C ARG C 747 10.37 -18.65 -19.96
N ASP C 748 9.18 -18.10 -19.71
CA ASP C 748 8.55 -18.28 -18.41
C ASP C 748 7.89 -19.66 -18.27
N PHE C 749 7.74 -20.39 -19.38
CA PHE C 749 7.18 -21.74 -19.29
C PHE C 749 8.25 -22.77 -19.01
N ILE C 750 9.38 -22.69 -19.72
CA ILE C 750 10.47 -23.64 -19.50
C ILE C 750 11.18 -23.40 -18.17
N ALA C 751 11.10 -22.19 -17.61
CA ALA C 751 11.73 -21.90 -16.35
C ALA C 751 10.89 -22.29 -15.14
N HIS C 752 9.69 -22.82 -15.36
CA HIS C 752 8.84 -23.25 -14.26
C HIS C 752 9.45 -24.48 -13.58
N THR C 753 8.99 -24.73 -12.36
CA THR C 753 9.55 -25.83 -11.57
C THR C 753 9.25 -27.19 -12.20
N CYS C 754 8.04 -27.37 -12.71
CA CYS C 754 7.69 -28.65 -13.35
C CYS C 754 8.53 -28.90 -14.59
N SER C 755 8.73 -27.87 -15.41
CA SER C 755 9.53 -28.02 -16.62
C SER C 755 10.98 -28.33 -16.27
N GLN C 756 11.52 -27.68 -15.22
CA GLN C 756 12.89 -27.94 -14.81
C GLN C 756 13.06 -29.34 -14.25
N MET C 757 12.08 -29.83 -13.48
CA MET C 757 12.14 -31.20 -12.99
C MET C 757 12.06 -32.20 -14.13
N LEU C 758 11.19 -31.95 -15.11
CA LEU C 758 11.09 -32.82 -16.27
C LEU C 758 12.39 -32.82 -17.06
N LEU C 759 13.01 -31.66 -17.21
CA LEU C 759 14.28 -31.57 -17.91
C LEU C 759 15.39 -32.30 -17.15
N THR C 760 15.37 -32.21 -15.82
CA THR C 760 16.35 -32.96 -15.02
C THR C 760 16.17 -34.46 -15.19
N ASP C 761 14.92 -34.93 -15.17
CA ASP C 761 14.65 -36.36 -15.38
C ASP C 761 15.09 -36.80 -16.77
N MET C 762 14.85 -35.96 -17.78
CA MET C 762 15.27 -36.28 -19.14
C MET C 762 16.79 -36.26 -19.28
N TRP C 763 17.46 -35.39 -18.52
CA TRP C 763 18.91 -35.27 -18.58
C TRP C 763 19.61 -36.42 -17.86
N MET C 764 19.02 -36.93 -16.77
CA MET C 764 19.63 -38.02 -16.03
C MET C 764 19.55 -39.34 -16.77
N GLY C 765 18.69 -39.45 -17.77
CA GLY C 765 18.60 -40.68 -18.54
C GLY C 765 17.75 -41.71 -17.81
N ARG C 766 18.22 -42.96 -17.83
CA ARG C 766 17.53 -44.07 -17.17
C ARG C 766 18.18 -44.44 -15.85
N LEU C 767 18.69 -43.46 -15.12
CA LEU C 767 19.38 -43.65 -13.85
C LEU C 767 18.56 -43.03 -12.73
N ARG C 768 18.93 -43.36 -11.48
CA ARG C 768 18.20 -42.88 -10.32
C ARG C 768 19.14 -42.27 -9.28
N MET C 769 20.38 -41.98 -9.65
CA MET C 769 21.35 -41.39 -8.72
C MET C 769 21.11 -39.88 -8.68
N ARG C 770 20.48 -39.42 -7.60
CA ARG C 770 20.15 -38.01 -7.45
C ARG C 770 20.79 -37.36 -6.24
N LYS C 771 21.23 -38.14 -5.24
CA LYS C 771 21.81 -37.55 -4.03
C LYS C 771 23.14 -36.86 -4.34
N ASN C 772 24.04 -37.56 -5.03
CA ASN C 772 25.35 -37.00 -5.38
C ASN C 772 25.71 -37.50 -6.78
N SER C 773 25.38 -36.70 -7.79
CA SER C 773 25.66 -37.05 -9.17
C SER C 773 26.98 -36.41 -9.62
N GLY C 774 27.42 -36.79 -10.82
CA GLY C 774 28.65 -36.26 -11.36
C GLY C 774 29.86 -37.09 -11.00
N LEU C 775 30.11 -37.25 -9.70
CA LEU C 775 31.24 -38.07 -9.25
C LEU C 775 31.04 -39.54 -9.63
N LYS C 776 29.82 -40.06 -9.45
CA LYS C 776 29.55 -41.45 -9.82
C LYS C 776 29.64 -41.65 -11.33
N VAL C 777 29.21 -40.66 -12.11
CA VAL C 777 29.34 -40.76 -13.56
C VAL C 777 30.80 -40.81 -13.97
N ILE C 778 31.64 -39.96 -13.35
CA ILE C 778 33.07 -39.97 -13.65
C ILE C 778 33.68 -41.32 -13.26
N LEU C 779 33.34 -41.83 -12.09
CA LEU C 779 33.87 -43.10 -11.62
C LEU C 779 33.32 -44.30 -12.38
N GLY C 780 32.24 -44.13 -13.13
CA GLY C 780 31.75 -45.20 -13.96
C GLY C 780 32.33 -45.13 -15.36
N ILE C 781 32.66 -43.91 -15.80
CA ILE C 781 33.35 -43.75 -17.08
C ILE C 781 34.79 -44.23 -16.98
N LEU C 782 35.48 -43.89 -15.89
CA LEU C 782 36.88 -44.28 -15.76
C LEU C 782 37.03 -45.79 -15.58
N LEU C 783 36.24 -46.39 -14.69
CA LEU C 783 36.26 -47.84 -14.49
C LEU C 783 34.89 -48.42 -14.84
N PRO C 784 34.73 -49.04 -16.00
CA PRO C 784 33.44 -49.61 -16.40
C PRO C 784 32.90 -50.67 -15.44
N PRO C 785 33.75 -51.43 -14.71
CA PRO C 785 33.17 -52.31 -13.68
C PRO C 785 32.37 -51.60 -12.60
N SER C 786 32.62 -50.32 -12.35
CA SER C 786 31.86 -49.58 -11.35
C SER C 786 30.44 -49.26 -11.79
N ILE C 787 30.09 -49.50 -13.06
CA ILE C 787 28.76 -49.16 -13.57
C ILE C 787 27.69 -50.01 -12.89
N LEU C 788 27.95 -51.31 -12.74
CA LEU C 788 26.91 -52.24 -12.31
C LEU C 788 26.44 -52.01 -10.88
N SER C 789 27.19 -51.24 -10.08
CA SER C 789 26.74 -50.87 -8.74
C SER C 789 26.00 -49.54 -8.76
N LEU C 790 25.00 -49.43 -9.63
CA LEU C 790 24.19 -48.23 -9.77
C LEU C 790 22.73 -48.62 -9.93
N GLU C 791 21.85 -47.92 -9.22
CA GLU C 791 20.42 -48.17 -9.33
C GLU C 791 19.88 -47.57 -10.62
N PHE C 792 18.93 -48.26 -11.24
CA PHE C 792 18.32 -47.85 -12.49
C PHE C 792 16.81 -47.68 -12.28
N LYS C 793 16.13 -47.30 -13.36
CA LYS C 793 14.68 -47.12 -13.35
C LYS C 793 14.02 -48.19 -14.21
N ASN C 794 12.92 -48.74 -13.71
CA ASN C 794 12.22 -49.83 -14.37
C ASN C 794 11.62 -49.39 -15.70
N GLY C 861 25.25 -56.52 -19.46
CA GLY C 861 24.40 -56.74 -20.62
C GLY C 861 23.73 -55.47 -21.10
N ARG C 862 22.47 -55.27 -20.71
CA ARG C 862 21.73 -54.08 -21.09
C ARG C 862 21.98 -52.91 -20.15
N LYS C 863 22.63 -53.14 -19.01
CA LYS C 863 22.94 -52.06 -18.08
C LYS C 863 24.10 -51.19 -18.55
N ILE C 864 24.85 -51.63 -19.54
CA ILE C 864 25.95 -50.83 -20.09
C ILE C 864 25.45 -49.93 -21.23
N TYR C 865 24.65 -50.49 -22.14
CA TYR C 865 24.05 -49.69 -23.19
C TYR C 865 23.11 -48.64 -22.61
N GLU C 866 22.47 -48.94 -21.48
CA GLU C 866 21.60 -47.97 -20.83
C GLU C 866 22.41 -46.89 -20.11
N PHE C 867 23.60 -47.24 -19.62
CA PHE C 867 24.44 -46.26 -18.94
C PHE C 867 25.11 -45.32 -19.92
N TYR C 868 25.62 -45.86 -21.04
CA TYR C 868 26.41 -45.04 -21.95
C TYR C 868 25.58 -44.24 -22.95
N ASN C 869 24.26 -44.33 -22.88
CA ASN C 869 23.39 -43.54 -23.74
C ASN C 869 22.66 -42.44 -23.00
N ALA C 870 22.91 -42.27 -21.70
CA ALA C 870 22.34 -41.16 -20.96
C ALA C 870 23.03 -39.85 -21.38
N PRO C 871 22.29 -38.74 -21.41
CA PRO C 871 22.91 -37.46 -21.79
C PRO C 871 24.02 -37.01 -20.86
N ILE C 872 23.90 -37.27 -19.55
CA ILE C 872 24.91 -36.81 -18.60
C ILE C 872 26.21 -37.56 -18.80
N VAL C 873 26.13 -38.85 -19.09
CA VAL C 873 27.34 -39.65 -19.33
C VAL C 873 28.03 -39.19 -20.61
N LYS C 874 27.26 -38.90 -21.66
CA LYS C 874 27.84 -38.35 -22.88
C LYS C 874 28.51 -37.01 -22.61
N PHE C 875 27.86 -36.15 -21.82
CA PHE C 875 28.43 -34.85 -21.51
C PHE C 875 29.75 -34.98 -20.75
N TRP C 876 29.81 -35.87 -19.76
CA TRP C 876 31.05 -36.05 -19.02
C TRP C 876 32.14 -36.69 -19.86
N PHE C 877 31.77 -37.60 -20.76
CA PHE C 877 32.75 -38.17 -21.68
C PHE C 877 33.35 -37.08 -22.58
N TYR C 878 32.49 -36.23 -23.13
CA TYR C 878 32.97 -35.12 -23.95
C TYR C 878 33.84 -34.16 -23.15
N THR C 879 33.46 -33.89 -21.90
CA THR C 879 34.22 -32.98 -21.06
C THR C 879 35.61 -33.53 -20.76
N LEU C 880 35.71 -34.81 -20.42
CA LEU C 880 37.02 -35.42 -20.18
C LEU C 880 37.87 -35.43 -21.43
N ALA C 881 37.26 -35.72 -22.58
CA ALA C 881 38.01 -35.68 -23.84
C ALA C 881 38.52 -34.27 -24.12
N TYR C 882 37.71 -33.25 -23.87
CA TYR C 882 38.14 -31.87 -24.09
C TYR C 882 39.27 -31.48 -23.13
N ILE C 883 39.20 -31.94 -21.89
CA ILE C 883 40.27 -31.67 -20.93
C ILE C 883 41.58 -32.29 -21.40
N GLY C 884 41.52 -33.55 -21.85
CA GLY C 884 42.73 -34.19 -22.36
C GLY C 884 43.27 -33.50 -23.60
N TYR C 885 42.38 -33.06 -24.49
CA TYR C 885 42.80 -32.32 -25.68
C TYR C 885 43.48 -31.01 -25.30
N LEU C 886 42.93 -30.30 -24.31
CA LEU C 886 43.56 -29.05 -23.85
C LEU C 886 44.93 -29.33 -23.25
N MET C 887 45.07 -30.41 -22.48
CA MET C 887 46.37 -30.74 -21.92
C MET C 887 47.39 -31.03 -23.03
N LEU C 888 47.01 -31.80 -24.05
CA LEU C 888 47.93 -32.07 -25.14
C LEU C 888 48.28 -30.81 -25.92
N PHE C 889 47.30 -29.94 -26.15
CA PHE C 889 47.55 -28.68 -26.84
C PHE C 889 48.51 -27.80 -26.05
N ASN C 890 48.36 -27.76 -24.72
CA ASN C 890 49.31 -27.04 -23.89
C ASN C 890 50.70 -27.66 -23.96
N TYR C 891 50.78 -28.99 -23.99
CA TYR C 891 52.09 -29.64 -24.04
C TYR C 891 52.81 -29.34 -25.35
N ILE C 892 52.10 -29.36 -26.48
CA ILE C 892 52.80 -29.27 -27.76
C ILE C 892 53.36 -27.88 -28.06
N VAL C 893 52.89 -26.84 -27.37
CA VAL C 893 53.35 -25.48 -27.67
C VAL C 893 54.48 -25.06 -26.74
N LEU C 894 54.47 -25.60 -25.51
CA LEU C 894 55.48 -25.21 -24.53
C LEU C 894 56.84 -25.79 -24.88
N VAL C 895 56.89 -27.07 -25.24
CA VAL C 895 58.15 -27.75 -25.55
C VAL C 895 58.58 -27.39 -26.97
N LYS C 896 59.83 -27.71 -27.29
CA LYS C 896 60.38 -27.38 -28.61
C LYS C 896 59.67 -28.19 -29.69
N MET C 897 59.34 -27.54 -30.80
CA MET C 897 58.67 -28.17 -31.92
C MET C 897 59.70 -28.62 -32.95
N GLU C 898 59.65 -29.90 -33.32
CA GLU C 898 60.62 -30.49 -34.22
C GLU C 898 60.18 -30.31 -35.67
N ARG C 899 60.90 -30.93 -36.60
CA ARG C 899 60.59 -30.79 -38.01
C ARG C 899 59.25 -31.43 -38.36
N TRP C 900 58.96 -32.61 -37.81
CA TRP C 900 57.71 -33.30 -38.08
C TRP C 900 56.90 -33.47 -36.80
N PRO C 901 55.57 -33.48 -36.90
CA PRO C 901 54.74 -33.55 -35.69
C PRO C 901 54.99 -34.81 -34.88
N SER C 902 54.95 -34.65 -33.56
CA SER C 902 55.08 -35.78 -32.64
C SER C 902 53.72 -36.44 -32.45
N THR C 903 53.65 -37.40 -31.53
CA THR C 903 52.40 -38.13 -31.30
C THR C 903 51.30 -37.22 -30.78
N GLN C 904 51.63 -36.36 -29.81
CA GLN C 904 50.63 -35.47 -29.24
C GLN C 904 50.10 -34.49 -30.28
N GLU C 905 50.98 -33.99 -31.16
CA GLU C 905 50.54 -33.09 -32.21
C GLU C 905 49.61 -33.79 -33.19
N TRP C 906 49.89 -35.05 -33.50
CA TRP C 906 48.99 -35.81 -34.37
C TRP C 906 47.65 -36.04 -33.71
N ILE C 907 47.64 -36.30 -32.40
CA ILE C 907 46.38 -36.46 -31.68
C ILE C 907 45.58 -35.16 -31.70
N VAL C 908 46.25 -34.03 -31.52
CA VAL C 908 45.57 -32.72 -31.57
C VAL C 908 44.98 -32.48 -32.96
N ILE C 909 45.75 -32.78 -34.01
CA ILE C 909 45.26 -32.60 -35.37
C ILE C 909 44.07 -33.51 -35.65
N SER C 910 44.12 -34.75 -35.14
CA SER C 910 42.99 -35.65 -35.30
C SER C 910 41.75 -35.13 -34.58
N TYR C 911 41.93 -34.56 -33.38
CA TYR C 911 40.81 -33.96 -32.67
C TYR C 911 40.19 -32.82 -33.48
N ILE C 912 41.03 -31.95 -34.04
CA ILE C 912 40.51 -30.82 -34.81
C ILE C 912 39.77 -31.32 -36.05
N PHE C 913 40.35 -32.30 -36.76
CA PHE C 913 39.73 -32.81 -37.98
C PHE C 913 38.40 -33.48 -37.68
N THR C 914 38.34 -34.33 -36.65
CA THR C 914 37.08 -34.98 -36.30
C THR C 914 36.04 -33.98 -35.80
N LEU C 915 36.47 -32.94 -35.09
CA LEU C 915 35.53 -31.89 -34.68
C LEU C 915 34.96 -31.17 -35.89
N GLY C 916 35.79 -30.87 -36.89
CA GLY C 916 35.28 -30.26 -38.10
C GLY C 916 34.31 -31.15 -38.85
N ILE C 917 34.62 -32.45 -38.92
CA ILE C 917 33.70 -33.39 -39.56
C ILE C 917 32.37 -33.45 -38.80
N GLU C 918 32.44 -33.43 -37.47
CA GLU C 918 31.21 -33.42 -36.67
C GLU C 918 30.40 -32.16 -36.90
N LYS C 919 31.07 -31.01 -37.02
CA LYS C 919 30.36 -29.77 -37.33
C LYS C 919 29.68 -29.84 -38.69
N MET C 920 30.36 -30.40 -39.69
CA MET C 920 29.76 -30.57 -41.00
C MET C 920 28.55 -31.51 -40.95
N ARG C 921 28.66 -32.59 -40.17
CA ARG C 921 27.54 -33.52 -40.01
C ARG C 921 26.36 -32.83 -39.34
N GLU C 922 26.62 -31.99 -38.33
CA GLU C 922 25.55 -31.25 -37.66
C GLU C 922 24.91 -30.24 -38.60
N ILE C 923 25.69 -29.63 -39.49
CA ILE C 923 25.14 -28.74 -40.51
C ILE C 923 24.22 -29.51 -41.44
N LEU C 924 24.68 -30.68 -41.92
CA LEU C 924 23.93 -31.41 -42.94
C LEU C 924 22.65 -32.02 -42.40
N MET C 925 22.60 -32.37 -41.11
CA MET C 925 21.44 -33.02 -40.51
C MET C 925 20.56 -32.02 -39.77
N SER C 926 20.46 -30.79 -40.28
CA SER C 926 19.64 -29.77 -39.64
C SER C 926 18.17 -29.97 -40.02
N GLU C 927 17.32 -29.03 -39.63
CA GLU C 927 15.88 -29.14 -39.82
C GLU C 927 15.42 -28.83 -41.25
N PRO C 928 15.83 -27.72 -41.87
CA PRO C 928 15.34 -27.43 -43.22
C PRO C 928 15.94 -28.37 -44.25
N GLY C 929 15.31 -28.39 -45.43
CA GLY C 929 15.75 -29.20 -46.54
C GLY C 929 16.60 -28.49 -47.56
N LYS C 930 16.89 -27.21 -47.37
CA LYS C 930 17.70 -26.44 -48.30
C LYS C 930 19.15 -26.39 -47.81
N LEU C 931 20.08 -26.63 -48.72
CA LEU C 931 21.50 -26.70 -48.36
C LEU C 931 22.10 -25.36 -48.00
N LEU C 932 21.40 -24.25 -48.26
CA LEU C 932 21.88 -22.93 -47.90
C LEU C 932 21.09 -22.30 -46.76
N GLN C 933 19.87 -22.76 -46.51
CA GLN C 933 19.11 -22.33 -45.35
C GLN C 933 19.62 -22.97 -44.07
N LYS C 934 20.13 -24.20 -44.15
CA LYS C 934 20.73 -24.84 -42.99
C LYS C 934 21.99 -24.12 -42.55
N VAL C 935 22.76 -23.59 -43.50
CA VAL C 935 23.98 -22.87 -43.16
C VAL C 935 23.65 -21.57 -42.41
N LYS C 936 22.69 -20.81 -42.92
CA LYS C 936 22.36 -19.53 -42.30
C LYS C 936 21.55 -19.69 -41.02
N VAL C 937 21.02 -20.88 -40.74
CA VAL C 937 20.38 -21.14 -39.45
C VAL C 937 21.34 -21.81 -38.48
N TRP C 938 22.41 -22.44 -38.96
CA TRP C 938 23.48 -22.91 -38.11
C TRP C 938 24.40 -21.77 -37.67
N LEU C 939 24.60 -20.78 -38.53
CA LEU C 939 25.34 -19.58 -38.16
C LEU C 939 24.42 -18.56 -37.49
N GLN C 940 23.69 -19.00 -36.46
CA GLN C 940 22.86 -18.13 -35.63
C GLN C 940 23.43 -17.94 -34.24
N GLU C 941 23.92 -19.00 -33.62
CA GLU C 941 24.67 -18.88 -32.38
C GLU C 941 26.07 -18.34 -32.69
N TYR C 942 26.80 -17.99 -31.64
CA TYR C 942 28.15 -17.48 -31.81
C TYR C 942 29.22 -18.52 -31.52
N TRP C 943 28.94 -19.51 -30.69
CA TRP C 943 29.91 -20.56 -30.39
C TRP C 943 30.19 -21.45 -31.59
N ASN C 944 29.31 -21.49 -32.59
CA ASN C 944 29.54 -22.29 -33.79
C ASN C 944 30.06 -21.46 -34.95
N VAL C 945 30.09 -20.14 -34.82
CA VAL C 945 30.81 -19.29 -35.77
C VAL C 945 32.26 -19.11 -35.33
N THR C 946 32.47 -18.88 -34.03
CA THR C 946 33.82 -18.82 -33.50
C THR C 946 34.55 -20.14 -33.65
N ASP C 947 33.82 -21.26 -33.52
CA ASP C 947 34.44 -22.57 -33.76
C ASP C 947 34.89 -22.71 -35.20
N LEU C 948 34.07 -22.27 -36.16
CA LEU C 948 34.46 -22.33 -37.56
C LEU C 948 35.70 -21.48 -37.83
N ILE C 949 35.72 -20.27 -37.27
CA ILE C 949 36.88 -19.38 -37.47
C ILE C 949 38.13 -20.01 -36.86
N ALA C 950 38.01 -20.58 -35.66
CA ALA C 950 39.16 -21.19 -35.02
C ALA C 950 39.65 -22.42 -35.77
N ILE C 951 38.73 -23.23 -36.31
CA ILE C 951 39.14 -24.41 -37.07
C ILE C 951 39.86 -23.99 -38.35
N LEU C 952 39.36 -22.96 -39.03
CA LEU C 952 40.04 -22.46 -40.22
C LEU C 952 41.42 -21.92 -39.88
N LEU C 953 41.54 -21.18 -38.77
CA LEU C 953 42.82 -20.64 -38.36
C LEU C 953 43.81 -21.76 -38.01
N PHE C 954 43.33 -22.81 -37.33
CA PHE C 954 44.19 -23.93 -37.01
C PHE C 954 44.62 -24.68 -38.26
N SER C 955 43.73 -24.78 -39.25
CA SER C 955 44.10 -25.40 -40.52
C SER C 955 45.19 -24.61 -41.22
N VAL C 956 45.05 -23.28 -41.24
CA VAL C 956 46.08 -22.43 -41.85
C VAL C 956 47.41 -22.59 -41.11
N GLY C 957 47.37 -22.59 -39.78
CA GLY C 957 48.59 -22.75 -39.01
C GLY C 957 49.24 -24.11 -39.18
N MET C 958 48.44 -25.17 -39.33
CA MET C 958 48.98 -26.50 -39.59
C MET C 958 49.59 -26.59 -40.97
N ILE C 959 48.97 -25.96 -41.97
CA ILE C 959 49.54 -25.95 -43.31
C ILE C 959 50.87 -25.21 -43.32
N LEU C 960 50.93 -24.04 -42.67
CA LEU C 960 52.18 -23.29 -42.61
C LEU C 960 53.25 -23.96 -41.78
N ARG C 961 52.86 -24.86 -40.86
CA ARG C 961 53.84 -25.48 -39.98
C ARG C 961 54.72 -26.48 -40.72
N LEU C 962 54.17 -27.18 -41.70
CA LEU C 962 54.90 -28.22 -42.43
C LEU C 962 55.66 -27.61 -43.62
N GLN C 963 56.50 -26.63 -43.30
CA GLN C 963 57.25 -25.89 -44.30
C GLN C 963 58.66 -25.66 -43.74
N ASP C 964 59.39 -24.73 -44.35
CA ASP C 964 60.73 -24.40 -43.87
C ASP C 964 60.65 -23.62 -42.55
N GLN C 965 61.82 -23.19 -42.06
CA GLN C 965 61.91 -22.64 -40.72
C GLN C 965 61.07 -21.38 -40.49
N PRO C 966 61.09 -20.34 -41.35
CA PRO C 966 60.26 -19.17 -41.06
C PRO C 966 58.77 -19.45 -41.10
N PHE C 967 58.31 -20.23 -42.07
CA PHE C 967 56.89 -20.60 -42.10
C PHE C 967 56.53 -21.52 -40.95
N ARG C 968 57.46 -22.37 -40.51
CA ARG C 968 57.23 -23.17 -39.31
C ARG C 968 57.05 -22.29 -38.09
N SER C 969 57.87 -21.24 -37.96
CA SER C 969 57.72 -20.30 -36.86
C SER C 969 56.38 -19.57 -36.94
N ASP C 970 55.97 -19.19 -38.16
CA ASP C 970 54.67 -18.54 -38.33
C ASP C 970 53.52 -19.47 -37.93
N GLY C 971 53.60 -20.74 -38.32
CA GLY C 971 52.58 -21.69 -37.92
C GLY C 971 52.55 -21.92 -36.42
N ARG C 972 53.73 -21.93 -35.79
CA ARG C 972 53.78 -22.05 -34.33
C ARG C 972 53.14 -20.83 -33.67
N VAL C 973 53.37 -19.64 -34.22
CA VAL C 973 52.73 -18.43 -33.68
C VAL C 973 51.22 -18.52 -33.85
N ILE C 974 50.75 -19.09 -34.97
CA ILE C 974 49.32 -19.30 -35.16
C ILE C 974 48.78 -20.24 -34.09
N TYR C 975 49.52 -21.32 -33.78
CA TYR C 975 49.10 -22.22 -32.71
C TYR C 975 49.02 -21.51 -31.37
N CYS C 976 50.03 -20.67 -31.07
CA CYS C 976 50.05 -19.96 -29.79
C CYS C 976 48.92 -18.95 -29.68
N VAL C 977 48.53 -18.34 -30.80
CA VAL C 977 47.36 -17.46 -30.78
C VAL C 977 46.09 -18.30 -30.62
N ASN C 978 46.03 -19.46 -31.26
CA ASN C 978 44.81 -20.26 -31.29
C ASN C 978 44.51 -20.95 -29.97
N ILE C 979 45.53 -21.22 -29.14
CA ILE C 979 45.28 -21.87 -27.85
C ILE C 979 44.42 -21.01 -26.94
N ILE C 980 44.42 -19.69 -27.13
CA ILE C 980 43.64 -18.79 -26.29
C ILE C 980 42.15 -19.06 -26.44
N TYR C 981 41.69 -19.28 -27.68
CA TYR C 981 40.27 -19.53 -27.89
C TYR C 981 39.83 -20.85 -27.28
N TRP C 982 40.66 -21.89 -27.39
CA TRP C 982 40.31 -23.17 -26.79
C TRP C 982 40.38 -23.12 -25.27
N TYR C 983 41.15 -22.18 -24.72
CA TYR C 983 41.09 -21.96 -23.27
C TYR C 983 39.82 -21.23 -22.87
N ILE C 984 39.42 -20.22 -23.66
CA ILE C 984 38.23 -19.45 -23.36
C ILE C 984 36.98 -20.30 -23.50
N ARG C 985 36.99 -21.28 -24.41
CA ARG C 985 35.83 -22.13 -24.64
C ARG C 985 35.50 -23.05 -23.48
N LEU C 986 36.25 -23.00 -22.38
CA LEU C 986 35.87 -23.75 -21.19
C LEU C 986 34.66 -23.15 -20.48
N LEU C 987 34.34 -21.88 -20.77
CA LEU C 987 33.14 -21.28 -20.20
C LEU C 987 31.87 -21.93 -20.74
N ASP C 988 31.92 -22.40 -21.99
CA ASP C 988 30.79 -23.15 -22.54
C ASP C 988 30.56 -24.44 -21.76
N ILE C 989 31.65 -25.12 -21.38
CA ILE C 989 31.51 -26.30 -20.54
C ILE C 989 31.03 -25.92 -19.15
N PHE C 990 31.53 -24.81 -18.60
CA PHE C 990 31.12 -24.33 -17.29
C PHE C 990 29.64 -23.96 -17.23
N GLY C 991 29.05 -23.59 -18.36
CA GLY C 991 27.65 -23.16 -18.39
C GLY C 991 26.65 -24.22 -18.03
N VAL C 992 27.09 -25.45 -17.72
CA VAL C 992 26.15 -26.47 -17.26
C VAL C 992 25.92 -26.35 -15.75
N ASN C 993 26.90 -25.84 -15.00
CA ASN C 993 26.75 -25.65 -13.57
C ASN C 993 25.66 -24.62 -13.28
N LYS C 994 24.95 -24.84 -12.18
CA LYS C 994 23.79 -24.00 -11.85
C LYS C 994 24.20 -22.57 -11.54
N TYR C 995 25.38 -22.36 -10.97
CA TYR C 995 25.81 -21.04 -10.54
C TYR C 995 26.83 -20.38 -11.47
N LEU C 996 27.37 -21.13 -12.43
CA LEU C 996 28.43 -20.59 -13.29
C LEU C 996 27.94 -20.13 -14.66
N GLY C 997 26.71 -20.47 -15.05
CA GLY C 997 26.14 -20.02 -16.31
C GLY C 997 25.64 -18.59 -16.28
N PRO C 998 24.75 -18.28 -15.32
CA PRO C 998 24.28 -16.90 -15.18
C PRO C 998 25.40 -15.88 -14.97
N TYR C 999 26.47 -16.26 -14.26
CA TYR C 999 27.60 -15.35 -14.11
C TYR C 999 28.24 -15.05 -15.47
N VAL C 1000 28.34 -16.06 -16.33
CA VAL C 1000 28.92 -15.86 -17.66
C VAL C 1000 28.03 -14.96 -18.51
N MET C 1001 26.71 -15.12 -18.40
CA MET C 1001 25.81 -14.22 -19.14
C MET C 1001 25.90 -12.78 -18.62
N MET C 1002 26.02 -12.62 -17.30
CA MET C 1002 26.20 -11.28 -16.74
C MET C 1002 27.51 -10.68 -17.25
N ILE C 1003 28.57 -11.48 -17.34
CA ILE C 1003 29.81 -11.02 -17.95
C ILE C 1003 29.58 -10.57 -19.39
N GLY C 1004 28.78 -11.33 -20.13
CA GLY C 1004 28.49 -10.97 -21.51
C GLY C 1004 27.81 -9.62 -21.66
N LYS C 1005 26.92 -9.26 -20.73
CA LYS C 1005 26.27 -7.96 -20.83
C LYS C 1005 27.16 -6.83 -20.29
N MET C 1006 27.85 -7.09 -19.18
CA MET C 1006 28.78 -6.10 -18.65
C MET C 1006 29.92 -5.83 -19.62
N MET C 1007 30.19 -6.72 -20.57
CA MET C 1007 31.18 -6.41 -21.60
C MET C 1007 30.72 -5.25 -22.49
N ILE C 1008 29.45 -5.25 -22.89
CA ILE C 1008 28.93 -4.14 -23.67
C ILE C 1008 28.98 -2.85 -22.85
N ASP C 1009 28.59 -2.93 -21.58
CA ASP C 1009 28.68 -1.75 -20.72
C ASP C 1009 30.12 -1.25 -20.62
N MET C 1010 31.07 -2.18 -20.48
CA MET C 1010 32.48 -1.82 -20.33
C MET C 1010 33.04 -1.16 -21.59
N MET C 1011 32.65 -1.64 -22.77
CA MET C 1011 33.11 -0.99 -24.00
C MET C 1011 32.55 0.43 -24.11
N TYR C 1012 31.25 0.59 -23.79
CA TYR C 1012 30.66 1.92 -23.81
C TYR C 1012 31.37 2.87 -22.86
N PHE C 1013 31.84 2.38 -21.72
CA PHE C 1013 32.62 3.22 -20.81
C PHE C 1013 34.11 3.26 -21.14
N VAL C 1014 34.59 2.41 -22.05
CA VAL C 1014 36.00 2.39 -22.40
C VAL C 1014 36.34 3.36 -23.52
N ILE C 1015 35.36 3.72 -24.35
CA ILE C 1015 35.63 4.68 -25.43
C ILE C 1015 36.14 6.01 -24.87
N ILE C 1016 35.51 6.52 -23.82
CA ILE C 1016 35.89 7.80 -23.25
C ILE C 1016 37.30 7.75 -22.66
N MET C 1017 37.61 6.67 -21.95
CA MET C 1017 38.96 6.51 -21.41
C MET C 1017 39.99 6.45 -22.53
N LEU C 1018 39.63 5.83 -23.67
CA LEU C 1018 40.53 5.81 -24.81
C LEU C 1018 40.78 7.22 -25.33
N VAL C 1019 39.74 8.05 -25.38
CA VAL C 1019 39.91 9.44 -25.83
C VAL C 1019 40.87 10.20 -24.91
N VAL C 1020 40.64 10.09 -23.60
CA VAL C 1020 41.49 10.80 -22.63
C VAL C 1020 42.94 10.31 -22.71
N LEU C 1021 43.11 8.99 -22.82
CA LEU C 1021 44.45 8.42 -22.91
C LEU C 1021 45.18 8.90 -24.16
N MET C 1022 44.48 8.94 -25.30
CA MET C 1022 45.10 9.44 -26.53
C MET C 1022 45.51 10.90 -26.39
N SER C 1023 44.66 11.72 -25.76
CA SER C 1023 45.01 13.12 -25.56
C SER C 1023 46.29 13.26 -24.75
N PHE C 1024 46.35 12.57 -23.60
CA PHE C 1024 47.52 12.67 -22.74
C PHE C 1024 48.77 12.14 -23.42
N GLY C 1025 48.66 11.02 -24.12
CA GLY C 1025 49.83 10.45 -24.79
C GLY C 1025 50.37 11.34 -25.88
N VAL C 1026 49.48 11.91 -26.70
CA VAL C 1026 49.93 12.82 -27.76
C VAL C 1026 50.60 14.04 -27.16
N ALA C 1027 50.01 14.60 -26.10
CA ALA C 1027 50.60 15.79 -25.47
C ALA C 1027 51.99 15.49 -24.92
N ARG C 1028 52.15 14.38 -24.19
CA ARG C 1028 53.45 14.06 -23.62
C ARG C 1028 54.49 13.78 -24.70
N GLN C 1029 54.11 13.01 -25.72
CA GLN C 1029 55.06 12.70 -26.79
C GLN C 1029 55.49 13.94 -27.54
N ALA C 1030 54.56 14.86 -27.79
CA ALA C 1030 54.92 16.09 -28.50
C ALA C 1030 55.77 17.01 -27.64
N ILE C 1031 55.50 17.07 -26.34
CA ILE C 1031 56.27 17.97 -25.47
C ILE C 1031 57.69 17.47 -25.29
N LEU C 1032 57.85 16.18 -25.01
CA LEU C 1032 59.18 15.69 -24.62
C LEU C 1032 60.13 15.55 -25.80
N PHE C 1033 59.64 15.09 -26.96
CA PHE C 1033 60.50 14.77 -28.11
C PHE C 1033 60.10 15.64 -29.30
N PRO C 1034 60.75 16.77 -29.50
CA PRO C 1034 60.39 17.68 -30.60
C PRO C 1034 61.18 17.54 -31.88
N ASN C 1035 62.05 16.53 -32.01
CA ASN C 1035 62.92 16.39 -33.16
C ASN C 1035 62.85 14.96 -33.71
N GLU C 1036 61.64 14.47 -33.92
CA GLU C 1036 61.40 13.10 -34.36
C GLU C 1036 60.98 13.09 -35.82
N GLU C 1037 61.61 12.23 -36.61
CA GLU C 1037 61.19 11.99 -37.97
C GLU C 1037 59.90 11.18 -37.99
N PRO C 1038 59.12 11.26 -39.08
CA PRO C 1038 57.89 10.47 -39.14
C PRO C 1038 58.17 8.98 -39.24
N SER C 1039 57.90 8.26 -38.15
CA SER C 1039 58.10 6.82 -38.09
C SER C 1039 56.95 6.20 -37.33
N TRP C 1040 56.71 4.90 -37.59
CA TRP C 1040 55.61 4.19 -36.97
C TRP C 1040 55.80 4.01 -35.46
N LYS C 1041 57.01 4.25 -34.94
CA LYS C 1041 57.20 4.23 -33.49
C LYS C 1041 56.49 5.40 -32.81
N LEU C 1042 56.17 6.46 -33.54
CA LEU C 1042 55.39 7.55 -32.98
C LEU C 1042 53.98 7.11 -32.61
N ALA C 1043 53.41 6.17 -33.35
CA ALA C 1043 52.08 5.65 -33.03
C ALA C 1043 52.10 4.64 -31.89
N LYS C 1044 53.28 4.19 -31.47
CA LYS C 1044 53.39 3.24 -30.38
C LYS C 1044 53.53 3.93 -29.03
N ASN C 1045 54.24 5.05 -28.96
CA ASN C 1045 54.45 5.75 -27.70
C ASN C 1045 53.21 6.46 -27.20
N ILE C 1046 52.22 6.68 -28.07
CA ILE C 1046 50.99 7.35 -27.67
C ILE C 1046 50.14 6.45 -26.78
N PHE C 1047 50.05 5.17 -27.12
CA PHE C 1047 49.15 4.25 -26.45
C PHE C 1047 49.83 3.44 -25.35
N TYR C 1048 51.10 3.08 -25.53
CA TYR C 1048 51.78 2.13 -24.66
C TYR C 1048 51.87 2.60 -23.22
N MET C 1049 52.65 3.66 -23.00
CA MET C 1049 52.94 4.16 -21.66
C MET C 1049 51.71 4.70 -20.94
N PRO C 1050 50.86 5.52 -21.57
CA PRO C 1050 49.63 5.94 -20.86
C PRO C 1050 48.72 4.79 -20.48
N TYR C 1051 48.69 3.71 -21.27
CA TYR C 1051 47.85 2.58 -20.90
C TYR C 1051 48.45 1.79 -19.75
N TRP C 1052 49.77 1.58 -19.75
CA TRP C 1052 50.36 0.91 -18.60
C TRP C 1052 50.39 1.78 -17.36
N MET C 1053 50.22 3.10 -17.51
CA MET C 1053 50.28 3.99 -16.36
C MET C 1053 49.07 3.83 -15.44
N ILE C 1054 47.88 3.58 -16.01
CA ILE C 1054 46.67 3.53 -15.20
C ILE C 1054 46.47 2.19 -14.51
N TYR C 1055 47.37 1.21 -14.74
CA TYR C 1055 47.29 -0.07 -14.07
C TYR C 1055 48.36 -0.22 -13.00
N GLY C 1056 48.69 0.88 -12.32
CA GLY C 1056 49.62 0.85 -11.22
C GLY C 1056 51.08 0.98 -11.58
N GLU C 1057 51.42 1.01 -12.86
CA GLU C 1057 52.82 1.18 -13.27
C GLU C 1057 53.17 2.65 -13.50
N VAL C 1058 52.89 3.49 -12.50
CA VAL C 1058 53.24 4.90 -12.58
C VAL C 1058 54.71 5.06 -12.25
N PHE C 1059 55.46 5.70 -13.14
CA PHE C 1059 56.87 5.99 -12.92
C PHE C 1059 57.08 7.49 -12.88
N ALA C 1060 58.24 7.90 -12.36
CA ALA C 1060 58.60 9.30 -12.27
C ALA C 1060 59.82 9.67 -13.09
N ASP C 1061 60.66 8.71 -13.47
CA ASP C 1061 61.81 8.97 -14.33
C ASP C 1061 61.53 8.65 -15.79
N GLN C 1062 60.69 7.66 -16.07
CA GLN C 1062 60.34 7.34 -17.46
C GLN C 1062 59.51 8.45 -18.09
N ILE C 1063 58.62 9.07 -17.32
CA ILE C 1063 57.83 10.20 -17.77
C ILE C 1063 58.22 11.41 -16.93
N ASP C 1064 58.43 12.55 -17.60
CA ASP C 1064 59.02 13.76 -17.02
C ASP C 1064 60.35 13.42 -16.37
N PRO C 1065 61.39 13.13 -17.16
CA PRO C 1065 62.70 12.77 -16.59
C PRO C 1065 63.33 13.97 -15.89
N PRO C 1066 64.22 13.72 -14.92
CA PRO C 1066 64.85 14.84 -14.22
C PRO C 1066 65.86 15.58 -15.09
N CYS C 1067 65.35 16.45 -15.96
CA CYS C 1067 66.20 17.22 -16.86
C CYS C 1067 66.59 18.55 -16.23
N GLN C 1080 76.66 18.17 -16.87
CA GLN C 1080 76.29 16.89 -16.28
C GLN C 1080 74.82 16.57 -16.57
N LEU C 1081 73.91 17.31 -15.95
CA LEU C 1081 72.49 17.08 -16.14
C LEU C 1081 72.09 17.41 -17.58
N PRO C 1082 71.20 16.63 -18.17
CA PRO C 1082 70.78 16.89 -19.56
C PRO C 1082 70.01 18.19 -19.67
N PRO C 1083 70.03 18.83 -20.84
CA PRO C 1083 69.25 20.07 -21.01
C PRO C 1083 67.76 19.84 -20.87
N CYS C 1084 67.08 20.84 -20.32
CA CYS C 1084 65.65 20.78 -20.08
C CYS C 1084 64.89 21.23 -21.32
N LYS C 1085 63.92 20.42 -21.74
CA LYS C 1085 63.12 20.77 -22.90
C LYS C 1085 62.17 21.92 -22.57
N THR C 1086 61.77 22.65 -23.60
CA THR C 1086 60.88 23.78 -23.42
C THR C 1086 59.48 23.29 -23.05
N GLY C 1087 58.95 23.81 -21.94
CA GLY C 1087 57.64 23.40 -21.48
C GLY C 1087 57.59 22.01 -20.89
N ALA C 1088 58.71 21.50 -20.39
CA ALA C 1088 58.77 20.16 -19.84
C ALA C 1088 58.15 20.06 -18.45
N TRP C 1089 57.78 21.18 -17.83
CA TRP C 1089 57.16 21.16 -16.51
C TRP C 1089 55.66 20.91 -16.56
N ILE C 1090 55.06 20.87 -17.75
CA ILE C 1090 53.62 20.65 -17.86
C ILE C 1090 53.27 19.17 -17.79
N VAL C 1091 54.23 18.29 -18.11
CA VAL C 1091 53.93 16.86 -18.14
C VAL C 1091 53.49 16.31 -16.80
N PRO C 1092 54.14 16.62 -15.66
CA PRO C 1092 53.60 16.12 -14.39
C PRO C 1092 52.21 16.63 -14.06
N ALA C 1093 51.87 17.88 -14.41
CA ALA C 1093 50.53 18.39 -14.15
C ALA C 1093 49.49 17.67 -15.01
N ILE C 1094 49.81 17.46 -16.29
CA ILE C 1094 48.90 16.74 -17.17
C ILE C 1094 48.74 15.30 -16.69
N MET C 1095 49.83 14.67 -16.23
CA MET C 1095 49.73 13.32 -15.69
C MET C 1095 48.87 13.28 -14.43
N ALA C 1096 49.00 14.29 -13.56
CA ALA C 1096 48.18 14.34 -12.37
C ALA C 1096 46.69 14.44 -12.71
N CYS C 1097 46.35 15.34 -13.62
CA CYS C 1097 44.96 15.49 -14.03
C CYS C 1097 44.44 14.22 -14.70
N TYR C 1098 45.27 13.60 -15.55
CA TYR C 1098 44.87 12.40 -16.26
C TYR C 1098 44.66 11.22 -15.31
N LEU C 1099 45.53 11.05 -14.32
CA LEU C 1099 45.35 10.00 -13.33
C LEU C 1099 44.12 10.26 -12.48
N LEU C 1100 43.87 11.51 -12.10
CA LEU C 1100 42.68 11.83 -11.31
C LEU C 1100 41.41 11.51 -12.09
N VAL C 1101 41.39 11.84 -13.38
CA VAL C 1101 40.21 11.56 -14.19
C VAL C 1101 40.03 10.06 -14.42
N ALA C 1102 41.13 9.36 -14.74
CA ALA C 1102 41.01 7.97 -15.16
C ALA C 1102 40.78 7.02 -13.99
N ASN C 1103 41.42 7.27 -12.84
CA ASN C 1103 41.40 6.31 -11.74
C ASN C 1103 40.44 6.67 -10.61
N ILE C 1104 39.83 7.84 -10.63
CA ILE C 1104 38.95 8.24 -9.54
C ILE C 1104 37.54 8.49 -10.04
N LEU C 1105 37.42 8.92 -11.30
CA LEU C 1105 36.13 9.31 -11.86
C LEU C 1105 35.49 8.23 -12.71
N LEU C 1106 36.17 7.84 -13.80
CA LEU C 1106 35.55 6.94 -14.77
C LEU C 1106 35.36 5.54 -14.20
N VAL C 1107 36.37 5.03 -13.47
CA VAL C 1107 36.26 3.68 -12.94
C VAL C 1107 35.21 3.60 -11.83
N ASN C 1108 35.12 4.65 -11.01
CA ASN C 1108 34.08 4.68 -9.97
C ASN C 1108 32.69 4.81 -10.59
N LEU C 1109 32.55 5.59 -11.66
CA LEU C 1109 31.27 5.68 -12.34
C LEU C 1109 30.90 4.34 -12.99
N LEU C 1110 31.89 3.63 -13.52
CA LEU C 1110 31.63 2.30 -14.08
C LEU C 1110 31.23 1.32 -12.98
N ILE C 1111 31.84 1.43 -11.80
CA ILE C 1111 31.43 0.60 -10.67
C ILE C 1111 29.98 0.89 -10.30
N ALA C 1112 29.59 2.16 -10.27
CA ALA C 1112 28.20 2.52 -9.98
C ALA C 1112 27.26 1.98 -11.04
N VAL C 1113 27.65 2.05 -12.31
CA VAL C 1113 26.81 1.54 -13.39
C VAL C 1113 26.63 0.03 -13.28
N PHE C 1114 27.71 -0.70 -13.00
CA PHE C 1114 27.58 -2.15 -12.79
C PHE C 1114 26.74 -2.46 -11.56
N ASN C 1115 26.82 -1.61 -10.53
CA ASN C 1115 26.12 -1.90 -9.28
C ASN C 1115 24.63 -1.66 -9.40
N ASN C 1116 24.22 -0.58 -10.06
CA ASN C 1116 22.81 -0.22 -10.09
C ASN C 1116 22.03 -0.93 -11.19
N THR C 1117 22.70 -1.68 -12.06
CA THR C 1117 22.01 -2.44 -13.10
C THR C 1117 22.33 -3.92 -12.98
N PHE C 1118 22.31 -4.46 -11.76
CA PHE C 1118 22.69 -5.85 -11.52
C PHE C 1118 21.50 -6.77 -11.29
N PHE C 1119 20.43 -6.26 -10.68
CA PHE C 1119 19.27 -7.11 -10.35
C PHE C 1119 18.57 -7.58 -11.61
N GLU C 1120 18.30 -6.67 -12.55
CA GLU C 1120 17.62 -7.04 -13.78
C GLU C 1120 18.46 -7.99 -14.62
N VAL C 1121 19.77 -7.71 -14.71
CA VAL C 1121 20.67 -8.58 -15.47
C VAL C 1121 20.72 -9.97 -14.84
N LYS C 1122 20.74 -10.04 -13.51
CA LYS C 1122 20.78 -11.33 -12.82
C LYS C 1122 19.51 -12.13 -13.10
N SER C 1123 18.35 -11.48 -12.99
CA SER C 1123 17.09 -12.19 -13.23
C SER C 1123 16.99 -12.67 -14.68
N ILE C 1124 17.35 -11.80 -15.63
CA ILE C 1124 17.29 -12.17 -17.04
C ILE C 1124 18.24 -13.31 -17.34
N SER C 1125 19.45 -13.28 -16.76
CA SER C 1125 20.41 -14.36 -16.98
C SER C 1125 19.91 -15.68 -16.41
N ASN C 1126 19.30 -15.66 -15.22
CA ASN C 1126 18.75 -16.88 -14.67
C ASN C 1126 17.65 -17.45 -15.55
N GLN C 1127 16.74 -16.60 -16.03
CA GLN C 1127 15.65 -17.07 -16.89
C GLN C 1127 16.20 -17.63 -18.21
N VAL C 1128 17.18 -16.95 -18.80
CA VAL C 1128 17.73 -17.40 -20.08
C VAL C 1128 18.47 -18.72 -19.91
N TRP C 1129 19.22 -18.88 -18.82
CA TRP C 1129 19.92 -20.15 -18.59
C TRP C 1129 18.94 -21.30 -18.38
N LYS C 1130 17.89 -21.06 -17.57
CA LYS C 1130 16.87 -22.09 -17.38
C LYS C 1130 16.11 -22.39 -18.66
N PHE C 1131 16.04 -21.45 -19.59
CA PHE C 1131 15.45 -21.74 -20.89
C PHE C 1131 16.38 -22.57 -21.76
N GLN C 1132 17.67 -22.24 -21.77
CA GLN C 1132 18.64 -22.91 -22.63
C GLN C 1132 19.05 -24.30 -22.13
N ARG C 1133 18.69 -24.64 -20.88
CA ARG C 1133 18.90 -26.01 -20.41
C ARG C 1133 18.26 -27.03 -21.35
N TYR C 1134 17.09 -26.71 -21.90
CA TYR C 1134 16.41 -27.62 -22.82
C TYR C 1134 17.25 -27.87 -24.07
N GLN C 1135 17.81 -26.81 -24.65
CA GLN C 1135 18.64 -26.97 -25.84
C GLN C 1135 19.90 -27.77 -25.52
N LEU C 1136 20.49 -27.53 -24.34
CA LEU C 1136 21.65 -28.31 -23.92
C LEU C 1136 21.30 -29.80 -23.84
N ILE C 1137 20.19 -30.12 -23.19
CA ILE C 1137 19.80 -31.52 -23.01
C ILE C 1137 19.51 -32.17 -24.35
N MET C 1138 18.82 -31.46 -25.24
CA MET C 1138 18.48 -32.03 -26.54
C MET C 1138 19.73 -32.25 -27.40
N THR C 1139 20.64 -31.27 -27.41
CA THR C 1139 21.83 -31.40 -28.26
C THR C 1139 22.82 -32.41 -27.70
N PHE C 1140 22.72 -32.77 -26.42
CA PHE C 1140 23.51 -33.89 -25.93
C PHE C 1140 22.75 -35.22 -26.02
N HIS C 1141 21.44 -35.18 -26.19
CA HIS C 1141 20.68 -36.39 -26.46
C HIS C 1141 20.85 -36.85 -27.90
N GLU C 1142 21.02 -35.92 -28.83
CA GLU C 1142 21.14 -36.29 -30.24
C GLU C 1142 22.54 -36.73 -30.64
N ARG C 1143 23.55 -36.48 -29.80
CA ARG C 1143 24.94 -36.71 -30.19
C ARG C 1143 25.31 -38.19 -30.09
N PRO C 1144 26.31 -38.62 -30.85
CA PRO C 1144 26.82 -40.00 -30.70
C PRO C 1144 27.52 -40.18 -29.36
N VAL C 1145 27.71 -41.46 -29.01
CA VAL C 1145 28.29 -41.79 -27.71
C VAL C 1145 29.77 -41.42 -27.67
N LEU C 1146 30.51 -41.70 -28.74
CA LEU C 1146 31.96 -41.57 -28.64
C LEU C 1146 32.38 -40.11 -28.78
N PRO C 1147 33.38 -39.70 -27.98
CA PRO C 1147 33.86 -38.32 -28.03
C PRO C 1147 34.61 -38.03 -29.32
N PRO C 1148 34.86 -36.77 -29.63
CA PRO C 1148 35.52 -36.41 -30.90
C PRO C 1148 36.90 -37.02 -31.09
N PRO C 1149 37.68 -37.31 -30.03
CA PRO C 1149 38.93 -38.03 -30.29
C PRO C 1149 38.75 -39.36 -31.00
N LEU C 1150 37.68 -40.09 -30.69
CA LEU C 1150 37.41 -41.39 -31.30
C LEU C 1150 36.00 -41.45 -31.86
N ILE C 1151 35.50 -40.30 -32.33
CA ILE C 1151 34.18 -40.26 -32.97
C ILE C 1151 34.22 -40.73 -34.42
N ILE C 1152 35.42 -40.94 -34.97
CA ILE C 1152 35.52 -41.39 -36.36
C ILE C 1152 34.94 -42.80 -36.53
N PHE C 1153 34.84 -43.57 -35.44
CA PHE C 1153 34.17 -44.86 -35.52
C PHE C 1153 32.66 -44.69 -35.64
N SER C 1154 32.08 -43.75 -34.89
CA SER C 1154 30.65 -43.51 -34.97
C SER C 1154 30.26 -42.86 -36.29
N HIS C 1155 31.20 -42.17 -36.95
CA HIS C 1155 30.90 -41.61 -38.26
C HIS C 1155 30.91 -42.69 -39.34
N MET C 1156 31.77 -43.70 -39.21
CA MET C 1156 31.81 -44.78 -40.19
C MET C 1156 30.57 -45.65 -40.09
N THR C 1157 30.09 -45.92 -38.88
CA THR C 1157 28.94 -46.79 -38.71
C THR C 1157 27.65 -46.17 -39.22
N MET C 1158 27.59 -44.84 -39.33
CA MET C 1158 26.41 -44.20 -39.91
C MET C 1158 26.30 -44.49 -41.39
N ILE C 1159 27.42 -44.66 -42.09
CA ILE C 1159 27.39 -45.00 -43.50
C ILE C 1159 26.84 -46.42 -43.69
N PHE C 1160 27.21 -47.34 -42.80
CA PHE C 1160 26.70 -48.71 -42.89
C PHE C 1160 25.20 -48.74 -42.69
N GLN C 1161 24.68 -47.97 -41.73
CA GLN C 1161 23.24 -47.86 -41.53
C GLN C 1161 22.57 -46.99 -42.58
N HIS C 1162 23.35 -46.20 -43.34
CA HIS C 1162 22.76 -45.38 -44.40
C HIS C 1162 22.29 -46.23 -45.57
N VAL C 1163 23.09 -47.23 -45.97
CA VAL C 1163 22.71 -48.10 -47.08
C VAL C 1163 21.68 -49.15 -46.69
N CYS C 1164 21.41 -49.31 -45.40
CA CYS C 1164 20.43 -50.29 -44.95
C CYS C 1164 19.04 -49.67 -44.86
N ARG C 1177 11.59 -42.25 -31.06
CA ARG C 1177 11.98 -41.72 -29.77
C ARG C 1177 11.00 -42.15 -28.68
N ASP C 1178 11.26 -43.30 -28.05
CA ASP C 1178 10.41 -43.75 -26.96
C ASP C 1178 10.45 -42.78 -25.79
N TYR C 1179 11.62 -42.25 -25.47
CA TYR C 1179 11.75 -41.17 -24.50
C TYR C 1179 12.99 -40.37 -24.83
N GLY C 1180 13.04 -39.15 -24.31
CA GLY C 1180 14.08 -38.21 -24.67
C GLY C 1180 13.50 -37.04 -25.45
N LEU C 1181 12.53 -37.34 -26.31
CA LEU C 1181 11.73 -36.32 -26.98
C LEU C 1181 10.26 -36.40 -26.60
N LYS C 1182 9.63 -37.56 -26.76
CA LYS C 1182 8.20 -37.72 -26.62
C LYS C 1182 7.87 -38.80 -25.60
N LEU C 1183 6.59 -39.14 -25.51
CA LEU C 1183 6.12 -40.19 -24.61
C LEU C 1183 4.80 -40.71 -25.18
N PHE C 1184 4.80 -41.94 -25.67
CA PHE C 1184 3.64 -42.52 -26.32
C PHE C 1184 2.81 -43.30 -25.29
N ILE C 1185 1.51 -43.06 -25.30
CA ILE C 1185 0.59 -43.67 -24.35
C ILE C 1185 -0.60 -44.26 -25.08
N THR C 1186 -1.28 -45.18 -24.39
CA THR C 1186 -2.46 -45.84 -24.93
C THR C 1186 -3.68 -44.92 -24.82
N ASP C 1187 -4.85 -45.44 -25.17
CA ASP C 1187 -6.06 -44.63 -25.14
C ASP C 1187 -6.59 -44.42 -23.72
N ASP C 1188 -6.42 -45.41 -22.83
CA ASP C 1188 -6.89 -45.25 -21.46
C ASP C 1188 -6.11 -44.15 -20.73
N GLU C 1189 -4.78 -44.17 -20.86
CA GLU C 1189 -3.96 -43.12 -20.25
C GLU C 1189 -4.25 -41.77 -20.87
N LEU C 1190 -4.50 -41.74 -22.18
CA LEU C 1190 -4.85 -40.49 -22.85
C LEU C 1190 -6.17 -39.93 -22.31
N LYS C 1191 -7.16 -40.79 -22.12
CA LYS C 1191 -8.43 -40.35 -21.54
C LYS C 1191 -8.25 -39.84 -20.12
N LYS C 1192 -7.42 -40.53 -19.33
CA LYS C 1192 -7.16 -40.07 -17.96
C LYS C 1192 -6.46 -38.72 -17.94
N VAL C 1193 -5.50 -38.51 -18.86
CA VAL C 1193 -4.82 -37.23 -18.96
C VAL C 1193 -5.79 -36.13 -19.37
N HIS C 1194 -6.69 -36.42 -20.32
CA HIS C 1194 -7.67 -35.42 -20.74
C HIS C 1194 -8.60 -35.04 -19.59
N ASP C 1195 -9.06 -36.04 -18.82
CA ASP C 1195 -9.91 -35.75 -17.67
C ASP C 1195 -9.16 -34.93 -16.63
N PHE C 1196 -7.89 -35.27 -16.38
CA PHE C 1196 -7.08 -34.49 -15.45
C PHE C 1196 -6.93 -33.05 -15.91
N GLU C 1197 -6.71 -32.84 -17.21
CA GLU C 1197 -6.51 -31.49 -17.73
C GLU C 1197 -7.79 -30.67 -17.64
N GLU C 1198 -8.94 -31.27 -17.95
CA GLU C 1198 -10.19 -30.51 -17.85
C GLU C 1198 -10.53 -30.22 -16.40
N GLN C 1199 -10.22 -31.14 -15.48
CA GLN C 1199 -10.39 -30.86 -14.06
C GLN C 1199 -9.50 -29.70 -13.62
N CYS C 1200 -8.25 -29.69 -14.09
CA CYS C 1200 -7.33 -28.61 -13.74
C CYS C 1200 -7.82 -27.26 -14.25
N ILE C 1201 -8.29 -27.21 -15.51
CA ILE C 1201 -8.73 -25.90 -16.03
C ILE C 1201 -10.01 -25.44 -15.34
N GLU C 1202 -10.92 -26.38 -15.03
CA GLU C 1202 -12.13 -26.00 -14.28
C GLU C 1202 -11.77 -25.45 -12.90
N GLU C 1203 -10.84 -26.12 -12.20
CA GLU C 1203 -10.41 -25.64 -10.90
C GLU C 1203 -9.73 -24.28 -11.01
N TYR C 1204 -8.95 -24.07 -12.07
CA TYR C 1204 -8.27 -22.79 -12.26
C TYR C 1204 -9.26 -21.66 -12.44
N PHE C 1205 -10.26 -21.85 -13.31
CA PHE C 1205 -11.25 -20.80 -13.53
C PHE C 1205 -12.07 -20.55 -12.26
N ARG C 1206 -12.45 -21.62 -11.55
CA ARG C 1206 -13.22 -21.45 -10.32
C ARG C 1206 -12.42 -20.68 -9.26
N GLU C 1207 -11.13 -21.02 -9.12
CA GLU C 1207 -10.29 -20.32 -8.14
C GLU C 1207 -10.10 -18.86 -8.53
N LYS C 1208 -9.93 -18.59 -9.82
CA LYS C 1208 -9.78 -17.20 -10.25
C LYS C 1208 -11.05 -16.39 -9.95
N ASP C 1209 -12.22 -16.97 -10.22
CA ASP C 1209 -13.46 -16.27 -9.93
C ASP C 1209 -13.63 -16.03 -8.44
N ASP C 1210 -13.33 -17.04 -7.61
CA ASP C 1210 -13.47 -16.89 -6.17
C ASP C 1210 -12.49 -15.88 -5.60
N ARG C 1211 -11.28 -15.80 -6.18
CA ARG C 1211 -10.32 -14.80 -5.72
C ARG C 1211 -10.69 -13.40 -6.16
N PHE C 1212 -11.32 -13.28 -7.35
CA PHE C 1212 -11.76 -11.95 -7.79
C PHE C 1212 -12.94 -11.46 -6.97
N ASN C 1213 -13.89 -12.33 -6.66
CA ASN C 1213 -15.10 -11.89 -5.96
C ASN C 1213 -14.83 -11.49 -4.51
N SER C 1214 -13.72 -11.92 -3.93
CA SER C 1214 -13.43 -11.64 -2.52
C SER C 1214 -12.43 -10.48 -2.35
N SER C 1215 -12.12 -9.75 -3.41
CA SER C 1215 -11.21 -8.64 -3.30
C SER C 1215 -11.90 -7.44 -2.66
N ASN C 1216 -11.09 -6.50 -2.16
CA ASN C 1216 -11.64 -5.33 -1.49
C ASN C 1216 -12.34 -4.40 -2.46
N ASP C 1217 -11.77 -4.22 -3.66
CA ASP C 1217 -12.36 -3.29 -4.63
C ASP C 1217 -13.74 -3.75 -5.08
N GLU C 1218 -13.88 -5.05 -5.39
CA GLU C 1218 -15.17 -5.57 -5.82
C GLU C 1218 -16.20 -5.47 -4.70
N ARG C 1219 -15.81 -5.79 -3.47
CA ARG C 1219 -16.71 -5.67 -2.33
C ARG C 1219 -17.16 -4.23 -2.12
N ILE C 1220 -16.23 -3.27 -2.23
CA ILE C 1220 -16.59 -1.86 -2.08
C ILE C 1220 -17.56 -1.43 -3.18
N ARG C 1221 -17.30 -1.83 -4.42
CA ARG C 1221 -18.17 -1.45 -5.53
C ARG C 1221 -19.57 -2.03 -5.37
N VAL C 1222 -19.66 -3.31 -5.01
CA VAL C 1222 -20.97 -3.95 -4.84
C VAL C 1222 -21.71 -3.33 -3.67
N THR C 1223 -21.00 -3.03 -2.57
CA THR C 1223 -21.63 -2.37 -1.44
C THR C 1223 -22.16 -1.00 -1.82
N SER C 1224 -21.38 -0.24 -2.61
CA SER C 1224 -21.84 1.09 -3.03
C SER C 1224 -23.08 0.99 -3.90
N GLU C 1225 -23.11 0.05 -4.85
CA GLU C 1225 -24.28 -0.09 -5.71
C GLU C 1225 -25.51 -0.51 -4.90
N ARG C 1226 -25.35 -1.48 -4.00
CA ARG C 1226 -26.48 -1.91 -3.19
C ARG C 1226 -26.95 -0.81 -2.24
N VAL C 1227 -26.03 0.00 -1.70
CA VAL C 1227 -26.42 1.11 -0.85
C VAL C 1227 -27.21 2.14 -1.65
N GLU C 1228 -26.77 2.43 -2.88
CA GLU C 1228 -27.50 3.39 -3.71
C GLU C 1228 -28.91 2.90 -4.01
N ASN C 1229 -29.04 1.63 -4.42
CA ASN C 1229 -30.37 1.09 -4.70
C ASN C 1229 -31.25 1.07 -3.45
N MET C 1230 -30.67 0.67 -2.32
CA MET C 1230 -31.42 0.61 -1.07
C MET C 1230 -31.87 2.00 -0.63
N SER C 1231 -31.02 3.00 -0.81
CA SER C 1231 -31.39 4.37 -0.47
C SER C 1231 -32.54 4.86 -1.35
N MET C 1232 -32.48 4.55 -2.66
CA MET C 1232 -33.58 4.95 -3.54
C MET C 1232 -34.89 4.28 -3.12
N ARG C 1233 -34.85 2.98 -2.83
CA ARG C 1233 -36.07 2.28 -2.42
C ARG C 1233 -36.57 2.78 -1.07
N LEU C 1234 -35.67 3.10 -0.14
CA LEU C 1234 -36.10 3.60 1.17
C LEU C 1234 -36.72 4.98 1.06
N GLU C 1235 -36.18 5.84 0.19
CA GLU C 1235 -36.82 7.13 -0.06
C GLU C 1235 -38.19 6.94 -0.69
N GLU C 1236 -38.32 5.98 -1.60
CA GLU C 1236 -39.62 5.67 -2.18
C GLU C 1236 -40.62 5.24 -1.12
N VAL C 1237 -40.19 4.38 -0.19
CA VAL C 1237 -41.08 3.90 0.88
C VAL C 1237 -41.46 5.04 1.81
N ASN C 1238 -40.48 5.87 2.20
CA ASN C 1238 -40.75 6.93 3.18
C ASN C 1238 -41.64 8.02 2.60
N GLU C 1239 -41.41 8.40 1.34
CA GLU C 1239 -42.19 9.50 0.77
C GLU C 1239 -43.65 9.12 0.59
N ARG C 1240 -43.94 7.85 0.33
CA ARG C 1240 -45.31 7.39 0.09
C ARG C 1240 -45.81 6.64 1.32
N GLU C 1241 -46.70 7.28 2.07
CA GLU C 1241 -47.33 6.66 3.22
C GLU C 1241 -48.84 6.87 3.13
N HIS C 1242 -49.58 5.85 3.59
CA HIS C 1242 -51.04 5.92 3.55
C HIS C 1242 -51.60 6.91 4.57
N SER C 1243 -50.95 7.02 5.74
CA SER C 1243 -51.42 7.95 6.77
C SER C 1243 -50.98 9.38 6.46
N UNK D 1 -22.18 20.38 -56.43
CA UNK D 1 -22.35 19.03 -55.89
C UNK D 1 -23.80 18.58 -56.01
N UNK D 2 -24.10 17.43 -55.42
CA UNK D 2 -25.46 16.88 -55.44
C UNK D 2 -26.30 17.49 -54.32
N UNK D 3 -26.42 18.81 -54.32
CA UNK D 3 -27.15 19.52 -53.28
C UNK D 3 -28.47 20.06 -53.81
N UNK D 4 -28.41 20.71 -54.96
CA UNK D 4 -29.61 21.28 -55.58
C UNK D 4 -30.40 20.21 -56.34
N UNK D 5 -30.85 19.20 -55.62
CA UNK D 5 -31.62 18.12 -56.22
C UNK D 5 -33.05 18.15 -55.71
N UNK D 6 -33.39 19.21 -54.98
CA UNK D 6 -34.74 19.38 -54.44
C UNK D 6 -35.29 20.74 -54.83
N UNK D 7 -36.24 21.23 -54.03
CA UNK D 7 -36.85 22.53 -54.30
C UNK D 7 -37.37 23.15 -53.00
N UNK D 8 -37.85 24.39 -53.09
CA UNK D 8 -38.37 25.09 -51.92
C UNK D 8 -39.80 25.58 -52.19
N UNK D 9 -40.26 26.51 -51.37
CA UNK D 9 -41.61 27.06 -51.53
C UNK D 9 -41.69 28.45 -50.91
N UNK D 10 -41.86 29.46 -51.77
CA UNK D 10 -41.97 30.84 -51.32
C UNK D 10 -43.29 31.46 -51.78
N UNK D 11 -43.95 32.18 -50.89
CA UNK D 11 -45.22 32.82 -51.21
C UNK D 11 -45.01 33.97 -52.18
N UNK D 12 -45.66 33.87 -53.34
CA UNK D 12 -45.55 34.90 -54.38
C UNK D 12 -46.48 36.08 -54.08
N UNK D 13 -47.25 36.47 -55.08
CA UNK D 13 -48.20 37.56 -54.93
C UNK D 13 -49.35 37.15 -54.02
N UNK D 14 -49.30 37.62 -52.77
CA UNK D 14 -50.33 37.26 -51.80
C UNK D 14 -51.15 38.48 -51.37
N UNK D 15 -52.37 38.22 -50.90
CA UNK D 15 -53.26 39.28 -50.46
C UNK D 15 -54.17 38.78 -49.34
N UNK D 16 -54.02 39.34 -48.15
CA UNK D 16 -54.82 38.95 -47.01
C UNK D 16 -54.95 40.10 -46.01
N UNK D 17 -55.48 39.79 -44.83
CA UNK D 17 -55.69 40.76 -43.75
C UNK D 17 -56.51 41.97 -44.21
N ILE E 129 -39.76 58.01 38.14
CA ILE E 129 -39.77 59.41 37.76
C ILE E 129 -40.04 59.54 36.27
N SER E 130 -40.12 60.77 35.77
CA SER E 130 -40.37 61.04 34.36
C SER E 130 -39.07 61.14 33.57
N LYS E 131 -38.20 60.14 33.75
CA LYS E 131 -36.92 60.02 33.05
C LYS E 131 -36.06 61.27 33.25
N HIS E 132 -35.89 61.67 34.52
CA HIS E 132 -35.00 62.76 34.88
C HIS E 132 -33.65 62.13 35.25
N THR E 133 -32.80 61.97 34.24
CA THR E 133 -31.53 61.26 34.40
C THR E 133 -30.38 62.16 34.00
N GLN E 134 -29.20 61.87 34.55
CA GLN E 134 -28.01 62.64 34.23
C GLN E 134 -27.43 62.19 32.90
N LEU E 135 -27.13 63.15 32.02
CA LEU E 135 -26.64 62.86 30.67
C LEU E 135 -25.10 62.85 30.65
N SER E 136 -24.54 62.02 31.53
CA SER E 136 -23.10 61.92 31.62
C SER E 136 -22.52 61.20 30.40
N PRO E 137 -21.26 61.45 30.07
CA PRO E 137 -20.63 60.73 28.95
C PRO E 137 -20.40 59.26 29.29
N THR E 138 -20.16 58.48 28.24
CA THR E 138 -19.94 57.05 28.39
C THR E 138 -18.62 56.78 29.11
N ASP E 139 -18.59 55.66 29.86
CA ASP E 139 -17.39 55.33 30.63
C ASP E 139 -17.05 53.84 30.58
N ALA E 140 -17.56 53.09 29.61
CA ALA E 140 -17.28 51.65 29.54
C ALA E 140 -17.29 51.22 28.08
N PHE E 141 -16.09 51.03 27.52
CA PHE E 141 -15.95 50.54 26.15
C PHE E 141 -14.60 49.87 26.01
N GLY E 142 -14.54 48.88 25.13
CA GLY E 142 -13.30 48.16 24.91
C GLY E 142 -13.51 46.73 24.47
N THR E 143 -12.86 45.79 25.16
CA THR E 143 -12.92 44.38 24.81
C THR E 143 -13.04 43.56 26.10
N ILE E 144 -13.89 42.54 26.07
CA ILE E 144 -14.08 41.65 27.20
C ILE E 144 -13.83 40.21 26.76
N GLU E 145 -13.17 39.44 27.62
CA GLU E 145 -12.99 38.01 27.41
C GLU E 145 -13.81 37.27 28.45
N PHE E 146 -14.38 36.13 28.02
CA PHE E 146 -15.29 35.37 28.85
C PHE E 146 -14.53 34.22 29.50
N GLN E 147 -14.05 34.46 30.72
CA GLN E 147 -13.39 33.41 31.48
C GLN E 147 -14.39 32.38 31.96
N GLY E 148 -13.92 31.14 32.09
CA GLY E 148 -14.76 30.05 32.53
C GLY E 148 -15.53 29.35 31.43
N GLY E 149 -15.44 29.83 30.19
CA GLY E 149 -16.11 29.16 29.09
C GLY E 149 -15.25 28.10 28.44
N GLY E 150 -15.90 27.28 27.60
CA GLY E 150 -15.18 26.26 26.87
C GLY E 150 -14.22 26.83 25.85
N HIS E 151 -14.61 27.92 25.19
CA HIS E 151 -13.82 28.54 24.15
C HIS E 151 -13.37 29.93 24.59
N SER E 152 -12.15 30.30 24.21
CA SER E 152 -11.63 31.62 24.48
C SER E 152 -12.14 32.59 23.42
N ASN E 153 -12.95 33.56 23.84
CA ASN E 153 -13.62 34.48 22.92
C ASN E 153 -13.40 35.91 23.38
N LYS E 154 -13.04 36.78 22.44
CA LYS E 154 -12.93 38.21 22.69
C LYS E 154 -14.07 38.92 22.00
N ALA E 155 -14.77 39.79 22.72
CA ALA E 155 -15.93 40.49 22.19
C ALA E 155 -15.84 41.97 22.53
N MET E 156 -15.89 42.82 21.50
CA MET E 156 -15.93 44.26 21.75
C MET E 156 -17.28 44.66 22.33
N TYR E 157 -17.28 45.78 23.05
CA TYR E 157 -18.49 46.26 23.69
C TYR E 157 -18.37 47.75 23.92
N VAL E 158 -19.51 48.46 23.80
CA VAL E 158 -19.62 49.86 24.19
C VAL E 158 -20.95 50.03 24.92
N ARG E 159 -21.05 51.11 25.68
CA ARG E 159 -22.31 51.52 26.28
C ARG E 159 -22.68 52.90 25.77
N VAL E 160 -23.92 53.03 25.26
CA VAL E 160 -24.42 54.28 24.71
C VAL E 160 -25.85 54.48 25.19
N SER E 161 -26.30 55.73 25.10
CA SER E 161 -27.68 56.04 25.47
C SER E 161 -28.64 55.46 24.42
N PHE E 162 -29.89 55.29 24.85
CA PHE E 162 -30.91 54.73 23.96
C PHE E 162 -31.41 55.74 22.94
N ASP E 163 -30.97 57.00 23.03
CA ASP E 163 -31.34 58.04 22.07
C ASP E 163 -30.23 58.29 21.05
N THR E 164 -29.24 57.42 20.96
CA THR E 164 -28.13 57.62 20.05
C THR E 164 -28.59 57.47 18.60
N LYS E 165 -28.10 58.35 17.73
CA LYS E 165 -28.48 58.30 16.33
C LYS E 165 -27.87 57.06 15.67
N PRO E 166 -28.63 56.39 14.79
CA PRO E 166 -28.09 55.19 14.12
C PRO E 166 -26.90 55.48 13.23
N ASP E 167 -26.74 56.70 12.73
CA ASP E 167 -25.62 57.01 11.85
C ASP E 167 -24.29 56.89 12.58
N LEU E 168 -24.21 57.41 13.80
CA LEU E 168 -22.98 57.30 14.58
C LEU E 168 -22.69 55.85 14.96
N LEU E 169 -23.75 55.07 15.28
CA LEU E 169 -23.57 53.66 15.56
C LEU E 169 -23.02 52.91 14.36
N LEU E 170 -23.54 53.20 13.16
CA LEU E 170 -23.03 52.57 11.95
C LEU E 170 -21.60 53.00 11.68
N HIS E 171 -21.28 54.27 11.94
CA HIS E 171 -19.90 54.75 11.77
C HIS E 171 -18.95 53.99 12.69
N LEU E 172 -19.34 53.83 13.96
CA LEU E 172 -18.51 53.10 14.92
C LEU E 172 -18.40 51.62 14.55
N MET E 173 -19.47 51.04 14.01
CA MET E 173 -19.45 49.63 13.66
C MET E 173 -18.64 49.37 12.39
N THR E 174 -18.55 50.36 11.50
CA THR E 174 -17.84 50.19 10.24
C THR E 174 -16.36 50.53 10.34
N LYS E 175 -16.02 51.63 11.03
CA LYS E 175 -14.63 52.07 11.07
C LYS E 175 -13.91 51.77 12.38
N GLU E 176 -14.58 51.96 13.52
CA GLU E 176 -13.95 51.68 14.80
C GLU E 176 -13.88 50.19 15.11
N TRP E 177 -14.68 49.36 14.43
CA TRP E 177 -14.62 47.92 14.60
C TRP E 177 -14.17 47.17 13.36
N GLN E 178 -13.94 47.87 12.23
CA GLN E 178 -13.41 47.29 11.01
C GLN E 178 -14.28 46.16 10.48
N LEU E 179 -15.59 46.40 10.46
CA LEU E 179 -16.55 45.45 9.93
C LEU E 179 -17.03 45.91 8.56
N GLU E 180 -16.99 44.99 7.59
CA GLU E 180 -17.47 45.31 6.25
C GLU E 180 -18.99 45.42 6.24
N LEU E 181 -19.50 46.15 5.26
CA LEU E 181 -20.94 46.31 5.13
C LEU E 181 -21.59 44.97 4.80
N PRO E 182 -22.63 44.57 5.54
CA PRO E 182 -23.20 43.23 5.32
C PRO E 182 -23.96 43.13 4.01
N LYS E 183 -23.98 41.93 3.46
CA LYS E 183 -24.82 41.60 2.32
C LYS E 183 -26.19 41.09 2.74
N LEU E 184 -26.42 40.91 4.03
CA LEU E 184 -27.66 40.35 4.55
C LEU E 184 -27.77 40.67 6.03
N LEU E 185 -28.99 40.89 6.50
CA LEU E 185 -29.26 41.14 7.91
C LEU E 185 -30.32 40.16 8.37
N ILE E 186 -30.08 39.53 9.53
CA ILE E 186 -31.00 38.56 10.11
C ILE E 186 -31.38 39.03 11.51
N SER E 187 -32.67 39.03 11.81
CA SER E 187 -33.18 39.36 13.13
C SER E 187 -33.77 38.11 13.77
N VAL E 188 -33.45 37.89 15.04
CA VAL E 188 -33.73 36.63 15.71
C VAL E 188 -34.70 36.84 16.88
N HIS E 189 -35.65 37.76 16.70
CA HIS E 189 -36.66 38.04 17.72
C HIS E 189 -37.28 36.76 18.27
N GLY E 190 -37.38 36.69 19.59
CA GLY E 190 -37.92 35.52 20.27
C GLY E 190 -38.51 35.90 21.61
N GLY E 191 -38.48 34.95 22.55
CA GLY E 191 -39.04 35.16 23.86
C GLY E 191 -37.98 35.19 24.94
N LEU E 192 -38.22 36.00 25.96
CA LEU E 192 -37.29 36.16 27.08
C LEU E 192 -37.59 35.20 28.21
N GLN E 193 -37.68 33.91 27.88
CA GLN E 193 -37.85 32.85 28.86
C GLN E 193 -37.11 31.62 28.37
N ASN E 194 -36.39 30.97 29.27
CA ASN E 194 -35.53 29.85 28.89
C ASN E 194 -36.34 28.60 28.57
N PHE E 195 -36.93 28.55 27.38
CA PHE E 195 -37.66 27.38 26.91
C PHE E 195 -36.68 26.34 26.36
N GLU E 196 -37.18 25.11 26.23
CA GLU E 196 -36.38 24.02 25.70
C GLU E 196 -37.00 23.55 24.39
N LEU E 197 -36.20 23.55 23.33
CA LEU E 197 -36.62 23.00 22.05
C LEU E 197 -36.43 21.49 22.04
N GLN E 198 -37.32 20.80 21.33
CA GLN E 198 -37.22 19.36 21.23
C GLN E 198 -35.98 18.96 20.42
N PRO E 199 -35.39 17.80 20.70
CA PRO E 199 -34.20 17.38 19.96
C PRO E 199 -34.50 17.15 18.49
N LYS E 200 -33.45 17.26 17.68
CA LYS E 200 -33.49 17.12 16.23
C LYS E 200 -34.32 18.23 15.56
N LEU E 201 -34.64 19.28 16.30
CA LEU E 201 -35.23 20.49 15.76
C LEU E 201 -34.35 21.71 15.97
N LYS E 202 -33.82 21.90 17.18
CA LYS E 202 -32.87 22.99 17.41
C LYS E 202 -31.56 22.73 16.68
N GLN E 203 -31.20 21.47 16.46
CA GLN E 203 -29.99 21.16 15.71
C GLN E 203 -30.11 21.60 14.26
N VAL E 204 -31.23 21.27 13.61
CA VAL E 204 -31.44 21.67 12.23
C VAL E 204 -31.55 23.19 12.12
N PHE E 205 -32.26 23.82 13.06
CA PHE E 205 -32.38 25.27 13.05
C PHE E 205 -31.02 25.94 13.21
N GLY E 206 -30.20 25.45 14.15
CA GLY E 206 -28.89 26.01 14.35
C GLY E 206 -27.98 25.82 13.14
N LYS E 207 -27.98 24.62 12.56
CA LYS E 207 -27.14 24.36 11.39
C LYS E 207 -27.57 25.21 10.22
N GLY E 208 -28.87 25.35 9.99
CA GLY E 208 -29.34 26.19 8.89
C GLY E 208 -29.01 27.65 9.08
N LEU E 209 -29.20 28.16 10.30
CA LEU E 209 -28.87 29.56 10.57
C LEU E 209 -27.37 29.81 10.41
N ILE E 210 -26.54 28.89 10.91
CA ILE E 210 -25.10 29.04 10.80
C ILE E 210 -24.67 28.99 9.33
N LYS E 211 -25.22 28.05 8.56
CA LYS E 211 -24.86 27.96 7.15
C LYS E 211 -25.29 29.21 6.38
N ALA E 212 -26.49 29.72 6.67
CA ALA E 212 -26.95 30.93 6.00
C ALA E 212 -26.11 32.15 6.36
N ALA E 213 -25.68 32.25 7.62
CA ALA E 213 -24.87 33.39 8.04
C ALA E 213 -23.40 33.25 7.70
N MET E 214 -22.94 32.05 7.36
CA MET E 214 -21.54 31.83 7.01
C MET E 214 -21.28 31.81 5.51
N THR E 215 -22.14 31.14 4.73
CA THR E 215 -21.99 31.15 3.29
C THR E 215 -22.25 32.53 2.69
N THR E 216 -23.02 33.36 3.38
CA THR E 216 -23.29 34.73 2.98
C THR E 216 -22.71 35.68 4.02
N GLY E 217 -22.01 36.72 3.55
CA GLY E 217 -21.53 37.72 4.47
C GLY E 217 -22.69 38.49 5.08
N ALA E 218 -22.96 38.26 6.36
CA ALA E 218 -24.18 38.75 6.98
C ALA E 218 -23.92 39.08 8.45
N TRP E 219 -24.82 39.89 9.00
CA TRP E 219 -24.82 40.21 10.42
C TRP E 219 -26.03 39.57 11.08
N ILE E 220 -25.87 39.18 12.34
CA ILE E 220 -26.94 38.58 13.13
C ILE E 220 -27.22 39.50 14.31
N PHE E 221 -28.44 40.02 14.39
CA PHE E 221 -28.86 40.88 15.48
C PHE E 221 -29.62 40.04 16.50
N THR E 222 -29.08 39.93 17.70
CA THR E 222 -29.69 39.18 18.78
C THR E 222 -29.89 40.08 19.99
N GLY E 223 -30.58 39.54 21.00
CA GLY E 223 -30.78 40.29 22.23
C GLY E 223 -29.52 40.49 23.02
N GLY E 224 -28.62 39.51 23.03
CA GLY E 224 -27.34 39.64 23.70
C GLY E 224 -27.28 38.94 25.04
N VAL E 225 -28.35 39.03 25.83
CA VAL E 225 -28.37 38.36 27.12
C VAL E 225 -28.59 36.86 26.92
N ASN E 226 -28.19 36.07 27.92
CA ASN E 226 -28.25 34.62 27.83
C ASN E 226 -29.60 34.09 28.32
N THR E 227 -30.67 34.54 27.67
CA THR E 227 -32.02 34.11 27.99
C THR E 227 -32.79 33.81 26.71
N GLY E 228 -33.55 32.73 26.71
CA GLY E 228 -34.46 32.43 25.63
C GLY E 228 -33.81 31.89 24.38
N VAL E 229 -34.25 32.39 23.22
CA VAL E 229 -33.72 31.95 21.94
C VAL E 229 -32.26 32.33 21.77
N ILE E 230 -31.79 33.34 22.50
CA ILE E 230 -30.39 33.76 22.40
C ILE E 230 -29.46 32.67 22.91
N ARG E 231 -29.90 31.90 23.91
CA ARG E 231 -29.12 30.74 24.35
C ARG E 231 -29.04 29.68 23.25
N HIS E 232 -30.14 29.50 22.50
CA HIS E 232 -30.12 28.57 21.38
C HIS E 232 -29.14 29.03 20.29
N VAL E 233 -29.13 30.34 20.00
CA VAL E 233 -28.18 30.87 19.03
C VAL E 233 -26.76 30.72 19.55
N GLY E 234 -26.56 30.89 20.87
CA GLY E 234 -25.25 30.72 21.45
C GLY E 234 -24.71 29.31 21.33
N ASP E 235 -25.56 28.31 21.60
CA ASP E 235 -25.09 26.94 21.46
C ASP E 235 -24.97 26.54 19.99
N ALA E 236 -25.76 27.15 19.10
CA ALA E 236 -25.57 26.93 17.67
C ALA E 236 -24.20 27.45 17.22
N LEU E 237 -23.79 28.63 17.72
CA LEU E 237 -22.45 29.12 17.46
C LEU E 237 -21.40 28.25 18.12
N LYS E 238 -21.70 27.68 19.28
CA LYS E 238 -20.77 26.77 19.95
C LYS E 238 -20.50 25.53 19.11
N ASP E 239 -21.55 24.92 18.56
CA ASP E 239 -21.39 23.70 17.79
C ASP E 239 -20.79 23.92 16.41
N HIS E 240 -20.70 25.17 15.95
CA HIS E 240 -20.09 25.49 14.66
C HIS E 240 -18.61 25.81 14.75
N ALA E 241 -18.19 26.54 15.80
CA ALA E 241 -16.78 26.92 15.93
C ALA E 241 -15.88 25.73 16.21
N SER E 242 -16.44 24.60 16.65
CA SER E 242 -15.66 23.41 16.96
C SER E 242 -15.43 22.53 15.73
N LYS E 243 -15.98 22.89 14.57
CA LYS E 243 -15.84 22.08 13.37
C LYS E 243 -15.44 22.85 12.11
N SER E 244 -15.57 24.17 12.09
CA SER E 244 -15.35 24.92 10.86
C SER E 244 -14.55 26.18 11.16
N ARG E 245 -13.93 26.71 10.10
CA ARG E 245 -13.20 27.96 10.18
C ARG E 245 -14.16 29.14 10.07
N GLY E 246 -13.63 30.35 10.00
CA GLY E 246 -14.45 31.52 9.79
C GLY E 246 -15.13 32.01 11.05
N LYS E 247 -15.61 33.24 10.99
CA LYS E 247 -16.30 33.88 12.11
C LYS E 247 -17.62 34.44 11.63
N ILE E 248 -18.59 34.51 12.56
CA ILE E 248 -19.91 35.05 12.29
C ILE E 248 -20.05 36.35 13.07
N CYS E 249 -20.51 37.40 12.39
CA CYS E 249 -20.65 38.71 13.01
C CYS E 249 -21.98 38.77 13.77
N THR E 250 -21.98 38.14 14.93
CA THR E 250 -23.14 38.15 15.81
C THR E 250 -23.08 39.38 16.70
N ILE E 251 -24.13 40.17 16.69
CA ILE E 251 -24.18 41.44 17.41
C ILE E 251 -25.33 41.40 18.39
N GLY E 252 -25.04 41.69 19.66
CA GLY E 252 -26.04 41.70 20.71
C GLY E 252 -26.34 43.12 21.16
N ILE E 253 -27.62 43.46 21.16
CA ILE E 253 -28.10 44.77 21.61
C ILE E 253 -28.90 44.52 22.88
N ALA E 254 -28.26 44.67 24.03
CA ALA E 254 -28.88 44.34 25.31
C ALA E 254 -28.98 45.58 26.19
N PRO E 255 -30.00 45.66 27.03
CA PRO E 255 -30.06 46.74 28.01
C PRO E 255 -28.97 46.59 29.07
N TRP E 256 -28.51 47.73 29.57
CA TRP E 256 -27.42 47.76 30.54
C TRP E 256 -27.87 47.35 31.95
N GLY E 257 -29.17 47.42 32.23
CA GLY E 257 -29.65 47.14 33.57
C GLY E 257 -29.88 45.69 33.91
N ILE E 258 -29.59 44.77 32.99
CA ILE E 258 -29.86 43.34 33.22
C ILE E 258 -28.59 42.53 33.37
N VAL E 259 -27.41 43.09 33.06
CA VAL E 259 -26.16 42.34 33.22
C VAL E 259 -25.93 42.06 34.70
N GLU E 260 -25.50 40.84 35.00
CA GLU E 260 -25.30 40.42 36.38
C GLU E 260 -24.12 41.11 37.04
N ASN E 261 -23.20 41.69 36.26
CA ASN E 261 -22.07 42.46 36.78
C ASN E 261 -22.02 43.77 36.01
N GLN E 262 -22.72 44.78 36.53
CA GLN E 262 -22.59 46.13 35.96
C GLN E 262 -21.16 46.63 36.14
N GLU E 263 -20.56 46.37 37.30
CA GLU E 263 -19.16 46.64 37.53
C GLU E 263 -18.31 45.58 36.82
N ASP E 264 -16.99 45.66 37.03
CA ASP E 264 -16.00 44.80 36.37
C ASP E 264 -16.04 44.94 34.85
N LEU E 265 -16.63 46.04 34.36
CA LEU E 265 -16.75 46.29 32.93
C LEU E 265 -16.50 47.75 32.59
N ILE E 266 -16.12 48.59 33.55
CA ILE E 266 -16.02 50.03 33.33
C ILE E 266 -14.67 50.45 32.77
N GLY E 267 -13.79 49.51 32.45
CA GLY E 267 -12.49 49.85 31.91
C GLY E 267 -12.57 50.37 30.48
N ARG E 268 -12.22 51.64 30.30
CA ARG E 268 -12.31 52.27 28.97
C ARG E 268 -11.11 51.85 28.13
N ASP E 269 -11.41 51.21 26.98
CA ASP E 269 -10.40 50.83 25.99
C ASP E 269 -9.32 49.94 26.59
N VAL E 270 -9.73 48.99 27.43
CA VAL E 270 -8.81 48.04 28.05
C VAL E 270 -9.55 46.73 28.27
N VAL E 271 -8.82 45.62 28.14
CA VAL E 271 -9.39 44.29 28.25
C VAL E 271 -9.84 44.05 29.69
N ARG E 272 -11.10 43.62 29.85
CA ARG E 272 -11.69 43.37 31.16
C ARG E 272 -12.17 41.93 31.26
N PRO E 273 -11.78 41.21 32.33
CA PRO E 273 -12.28 39.85 32.51
C PRO E 273 -13.77 39.82 32.79
N TYR E 274 -14.39 38.71 32.43
CA TYR E 274 -15.83 38.52 32.64
C TYR E 274 -16.10 37.06 32.93
N GLN E 275 -17.00 36.81 33.87
CA GLN E 275 -17.31 35.46 34.33
C GLN E 275 -18.65 35.00 33.76
N THR E 276 -18.66 33.81 33.17
CA THR E 276 -19.87 33.27 32.57
C THR E 276 -20.73 32.47 33.55
N MET E 277 -20.25 32.23 34.76
CA MET E 277 -21.02 31.48 35.74
C MET E 277 -22.21 32.29 36.23
N SER E 278 -23.35 31.63 36.39
CA SER E 278 -24.60 32.28 36.73
C SER E 278 -25.12 31.80 38.07
N ASN E 279 -25.66 32.74 38.85
CA ASN E 279 -26.33 32.44 40.10
C ASN E 279 -27.83 32.70 39.94
N PRO E 280 -28.68 31.67 40.06
CA PRO E 280 -30.12 31.88 39.80
C PRO E 280 -30.79 32.84 40.75
N MET E 281 -30.21 33.09 41.93
CA MET E 281 -30.83 33.96 42.92
C MET E 281 -30.42 35.42 42.77
N SER E 282 -29.62 35.75 41.76
CA SER E 282 -29.16 37.12 41.57
C SER E 282 -30.17 38.00 40.87
N LYS E 283 -31.28 37.44 40.38
CA LYS E 283 -32.37 38.18 39.73
C LYS E 283 -31.93 38.88 38.45
N LEU E 284 -30.76 38.53 37.93
CA LEU E 284 -30.25 39.12 36.68
C LEU E 284 -29.75 37.98 35.79
N THR E 285 -29.20 38.35 34.64
CA THR E 285 -28.67 37.37 33.71
C THR E 285 -27.33 37.84 33.19
N VAL E 286 -26.54 36.89 32.72
CA VAL E 286 -25.17 37.15 32.27
C VAL E 286 -25.17 37.34 30.76
N LEU E 287 -24.19 38.08 30.26
CA LEU E 287 -24.03 38.25 28.83
C LEU E 287 -23.67 36.92 28.17
N ASN E 288 -24.26 36.66 27.01
CA ASN E 288 -24.06 35.40 26.32
C ASN E 288 -22.74 35.42 25.56
N SER E 289 -21.90 34.42 25.83
CA SER E 289 -20.65 34.26 25.10
C SER E 289 -20.93 33.78 23.68
N MET E 290 -19.85 33.61 22.92
CA MET E 290 -19.84 33.28 21.50
C MET E 290 -20.41 34.41 20.63
N HIS E 291 -20.78 35.53 21.23
CA HIS E 291 -21.06 36.74 20.48
C HIS E 291 -19.75 37.47 20.20
N SER E 292 -19.82 38.45 19.29
CA SER E 292 -18.62 39.19 18.89
C SER E 292 -18.67 40.67 19.19
N HIS E 293 -19.84 41.31 19.19
CA HIS E 293 -19.94 42.73 19.46
C HIS E 293 -21.20 43.00 20.26
N PHE E 294 -21.11 43.90 21.22
CA PHE E 294 -22.22 44.26 22.09
C PHE E 294 -22.49 45.76 22.01
N ILE E 295 -23.76 46.12 22.05
CA ILE E 295 -24.20 47.51 22.12
C ILE E 295 -25.13 47.59 23.33
N LEU E 296 -24.57 48.00 24.47
CA LEU E 296 -25.35 48.11 25.71
C LEU E 296 -26.03 49.47 25.74
N ALA E 297 -27.36 49.47 25.71
CA ALA E 297 -28.16 50.68 25.73
C ALA E 297 -28.84 50.84 27.07
N ASP E 298 -28.70 52.02 27.67
CA ASP E 298 -29.23 52.29 28.99
C ASP E 298 -30.11 53.54 28.96
N ASN E 299 -31.22 53.47 29.69
CA ASN E 299 -32.10 54.63 29.88
C ASN E 299 -32.05 55.14 31.32
N GLY E 300 -31.13 54.63 32.14
CA GLY E 300 -30.99 55.05 33.51
C GLY E 300 -31.55 54.07 34.52
N THR E 301 -32.40 53.14 34.10
CA THR E 301 -33.00 52.18 35.01
C THR E 301 -32.05 51.02 35.27
N THR E 302 -32.51 50.04 36.04
CA THR E 302 -31.71 48.86 36.36
C THR E 302 -32.67 47.73 36.73
N GLY E 303 -32.56 46.61 36.02
CA GLY E 303 -33.38 45.44 36.29
C GLY E 303 -34.65 45.32 35.47
N LYS E 304 -34.79 46.11 34.41
CA LYS E 304 -35.99 46.07 33.58
C LYS E 304 -35.59 46.18 32.10
N TYR E 305 -36.43 45.61 31.24
CA TYR E 305 -36.18 45.60 29.81
C TYR E 305 -36.77 46.85 29.16
N GLY E 306 -36.82 46.86 27.82
CA GLY E 306 -37.44 47.94 27.08
C GLY E 306 -36.55 49.10 26.72
N ALA E 307 -35.24 49.00 26.97
CA ALA E 307 -34.31 50.08 26.69
C ALA E 307 -33.53 49.89 25.39
N GLU E 308 -33.87 48.88 24.59
CA GLU E 308 -33.10 48.59 23.39
C GLU E 308 -33.92 48.30 22.15
N VAL E 309 -35.24 48.11 22.25
CA VAL E 309 -36.03 47.73 21.08
C VAL E 309 -36.08 48.85 20.06
N LYS E 310 -36.31 50.09 20.51
CA LYS E 310 -36.40 51.21 19.59
C LYS E 310 -35.07 51.47 18.89
N LEU E 311 -33.97 51.42 19.64
CA LEU E 311 -32.65 51.62 19.05
C LEU E 311 -32.32 50.52 18.04
N ARG E 312 -32.66 49.28 18.36
CA ARG E 312 -32.43 48.17 17.44
C ARG E 312 -33.23 48.35 16.15
N ARG E 313 -34.50 48.75 16.27
CA ARG E 313 -35.31 48.96 15.08
C ARG E 313 -34.79 50.13 14.25
N GLN E 314 -34.36 51.21 14.91
CA GLN E 314 -33.81 52.35 14.18
C GLN E 314 -32.54 51.97 13.44
N LEU E 315 -31.66 51.18 14.09
CA LEU E 315 -30.44 50.73 13.42
C LEU E 315 -30.76 49.83 12.24
N GLU E 316 -31.74 48.93 12.40
CA GLU E 316 -32.15 48.08 11.28
C GLU E 316 -32.70 48.91 10.13
N LYS E 317 -33.51 49.92 10.43
CA LYS E 317 -34.04 50.79 9.38
C LYS E 317 -32.92 51.56 8.67
N HIS E 318 -31.93 52.04 9.43
CA HIS E 318 -30.87 52.82 8.81
C HIS E 318 -29.94 51.96 7.97
N ILE E 319 -29.68 50.72 8.41
CA ILE E 319 -28.82 49.84 7.64
C ILE E 319 -29.57 49.22 6.45
N SER E 320 -30.89 49.14 6.52
CA SER E 320 -31.67 48.66 5.38
C SER E 320 -31.58 49.64 4.21
N LEU E 321 -31.61 50.94 4.50
CA LEU E 321 -31.49 51.96 3.47
C LEU E 321 -30.06 52.14 2.98
N GLN E 322 -29.08 51.55 3.64
CA GLN E 322 -27.70 51.66 3.20
C GLN E 322 -27.52 50.92 1.88
N LYS E 323 -26.65 51.46 1.03
CA LYS E 323 -26.50 50.96 -0.33
C LYS E 323 -25.44 49.87 -0.39
N ILE E 324 -25.80 48.75 -1.01
CA ILE E 324 -24.87 47.65 -1.26
C ILE E 324 -23.94 48.07 -2.40
N ASN E 325 -22.85 47.32 -2.61
CA ASN E 325 -21.85 47.69 -3.59
C ASN E 325 -22.39 47.71 -5.02
N THR E 326 -23.44 46.96 -5.31
CA THR E 326 -24.02 46.98 -6.65
C THR E 326 -24.65 48.33 -6.93
N ARG E 327 -24.50 48.81 -8.17
CA ARG E 327 -24.97 50.12 -8.57
C ARG E 327 -26.38 50.10 -9.15
N ILE E 328 -27.12 48.99 -8.96
CA ILE E 328 -28.51 48.94 -9.40
C ILE E 328 -29.35 49.94 -8.61
N GLY E 329 -29.17 49.97 -7.29
CA GLY E 329 -29.92 50.86 -6.44
C GLY E 329 -30.54 50.15 -5.26
N GLN E 330 -30.41 48.83 -5.23
CA GLN E 330 -30.96 48.03 -4.14
C GLN E 330 -30.10 48.15 -2.90
N GLY E 331 -30.77 48.09 -1.73
CA GLY E 331 -30.10 48.15 -0.46
C GLY E 331 -29.85 46.79 0.14
N VAL E 332 -29.40 46.78 1.38
CA VAL E 332 -29.11 45.55 2.12
C VAL E 332 -30.43 44.86 2.46
N PRO E 333 -30.63 43.61 2.03
CA PRO E 333 -31.86 42.90 2.39
C PRO E 333 -31.89 42.58 3.88
N VAL E 334 -33.09 42.63 4.45
CA VAL E 334 -33.31 42.36 5.87
C VAL E 334 -34.39 41.29 5.99
N VAL E 335 -34.13 40.28 6.82
CA VAL E 335 -35.09 39.22 7.09
C VAL E 335 -35.26 39.13 8.61
N ALA E 336 -36.38 38.53 9.01
CA ALA E 336 -36.70 38.37 10.43
C ALA E 336 -36.97 36.90 10.71
N LEU E 337 -36.25 36.34 11.68
CA LEU E 337 -36.42 34.95 12.09
C LEU E 337 -37.13 34.94 13.43
N ILE E 338 -38.33 34.35 13.47
CA ILE E 338 -39.16 34.32 14.67
C ILE E 338 -39.15 32.90 15.23
N VAL E 339 -38.69 32.77 16.47
CA VAL E 339 -38.70 31.49 17.18
C VAL E 339 -39.35 31.71 18.53
N GLU E 340 -40.44 30.98 18.80
CA GLU E 340 -41.17 31.04 20.07
C GLU E 340 -41.66 32.48 20.25
N GLY E 341 -41.43 33.11 21.40
CA GLY E 341 -41.83 34.50 21.57
C GLY E 341 -43.22 34.63 22.16
N GLY E 342 -43.38 35.64 23.02
CA GLY E 342 -44.62 35.85 23.73
C GLY E 342 -45.64 36.63 22.93
N PRO E 343 -46.59 37.25 23.62
CA PRO E 343 -47.64 38.01 22.91
C PRO E 343 -47.13 39.22 22.15
N ASN E 344 -45.96 39.76 22.51
CA ASN E 344 -45.42 40.91 21.80
C ASN E 344 -44.78 40.52 20.47
N VAL E 345 -44.52 39.24 20.26
CA VAL E 345 -43.95 38.78 18.99
C VAL E 345 -44.92 39.04 17.84
N ILE E 346 -46.22 38.88 18.10
CA ILE E 346 -47.22 39.20 17.09
C ILE E 346 -47.16 40.68 16.74
N SER E 347 -47.02 41.54 17.75
CA SER E 347 -46.94 42.97 17.51
C SER E 347 -45.71 43.34 16.69
N ILE E 348 -44.55 42.78 17.03
CA ILE E 348 -43.34 43.14 16.28
C ILE E 348 -43.38 42.55 14.88
N VAL E 349 -43.99 41.38 14.70
CA VAL E 349 -44.13 40.81 13.36
C VAL E 349 -45.02 41.71 12.50
N LEU E 350 -46.15 42.17 13.06
CA LEU E 350 -47.02 43.05 12.28
C LEU E 350 -46.35 44.39 11.99
N GLU E 351 -45.60 44.93 12.95
CA GLU E 351 -44.89 46.17 12.71
C GLU E 351 -43.77 46.00 11.69
N TYR E 352 -43.21 44.79 11.55
CA TYR E 352 -42.29 44.52 10.46
C TYR E 352 -43.01 44.44 9.12
N LEU E 353 -44.16 43.77 9.09
CA LEU E 353 -44.92 43.60 7.85
C LEU E 353 -45.57 44.90 7.36
N ARG E 354 -45.62 45.95 8.19
CA ARG E 354 -46.22 47.21 7.79
C ARG E 354 -45.21 48.25 7.32
N ASP E 355 -43.92 47.90 7.30
CA ASP E 355 -42.92 48.83 6.80
C ASP E 355 -43.10 49.08 5.31
N THR E 356 -42.87 50.32 4.90
CA THR E 356 -42.99 50.68 3.49
C THR E 356 -41.96 49.90 2.65
N PRO E 357 -40.72 49.74 3.09
CA PRO E 357 -39.91 48.62 2.60
C PRO E 357 -40.14 47.37 3.44
N PRO E 358 -41.17 46.58 3.12
CA PRO E 358 -41.58 45.51 4.04
C PRO E 358 -40.50 44.46 4.22
N VAL E 359 -40.46 43.90 5.43
CA VAL E 359 -39.46 42.92 5.84
C VAL E 359 -40.13 41.55 5.94
N PRO E 360 -39.73 40.58 5.13
CA PRO E 360 -40.31 39.24 5.26
C PRO E 360 -39.89 38.59 6.57
N VAL E 361 -40.75 37.70 7.07
CA VAL E 361 -40.52 37.02 8.33
C VAL E 361 -40.52 35.52 8.10
N VAL E 362 -39.82 34.79 8.97
CA VAL E 362 -39.77 33.34 8.96
C VAL E 362 -40.05 32.85 10.36
N VAL E 363 -41.02 31.94 10.50
CA VAL E 363 -41.44 31.43 11.80
C VAL E 363 -41.22 29.92 11.83
N CYS E 364 -41.28 29.36 13.04
CA CYS E 364 -41.15 27.94 13.25
C CYS E 364 -42.33 27.44 14.07
N ASP E 365 -42.79 26.23 13.76
CA ASP E 365 -43.98 25.67 14.38
C ASP E 365 -43.68 24.73 15.54
N GLY E 366 -42.42 24.33 15.74
CA GLY E 366 -42.07 23.42 16.79
C GLY E 366 -41.81 24.04 18.15
N SER E 367 -42.00 25.35 18.28
CA SER E 367 -41.72 26.02 19.55
C SER E 367 -42.85 25.82 20.55
N GLY E 368 -44.08 26.16 20.15
CA GLY E 368 -45.25 26.00 20.99
C GLY E 368 -45.90 27.30 21.42
N ARG E 369 -45.16 28.41 21.40
CA ARG E 369 -45.69 29.71 21.78
C ARG E 369 -46.26 30.39 20.54
N ALA E 370 -46.50 31.70 20.61
CA ALA E 370 -47.21 32.44 19.56
C ALA E 370 -46.62 32.25 18.16
N SER E 371 -45.38 31.77 18.05
CA SER E 371 -44.89 31.34 16.74
C SER E 371 -45.69 30.16 16.21
N ASP E 372 -45.97 29.18 17.08
CA ASP E 372 -46.81 28.05 16.69
C ASP E 372 -48.25 28.49 16.41
N ILE E 373 -48.77 29.43 17.20
CA ILE E 373 -50.11 29.95 16.95
C ILE E 373 -50.17 30.65 15.59
N LEU E 374 -49.14 31.44 15.27
CA LEU E 374 -49.10 32.10 13.97
C LEU E 374 -48.95 31.11 12.83
N ALA E 375 -48.17 30.04 13.04
CA ALA E 375 -48.05 29.00 12.03
C ALA E 375 -49.37 28.29 11.80
N PHE E 376 -50.12 28.02 12.88
CA PHE E 376 -51.44 27.45 12.75
C PHE E 376 -52.39 28.39 12.02
N GLY E 377 -52.31 29.69 12.33
CA GLY E 377 -53.13 30.67 11.65
C GLY E 377 -52.75 30.88 10.19
N HIS E 378 -51.55 30.49 9.80
CA HIS E 378 -51.17 30.51 8.40
C HIS E 378 -52.09 29.60 7.58
N LYS E 379 -52.38 28.42 8.11
CA LYS E 379 -53.41 27.56 7.54
C LYS E 379 -54.78 28.18 7.74
N TYR E 380 -55.68 27.93 6.78
CA TYR E 380 -57.06 28.43 6.79
C TYR E 380 -57.08 29.96 6.84
N SER E 381 -56.61 30.55 5.75
CA SER E 381 -56.63 31.99 5.60
C SER E 381 -58.04 32.48 5.27
N GLU E 382 -58.16 33.78 5.03
CA GLU E 382 -59.45 34.38 4.70
C GLU E 382 -59.39 35.10 3.35
N VAL E 397 -64.02 30.56 13.42
CA VAL E 397 -62.94 29.91 14.15
C VAL E 397 -62.29 30.92 15.09
N THR E 398 -63.07 31.38 16.07
CA THR E 398 -62.58 32.33 17.08
C THR E 398 -62.64 31.80 18.50
N ILE E 399 -63.40 30.73 18.77
CA ILE E 399 -63.45 30.15 20.11
C ILE E 399 -62.30 29.19 20.38
N GLN E 400 -61.42 28.97 19.41
CA GLN E 400 -60.29 28.07 19.58
C GLN E 400 -59.09 28.73 20.25
N LYS E 401 -59.14 30.03 20.51
CA LYS E 401 -58.00 30.74 21.07
C LYS E 401 -57.99 30.74 22.59
N THR E 402 -58.93 30.03 23.24
CA THR E 402 -58.96 29.95 24.70
C THR E 402 -57.85 29.00 25.14
N PHE E 403 -56.63 29.51 25.14
CA PHE E 403 -55.45 28.76 25.54
C PHE E 403 -54.99 29.08 26.96
N THR E 404 -55.75 29.90 27.69
CA THR E 404 -55.38 30.37 29.02
C THR E 404 -54.01 31.04 29.02
N TYR E 405 -53.73 31.76 27.94
CA TYR E 405 -52.46 32.46 27.77
C TYR E 405 -52.59 33.97 27.97
N THR E 406 -53.79 34.51 27.87
CA THR E 406 -54.09 35.92 28.11
C THR E 406 -55.21 36.01 29.13
N ARG E 407 -55.74 37.22 29.32
CA ARG E 407 -56.81 37.46 30.28
C ARG E 407 -58.12 36.89 29.72
N THR E 408 -58.25 35.57 29.83
CA THR E 408 -59.40 34.77 29.44
C THR E 408 -59.76 35.07 27.98
N GLN E 409 -61.03 34.89 27.62
CA GLN E 409 -61.53 35.27 26.32
C GLN E 409 -61.91 36.74 26.24
N ALA E 410 -61.97 37.42 27.39
CA ALA E 410 -62.26 38.85 27.39
C ALA E 410 -61.15 39.65 26.72
N GLN E 411 -59.90 39.27 26.96
CA GLN E 411 -58.75 39.91 26.31
C GLN E 411 -58.19 38.97 25.25
N HIS E 412 -58.05 39.49 24.03
CA HIS E 412 -57.55 38.69 22.91
C HIS E 412 -56.73 39.57 21.99
N LEU E 413 -55.80 38.94 21.27
CA LEU E 413 -55.01 39.60 20.23
C LEU E 413 -55.44 39.16 18.84
N PHE E 414 -56.72 38.78 18.70
CA PHE E 414 -57.16 38.21 17.43
C PHE E 414 -57.25 39.28 16.33
N ILE E 415 -57.50 40.54 16.70
CA ILE E 415 -57.55 41.60 15.69
C ILE E 415 -56.18 41.82 15.08
N ILE E 416 -55.15 41.95 15.92
CA ILE E 416 -53.80 42.15 15.40
C ILE E 416 -53.30 40.89 14.70
N LEU E 417 -53.66 39.71 15.20
CA LEU E 417 -53.28 38.47 14.50
C LEU E 417 -53.96 38.39 13.14
N MET E 418 -55.22 38.82 13.03
CA MET E 418 -55.91 38.75 11.75
C MET E 418 -55.40 39.81 10.78
N GLU E 419 -54.94 40.95 11.28
CA GLU E 419 -54.24 41.89 10.39
C GLU E 419 -52.93 41.29 9.89
N CYS E 420 -52.18 40.62 10.78
CA CYS E 420 -50.93 39.99 10.38
C CYS E 420 -51.18 38.90 9.33
N MET E 421 -52.25 38.12 9.50
CA MET E 421 -52.60 37.11 8.52
C MET E 421 -53.25 37.71 7.28
N LYS E 422 -53.79 38.92 7.37
CA LYS E 422 -54.20 39.63 6.17
C LYS E 422 -53.00 39.99 5.31
N LYS E 423 -51.90 40.41 5.94
CA LYS E 423 -50.65 40.60 5.22
C LYS E 423 -49.76 39.37 5.39
N LYS E 424 -50.22 38.26 4.80
CA LYS E 424 -49.53 36.98 4.90
C LYS E 424 -48.72 36.62 3.66
N GLU E 425 -48.59 37.55 2.71
CA GLU E 425 -47.85 37.26 1.50
C GLU E 425 -46.35 37.11 1.76
N LEU E 426 -45.85 37.69 2.86
CA LEU E 426 -44.43 37.66 3.18
C LEU E 426 -44.07 36.63 4.25
N ILE E 427 -45.05 36.09 4.96
CA ILE E 427 -44.79 35.17 6.06
C ILE E 427 -44.42 33.81 5.49
N THR E 428 -43.32 33.24 5.99
CA THR E 428 -42.85 31.91 5.60
C THR E 428 -42.83 31.04 6.84
N VAL E 429 -43.39 29.83 6.74
CA VAL E 429 -43.44 28.88 7.83
C VAL E 429 -42.53 27.71 7.50
N PHE E 430 -41.65 27.36 8.44
CA PHE E 430 -40.74 26.24 8.29
C PHE E 430 -41.29 25.04 9.03
N ARG E 431 -41.51 23.94 8.30
CA ARG E 431 -42.03 22.71 8.87
C ARG E 431 -41.20 21.53 8.38
N MET E 432 -41.16 20.48 9.21
CA MET E 432 -40.38 19.28 8.91
C MET E 432 -41.30 18.20 8.34
N GLY E 433 -41.00 17.76 7.13
CA GLY E 433 -41.72 16.65 6.53
C GLY E 433 -43.06 17.01 5.93
N SER E 434 -43.84 17.85 6.62
CA SER E 434 -45.17 18.20 6.16
C SER E 434 -45.11 19.01 4.87
N GLU E 435 -44.17 19.95 4.77
CA GLU E 435 -44.07 20.82 3.61
C GLU E 435 -42.69 20.77 2.99
N GLY E 436 -42.45 21.65 2.01
CA GLY E 436 -41.13 21.79 1.43
C GLY E 436 -40.26 22.72 2.25
N HIS E 437 -39.10 23.05 1.68
CA HIS E 437 -38.08 23.89 2.34
C HIS E 437 -37.69 23.31 3.69
N GLN E 438 -37.13 22.11 3.65
CA GLN E 438 -36.72 21.41 4.86
C GLN E 438 -35.44 21.99 5.47
N ASP E 439 -34.77 22.90 4.79
CA ASP E 439 -33.54 23.51 5.27
C ASP E 439 -33.80 24.95 5.68
N ILE E 440 -33.29 25.33 6.85
CA ILE E 440 -33.48 26.69 7.35
C ILE E 440 -32.79 27.71 6.45
N ASP E 441 -31.56 27.42 6.02
CA ASP E 441 -30.83 28.36 5.17
C ASP E 441 -31.53 28.55 3.82
N LEU E 442 -32.17 27.50 3.30
CA LEU E 442 -32.97 27.65 2.08
C LEU E 442 -34.26 28.42 2.36
N ALA E 443 -34.87 28.21 3.54
CA ALA E 443 -36.08 28.95 3.89
C ALA E 443 -35.81 30.45 4.01
N ILE E 444 -34.68 30.81 4.63
CA ILE E 444 -34.35 32.22 4.82
C ILE E 444 -34.02 32.87 3.48
N LEU E 445 -33.16 32.22 2.68
CA LEU E 445 -32.66 32.86 1.47
C LEU E 445 -33.74 32.97 0.39
N THR E 446 -34.61 31.96 0.26
CA THR E 446 -35.69 32.04 -0.72
C THR E 446 -36.73 33.08 -0.35
N ALA E 447 -36.90 33.36 0.96
CA ALA E 447 -37.84 34.39 1.36
C ALA E 447 -37.35 35.79 1.00
N LEU E 448 -36.03 35.97 0.90
CA LEU E 448 -35.47 37.27 0.56
C LEU E 448 -35.60 37.62 -0.91
N LEU E 449 -35.80 36.62 -1.78
CA LEU E 449 -36.00 36.90 -3.19
C LEU E 449 -37.47 37.16 -3.51
N LYS E 450 -38.37 36.32 -2.98
CA LYS E 450 -39.79 36.56 -3.15
C LYS E 450 -40.23 37.81 -2.41
N GLY E 451 -39.69 38.02 -1.21
CA GLY E 451 -40.08 39.16 -0.40
C GLY E 451 -39.52 40.49 -0.88
N ALA E 452 -38.49 40.45 -1.74
CA ALA E 452 -37.96 41.69 -2.29
C ALA E 452 -38.88 42.29 -3.34
N ASN E 453 -39.66 41.44 -4.02
CA ASN E 453 -40.59 41.87 -5.07
C ASN E 453 -39.87 42.66 -6.16
N ALA E 454 -38.68 42.23 -6.51
CA ALA E 454 -37.89 42.88 -7.55
C ALA E 454 -37.91 42.04 -8.82
N SER E 455 -37.19 42.51 -9.83
CA SER E 455 -37.15 41.82 -11.11
C SER E 455 -36.10 40.71 -11.08
N ALA E 456 -36.08 39.93 -12.17
CA ALA E 456 -35.09 38.85 -12.29
C ALA E 456 -33.65 39.33 -12.28
N PRO E 457 -33.26 40.43 -12.96
CA PRO E 457 -31.87 40.90 -12.80
C PRO E 457 -31.48 41.24 -11.38
N ASP E 458 -32.41 41.81 -10.59
CA ASP E 458 -32.08 42.13 -9.21
C ASP E 458 -31.92 40.87 -8.36
N GLN E 459 -32.76 39.86 -8.60
CA GLN E 459 -32.59 38.58 -7.90
C GLN E 459 -31.27 37.94 -8.28
N LEU E 460 -30.89 38.00 -9.55
CA LEU E 460 -29.61 37.45 -9.98
C LEU E 460 -28.44 38.21 -9.36
N SER E 461 -28.56 39.53 -9.26
CA SER E 461 -27.53 40.33 -8.60
C SER E 461 -27.41 39.97 -7.13
N LEU E 462 -28.54 39.76 -6.45
CA LEU E 462 -28.50 39.37 -5.04
C LEU E 462 -27.85 37.99 -4.87
N ALA E 463 -28.21 37.03 -5.72
CA ALA E 463 -27.60 35.71 -5.64
C ALA E 463 -26.12 35.75 -5.97
N LEU E 464 -25.71 36.65 -6.88
CA LEU E 464 -24.30 36.80 -7.20
C LEU E 464 -23.54 37.42 -6.04
N ALA E 465 -24.15 38.40 -5.36
CA ALA E 465 -23.51 39.01 -4.20
C ALA E 465 -23.37 38.01 -3.07
N TRP E 466 -24.37 37.16 -2.86
CA TRP E 466 -24.31 36.16 -1.81
C TRP E 466 -23.44 34.97 -2.15
N ASN E 467 -23.00 34.85 -3.40
CA ASN E 467 -22.17 33.74 -3.87
C ASN E 467 -22.86 32.40 -3.59
N ARG E 468 -24.15 32.33 -3.93
CA ARG E 468 -24.94 31.12 -3.79
C ARG E 468 -25.48 30.74 -5.16
N VAL E 469 -24.84 29.75 -5.80
CA VAL E 469 -25.26 29.35 -7.14
C VAL E 469 -26.45 28.40 -7.11
N ASP E 470 -26.67 27.67 -6.01
CA ASP E 470 -27.80 26.76 -5.95
C ASP E 470 -29.11 27.54 -5.86
N ILE E 471 -29.12 28.66 -5.16
CA ILE E 471 -30.31 29.49 -5.06
C ILE E 471 -30.70 30.04 -6.44
N ALA E 472 -29.71 30.52 -7.19
CA ALA E 472 -29.99 31.03 -8.53
C ALA E 472 -30.39 29.90 -9.48
N ARG E 473 -29.82 28.70 -9.30
CA ARG E 473 -30.15 27.58 -10.17
C ARG E 473 -31.57 27.10 -9.92
N SER E 474 -31.99 27.02 -8.67
CA SER E 474 -33.30 26.44 -8.34
C SER E 474 -34.44 27.44 -8.40
N GLN E 475 -34.17 28.73 -8.20
CA GLN E 475 -35.21 29.75 -8.16
C GLN E 475 -35.18 30.70 -9.36
N ILE E 476 -34.04 31.29 -9.66
CA ILE E 476 -33.99 32.36 -10.65
C ILE E 476 -34.09 31.80 -12.07
N PHE E 477 -33.34 30.74 -12.37
CA PHE E 477 -33.33 30.17 -13.72
C PHE E 477 -34.38 29.07 -13.80
N ILE E 478 -35.59 29.48 -14.17
CA ILE E 478 -36.73 28.57 -14.34
C ILE E 478 -37.43 28.90 -15.64
N TYR E 479 -38.54 28.21 -15.89
CA TYR E 479 -39.30 28.39 -17.13
C TYR E 479 -39.93 29.77 -17.17
N GLY E 480 -39.73 30.49 -18.27
CA GLY E 480 -40.42 31.74 -18.52
C GLY E 480 -40.12 32.85 -17.55
N GLN E 481 -38.90 33.37 -17.57
CA GLN E 481 -38.49 34.42 -16.64
C GLN E 481 -38.45 35.81 -17.27
N GLN E 482 -38.36 35.90 -18.60
CA GLN E 482 -38.47 37.16 -19.34
C GLN E 482 -37.39 38.16 -18.89
N TRP E 483 -36.14 37.79 -19.17
CA TRP E 483 -35.03 38.69 -18.89
C TRP E 483 -35.07 39.89 -19.84
N PRO E 484 -34.85 41.10 -19.32
CA PRO E 484 -34.75 42.27 -20.20
C PRO E 484 -33.53 42.17 -21.10
N VAL E 485 -33.61 42.87 -22.23
CA VAL E 485 -32.53 42.83 -23.22
C VAL E 485 -31.30 43.54 -22.65
N GLY E 486 -30.16 42.86 -22.68
CA GLY E 486 -28.93 43.39 -22.14
C GLY E 486 -28.72 43.17 -20.65
N SER E 487 -29.54 42.34 -20.02
CA SER E 487 -29.37 42.08 -18.59
C SER E 487 -28.38 40.97 -18.32
N LEU E 488 -28.47 39.87 -19.08
CA LEU E 488 -27.55 38.75 -18.89
C LEU E 488 -26.12 39.14 -19.23
N GLU E 489 -25.92 40.07 -20.17
CA GLU E 489 -24.58 40.55 -20.49
C GLU E 489 -23.96 41.26 -19.30
N GLN E 490 -24.71 42.16 -18.65
CA GLN E 490 -24.20 42.83 -17.47
C GLN E 490 -24.02 41.86 -16.30
N ALA E 491 -24.90 40.86 -16.19
CA ALA E 491 -24.70 39.84 -15.15
C ALA E 491 -23.42 39.06 -15.38
N MET E 492 -23.13 38.71 -16.63
CA MET E 492 -21.90 38.01 -16.95
C MET E 492 -20.68 38.89 -16.66
N LEU E 493 -20.77 40.18 -16.98
CA LEU E 493 -19.67 41.08 -16.68
C LEU E 493 -19.42 41.18 -15.17
N ASP E 494 -20.50 41.29 -14.38
CA ASP E 494 -20.36 41.37 -12.94
C ASP E 494 -19.80 40.07 -12.35
N ALA E 495 -20.25 38.93 -12.86
CA ALA E 495 -19.72 37.65 -12.39
C ALA E 495 -18.27 37.46 -12.81
N LEU E 496 -17.88 38.04 -13.94
CA LEU E 496 -16.49 37.94 -14.40
C LEU E 496 -15.56 38.82 -13.58
N VAL E 497 -16.03 40.00 -13.17
CA VAL E 497 -15.19 40.88 -12.35
C VAL E 497 -14.98 40.27 -10.97
N LEU E 498 -16.04 39.75 -10.36
CA LEU E 498 -16.02 39.31 -8.97
C LEU E 498 -15.41 37.92 -8.80
N ASP E 499 -14.91 37.29 -9.86
CA ASP E 499 -14.32 35.96 -9.82
C ASP E 499 -15.33 34.94 -9.29
N ARG E 500 -16.43 34.79 -10.03
CA ARG E 500 -17.50 33.84 -9.71
C ARG E 500 -17.55 32.84 -10.86
N VAL E 501 -16.74 31.77 -10.74
CA VAL E 501 -16.63 30.79 -11.82
C VAL E 501 -17.95 30.04 -12.00
N ASP E 502 -18.59 29.68 -10.90
CA ASP E 502 -19.85 28.93 -10.98
C ASP E 502 -20.93 29.75 -11.69
N PHE E 503 -21.02 31.04 -11.39
CA PHE E 503 -22.02 31.88 -12.04
C PHE E 503 -21.70 32.11 -13.50
N VAL E 504 -20.42 32.22 -13.86
CA VAL E 504 -20.05 32.32 -15.27
C VAL E 504 -20.46 31.06 -16.02
N LYS E 505 -20.18 29.89 -15.44
CA LYS E 505 -20.58 28.63 -16.06
C LYS E 505 -22.10 28.54 -16.19
N LEU E 506 -22.83 28.96 -15.14
CA LEU E 506 -24.29 28.91 -15.17
C LEU E 506 -24.86 29.85 -16.25
N LEU E 507 -24.30 31.04 -16.37
CA LEU E 507 -24.79 31.99 -17.37
C LEU E 507 -24.46 31.54 -18.79
N ILE E 508 -23.27 30.95 -18.98
CA ILE E 508 -22.93 30.38 -20.28
C ILE E 508 -23.88 29.26 -20.63
N GLU E 509 -24.19 28.40 -19.65
CA GLU E 509 -25.14 27.31 -19.88
C GLU E 509 -26.55 27.82 -20.17
N ASN E 510 -26.92 28.98 -19.62
CA ASN E 510 -28.29 29.48 -19.69
C ASN E 510 -28.46 30.60 -20.71
N GLY E 511 -27.67 30.59 -21.79
CA GLY E 511 -28.00 31.44 -22.93
C GLY E 511 -26.94 32.36 -23.48
N VAL E 512 -26.09 32.93 -22.62
CA VAL E 512 -25.16 33.95 -23.09
C VAL E 512 -24.07 33.30 -23.94
N SER E 513 -23.57 34.05 -24.91
CA SER E 513 -22.52 33.61 -25.81
C SER E 513 -21.30 34.51 -25.64
N MET E 514 -20.13 33.92 -25.49
CA MET E 514 -18.93 34.70 -25.23
C MET E 514 -18.43 35.45 -26.46
N HIS E 515 -18.88 35.06 -27.65
CA HIS E 515 -18.43 35.75 -28.86
C HIS E 515 -19.04 37.14 -28.97
N ARG E 516 -20.34 37.28 -28.66
CA ARG E 516 -20.98 38.59 -28.72
C ARG E 516 -20.72 39.42 -27.48
N PHE E 517 -20.50 38.78 -26.33
CA PHE E 517 -20.27 39.52 -25.09
C PHE E 517 -18.96 40.29 -25.14
N LEU E 518 -17.87 39.62 -25.50
CA LEU E 518 -16.54 40.20 -25.37
C LEU E 518 -16.29 41.20 -26.49
N THR E 519 -16.06 42.46 -26.11
CA THR E 519 -15.68 43.51 -27.04
C THR E 519 -14.44 44.20 -26.49
N ILE E 520 -13.90 45.14 -27.28
CA ILE E 520 -12.67 45.82 -26.88
C ILE E 520 -12.89 46.64 -25.61
N SER E 521 -14.01 47.36 -25.53
CA SER E 521 -14.29 48.18 -24.36
C SER E 521 -14.52 47.33 -23.12
N ARG E 522 -15.20 46.19 -23.27
CA ARG E 522 -15.44 45.33 -22.12
C ARG E 522 -14.15 44.71 -21.61
N LEU E 523 -13.25 44.30 -22.52
CA LEU E 523 -11.95 43.79 -22.09
C LEU E 523 -11.13 44.89 -21.43
N GLU E 524 -11.21 46.12 -21.94
CA GLU E 524 -10.54 47.25 -21.31
C GLU E 524 -11.04 47.45 -19.89
N GLU E 525 -12.35 47.37 -19.68
CA GLU E 525 -12.90 47.48 -18.33
C GLU E 525 -12.47 46.32 -17.45
N LEU E 526 -12.43 45.10 -18.01
CA LEU E 526 -11.99 43.93 -17.26
C LEU E 526 -10.53 44.06 -16.81
N TYR E 527 -9.71 44.74 -17.59
CA TYR E 527 -8.31 44.92 -17.22
C TYR E 527 -8.10 46.06 -16.23
N ASN E 528 -9.14 46.80 -15.86
CA ASN E 528 -9.01 47.93 -14.95
C ASN E 528 -9.99 47.82 -13.79
N THR E 529 -10.19 46.62 -13.26
CA THR E 529 -11.12 46.42 -12.16
C THR E 529 -10.41 46.51 -10.81
N ARG E 530 -11.21 46.67 -9.76
CA ARG E 530 -10.74 46.66 -8.38
C ARG E 530 -11.30 45.53 -7.55
N HIS E 531 -12.42 44.93 -7.97
CA HIS E 531 -13.07 43.84 -7.23
C HIS E 531 -12.36 42.54 -7.58
N GLY E 532 -11.59 42.02 -6.64
CA GLY E 532 -10.90 40.77 -6.82
C GLY E 532 -9.67 40.65 -5.95
N PRO E 533 -9.02 39.49 -6.02
CA PRO E 533 -7.79 39.29 -5.23
C PRO E 533 -6.63 40.12 -5.79
N SER E 534 -5.55 40.16 -5.02
CA SER E 534 -4.39 40.96 -5.40
C SER E 534 -3.68 40.35 -6.60
N ASN E 535 -3.10 41.22 -7.43
CA ASN E 535 -2.33 40.79 -8.59
C ASN E 535 -1.20 41.79 -8.83
N THR E 536 -0.18 41.34 -9.55
CA THR E 536 1.01 42.13 -9.82
C THR E 536 0.99 42.74 -11.21
N LEU E 537 -0.20 43.03 -11.75
CA LEU E 537 -0.28 43.56 -13.11
C LEU E 537 0.16 45.02 -13.17
N TYR E 538 -0.19 45.81 -12.16
CA TYR E 538 0.19 47.22 -12.16
C TYR E 538 1.70 47.39 -12.08
N HIS E 539 2.37 46.56 -11.27
CA HIS E 539 3.82 46.61 -11.19
C HIS E 539 4.47 46.29 -12.53
N LEU E 540 3.96 45.27 -13.23
CA LEU E 540 4.49 44.93 -14.54
C LEU E 540 4.25 46.05 -15.55
N VAL E 541 3.07 46.65 -15.53
CA VAL E 541 2.78 47.74 -16.46
C VAL E 541 3.70 48.93 -16.20
N ARG E 542 3.92 49.26 -14.91
CA ARG E 542 4.84 50.33 -14.57
C ARG E 542 6.26 50.00 -15.02
N ASP E 543 6.69 48.75 -14.82
CA ASP E 543 8.05 48.37 -15.18
C ASP E 543 8.27 48.40 -16.69
N VAL E 544 7.26 48.01 -17.47
CA VAL E 544 7.41 48.00 -18.93
C VAL E 544 7.50 49.43 -19.47
N LYS E 545 6.64 50.31 -18.98
CA LYS E 545 6.60 51.70 -19.43
C LYS E 545 7.48 52.61 -18.57
N LYS E 546 8.38 52.04 -17.76
CA LYS E 546 9.34 52.76 -16.94
C LYS E 546 8.65 53.68 -15.92
N GLY E 547 9.43 54.48 -15.22
CA GLY E 547 8.91 55.33 -14.17
C GLY E 547 8.23 56.57 -14.69
N ASN E 548 7.95 57.49 -13.75
CA ASN E 548 7.28 58.75 -14.03
C ASN E 548 5.91 58.52 -14.69
N LEU E 549 5.14 57.60 -14.12
CA LEU E 549 3.81 57.31 -14.59
C LEU E 549 2.77 57.97 -13.67
N PRO E 550 1.60 58.35 -14.19
CA PRO E 550 0.59 58.97 -13.35
C PRO E 550 0.04 57.98 -12.34
N PRO E 551 -0.39 58.45 -11.17
CA PRO E 551 -0.95 57.55 -10.15
C PRO E 551 -2.23 56.89 -10.61
N ASP E 552 -3.18 57.69 -11.09
CA ASP E 552 -4.46 57.19 -11.60
C ASP E 552 -4.34 57.07 -13.11
N TYR E 553 -4.02 55.88 -13.59
CA TYR E 553 -3.84 55.61 -15.01
C TYR E 553 -4.71 54.44 -15.42
N ARG E 554 -5.41 54.61 -16.54
CA ARG E 554 -6.24 53.55 -17.11
C ARG E 554 -5.39 52.73 -18.08
N ILE E 555 -5.32 51.43 -17.84
CA ILE E 555 -4.45 50.55 -18.63
C ILE E 555 -5.16 50.23 -19.94
N SER E 556 -4.47 50.49 -21.05
CA SER E 556 -4.98 50.20 -22.37
C SER E 556 -4.45 48.86 -22.86
N LEU E 557 -5.09 48.32 -23.90
CA LEU E 557 -4.70 47.02 -24.44
C LEU E 557 -3.32 47.06 -25.10
N ILE E 558 -2.85 48.24 -25.53
CA ILE E 558 -1.50 48.33 -26.08
C ILE E 558 -0.46 48.05 -25.01
N ASP E 559 -0.65 48.59 -23.81
CA ASP E 559 0.26 48.29 -22.71
C ASP E 559 0.20 46.81 -22.33
N ILE E 560 -0.97 46.19 -22.42
CA ILE E 560 -1.09 44.77 -22.13
C ILE E 560 -0.34 43.95 -23.19
N GLY E 561 -0.43 44.36 -24.46
CA GLY E 561 0.38 43.71 -25.48
C GLY E 561 1.86 43.87 -25.23
N LEU E 562 2.28 45.06 -24.81
CA LEU E 562 3.70 45.28 -24.50
C LEU E 562 4.17 44.41 -23.35
N VAL E 563 3.37 44.29 -22.29
CA VAL E 563 3.79 43.48 -21.15
C VAL E 563 3.76 42.00 -21.51
N ILE E 564 2.85 41.58 -22.39
CA ILE E 564 2.86 40.20 -22.86
C ILE E 564 4.12 39.91 -23.67
N GLU E 565 4.52 40.85 -24.54
CA GLU E 565 5.75 40.68 -25.30
C GLU E 565 6.97 40.64 -24.38
N TYR E 566 6.99 41.48 -23.35
CA TYR E 566 8.10 41.48 -22.41
C TYR E 566 8.15 40.18 -21.61
N LEU E 567 7.00 39.66 -21.21
CA LEU E 567 6.96 38.43 -20.42
C LEU E 567 7.30 37.21 -21.27
N MET E 568 6.95 37.22 -22.56
CA MET E 568 7.05 36.00 -23.35
C MET E 568 8.49 35.72 -23.77
N GLY E 569 9.09 36.62 -24.53
CA GLY E 569 10.45 36.41 -25.00
C GLY E 569 10.85 37.47 -25.99
N GLY E 570 11.97 37.21 -26.66
CA GLY E 570 12.54 38.15 -27.61
C GLY E 570 11.84 38.20 -28.95
N ALA E 571 11.56 37.02 -29.51
CA ALA E 571 10.97 36.94 -30.84
C ALA E 571 9.45 37.02 -30.84
N TYR E 572 8.81 36.98 -29.67
CA TYR E 572 7.36 36.97 -29.61
C TYR E 572 6.79 38.35 -29.94
N ARG E 573 5.63 38.35 -30.60
CA ARG E 573 4.96 39.58 -30.98
C ARG E 573 3.46 39.39 -30.78
N CYS E 574 2.91 40.03 -29.75
CA CYS E 574 1.50 39.91 -29.44
C CYS E 574 0.66 40.61 -30.51
N ASN E 575 -0.60 40.16 -30.63
CA ASN E 575 -1.50 40.73 -31.62
C ASN E 575 -1.95 42.15 -31.27
N TYR E 576 -1.78 42.57 -30.02
CA TYR E 576 -2.23 43.90 -29.62
C TYR E 576 -1.32 44.99 -30.16
N THR E 577 -0.03 44.71 -30.31
CA THR E 577 0.93 45.71 -30.76
C THR E 577 1.08 45.76 -32.27
N ARG E 578 0.35 44.91 -33.00
CA ARG E 578 0.43 44.93 -34.45
C ARG E 578 -0.27 46.18 -35.00
N LYS E 579 0.11 46.55 -36.23
CA LYS E 579 -0.39 47.79 -36.82
C LYS E 579 -1.88 47.72 -37.10
N ARG E 580 -2.39 46.55 -37.47
CA ARG E 580 -3.82 46.39 -37.73
C ARG E 580 -4.64 46.69 -36.48
N PHE E 581 -4.25 46.10 -35.35
CA PHE E 581 -4.99 46.35 -34.11
C PHE E 581 -4.81 47.78 -33.63
N ARG E 582 -3.64 48.37 -33.85
CA ARG E 582 -3.44 49.77 -33.47
C ARG E 582 -4.34 50.69 -34.28
N THR E 583 -4.49 50.43 -35.58
CA THR E 583 -5.41 51.22 -36.39
C THR E 583 -6.87 50.99 -35.97
N LEU E 584 -7.22 49.75 -35.63
CA LEU E 584 -8.60 49.48 -35.21
C LEU E 584 -8.88 50.09 -33.83
N TYR E 585 -7.87 50.27 -33.00
CA TYR E 585 -8.03 50.81 -31.66
C TYR E 585 -7.92 52.33 -31.61
N HIS E 586 -7.24 52.94 -32.59
CA HIS E 586 -7.04 54.39 -32.55
C HIS E 586 -8.34 55.14 -32.81
N ASN E 587 -9.26 54.58 -33.59
CA ASN E 587 -10.53 55.22 -33.92
C ASN E 587 -11.67 54.67 -33.07
N LEU E 588 -11.40 54.29 -31.83
CA LEU E 588 -12.44 53.77 -30.95
C LEU E 588 -12.27 54.35 -29.55
N ASN E 632 -15.02 46.68 -31.84
CA ASN E 632 -15.50 45.53 -32.59
C ASN E 632 -15.57 44.29 -31.71
N HIS E 633 -15.25 43.14 -32.28
CA HIS E 633 -15.28 41.87 -31.57
C HIS E 633 -13.94 41.15 -31.75
N PHE E 634 -13.85 39.95 -31.20
CA PHE E 634 -12.69 39.09 -31.35
C PHE E 634 -13.09 37.76 -31.96
N PRO E 635 -12.31 37.23 -32.91
CA PRO E 635 -12.66 35.91 -33.47
C PRO E 635 -12.57 34.80 -32.45
N PHE E 636 -11.55 34.80 -31.60
CA PHE E 636 -11.39 33.81 -30.54
C PHE E 636 -11.41 34.53 -29.20
N PRO E 637 -12.55 34.57 -28.51
CA PRO E 637 -12.63 35.34 -27.26
C PRO E 637 -11.96 34.64 -26.09
N PHE E 638 -11.94 33.31 -26.13
CA PHE E 638 -11.39 32.56 -25.01
C PHE E 638 -9.87 32.68 -24.92
N HIS E 639 -9.19 32.97 -26.03
CA HIS E 639 -7.76 33.24 -25.96
C HIS E 639 -7.47 34.46 -25.09
N GLU E 640 -8.15 35.58 -25.38
CA GLU E 640 -7.96 36.79 -24.59
C GLU E 640 -8.48 36.62 -23.17
N LEU E 641 -9.57 35.89 -22.99
CA LEU E 641 -10.08 35.66 -21.63
C LEU E 641 -9.10 34.85 -20.79
N MET E 642 -8.49 33.82 -21.39
CA MET E 642 -7.52 33.02 -20.64
C MET E 642 -6.25 33.82 -20.35
N VAL E 643 -5.82 34.65 -21.31
CA VAL E 643 -4.66 35.51 -21.05
C VAL E 643 -4.96 36.49 -19.93
N TRP E 644 -6.17 37.05 -19.91
CA TRP E 644 -6.56 37.95 -18.83
C TRP E 644 -6.59 37.23 -17.49
N ALA E 645 -7.14 36.02 -17.46
CA ALA E 645 -7.19 35.25 -16.21
C ALA E 645 -5.80 34.88 -15.72
N VAL E 646 -4.87 34.60 -16.63
CA VAL E 646 -3.50 34.30 -16.22
C VAL E 646 -2.82 35.55 -15.69
N LEU E 647 -2.99 36.69 -16.37
CA LEU E 647 -2.33 37.92 -15.94
C LEU E 647 -2.91 38.46 -14.64
N MET E 648 -4.19 38.23 -14.39
CA MET E 648 -4.83 38.67 -13.15
C MET E 648 -4.70 37.64 -12.03
N LYS E 649 -4.01 36.52 -12.28
CA LYS E 649 -3.73 35.50 -11.27
C LYS E 649 -5.02 34.89 -10.71
N ARG E 650 -5.89 34.45 -11.61
CA ARG E 650 -7.12 33.77 -11.25
C ARG E 650 -7.06 32.37 -11.86
N GLN E 651 -6.63 31.39 -11.05
CA GLN E 651 -6.31 30.08 -11.57
C GLN E 651 -7.56 29.30 -11.97
N LYS E 652 -8.62 29.36 -11.16
CA LYS E 652 -9.85 28.65 -11.48
C LYS E 652 -10.49 29.18 -12.76
N MET E 653 -10.49 30.51 -12.92
CA MET E 653 -11.03 31.10 -14.14
C MET E 653 -10.21 30.69 -15.35
N ALA E 654 -8.88 30.66 -15.21
CA ALA E 654 -8.02 30.24 -16.32
C ALA E 654 -8.25 28.78 -16.68
N LEU E 655 -8.40 27.91 -15.67
CA LEU E 655 -8.69 26.51 -15.94
C LEU E 655 -10.05 26.32 -16.60
N PHE E 656 -11.04 27.13 -16.23
CA PHE E 656 -12.33 27.07 -16.90
C PHE E 656 -12.23 27.53 -18.35
N PHE E 657 -11.50 28.61 -18.60
CA PHE E 657 -11.37 29.14 -19.95
C PHE E 657 -10.46 28.31 -20.84
N TRP E 658 -9.60 27.47 -20.26
CA TRP E 658 -8.66 26.71 -21.07
C TRP E 658 -9.36 25.65 -21.90
N GLN E 659 -10.38 24.99 -21.33
CA GLN E 659 -11.05 23.88 -22.00
C GLN E 659 -12.10 24.33 -22.99
N HIS E 660 -12.35 25.63 -23.13
CA HIS E 660 -13.29 26.16 -24.11
C HIS E 660 -12.54 26.82 -25.25
N GLY E 661 -12.96 26.52 -26.47
CA GLY E 661 -12.30 27.05 -27.65
C GLY E 661 -11.22 26.12 -28.20
N GLU E 662 -10.61 26.57 -29.29
CA GLU E 662 -9.61 25.77 -29.98
C GLU E 662 -8.21 26.09 -29.45
N GLU E 663 -7.24 25.29 -29.89
CA GLU E 663 -5.83 25.45 -29.56
C GLU E 663 -5.61 25.38 -28.04
N ALA E 664 -5.99 24.23 -27.47
CA ALA E 664 -5.87 24.05 -26.03
C ALA E 664 -4.41 23.87 -25.61
N MET E 665 -3.64 23.10 -26.38
CA MET E 665 -2.25 22.85 -26.04
C MET E 665 -1.40 24.12 -26.13
N ALA E 666 -1.64 24.92 -27.18
CA ALA E 666 -0.94 26.20 -27.30
C ALA E 666 -1.27 27.12 -26.14
N LYS E 667 -2.55 27.16 -25.75
CA LYS E 667 -2.95 27.99 -24.62
C LYS E 667 -2.30 27.52 -23.33
N ALA E 668 -2.21 26.20 -23.13
CA ALA E 668 -1.56 25.67 -21.93
C ALA E 668 -0.08 26.04 -21.90
N LEU E 669 0.62 25.88 -23.01
CA LEU E 669 2.05 26.22 -23.04
C LEU E 669 2.28 27.71 -22.84
N VAL E 670 1.44 28.55 -23.46
CA VAL E 670 1.57 29.99 -23.29
C VAL E 670 1.31 30.39 -21.84
N ALA E 671 0.29 29.78 -21.21
CA ALA E 671 0.01 30.08 -19.81
C ALA E 671 1.15 29.64 -18.91
N CYS E 672 1.75 28.47 -19.20
CA CYS E 672 2.90 28.02 -18.41
C CYS E 672 4.07 29.00 -18.51
N LYS E 673 4.38 29.44 -19.73
CA LYS E 673 5.48 30.39 -19.91
C LYS E 673 5.18 31.72 -19.21
N LEU E 674 3.94 32.22 -19.34
CA LEU E 674 3.58 33.48 -18.71
C LEU E 674 3.65 33.38 -17.20
N CYS E 675 3.18 32.27 -16.62
CA CYS E 675 3.23 32.10 -15.17
C CYS E 675 4.66 32.00 -14.67
N LYS E 676 5.53 31.29 -15.41
CA LYS E 676 6.92 31.22 -15.03
C LYS E 676 7.58 32.60 -15.07
N ALA E 677 7.31 33.38 -16.13
CA ALA E 677 7.89 34.71 -16.24
C ALA E 677 7.39 35.62 -15.13
N MET E 678 6.09 35.54 -14.80
CA MET E 678 5.56 36.35 -13.71
C MET E 678 6.16 35.94 -12.37
N ALA E 679 6.37 34.64 -12.16
CA ALA E 679 7.02 34.19 -10.94
C ALA E 679 8.44 34.74 -10.82
N HIS E 680 9.19 34.70 -11.92
CA HIS E 680 10.54 35.26 -11.90
C HIS E 680 10.52 36.75 -11.62
N GLU E 681 9.60 37.48 -12.26
CA GLU E 681 9.50 38.91 -12.04
C GLU E 681 9.11 39.25 -10.60
N ALA E 682 8.18 38.48 -10.03
CA ALA E 682 7.77 38.72 -8.65
C ALA E 682 8.91 38.41 -7.67
N SER E 683 9.66 37.34 -7.93
CA SER E 683 10.79 37.02 -7.06
C SER E 683 11.92 38.03 -7.21
N GLU E 684 12.04 38.67 -8.39
CA GLU E 684 13.08 39.66 -8.59
C GLU E 684 12.83 40.93 -7.79
N ASN E 685 11.57 41.35 -7.68
CA ASN E 685 11.21 42.60 -7.04
C ASN E 685 10.77 42.43 -5.59
N ASP E 686 11.37 41.47 -4.87
CA ASP E 686 11.15 41.18 -3.46
C ASP E 686 9.68 41.25 -3.04
N MET E 687 8.86 40.38 -3.62
CA MET E 687 7.45 40.29 -3.24
C MET E 687 7.33 39.48 -1.95
N VAL E 688 6.10 39.13 -1.56
CA VAL E 688 5.87 38.41 -0.31
C VAL E 688 6.35 36.97 -0.34
N ASP E 689 6.84 36.49 -1.49
CA ASP E 689 7.40 35.17 -1.74
C ASP E 689 6.35 34.05 -1.68
N ASP E 690 5.11 34.36 -1.33
CA ASP E 690 4.01 33.40 -1.50
C ASP E 690 3.38 33.55 -2.88
N ILE E 691 3.40 34.76 -3.44
CA ILE E 691 2.95 34.98 -4.81
C ILE E 691 3.81 34.18 -5.78
N SER E 692 5.13 34.15 -5.56
CA SER E 692 6.02 33.38 -6.42
C SER E 692 5.72 31.89 -6.35
N GLN E 693 5.45 31.37 -5.15
CA GLN E 693 5.09 29.97 -5.01
C GLN E 693 3.77 29.66 -5.72
N GLU E 694 2.78 30.55 -5.58
CA GLU E 694 1.52 30.33 -6.27
C GLU E 694 1.69 30.35 -7.79
N LEU E 695 2.50 31.28 -8.29
CA LEU E 695 2.73 31.34 -9.73
C LEU E 695 3.49 30.11 -10.24
N ASN E 696 4.45 29.62 -9.46
CA ASN E 696 5.14 28.40 -9.85
C ASN E 696 4.19 27.20 -9.84
N HIS E 697 3.28 27.13 -8.88
CA HIS E 697 2.29 26.06 -8.86
C HIS E 697 1.37 26.15 -10.06
N ASN E 698 0.96 27.37 -10.45
CA ASN E 698 0.13 27.53 -11.64
C ASN E 698 0.87 27.10 -12.90
N SER E 699 2.16 27.45 -13.00
CA SER E 699 2.96 27.03 -14.13
C SER E 699 3.07 25.50 -14.20
N ARG E 700 3.29 24.86 -13.05
CA ARG E 700 3.35 23.40 -13.02
C ARG E 700 2.02 22.78 -13.43
N ASP E 701 0.91 23.34 -12.96
CA ASP E 701 -0.40 22.82 -13.33
C ASP E 701 -0.65 22.91 -14.83
N PHE E 702 -0.33 24.06 -15.43
CA PHE E 702 -0.55 24.21 -16.87
C PHE E 702 0.39 23.30 -17.67
N GLY E 703 1.64 23.15 -17.22
CA GLY E 703 2.54 22.24 -17.90
C GLY E 703 2.08 20.80 -17.84
N GLN E 704 1.56 20.37 -16.69
CA GLN E 704 1.04 19.01 -16.57
C GLN E 704 -0.19 18.83 -17.44
N LEU E 705 -1.04 19.85 -17.52
CA LEU E 705 -2.20 19.78 -18.44
C LEU E 705 -1.74 19.60 -19.88
N ALA E 706 -0.74 20.36 -20.30
CA ALA E 706 -0.24 20.24 -21.66
C ALA E 706 0.35 18.85 -21.92
N VAL E 707 1.11 18.32 -20.96
CA VAL E 707 1.71 17.00 -21.12
C VAL E 707 0.63 15.93 -21.22
N GLU E 708 -0.40 16.00 -20.37
CA GLU E 708 -1.45 14.99 -20.40
C GLU E 708 -2.28 15.09 -21.68
N LEU E 709 -2.53 16.31 -22.17
CA LEU E 709 -3.23 16.45 -23.44
C LEU E 709 -2.40 15.89 -24.59
N LEU E 710 -1.08 16.13 -24.58
CA LEU E 710 -0.22 15.54 -25.61
C LEU E 710 -0.24 14.02 -25.55
N ASP E 711 -0.22 13.46 -24.34
CA ASP E 711 -0.26 12.01 -24.18
C ASP E 711 -1.57 11.44 -24.72
N GLN E 712 -2.69 12.08 -24.40
CA GLN E 712 -3.98 11.61 -24.91
C GLN E 712 -4.04 11.69 -26.43
N SER E 713 -3.55 12.80 -27.00
CA SER E 713 -3.56 12.96 -28.44
C SER E 713 -2.70 11.91 -29.13
N TYR E 714 -1.51 11.64 -28.59
CA TYR E 714 -0.64 10.62 -29.19
C TYR E 714 -1.23 9.23 -29.04
N LYS E 715 -1.87 8.94 -27.92
CA LYS E 715 -2.48 7.63 -27.72
C LYS E 715 -3.66 7.43 -28.66
N GLN E 716 -4.40 8.49 -28.98
CA GLN E 716 -5.55 8.36 -29.86
C GLN E 716 -5.11 8.19 -31.32
N ASP E 717 -4.42 9.18 -31.87
CA ASP E 717 -3.95 9.14 -33.25
C ASP E 717 -2.56 9.75 -33.33
N GLU E 718 -1.64 9.05 -34.00
CA GLU E 718 -0.25 9.47 -34.01
C GLU E 718 0.04 10.53 -35.07
N GLN E 719 -0.46 10.31 -36.29
CA GLN E 719 -0.19 11.25 -37.38
C GLN E 719 -0.79 12.62 -37.11
N LEU E 720 -2.03 12.64 -36.61
CA LEU E 720 -2.64 13.92 -36.25
C LEU E 720 -1.96 14.55 -35.04
N ALA E 721 -1.42 13.73 -34.13
CA ALA E 721 -0.66 14.28 -33.01
C ALA E 721 0.62 14.96 -33.50
N MET E 722 1.31 14.37 -34.46
CA MET E 722 2.50 15.00 -35.02
C MET E 722 2.14 16.24 -35.83
N LYS E 723 1.01 16.22 -36.54
CA LYS E 723 0.56 17.40 -37.26
C LYS E 723 0.15 18.52 -36.30
N LEU E 724 -0.29 18.15 -35.09
CA LEU E 724 -0.74 19.15 -34.12
C LEU E 724 0.44 19.91 -33.52
N LEU E 725 1.62 19.30 -33.49
CA LEU E 725 2.79 19.90 -32.85
C LEU E 725 3.60 20.80 -33.77
N THR E 726 3.38 20.75 -35.08
CA THR E 726 4.23 21.47 -36.02
C THR E 726 3.51 22.51 -36.87
N TYR E 727 2.19 22.63 -36.79
CA TYR E 727 1.49 23.57 -37.64
C TYR E 727 1.58 24.98 -37.07
N GLU E 728 1.72 25.96 -37.96
CA GLU E 728 1.93 27.34 -37.56
C GLU E 728 0.69 27.90 -36.88
N LEU E 729 0.90 28.62 -35.78
CA LEU E 729 -0.18 29.24 -35.02
C LEU E 729 -0.24 30.72 -35.37
N LYS E 730 -1.30 31.12 -36.08
CA LYS E 730 -1.43 32.51 -36.49
C LYS E 730 -1.72 33.42 -35.32
N ASN E 731 -2.40 32.91 -34.28
CA ASN E 731 -2.79 33.73 -33.14
C ASN E 731 -1.69 33.89 -32.11
N TRP E 732 -0.61 33.11 -32.19
CA TRP E 732 0.44 33.15 -31.17
C TRP E 732 1.80 33.52 -31.77
N SER E 733 1.81 34.59 -32.59
CA SER E 733 3.04 35.17 -33.13
C SER E 733 3.80 34.20 -34.04
N ASN E 734 3.07 33.32 -34.73
CA ASN E 734 3.64 32.39 -35.71
C ASN E 734 4.74 31.53 -35.10
N ALA E 735 4.34 30.70 -34.13
CA ALA E 735 5.24 29.79 -33.47
C ALA E 735 4.53 28.47 -33.21
N THR E 736 5.23 27.37 -33.46
CA THR E 736 4.66 26.04 -33.26
C THR E 736 4.65 25.69 -31.78
N CYS E 737 3.98 24.58 -31.45
CA CYS E 737 3.92 24.13 -30.07
C CYS E 737 5.28 23.67 -29.56
N LEU E 738 6.12 23.12 -30.44
CA LEU E 738 7.48 22.76 -30.05
C LEU E 738 8.28 23.97 -29.59
N GLN E 739 8.17 25.07 -30.33
CA GLN E 739 8.90 26.28 -29.95
C GLN E 739 8.35 26.87 -28.66
N LEU E 740 7.04 26.78 -28.45
CA LEU E 740 6.44 27.26 -27.20
C LEU E 740 6.90 26.41 -26.02
N ALA E 741 7.02 25.09 -26.20
CA ALA E 741 7.47 24.22 -25.12
C ALA E 741 8.96 24.40 -24.85
N VAL E 742 9.75 24.65 -25.88
CA VAL E 742 11.18 24.86 -25.70
C VAL E 742 11.44 26.21 -25.02
N ALA E 743 10.71 27.25 -25.42
CA ALA E 743 10.88 28.56 -24.80
C ALA E 743 10.47 28.57 -23.34
N ALA E 744 9.66 27.60 -22.91
CA ALA E 744 9.27 27.48 -21.51
C ALA E 744 10.14 26.51 -20.74
N LYS E 745 11.18 25.96 -21.37
CA LYS E 745 12.07 24.97 -20.75
C LYS E 745 11.28 23.81 -20.16
N HIS E 746 10.28 23.34 -20.91
CA HIS E 746 9.43 22.24 -20.48
C HIS E 746 10.06 20.93 -20.92
N ARG E 747 10.84 20.32 -20.01
CA ARG E 747 11.61 19.13 -20.37
C ARG E 747 10.75 17.88 -20.45
N ASP E 748 9.63 17.84 -19.73
CA ASP E 748 8.76 16.67 -19.79
C ASP E 748 7.90 16.64 -21.05
N PHE E 749 7.83 17.75 -21.78
CA PHE E 749 7.07 17.78 -23.03
C PHE E 749 7.92 17.32 -24.20
N ILE E 750 9.15 17.81 -24.30
CA ILE E 750 10.05 17.42 -25.39
C ILE E 750 10.53 15.99 -25.23
N ALA E 751 10.54 15.46 -24.01
CA ALA E 751 10.99 14.09 -23.77
C ALA E 751 9.90 13.06 -24.01
N HIS E 752 8.69 13.48 -24.37
CA HIS E 752 7.61 12.54 -24.64
C HIS E 752 7.90 11.77 -25.93
N THR E 753 7.22 10.63 -26.08
CA THR E 753 7.48 9.76 -27.22
C THR E 753 7.09 10.43 -28.54
N CYS E 754 5.96 11.14 -28.56
CA CYS E 754 5.55 11.83 -29.79
C CYS E 754 6.54 12.90 -30.19
N SER E 755 7.01 13.69 -29.21
CA SER E 755 7.99 14.73 -29.52
C SER E 755 9.30 14.14 -30.02
N GLN E 756 9.74 13.02 -29.43
CA GLN E 756 10.97 12.38 -29.88
C GLN E 756 10.83 11.80 -31.28
N MET E 757 9.68 11.20 -31.59
CA MET E 757 9.46 10.71 -32.94
C MET E 757 9.42 11.85 -33.95
N LEU E 758 8.77 12.96 -33.60
CA LEU E 758 8.75 14.12 -34.48
C LEU E 758 10.15 14.68 -34.69
N LEU E 759 10.95 14.72 -33.63
CA LEU E 759 12.32 15.20 -33.75
C LEU E 759 13.16 14.25 -34.61
N THR E 760 12.94 12.94 -34.49
CA THR E 760 13.65 11.99 -35.34
C THR E 760 13.28 12.18 -36.81
N ASP E 761 11.99 12.38 -37.09
CA ASP E 761 11.56 12.62 -38.47
C ASP E 761 12.15 13.93 -39.00
N MET E 762 12.19 14.97 -38.17
CA MET E 762 12.79 16.23 -38.57
C MET E 762 14.30 16.11 -38.78
N TRP E 763 14.96 15.25 -38.02
CA TRP E 763 16.40 15.06 -38.10
C TRP E 763 16.78 14.23 -39.32
N MET E 764 15.95 13.26 -39.70
CA MET E 764 16.26 12.43 -40.85
C MET E 764 16.12 13.17 -42.18
N GLY E 765 15.43 14.30 -42.18
CA GLY E 765 15.31 15.08 -43.42
C GLY E 765 14.24 14.50 -44.32
N ARG E 766 14.52 14.47 -45.62
CA ARG E 766 13.61 13.94 -46.62
C ARG E 766 13.93 12.51 -47.01
N LEU E 767 14.43 11.71 -46.07
CA LEU E 767 14.82 10.33 -46.30
C LEU E 767 13.88 9.39 -45.55
N ARG E 768 14.01 8.10 -45.84
CA ARG E 768 13.17 7.09 -45.22
C ARG E 768 13.96 5.93 -44.65
N MET E 769 15.29 5.96 -44.71
CA MET E 769 16.12 4.87 -44.21
C MET E 769 16.10 4.88 -42.69
N ARG E 770 15.33 3.96 -42.10
CA ARG E 770 15.22 3.87 -40.65
C ARG E 770 15.73 2.55 -40.09
N LYS E 771 15.92 1.53 -40.91
CA LYS E 771 16.38 0.24 -40.40
C LYS E 771 17.83 0.32 -39.91
N ASN E 772 18.71 0.90 -40.73
CA ASN E 772 20.11 1.04 -40.36
C ASN E 772 20.65 2.32 -40.99
N SER E 773 20.65 3.40 -40.20
CA SER E 773 21.16 4.67 -40.65
C SER E 773 22.63 4.83 -40.27
N GLY E 774 23.20 5.98 -40.57
CA GLY E 774 24.58 6.24 -40.24
C GLY E 774 25.56 5.66 -41.25
N LEU E 775 25.55 4.33 -41.39
CA LEU E 775 26.43 3.68 -42.36
C LEU E 775 26.07 4.06 -43.79
N LYS E 776 24.78 4.10 -44.10
CA LYS E 776 24.35 4.50 -45.45
C LYS E 776 24.68 5.96 -45.73
N VAL E 777 24.55 6.83 -44.72
CA VAL E 777 24.91 8.23 -44.90
C VAL E 777 26.40 8.38 -45.20
N ILE E 778 27.24 7.64 -44.47
CA ILE E 778 28.68 7.69 -44.71
C ILE E 778 29.01 7.14 -46.09
N LEU E 779 28.39 6.03 -46.49
CA LEU E 779 28.64 5.42 -47.79
C LEU E 779 28.10 6.26 -48.94
N GLY E 780 27.13 7.13 -48.69
CA GLY E 780 26.63 8.01 -49.73
C GLY E 780 27.35 9.34 -49.75
N ILE E 781 28.01 9.68 -48.65
CA ILE E 781 28.81 10.90 -48.61
C ILE E 781 30.25 10.66 -49.03
N LEU E 782 30.71 9.41 -49.03
CA LEU E 782 32.02 9.08 -49.59
C LEU E 782 31.92 8.59 -51.03
N LEU E 783 30.76 8.07 -51.42
CA LEU E 783 30.48 7.65 -52.80
C LEU E 783 29.22 8.38 -53.26
N PRO E 784 29.36 9.55 -53.88
CA PRO E 784 28.19 10.32 -54.33
C PRO E 784 27.31 9.57 -55.32
N PRO E 785 27.85 8.68 -56.17
CA PRO E 785 26.95 7.84 -56.97
C PRO E 785 26.04 6.92 -56.16
N SER E 786 26.41 6.58 -54.92
CA SER E 786 25.60 5.70 -54.09
C SER E 786 24.36 6.40 -53.52
N ILE E 787 24.24 7.72 -53.70
CA ILE E 787 23.09 8.44 -53.18
C ILE E 787 21.80 7.98 -53.84
N LEU E 788 21.83 7.79 -55.16
CA LEU E 788 20.61 7.54 -55.93
C LEU E 788 19.94 6.22 -55.56
N SER E 789 20.65 5.30 -54.91
CA SER E 789 20.04 4.06 -54.44
C SER E 789 19.54 4.20 -53.01
N LEU E 790 18.72 5.23 -52.78
CA LEU E 790 18.14 5.49 -51.46
C LEU E 790 16.69 5.89 -51.63
N GLU E 791 15.82 5.33 -50.79
CA GLU E 791 14.41 5.69 -50.83
C GLU E 791 14.19 7.05 -50.19
N PHE E 792 13.27 7.81 -50.76
CA PHE E 792 12.93 9.15 -50.30
C PHE E 792 11.45 9.21 -49.93
N LYS E 793 11.03 10.38 -49.44
CA LYS E 793 9.64 10.62 -49.07
C LYS E 793 8.99 11.57 -50.06
N ASN E 794 7.76 11.25 -50.43
CA ASN E 794 7.02 12.01 -51.43
C ASN E 794 6.72 13.43 -50.94
N GLY E 861 19.48 15.16 -59.93
CA GLY E 861 19.12 16.57 -60.00
C GLY E 861 18.63 17.13 -58.68
N ARG E 862 17.40 16.77 -58.31
CA ARG E 862 16.82 17.22 -57.05
C ARG E 862 17.06 16.24 -55.90
N LYS E 863 17.34 14.97 -56.22
CA LYS E 863 17.62 14.00 -55.17
C LYS E 863 18.91 14.33 -54.43
N ILE E 864 19.93 14.79 -55.16
CA ILE E 864 21.19 15.17 -54.52
C ILE E 864 20.98 16.37 -53.60
N TYR E 865 20.18 17.35 -54.04
CA TYR E 865 19.91 18.52 -53.22
C TYR E 865 19.16 18.15 -51.94
N GLU E 866 18.22 17.22 -52.04
CA GLU E 866 17.51 16.79 -50.84
C GLU E 866 18.38 15.91 -49.95
N PHE E 867 19.36 15.22 -50.52
CA PHE E 867 20.27 14.42 -49.71
C PHE E 867 21.24 15.29 -48.93
N TYR E 868 21.82 16.29 -49.58
CA TYR E 868 22.86 17.09 -48.96
C TYR E 868 22.33 18.21 -48.08
N ASN E 869 21.01 18.36 -47.96
CA ASN E 869 20.43 19.37 -47.08
C ASN E 869 19.77 18.77 -45.85
N ALA E 870 19.82 17.45 -45.68
CA ALA E 870 19.29 16.83 -44.48
C ALA E 870 20.22 17.11 -43.30
N PRO E 871 19.66 17.27 -42.09
CA PRO E 871 20.51 17.54 -40.92
C PRO E 871 21.50 16.44 -40.61
N ILE E 872 21.13 15.17 -40.81
CA ILE E 872 22.02 14.06 -40.47
C ILE E 872 23.22 14.03 -41.41
N VAL E 873 23.00 14.34 -42.69
CA VAL E 873 24.11 14.37 -43.65
C VAL E 873 25.06 15.52 -43.34
N LYS E 874 24.52 16.68 -42.95
CA LYS E 874 25.37 17.78 -42.53
C LYS E 874 26.18 17.41 -41.29
N PHE E 875 25.53 16.73 -40.33
CA PHE E 875 26.23 16.33 -39.12
C PHE E 875 27.37 15.37 -39.43
N TRP E 876 27.13 14.39 -40.30
CA TRP E 876 28.20 13.45 -40.63
C TRP E 876 29.30 14.11 -41.44
N PHE E 877 28.96 15.07 -42.31
CA PHE E 877 29.98 15.82 -43.01
C PHE E 877 30.88 16.58 -42.04
N TYR E 878 30.26 17.26 -41.06
CA TYR E 878 31.03 17.98 -40.06
C TYR E 878 31.87 17.03 -39.22
N THR E 879 31.33 15.86 -38.88
CA THR E 879 32.06 14.89 -38.08
C THR E 879 33.29 14.37 -38.82
N LEU E 880 33.13 14.02 -40.10
CA LEU E 880 34.28 13.55 -40.88
C LEU E 880 35.32 14.65 -41.05
N ALA E 881 34.87 15.89 -41.27
CA ALA E 881 35.82 17.00 -41.37
C ALA E 881 36.58 17.20 -40.06
N TYR E 882 35.89 17.09 -38.92
CA TYR E 882 36.57 17.23 -37.64
C TYR E 882 37.55 16.10 -37.39
N ILE E 883 37.20 14.87 -37.80
CA ILE E 883 38.12 13.75 -37.67
C ILE E 883 39.38 13.99 -38.49
N GLY E 884 39.21 14.45 -39.73
CA GLY E 884 40.38 14.75 -40.55
C GLY E 884 41.23 15.88 -39.98
N TYR E 885 40.57 16.91 -39.43
CA TYR E 885 41.29 18.00 -38.79
C TYR E 885 42.09 17.51 -37.58
N LEU E 886 41.48 16.64 -36.77
CA LEU E 886 42.20 16.06 -35.64
C LEU E 886 43.38 15.24 -36.10
N MET E 887 43.22 14.48 -37.19
CA MET E 887 44.33 13.70 -37.73
C MET E 887 45.48 14.59 -38.17
N LEU E 888 45.19 15.67 -38.89
CA LEU E 888 46.25 16.57 -39.33
C LEU E 888 46.91 17.29 -38.16
N PHE E 889 46.12 17.68 -37.15
CA PHE E 889 46.67 18.32 -35.96
C PHE E 889 47.59 17.36 -35.20
N ASN E 890 47.21 16.09 -35.12
CA ASN E 890 48.10 15.10 -34.52
C ASN E 890 49.38 14.92 -35.34
N TYR E 891 49.26 14.94 -36.67
CA TYR E 891 50.45 14.76 -37.50
C TYR E 891 51.43 15.91 -37.34
N ILE E 892 50.93 17.15 -37.30
CA ILE E 892 51.85 18.30 -37.33
C ILE E 892 52.65 18.48 -36.06
N VAL E 893 52.24 17.90 -34.93
CA VAL E 893 52.96 18.09 -33.68
C VAL E 893 53.94 16.96 -33.38
N LEU E 894 53.68 15.74 -33.86
CA LEU E 894 54.57 14.63 -33.58
C LEU E 894 55.87 14.75 -34.37
N VAL E 895 55.77 15.10 -35.66
CA VAL E 895 56.94 15.19 -36.52
C VAL E 895 57.68 16.49 -36.26
N LYS E 896 58.90 16.60 -36.80
CA LYS E 896 59.72 17.78 -36.57
C LYS E 896 59.09 19.00 -37.23
N MET E 897 59.10 20.13 -36.51
CA MET E 897 58.51 21.37 -36.99
C MET E 897 59.58 22.23 -37.65
N GLU E 898 59.34 22.62 -38.89
CA GLU E 898 60.33 23.32 -39.69
C GLU E 898 60.17 24.84 -39.51
N ARG E 899 60.96 25.61 -40.25
CA ARG E 899 60.92 27.07 -40.13
C ARG E 899 59.59 27.64 -40.59
N TRP E 900 59.06 27.14 -41.71
CA TRP E 900 57.81 27.63 -42.24
C TRP E 900 56.77 26.51 -42.26
N PRO E 901 55.48 26.83 -42.09
CA PRO E 901 54.46 25.79 -42.00
C PRO E 901 54.38 24.94 -43.27
N SER E 902 54.14 23.65 -43.07
CA SER E 902 53.95 22.72 -44.18
C SER E 902 52.50 22.76 -44.64
N THR E 903 52.12 21.87 -45.56
CA THR E 903 50.76 21.86 -46.09
C THR E 903 49.74 21.53 -45.01
N GLN E 904 50.03 20.53 -44.19
CA GLN E 904 49.09 20.13 -43.14
C GLN E 904 48.89 21.25 -42.12
N GLU E 905 49.97 21.95 -41.78
CA GLU E 905 49.85 23.07 -40.85
C GLU E 905 49.00 24.19 -41.43
N TRP E 906 49.15 24.46 -42.73
CA TRP E 906 48.31 25.48 -43.38
C TRP E 906 46.85 25.04 -43.40
N ILE E 907 46.59 23.75 -43.61
CA ILE E 907 45.21 23.26 -43.58
C ILE E 907 44.62 23.42 -42.18
N VAL E 908 45.42 23.13 -41.14
CA VAL E 908 44.95 23.29 -39.77
C VAL E 908 44.65 24.76 -39.46
N ILE E 909 45.54 25.67 -39.91
CA ILE E 909 45.31 27.09 -39.69
C ILE E 909 44.07 27.56 -40.42
N SER E 910 43.85 27.06 -41.64
CA SER E 910 42.64 27.41 -42.38
C SER E 910 41.39 26.91 -41.66
N TYR E 911 41.45 25.70 -41.09
CA TYR E 911 40.32 25.19 -40.33
C TYR E 911 40.01 26.10 -39.13
N ILE E 912 41.06 26.50 -38.39
CA ILE E 912 40.85 27.36 -37.23
C ILE E 912 40.26 28.71 -37.65
N PHE E 913 40.80 29.29 -38.72
CA PHE E 913 40.33 30.60 -39.17
C PHE E 913 38.87 30.54 -39.63
N THR E 914 38.52 29.52 -40.43
CA THR E 914 37.14 29.39 -40.88
C THR E 914 36.20 29.09 -39.73
N LEU E 915 36.64 28.32 -38.73
CA LEU E 915 35.81 28.07 -37.57
C LEU E 915 35.56 29.36 -36.78
N GLY E 916 36.58 30.20 -36.65
CA GLY E 916 36.39 31.50 -36.00
C GLY E 916 35.44 32.39 -36.76
N ILE E 917 35.55 32.41 -38.09
CA ILE E 917 34.64 33.20 -38.91
C ILE E 917 33.21 32.68 -38.76
N GLU E 918 33.04 31.35 -38.71
CA GLU E 918 31.71 30.78 -38.51
C GLU E 918 31.15 31.14 -37.13
N LYS E 919 31.99 31.15 -36.10
CA LYS E 919 31.53 31.58 -34.78
C LYS E 919 31.09 33.04 -34.79
N MET E 920 31.85 33.91 -35.47
CA MET E 920 31.44 35.30 -35.58
C MET E 920 30.13 35.44 -36.33
N ARG E 921 29.95 34.66 -37.40
CA ARG E 921 28.69 34.69 -38.14
C ARG E 921 27.52 34.23 -37.27
N GLU E 922 27.74 33.20 -36.46
CA GLU E 922 26.69 32.72 -35.57
C GLU E 922 26.36 33.76 -34.50
N ILE E 923 27.38 34.49 -34.03
CA ILE E 923 27.13 35.58 -33.09
C ILE E 923 26.28 36.67 -33.74
N LEU E 924 26.63 37.05 -34.97
CA LEU E 924 25.97 38.19 -35.62
C LEU E 924 24.53 37.88 -35.99
N MET E 925 24.23 36.62 -36.33
CA MET E 925 22.89 36.23 -36.79
C MET E 925 22.03 35.68 -35.66
N SER E 926 22.24 36.16 -34.43
CA SER E 926 21.47 35.68 -33.30
C SER E 926 20.09 36.34 -33.28
N GLU E 927 19.33 36.10 -32.22
CA GLU E 927 17.95 36.56 -32.12
C GLU E 927 17.82 38.05 -31.76
N PRO E 928 18.51 38.57 -30.74
CA PRO E 928 18.33 39.98 -30.40
C PRO E 928 18.95 40.90 -31.44
N GLY E 929 18.52 42.16 -31.42
CA GLY E 929 19.02 43.18 -32.31
C GLY E 929 20.14 44.03 -31.77
N LYS E 930 20.66 43.71 -30.59
CA LYS E 930 21.74 44.47 -29.98
C LYS E 930 23.04 43.67 -30.03
N LEU E 931 24.14 44.34 -30.37
CA LEU E 931 25.43 43.67 -30.49
C LEU E 931 25.89 43.11 -29.15
N LEU E 932 25.73 43.88 -28.07
CA LEU E 932 26.18 43.43 -26.76
C LEU E 932 25.21 42.46 -26.10
N GLN E 933 23.97 42.35 -26.58
CA GLN E 933 23.03 41.37 -26.06
C GLN E 933 23.18 40.02 -26.73
N LYS E 934 23.55 40.01 -28.02
CA LYS E 934 23.84 38.74 -28.70
C LYS E 934 25.08 38.08 -28.12
N VAL E 935 26.08 38.87 -27.71
CA VAL E 935 27.27 38.31 -27.08
C VAL E 935 26.92 37.68 -25.74
N LYS E 936 26.07 38.35 -24.96
CA LYS E 936 25.68 37.81 -23.65
C LYS E 936 24.85 36.54 -23.77
N VAL E 937 24.03 36.45 -24.82
CA VAL E 937 23.22 35.25 -25.02
C VAL E 937 24.00 34.15 -25.76
N TRP E 938 25.12 34.49 -26.39
CA TRP E 938 25.98 33.49 -27.00
C TRP E 938 26.99 32.92 -26.01
N LEU E 939 27.44 33.72 -25.05
CA LEU E 939 28.29 33.23 -23.97
C LEU E 939 27.46 32.62 -22.85
N GLN E 940 26.56 31.70 -23.21
CA GLN E 940 25.74 30.97 -22.25
C GLN E 940 26.13 29.50 -22.17
N GLU E 941 26.27 28.84 -23.32
CA GLU E 941 26.81 27.48 -23.33
C GLU E 941 28.31 27.52 -23.09
N TYR E 942 28.80 26.61 -22.26
CA TYR E 942 30.22 26.56 -21.93
C TYR E 942 31.08 26.18 -23.12
N TRP E 943 30.53 25.43 -24.08
CA TRP E 943 31.30 25.04 -25.25
C TRP E 943 31.70 26.25 -26.09
N ASN E 944 30.82 27.25 -26.19
CA ASN E 944 31.16 28.45 -26.95
C ASN E 944 32.30 29.21 -26.29
N VAL E 945 32.27 29.35 -24.96
CA VAL E 945 33.33 30.05 -24.25
C VAL E 945 34.66 29.30 -24.39
N THR E 946 34.62 27.97 -24.24
CA THR E 946 35.85 27.18 -24.37
C THR E 946 36.39 27.25 -25.79
N ASP E 947 35.52 27.24 -26.80
CA ASP E 947 35.97 27.38 -28.17
C ASP E 947 36.61 28.73 -28.41
N LEU E 948 36.02 29.80 -27.87
CA LEU E 948 36.61 31.13 -28.02
C LEU E 948 38.00 31.18 -27.38
N ILE E 949 38.13 30.64 -26.16
CA ILE E 949 39.41 30.64 -25.47
C ILE E 949 40.44 29.84 -26.26
N ALA E 950 40.04 28.67 -26.78
CA ALA E 950 40.96 27.84 -27.53
C ALA E 950 41.39 28.49 -28.84
N ILE E 951 40.45 29.18 -29.52
CA ILE E 951 40.80 29.87 -30.76
C ILE E 951 41.78 31.00 -30.49
N LEU E 952 41.56 31.77 -29.41
CA LEU E 952 42.51 32.82 -29.06
C LEU E 952 43.87 32.24 -28.71
N LEU E 953 43.90 31.14 -27.96
CA LEU E 953 45.17 30.51 -27.59
C LEU E 953 45.90 29.99 -28.83
N PHE E 954 45.18 29.38 -29.77
CA PHE E 954 45.80 28.92 -31.00
C PHE E 954 46.31 30.07 -31.84
N SER E 955 45.61 31.20 -31.85
CA SER E 955 46.09 32.38 -32.56
C SER E 955 47.39 32.88 -31.94
N VAL E 956 47.46 32.93 -30.60
CA VAL E 956 48.69 33.35 -29.93
C VAL E 956 49.83 32.40 -30.25
N GLY E 957 49.57 31.09 -30.21
CA GLY E 957 50.59 30.12 -30.52
C GLY E 957 51.06 30.17 -31.96
N MET E 958 50.15 30.45 -32.90
CA MET E 958 50.53 30.59 -34.29
C MET E 958 51.36 31.84 -34.50
N ILE E 959 51.02 32.93 -33.82
CA ILE E 959 51.81 34.16 -33.93
C ILE E 959 53.21 33.94 -33.38
N LEU E 960 53.33 33.29 -32.23
CA LEU E 960 54.64 33.03 -31.65
C LEU E 960 55.45 32.00 -32.45
N ARG E 961 54.78 31.16 -33.24
CA ARG E 961 55.49 30.11 -33.96
C ARG E 961 56.33 30.68 -35.11
N LEU E 962 55.85 31.74 -35.75
CA LEU E 962 56.55 32.32 -36.89
C LEU E 962 57.62 33.31 -36.43
N GLN E 963 58.52 32.86 -35.58
CA GLN E 963 59.55 33.70 -35.00
C GLN E 963 60.84 32.88 -34.94
N ASP E 964 61.80 33.33 -34.15
CA ASP E 964 63.06 32.60 -33.98
C ASP E 964 62.81 31.33 -33.15
N GLN E 965 63.89 30.62 -32.81
CA GLN E 965 63.76 29.29 -32.23
C GLN E 965 63.03 29.24 -30.89
N PRO E 966 63.34 30.08 -29.88
CA PRO E 966 62.62 29.94 -28.61
C PRO E 966 61.14 30.25 -28.69
N PHE E 967 60.76 31.29 -29.43
CA PHE E 967 59.34 31.57 -29.62
C PHE E 967 58.66 30.48 -30.43
N ARG E 968 59.39 29.86 -31.37
CA ARG E 968 58.85 28.72 -32.09
C ARG E 968 58.57 27.56 -31.15
N SER E 969 59.47 27.30 -30.20
CA SER E 969 59.23 26.26 -29.21
C SER E 969 58.04 26.59 -28.32
N ASP E 970 57.90 27.86 -27.94
CA ASP E 970 56.74 28.28 -27.15
C ASP E 970 55.44 28.07 -27.92
N GLY E 971 55.44 28.43 -29.21
CA GLY E 971 54.27 28.17 -30.04
C GLY E 971 53.96 26.70 -30.18
N ARG E 972 54.99 25.86 -30.25
CA ARG E 972 54.77 24.42 -30.29
C ARG E 972 54.13 23.91 -29.00
N VAL E 973 54.55 24.45 -27.86
CA VAL E 973 53.93 24.06 -26.58
C VAL E 973 52.47 24.49 -26.54
N ILE E 974 52.17 25.69 -27.06
CA ILE E 974 50.78 26.13 -27.17
C ILE E 974 50.00 25.19 -28.07
N TYR E 975 50.63 24.72 -29.15
CA TYR E 975 49.98 23.74 -30.03
C TYR E 975 49.66 22.46 -29.29
N CYS E 976 50.56 22.01 -28.42
CA CYS E 976 50.30 20.81 -27.63
C CYS E 976 49.10 20.99 -26.69
N VAL E 977 49.03 22.14 -26.02
CA VAL E 977 47.88 22.40 -25.15
C VAL E 977 46.59 22.45 -25.98
N ASN E 978 46.66 23.04 -27.17
CA ASN E 978 45.49 23.10 -28.04
C ASN E 978 45.07 21.70 -28.49
N ILE E 979 46.03 20.82 -28.78
CA ILE E 979 45.65 19.47 -29.21
C ILE E 979 45.02 18.72 -28.04
N ILE E 980 45.44 19.01 -26.81
CA ILE E 980 44.73 18.46 -25.65
C ILE E 980 43.26 18.89 -25.68
N TYR E 981 43.03 20.19 -25.87
CA TYR E 981 41.64 20.66 -25.86
C TYR E 981 40.83 20.09 -27.01
N TRP E 982 41.40 20.05 -28.21
CA TRP E 982 40.65 19.55 -29.37
C TRP E 982 40.46 18.05 -29.33
N TYR E 983 41.27 17.33 -28.56
CA TYR E 983 40.96 15.93 -28.28
C TYR E 983 39.82 15.81 -27.29
N ILE E 984 39.80 16.65 -26.26
CA ILE E 984 38.72 16.62 -25.28
C ILE E 984 37.39 16.96 -25.93
N ARG E 985 37.38 17.85 -26.90
CA ARG E 985 36.13 18.28 -27.54
C ARG E 985 35.43 17.16 -28.37
N LEU E 986 35.89 15.91 -28.40
CA LEU E 986 35.16 14.86 -29.12
C LEU E 986 33.92 14.39 -28.37
N LEU E 987 33.80 14.69 -27.08
CA LEU E 987 32.61 14.29 -26.33
C LEU E 987 31.37 15.05 -26.83
N ASP E 988 31.55 16.27 -27.32
CA ASP E 988 30.44 17.00 -27.93
C ASP E 988 29.91 16.27 -29.15
N ILE E 989 30.81 15.72 -29.98
CA ILE E 989 30.39 14.90 -31.10
C ILE E 989 29.72 13.62 -30.61
N PHE E 990 30.30 12.99 -29.59
CA PHE E 990 29.75 11.75 -29.04
C PHE E 990 28.37 11.93 -28.44
N GLY E 991 28.02 13.15 -28.02
CA GLY E 991 26.73 13.42 -27.39
C GLY E 991 25.51 13.24 -28.27
N VAL E 992 25.67 12.76 -29.51
CA VAL E 992 24.52 12.46 -30.35
C VAL E 992 24.07 11.01 -30.18
N ASN E 993 24.97 10.10 -29.84
CA ASN E 993 24.60 8.71 -29.59
C ASN E 993 23.64 8.63 -28.40
N LYS E 994 22.72 7.67 -28.49
CA LYS E 994 21.66 7.57 -27.48
C LYS E 994 22.20 7.20 -26.10
N TYR E 995 23.31 6.46 -26.05
CA TYR E 995 23.86 5.98 -24.79
C TYR E 995 25.11 6.73 -24.34
N LEU E 996 25.72 7.52 -25.21
CA LEU E 996 26.96 8.21 -24.86
C LEU E 996 26.78 9.65 -24.42
N GLY E 997 25.56 10.18 -24.45
CA GLY E 997 25.30 11.53 -23.98
C GLY E 997 25.00 11.61 -22.49
N PRO E 998 24.01 10.84 -22.03
CA PRO E 998 23.73 10.78 -20.59
C PRO E 998 24.94 10.38 -19.76
N TYR E 999 25.80 9.50 -20.27
CA TYR E 999 27.01 9.16 -19.54
C TYR E 999 27.90 10.38 -19.38
N VAL E 1000 28.00 11.22 -20.41
CA VAL E 1000 28.82 12.42 -20.32
C VAL E 1000 28.23 13.41 -19.32
N MET E 1001 26.91 13.54 -19.27
CA MET E 1001 26.30 14.40 -18.26
C MET E 1001 26.52 13.87 -16.85
N MET E 1002 26.41 12.55 -16.67
CA MET E 1002 26.72 11.96 -15.37
C MET E 1002 28.16 12.23 -14.98
N ILE E 1003 29.08 12.14 -15.94
CA ILE E 1003 30.47 12.52 -15.69
C ILE E 1003 30.55 13.97 -15.24
N GLY E 1004 29.77 14.84 -15.87
CA GLY E 1004 29.79 16.25 -15.49
C GLY E 1004 29.36 16.51 -14.06
N LYS E 1005 28.41 15.73 -13.55
CA LYS E 1005 27.98 15.93 -12.16
C LYS E 1005 28.90 15.22 -11.16
N MET E 1006 29.34 14.01 -11.49
CA MET E 1006 30.31 13.33 -10.65
C MET E 1006 31.63 14.10 -10.58
N MET E 1007 31.91 14.96 -11.56
CA MET E 1007 33.07 15.84 -11.45
C MET E 1007 32.93 16.79 -10.27
N ILE E 1008 31.73 17.35 -10.07
CA ILE E 1008 31.50 18.23 -8.92
C ILE E 1008 31.68 17.45 -7.63
N ASP E 1009 31.13 16.24 -7.56
CA ASP E 1009 31.29 15.44 -6.35
C ASP E 1009 32.77 15.12 -6.07
N MET E 1010 33.51 14.72 -7.11
CA MET E 1010 34.92 14.41 -6.94
C MET E 1010 35.71 15.64 -6.51
N MET E 1011 35.39 16.80 -7.08
CA MET E 1011 36.08 18.02 -6.67
C MET E 1011 35.75 18.39 -5.22
N TYR E 1012 34.58 17.99 -4.73
CA TYR E 1012 34.29 18.21 -3.31
C TYR E 1012 35.15 17.31 -2.42
N PHE E 1013 35.41 16.07 -2.85
CA PHE E 1013 36.27 15.20 -2.03
C PHE E 1013 37.77 15.51 -2.17
N VAL E 1014 38.16 16.14 -3.28
CA VAL E 1014 39.57 16.41 -3.56
C VAL E 1014 40.18 17.34 -2.52
N ILE E 1015 39.36 18.22 -1.91
CA ILE E 1015 39.91 19.17 -0.94
C ILE E 1015 40.39 18.44 0.32
N ILE E 1016 39.60 17.49 0.83
CA ILE E 1016 40.02 16.70 1.98
C ILE E 1016 41.24 15.86 1.62
N MET E 1017 41.22 15.25 0.43
CA MET E 1017 42.40 14.51 0.00
C MET E 1017 43.64 15.40 -0.02
N LEU E 1018 43.49 16.64 -0.49
CA LEU E 1018 44.62 17.56 -0.59
C LEU E 1018 45.12 17.96 0.78
N VAL E 1019 44.21 18.16 1.74
CA VAL E 1019 44.63 18.53 3.10
C VAL E 1019 45.48 17.42 3.70
N VAL E 1020 45.03 16.17 3.59
CA VAL E 1020 45.80 15.05 4.14
C VAL E 1020 47.14 14.93 3.43
N LEU E 1021 47.14 15.06 2.10
CA LEU E 1021 48.36 14.92 1.33
C LEU E 1021 49.38 16.01 1.69
N MET E 1022 48.92 17.25 1.84
CA MET E 1022 49.82 18.34 2.20
C MET E 1022 50.40 18.14 3.59
N SER E 1023 49.57 17.67 4.55
CA SER E 1023 50.09 17.42 5.89
C SER E 1023 51.21 16.38 5.86
N PHE E 1024 50.97 15.26 5.18
CA PHE E 1024 51.99 14.21 5.11
C PHE E 1024 53.25 14.70 4.40
N GLY E 1025 53.08 15.41 3.29
CA GLY E 1025 54.23 15.87 2.54
C GLY E 1025 55.10 16.85 3.32
N VAL E 1026 54.46 17.82 3.99
CA VAL E 1026 55.22 18.78 4.79
C VAL E 1026 55.94 18.07 5.93
N ALA E 1027 55.26 17.13 6.60
CA ALA E 1027 55.89 16.43 7.71
C ALA E 1027 57.11 15.64 7.24
N ARG E 1028 56.98 14.90 6.14
CA ARG E 1028 58.09 14.08 5.64
C ARG E 1028 59.26 14.96 5.19
N GLN E 1029 58.95 16.01 4.42
CA GLN E 1029 60.02 16.89 3.90
C GLN E 1029 60.75 17.57 5.04
N ALA E 1030 60.03 18.02 6.07
CA ALA E 1030 60.69 18.69 7.18
C ALA E 1030 61.48 17.72 8.04
N ILE E 1031 61.02 16.48 8.18
CA ILE E 1031 61.75 15.50 8.99
C ILE E 1031 63.04 15.08 8.29
N LEU E 1032 62.97 14.76 7.00
CA LEU E 1032 64.12 14.13 6.35
C LEU E 1032 65.25 15.13 6.08
N PHE E 1033 64.90 16.34 5.61
CA PHE E 1033 65.90 17.32 5.16
C PHE E 1033 65.83 18.56 6.04
N PRO E 1034 66.68 18.67 7.07
CA PRO E 1034 66.63 19.81 7.99
C PRO E 1034 67.59 20.95 7.69
N ASN E 1035 68.31 20.92 6.58
CA ASN E 1035 69.33 21.92 6.27
C ASN E 1035 69.14 22.47 4.87
N GLU E 1036 67.92 22.86 4.54
CA GLU E 1036 67.57 23.34 3.21
C GLU E 1036 67.40 24.86 3.22
N GLU E 1037 68.03 25.52 2.26
CA GLU E 1037 67.83 26.94 2.06
C GLU E 1037 66.45 27.18 1.44
N PRO E 1038 65.89 28.38 1.60
CA PRO E 1038 64.59 28.66 1.00
C PRO E 1038 64.65 28.70 -0.52
N SER E 1039 64.10 27.68 -1.17
CA SER E 1039 64.07 27.60 -2.62
C SER E 1039 62.72 27.04 -3.05
N TRP E 1040 62.35 27.35 -4.30
CA TRP E 1040 61.07 26.92 -4.83
C TRP E 1040 60.97 25.41 -5.00
N LYS E 1041 62.10 24.68 -4.92
CA LYS E 1041 62.03 23.23 -4.94
C LYS E 1041 61.40 22.68 -3.67
N LEU E 1042 61.36 23.45 -2.59
CA LEU E 1042 60.68 23.02 -1.38
C LEU E 1042 59.17 22.89 -1.60
N ALA E 1043 58.60 23.73 -2.46
CA ALA E 1043 57.18 23.64 -2.78
C ALA E 1043 56.86 22.52 -3.75
N LYS E 1044 57.88 21.91 -4.36
CA LYS E 1044 57.66 20.80 -5.28
C LYS E 1044 57.67 19.45 -4.57
N ASN E 1045 58.52 19.29 -3.56
CA ASN E 1045 58.63 18.00 -2.88
C ASN E 1045 57.44 17.72 -1.97
N ILE E 1046 56.59 18.72 -1.72
CA ILE E 1046 55.44 18.52 -0.84
C ILE E 1046 54.31 17.82 -1.57
N PHE E 1047 54.06 18.21 -2.81
CA PHE E 1047 52.92 17.71 -3.57
C PHE E 1047 53.27 16.51 -4.45
N TYR E 1048 54.47 16.48 -5.02
CA TYR E 1048 54.84 15.53 -6.05
C TYR E 1048 54.78 14.08 -5.55
N MET E 1049 55.67 13.75 -4.62
CA MET E 1049 55.85 12.38 -4.14
C MET E 1049 54.62 11.85 -3.41
N PRO E 1050 54.00 12.58 -2.46
CA PRO E 1050 52.78 12.05 -1.85
C PRO E 1050 51.64 11.85 -2.84
N TYR E 1051 51.58 12.62 -3.92
CA TYR E 1051 50.53 12.40 -4.91
C TYR E 1051 50.80 11.17 -5.74
N TRP E 1052 52.06 10.96 -6.14
CA TRP E 1052 52.35 9.72 -6.86
C TRP E 1052 52.32 8.50 -5.97
N MET E 1053 52.38 8.68 -4.64
CA MET E 1053 52.38 7.54 -3.74
C MET E 1053 51.02 6.84 -3.69
N ILE E 1054 49.92 7.59 -3.79
CA ILE E 1054 48.60 6.98 -3.66
C ILE E 1054 48.11 6.33 -4.94
N TYR E 1055 48.87 6.41 -6.03
CA TYR E 1055 48.51 5.78 -7.30
C TYR E 1055 49.37 4.55 -7.56
N GLY E 1056 49.74 3.83 -6.50
CA GLY E 1056 50.45 2.59 -6.62
C GLY E 1056 51.96 2.68 -6.66
N GLU E 1057 52.52 3.89 -6.70
CA GLU E 1057 53.98 4.04 -6.70
C GLU E 1057 54.51 4.21 -5.27
N VAL E 1058 54.15 3.26 -4.42
CA VAL E 1058 54.68 3.22 -3.06
C VAL E 1058 56.08 2.62 -3.09
N PHE E 1059 57.06 3.36 -2.61
CA PHE E 1059 58.43 2.90 -2.52
C PHE E 1059 58.85 2.79 -1.06
N ALA E 1060 60.04 2.24 -0.85
CA ALA E 1060 60.59 2.07 0.49
C ALA E 1060 62.00 2.60 0.64
N ASP E 1061 62.73 2.81 -0.45
CA ASP E 1061 64.05 3.40 -0.42
C ASP E 1061 64.03 4.90 -0.73
N GLN E 1062 63.18 5.32 -1.65
CA GLN E 1062 63.05 6.74 -1.96
C GLN E 1062 62.38 7.51 -0.83
N ILE E 1063 61.50 6.88 -0.06
CA ILE E 1063 60.90 7.45 1.13
C ILE E 1063 61.33 6.61 2.32
N ASP E 1064 61.78 7.29 3.40
CA ASP E 1064 62.40 6.67 4.56
C ASP E 1064 63.57 5.80 4.09
N PRO E 1065 64.68 6.40 3.65
CA PRO E 1065 65.80 5.63 3.14
C PRO E 1065 66.46 4.83 4.25
N PRO E 1066 67.13 3.72 3.92
CA PRO E 1066 67.78 2.92 4.96
C PRO E 1066 69.01 3.60 5.52
N CYS E 1067 68.81 4.56 6.42
CA CYS E 1067 69.90 5.31 7.03
C CYS E 1067 70.37 4.62 8.31
N GLN E 1080 80.25 3.51 6.44
CA GLN E 1080 79.59 2.99 5.24
C GLN E 1080 78.17 3.52 5.13
N LEU E 1081 77.30 3.06 6.02
CA LEU E 1081 75.90 3.49 5.99
C LEU E 1081 75.80 4.98 6.34
N PRO E 1082 74.91 5.71 5.69
CA PRO E 1082 74.78 7.15 5.96
C PRO E 1082 74.25 7.39 7.36
N PRO E 1083 74.55 8.54 7.95
CA PRO E 1083 74.02 8.84 9.28
C PRO E 1083 72.51 8.96 9.29
N CYS E 1084 71.90 8.53 10.38
CA CYS E 1084 70.45 8.55 10.53
C CYS E 1084 69.99 9.89 11.05
N LYS E 1085 69.00 10.48 10.38
CA LYS E 1085 68.46 11.76 10.81
C LYS E 1085 67.64 11.58 12.09
N THR E 1086 67.53 12.67 12.84
CA THR E 1086 66.79 12.64 14.10
C THR E 1086 65.29 12.51 13.82
N GLY E 1087 64.66 11.54 14.47
CA GLY E 1087 63.24 11.31 14.26
C GLY E 1087 62.90 10.74 12.91
N ALA E 1088 63.82 10.03 12.27
CA ALA E 1088 63.58 9.48 10.94
C ALA E 1088 62.72 8.23 10.95
N TRP E 1089 62.40 7.68 12.13
CA TRP E 1089 61.55 6.50 12.21
C TRP E 1089 60.07 6.84 12.19
N ILE E 1090 59.71 8.12 12.23
CA ILE E 1090 58.31 8.51 12.24
C ILE E 1090 57.73 8.47 10.83
N VAL E 1091 58.59 8.60 9.81
CA VAL E 1091 58.11 8.67 8.43
C VAL E 1091 57.37 7.40 8.00
N PRO E 1092 57.86 6.18 8.24
CA PRO E 1092 57.05 5.01 7.85
C PRO E 1092 55.70 4.92 8.57
N ALA E 1093 55.62 5.30 9.84
CA ALA E 1093 54.34 5.27 10.54
C ALA E 1093 53.37 6.30 9.97
N ILE E 1094 53.86 7.52 9.71
CA ILE E 1094 53.01 8.55 9.11
C ILE E 1094 52.56 8.12 7.72
N MET E 1095 53.45 7.48 6.95
CA MET E 1095 53.08 6.99 5.63
C MET E 1095 52.03 5.89 5.73
N ALA E 1096 52.16 5.00 6.72
CA ALA E 1096 51.16 3.95 6.91
C ALA E 1096 49.79 4.54 7.21
N CYS E 1097 49.74 5.49 8.14
CA CYS E 1097 48.46 6.12 8.47
C CYS E 1097 47.89 6.87 7.27
N TYR E 1098 48.75 7.57 6.53
CA TYR E 1098 48.31 8.34 5.36
C TYR E 1098 47.77 7.44 4.27
N LEU E 1099 48.43 6.32 4.01
CA LEU E 1099 47.94 5.37 3.01
C LEU E 1099 46.61 4.75 3.45
N LEU E 1100 46.50 4.40 4.74
CA LEU E 1100 45.25 3.83 5.25
C LEU E 1100 44.10 4.82 5.10
N VAL E 1101 44.35 6.09 5.39
CA VAL E 1101 43.29 7.09 5.27
C VAL E 1101 42.94 7.35 3.80
N ALA E 1102 43.96 7.48 2.94
CA ALA E 1102 43.73 7.91 1.57
C ALA E 1102 43.14 6.79 0.69
N ASN E 1103 43.61 5.56 0.87
CA ASN E 1103 43.27 4.48 -0.06
C ASN E 1103 42.18 3.54 0.45
N ILE E 1104 41.76 3.66 1.71
CA ILE E 1104 40.79 2.72 2.24
C ILE E 1104 39.54 3.46 2.70
N LEU E 1105 39.69 4.72 3.10
CA LEU E 1105 38.58 5.48 3.68
C LEU E 1105 37.96 6.45 2.67
N LEU E 1106 38.74 7.41 2.17
CA LEU E 1106 38.17 8.47 1.35
C LEU E 1106 37.68 7.94 0.01
N VAL E 1107 38.46 7.05 -0.63
CA VAL E 1107 38.05 6.55 -1.94
C VAL E 1107 36.85 5.62 -1.82
N ASN E 1108 36.76 4.83 -0.75
CA ASN E 1108 35.58 3.99 -0.55
C ASN E 1108 34.35 4.83 -0.24
N LEU E 1109 34.52 5.91 0.54
CA LEU E 1109 33.39 6.82 0.78
C LEU E 1109 32.95 7.50 -0.50
N LEU E 1110 33.90 7.86 -1.37
CA LEU E 1110 33.55 8.44 -2.66
C LEU E 1110 32.83 7.44 -3.55
N ILE E 1111 33.24 6.17 -3.49
CA ILE E 1111 32.53 5.13 -4.22
C ILE E 1111 31.09 5.02 -3.72
N ALA E 1112 30.90 5.05 -2.40
CA ALA E 1112 29.55 5.00 -1.84
C ALA E 1112 28.72 6.22 -2.27
N VAL E 1113 29.34 7.40 -2.29
CA VAL E 1113 28.63 8.61 -2.70
C VAL E 1113 28.20 8.52 -4.16
N PHE E 1114 29.10 8.07 -5.03
CA PHE E 1114 28.74 7.87 -6.44
C PHE E 1114 27.65 6.81 -6.59
N ASN E 1115 27.68 5.78 -5.75
CA ASN E 1115 26.75 4.67 -5.90
C ASN E 1115 25.35 5.04 -5.46
N ASN E 1116 25.22 5.76 -4.33
CA ASN E 1116 23.91 6.03 -3.78
C ASN E 1116 23.23 7.24 -4.40
N THR E 1117 23.92 7.99 -5.25
CA THR E 1117 23.31 9.14 -5.93
C THR E 1117 23.39 8.97 -7.45
N PHE E 1118 23.08 7.76 -7.94
CA PHE E 1118 23.20 7.47 -9.36
C PHE E 1118 21.87 7.45 -10.09
N PHE E 1119 20.79 7.02 -9.42
CA PHE E 1119 19.49 6.90 -10.08
C PHE E 1119 18.95 8.27 -10.49
N GLU E 1120 18.97 9.23 -9.57
CA GLU E 1120 18.47 10.56 -9.86
C GLU E 1120 19.30 11.24 -10.94
N VAL E 1121 20.62 11.10 -10.87
CA VAL E 1121 21.50 11.70 -11.87
C VAL E 1121 21.23 11.07 -13.24
N LYS E 1122 21.03 9.75 -13.28
CA LYS E 1122 20.76 9.07 -14.54
C LYS E 1122 19.45 9.56 -15.16
N SER E 1123 18.39 9.66 -14.34
CA SER E 1123 17.11 10.10 -14.87
C SER E 1123 17.18 11.55 -15.36
N ILE E 1124 17.82 12.43 -14.59
CA ILE E 1124 17.95 13.82 -14.97
C ILE E 1124 18.76 13.95 -16.26
N SER E 1125 19.84 13.18 -16.38
CA SER E 1125 20.66 13.23 -17.59
C SER E 1125 19.88 12.75 -18.81
N ASN E 1126 19.09 11.69 -18.66
CA ASN E 1126 18.27 11.23 -19.79
C ASN E 1126 17.27 12.30 -20.22
N GLN E 1127 16.59 12.92 -19.24
CA GLN E 1127 15.61 13.96 -19.58
C GLN E 1127 16.28 15.17 -20.24
N VAL E 1128 17.44 15.58 -19.72
CA VAL E 1128 18.12 16.74 -20.28
C VAL E 1128 18.62 16.47 -21.69
N TRP E 1129 19.15 15.26 -21.94
CA TRP E 1129 19.60 14.91 -23.28
C TRP E 1129 18.44 14.87 -24.26
N LYS E 1130 17.32 14.26 -23.86
CA LYS E 1130 16.15 14.24 -24.74
C LYS E 1130 15.56 15.62 -24.95
N PHE E 1131 15.80 16.56 -24.02
CA PHE E 1131 15.40 17.94 -24.26
C PHE E 1131 16.33 18.63 -25.25
N GLN E 1132 17.64 18.42 -25.11
CA GLN E 1132 18.63 19.11 -25.94
C GLN E 1132 18.74 18.54 -27.35
N ARG E 1133 18.14 17.38 -27.61
CA ARG E 1133 18.05 16.87 -28.96
C ARG E 1133 17.44 17.91 -29.91
N TYR E 1134 16.44 18.65 -29.43
CA TYR E 1134 15.80 19.68 -30.27
C TYR E 1134 16.79 20.76 -30.67
N GLN E 1135 17.59 21.23 -29.71
CA GLN E 1135 18.59 22.26 -30.03
C GLN E 1135 19.63 21.73 -30.99
N LEU E 1136 20.05 20.47 -30.81
CA LEU E 1136 21.00 19.87 -31.75
C LEU E 1136 20.42 19.85 -33.17
N ILE E 1137 19.18 19.38 -33.30
CA ILE E 1137 18.56 19.28 -34.62
C ILE E 1137 18.42 20.66 -35.26
N MET E 1138 18.00 21.65 -34.48
CA MET E 1138 17.80 22.98 -35.03
C MET E 1138 19.13 23.61 -35.45
N THR E 1139 20.17 23.47 -34.61
CA THR E 1139 21.45 24.10 -34.94
C THR E 1139 22.17 23.38 -36.07
N PHE E 1140 21.80 22.13 -36.37
CA PHE E 1140 22.31 21.53 -37.59
C PHE E 1140 21.40 21.74 -38.79
N HIS E 1141 20.15 22.14 -38.56
CA HIS E 1141 19.28 22.55 -39.65
C HIS E 1141 19.63 23.94 -40.17
N GLU E 1142 20.10 24.83 -39.30
CA GLU E 1142 20.38 26.19 -39.71
C GLU E 1142 21.76 26.35 -40.37
N ARG E 1143 22.63 25.35 -40.25
CA ARG E 1143 24.01 25.48 -40.69
C ARG E 1143 24.14 25.31 -42.20
N PRO E 1144 25.19 25.88 -42.80
CA PRO E 1144 25.46 25.65 -44.22
C PRO E 1144 25.87 24.20 -44.48
N VAL E 1145 25.81 23.82 -45.75
CA VAL E 1145 26.10 22.44 -46.13
C VAL E 1145 27.58 22.13 -45.98
N LEU E 1146 28.45 23.04 -46.40
CA LEU E 1146 29.86 22.72 -46.47
C LEU E 1146 30.51 22.76 -45.08
N PRO E 1147 31.40 21.82 -44.78
CA PRO E 1147 32.06 21.78 -43.47
C PRO E 1147 33.07 22.91 -43.33
N PRO E 1148 33.56 23.17 -42.13
CA PRO E 1148 34.47 24.32 -41.90
C PRO E 1148 35.75 24.27 -42.73
N PRO E 1149 36.30 23.09 -43.11
CA PRO E 1149 37.47 23.14 -43.99
C PRO E 1149 37.23 23.86 -45.31
N LEU E 1150 36.03 23.75 -45.87
CA LEU E 1150 35.69 24.39 -47.14
C LEU E 1150 34.41 25.20 -47.01
N ILE E 1151 34.16 25.74 -45.82
CA ILE E 1151 32.98 26.59 -45.60
C ILE E 1151 33.20 28.01 -46.10
N ILE E 1152 34.43 28.36 -46.51
CA ILE E 1152 34.69 29.70 -46.99
C ILE E 1152 33.95 29.99 -48.29
N PHE E 1153 33.56 28.94 -49.03
CA PHE E 1153 32.73 29.13 -50.21
C PHE E 1153 31.30 29.52 -49.83
N SER E 1154 30.75 28.87 -48.80
CA SER E 1154 29.40 29.19 -48.35
C SER E 1154 29.33 30.56 -47.70
N HIS E 1155 30.46 31.05 -47.15
CA HIS E 1155 30.48 32.39 -46.60
C HIS E 1155 30.51 33.46 -47.68
N MET E 1156 31.18 33.18 -48.81
CA MET E 1156 31.23 34.13 -49.91
C MET E 1156 29.87 34.26 -50.59
N THR E 1157 29.16 33.15 -50.76
CA THR E 1157 27.88 33.18 -51.45
C THR E 1157 26.81 33.90 -50.66
N MET E 1158 26.96 34.02 -49.33
CA MET E 1158 26.00 34.80 -48.55
C MET E 1158 26.09 36.28 -48.86
N ILE E 1159 27.29 36.77 -49.20
CA ILE E 1159 27.45 38.18 -49.57
C ILE E 1159 26.74 38.45 -50.89
N PHE E 1160 26.82 37.51 -51.84
CA PHE E 1160 26.15 37.68 -53.12
C PHE E 1160 24.62 37.73 -52.95
N GLN E 1161 24.08 36.88 -52.08
CA GLN E 1161 22.66 36.93 -51.75
C GLN E 1161 22.31 38.08 -50.82
N HIS E 1162 23.31 38.70 -50.18
CA HIS E 1162 23.04 39.84 -49.31
C HIS E 1162 22.65 41.07 -50.11
N VAL E 1163 23.35 41.33 -51.22
CA VAL E 1163 23.04 42.49 -52.05
C VAL E 1163 21.83 42.28 -52.93
N CYS E 1164 21.31 41.06 -53.02
CA CYS E 1164 20.13 40.78 -53.84
C CYS E 1164 18.86 40.93 -53.02
N ARG E 1177 10.35 28.55 -44.41
CA ARG E 1177 10.56 27.24 -43.80
C ARG E 1177 9.35 26.33 -44.04
N ASP E 1178 9.33 25.67 -45.19
CA ASP E 1178 8.24 24.73 -45.48
C ASP E 1178 8.24 23.58 -44.48
N TYR E 1179 9.41 23.07 -44.14
CA TYR E 1179 9.53 22.10 -43.05
C TYR E 1179 10.92 22.22 -42.46
N GLY E 1180 11.07 21.70 -41.24
CA GLY E 1180 12.28 21.89 -40.48
C GLY E 1180 12.01 22.74 -39.26
N LEU E 1181 11.17 23.76 -39.43
CA LEU E 1181 10.66 24.54 -38.32
C LEU E 1181 9.15 24.44 -38.18
N LYS E 1182 8.40 24.72 -39.23
CA LYS E 1182 6.95 24.83 -39.17
C LYS E 1182 6.31 23.88 -40.18
N LEU E 1183 4.98 23.99 -40.31
CA LEU E 1183 4.21 23.18 -41.25
C LEU E 1183 2.95 23.96 -41.59
N PHE E 1184 2.89 24.49 -42.81
CA PHE E 1184 1.77 25.32 -43.24
C PHE E 1184 0.69 24.45 -43.86
N ILE E 1185 -0.56 24.68 -43.44
CA ILE E 1185 -1.69 23.88 -43.89
C ILE E 1185 -2.82 24.81 -44.33
N THR E 1186 -3.75 24.25 -45.10
CA THR E 1186 -4.89 24.99 -45.61
C THR E 1186 -5.97 25.07 -44.52
N ASP E 1187 -7.14 25.62 -44.88
CA ASP E 1187 -8.20 25.80 -43.89
C ASP E 1187 -8.93 24.49 -43.58
N ASP E 1188 -9.06 23.59 -44.56
CA ASP E 1188 -9.73 22.32 -44.29
C ASP E 1188 -8.93 21.46 -43.31
N GLU E 1189 -7.62 21.36 -43.51
CA GLU E 1189 -6.77 20.61 -42.59
C GLU E 1189 -6.75 21.28 -41.22
N LEU E 1190 -6.76 22.61 -41.19
CA LEU E 1190 -6.80 23.33 -39.91
C LEU E 1190 -8.09 23.03 -39.16
N LYS E 1191 -9.23 23.00 -39.87
CA LYS E 1191 -10.50 22.65 -39.23
C LYS E 1191 -10.48 21.21 -38.72
N LYS E 1192 -9.91 20.30 -39.49
CA LYS E 1192 -9.82 18.91 -39.06
C LYS E 1192 -8.94 18.78 -37.81
N VAL E 1193 -7.83 19.51 -37.77
CA VAL E 1193 -6.96 19.50 -36.60
C VAL E 1193 -7.68 20.06 -35.38
N HIS E 1194 -8.42 21.15 -35.56
CA HIS E 1194 -9.16 21.72 -34.44
C HIS E 1194 -10.21 20.74 -33.90
N ASP E 1195 -10.94 20.07 -34.81
CA ASP E 1195 -11.92 19.08 -34.37
C ASP E 1195 -11.25 17.92 -33.64
N PHE E 1196 -10.10 17.47 -34.15
CA PHE E 1196 -9.35 16.40 -33.49
C PHE E 1196 -8.92 16.83 -32.09
N GLU E 1197 -8.44 18.06 -31.95
CA GLU E 1197 -7.98 18.54 -30.65
C GLU E 1197 -9.12 18.67 -29.65
N GLU E 1198 -10.28 19.18 -30.09
CA GLU E 1198 -11.39 19.28 -29.16
C GLU E 1198 -11.93 17.91 -28.78
N GLN E 1199 -11.92 16.95 -29.72
CA GLN E 1199 -12.28 15.58 -29.38
C GLN E 1199 -11.32 15.01 -28.35
N CYS E 1200 -10.02 15.25 -28.52
CA CYS E 1200 -9.03 14.74 -27.58
C CYS E 1200 -9.21 15.35 -26.20
N ILE E 1201 -9.46 16.65 -26.11
CA ILE E 1201 -9.60 17.26 -24.78
C ILE E 1201 -10.89 16.79 -24.11
N GLU E 1202 -11.98 16.63 -24.87
CA GLU E 1202 -13.21 16.11 -24.29
C GLU E 1202 -13.00 14.68 -23.77
N GLU E 1203 -12.32 13.85 -24.56
CA GLU E 1203 -12.03 12.48 -24.12
C GLU E 1203 -11.17 12.47 -22.87
N TYR E 1204 -10.18 13.37 -22.81
CA TYR E 1204 -9.30 13.43 -21.65
C TYR E 1204 -10.07 13.80 -20.40
N PHE E 1205 -10.93 14.81 -20.48
CA PHE E 1205 -11.72 15.20 -19.30
C PHE E 1205 -12.68 14.08 -18.89
N ARG E 1206 -13.31 13.42 -19.86
CA ARG E 1206 -14.23 12.33 -19.54
C ARG E 1206 -13.48 11.18 -18.86
N GLU E 1207 -12.30 10.82 -19.37
CA GLU E 1207 -11.53 9.74 -18.78
C GLU E 1207 -11.07 10.10 -17.36
N LYS E 1208 -10.66 11.35 -17.16
CA LYS E 1208 -10.25 11.80 -15.82
C LYS E 1208 -11.42 11.71 -14.83
N ASP E 1209 -12.61 12.16 -15.25
CA ASP E 1209 -13.77 12.08 -14.37
C ASP E 1209 -14.15 10.63 -14.06
N ASP E 1210 -14.09 9.76 -15.08
CA ASP E 1210 -14.40 8.35 -14.86
C ASP E 1210 -13.40 7.68 -13.93
N ARG E 1211 -12.11 8.01 -14.07
CA ARG E 1211 -11.13 7.46 -13.14
C ARG E 1211 -11.34 7.98 -11.72
N PHE E 1212 -11.72 9.25 -11.57
CA PHE E 1212 -11.94 9.79 -10.24
C PHE E 1212 -13.16 9.14 -9.57
N ASN E 1213 -14.24 8.96 -10.31
CA ASN E 1213 -15.48 8.46 -9.71
C ASN E 1213 -15.39 6.99 -9.32
N SER E 1214 -14.46 6.23 -9.90
CA SER E 1214 -14.37 4.80 -9.62
C SER E 1214 -13.27 4.45 -8.64
N SER E 1215 -12.67 5.45 -7.98
CA SER E 1215 -11.64 5.18 -7.00
C SER E 1215 -12.25 4.66 -5.70
N ASN E 1216 -11.40 4.02 -4.88
CA ASN E 1216 -11.88 3.45 -3.63
C ASN E 1216 -12.26 4.54 -2.63
N ASP E 1217 -11.49 5.61 -2.56
CA ASP E 1217 -11.75 6.67 -1.58
C ASP E 1217 -13.09 7.35 -1.85
N GLU E 1218 -13.37 7.67 -3.12
CA GLU E 1218 -14.64 8.31 -3.46
C GLU E 1218 -15.82 7.39 -3.19
N ARG E 1219 -15.68 6.10 -3.52
CA ARG E 1219 -16.75 5.15 -3.25
C ARG E 1219 -17.01 5.02 -1.76
N ILE E 1220 -15.95 4.97 -0.96
CA ILE E 1220 -16.10 4.88 0.50
C ILE E 1220 -16.79 6.13 1.04
N ARG E 1221 -16.39 7.31 0.57
CA ARG E 1221 -17.01 8.55 1.05
C ARG E 1221 -18.48 8.63 0.68
N VAL E 1222 -18.82 8.29 -0.57
CA VAL E 1222 -20.22 8.34 -1.00
C VAL E 1222 -21.05 7.32 -0.24
N THR E 1223 -20.49 6.12 -0.02
CA THR E 1223 -21.20 5.11 0.75
C THR E 1223 -21.44 5.58 2.17
N SER E 1224 -20.45 6.22 2.80
CA SER E 1224 -20.62 6.72 4.15
C SER E 1224 -21.71 7.78 4.22
N GLU E 1225 -21.70 8.72 3.26
CA GLU E 1225 -22.73 9.77 3.27
C GLU E 1225 -24.12 9.18 3.06
N ARG E 1226 -24.27 8.25 2.12
CA ARG E 1226 -25.57 7.65 1.88
C ARG E 1226 -26.03 6.80 3.06
N VAL E 1227 -25.10 6.12 3.73
CA VAL E 1227 -25.46 5.34 4.91
C VAL E 1227 -25.94 6.27 6.03
N GLU E 1228 -25.26 7.40 6.22
CA GLU E 1228 -25.68 8.35 7.25
C GLU E 1228 -27.08 8.88 6.96
N ASN E 1229 -27.34 9.29 5.71
CA ASN E 1229 -28.66 9.81 5.35
C ASN E 1229 -29.73 8.73 5.51
N MET E 1230 -29.44 7.50 5.08
CA MET E 1230 -30.40 6.42 5.18
C MET E 1230 -30.68 6.06 6.63
N SER E 1231 -29.66 6.10 7.49
CA SER E 1231 -29.87 5.86 8.91
C SER E 1231 -30.76 6.93 9.53
N MET E 1232 -30.54 8.20 9.17
CA MET E 1232 -31.40 9.26 9.69
C MET E 1232 -32.84 9.06 9.23
N ARG E 1233 -33.05 8.74 7.95
CA ARG E 1233 -34.41 8.54 7.45
C ARG E 1233 -35.07 7.32 8.06
N LEU E 1234 -34.31 6.25 8.30
CA LEU E 1234 -34.89 5.06 8.91
C LEU E 1234 -35.27 5.31 10.37
N GLU E 1235 -34.45 6.08 11.09
CA GLU E 1235 -34.84 6.47 12.45
C GLU E 1235 -36.09 7.33 12.43
N GLU E 1236 -36.20 8.22 11.44
CA GLU E 1236 -37.42 9.01 11.28
C GLU E 1236 -38.64 8.11 11.06
N VAL E 1237 -38.50 7.11 10.19
CA VAL E 1237 -39.62 6.21 9.90
C VAL E 1237 -39.99 5.39 11.14
N ASN E 1238 -38.99 4.84 11.83
CA ASN E 1238 -39.26 3.98 12.98
C ASN E 1238 -39.86 4.76 14.14
N GLU E 1239 -39.41 5.99 14.36
CA GLU E 1239 -39.94 6.78 15.47
C GLU E 1239 -41.41 7.13 15.26
N ARG E 1240 -41.80 7.36 14.01
CA ARG E 1240 -43.15 7.77 13.67
C ARG E 1240 -43.93 6.54 13.21
N GLU E 1241 -44.71 5.96 14.12
CA GLU E 1241 -45.57 4.83 13.81
C GLU E 1241 -47.01 5.15 14.23
N HIS E 1242 -47.96 4.48 13.59
CA HIS E 1242 -49.38 4.71 13.83
C HIS E 1242 -50.08 3.54 14.49
N SER E 1243 -49.52 2.34 14.45
CA SER E 1243 -50.14 1.18 15.06
C SER E 1243 -49.13 0.37 15.87
N UNK F 1 -9.05 59.40 21.91
CA UNK F 1 -9.51 58.91 20.61
C UNK F 1 -10.98 59.26 20.38
N UNK F 2 -11.55 58.74 19.30
CA UNK F 2 -12.95 58.98 18.98
C UNK F 2 -13.86 58.01 19.74
N UNK F 3 -13.77 58.07 21.06
CA UNK F 3 -14.54 57.17 21.92
C UNK F 3 -15.67 57.91 22.62
N UNK F 4 -15.34 59.03 23.24
CA UNK F 4 -16.35 59.83 23.95
C UNK F 4 -17.13 60.71 22.99
N UNK F 5 -17.83 60.08 22.06
CA UNK F 5 -18.64 60.79 21.07
C UNK F 5 -20.12 60.54 21.32
N UNK F 6 -20.43 59.88 22.44
CA UNK F 6 -21.80 59.59 22.81
C UNK F 6 -22.08 60.07 24.23
N UNK F 7 -23.06 59.44 24.88
CA UNK F 7 -23.43 59.80 26.24
C UNK F 7 -24.05 58.61 26.96
N UNK F 8 -24.33 58.78 28.25
CA UNK F 8 -24.93 57.72 29.05
C UNK F 8 -26.20 58.22 29.73
N UNK F 9 -26.66 57.50 30.74
CA UNK F 9 -27.85 57.88 31.48
C UNK F 9 -27.82 57.29 32.89
N UNK F 10 -27.74 58.17 33.90
CA UNK F 10 -27.71 57.74 35.29
C UNK F 10 -28.82 58.43 36.08
N UNK F 11 -29.51 57.66 36.91
CA UNK F 11 -30.60 58.19 37.72
C UNK F 11 -30.07 59.12 38.81
N UNK F 12 -30.50 60.38 38.78
CA UNK F 12 -30.06 61.38 39.74
C UNK F 12 -30.85 61.25 41.04
N UNK F 13 -31.39 62.36 41.51
CA UNK F 13 -32.18 62.38 42.73
C UNK F 13 -33.51 61.68 42.51
N UNK F 14 -33.61 60.44 43.00
CA UNK F 14 -34.81 59.64 42.83
C UNK F 14 -35.50 59.37 44.16
N UNK F 15 -36.81 59.11 44.10
CA UNK F 15 -37.60 58.83 45.28
C UNK F 15 -38.75 57.89 44.95
N UNK F 16 -38.72 56.69 45.51
CA UNK F 16 -39.76 55.70 45.26
C UNK F 16 -39.88 54.74 46.44
N UNK F 17 -40.65 53.67 46.24
CA UNK F 17 -40.89 52.64 47.26
C UNK F 17 -41.44 53.23 48.56
N ILE G 129 -36.67 -30.80 64.11
CA ILE G 129 -36.43 -30.39 65.48
C ILE G 129 -36.45 -28.87 65.60
N SER G 130 -36.27 -28.37 66.82
CA SER G 130 -36.25 -26.93 67.06
C SER G 130 -34.83 -26.38 66.98
N LYS G 131 -34.15 -26.71 65.88
CA LYS G 131 -32.79 -26.23 65.58
C LYS G 131 -31.81 -26.56 66.70
N HIS G 132 -31.74 -27.85 67.04
CA HIS G 132 -30.76 -28.36 68.01
C HIS G 132 -29.61 -28.96 67.22
N THR G 133 -28.63 -28.11 66.89
CA THR G 133 -27.53 -28.49 66.02
C THR G 133 -26.20 -28.28 66.73
N GLN G 134 -25.19 -29.04 66.30
CA GLN G 134 -23.86 -28.94 66.88
C GLN G 134 -23.14 -27.72 66.30
N LEU G 135 -22.56 -26.90 67.18
CA LEU G 135 -21.90 -25.67 66.78
C LEU G 135 -20.40 -25.90 66.54
N SER G 136 -20.12 -26.86 65.67
CA SER G 136 -18.75 -27.20 65.35
C SER G 136 -18.09 -26.10 64.53
N PRO G 137 -16.76 -25.98 64.58
CA PRO G 137 -16.08 -24.98 63.74
C PRO G 137 -16.12 -25.35 62.27
N THR G 138 -15.86 -24.35 61.43
CA THR G 138 -15.86 -24.55 59.99
C THR G 138 -14.72 -25.47 59.56
N ASP G 139 -14.96 -26.22 58.48
CA ASP G 139 -13.97 -27.19 58.02
C ASP G 139 -13.86 -27.22 56.51
N ALA G 140 -14.28 -26.15 55.82
CA ALA G 140 -14.23 -26.13 54.36
C ALA G 140 -14.04 -24.69 53.89
N PHE G 141 -12.83 -24.36 53.47
CA PHE G 141 -12.52 -23.04 52.92
C PHE G 141 -11.29 -23.16 52.03
N GLY G 142 -11.23 -22.32 51.01
CA GLY G 142 -10.12 -22.32 50.09
C GLY G 142 -10.47 -21.86 48.69
N THR G 143 -10.12 -22.66 47.69
CA THR G 143 -10.35 -22.31 46.30
C THR G 143 -10.80 -23.56 45.55
N ILE G 144 -11.78 -23.41 44.66
CA ILE G 144 -12.34 -24.53 43.91
C ILE G 144 -12.08 -24.31 42.43
N GLU G 145 -11.65 -25.37 41.75
CA GLU G 145 -11.44 -25.35 40.31
C GLU G 145 -12.64 -25.99 39.62
N PHE G 146 -13.28 -25.25 38.73
CA PHE G 146 -14.48 -25.72 38.03
C PHE G 146 -14.05 -26.49 36.79
N GLN G 147 -13.80 -27.79 36.97
CA GLN G 147 -13.58 -28.66 35.82
C GLN G 147 -14.89 -28.84 35.07
N GLY G 148 -14.82 -28.73 33.74
CA GLY G 148 -16.03 -28.70 32.95
C GLY G 148 -15.89 -27.83 31.71
N GLY G 149 -16.76 -26.84 31.59
CA GLY G 149 -16.75 -25.93 30.45
C GLY G 149 -15.42 -25.28 30.15
N GLY G 150 -15.27 -24.77 28.93
CA GLY G 150 -13.99 -24.28 28.46
C GLY G 150 -13.53 -22.98 29.07
N HIS G 151 -13.41 -22.93 30.40
CA HIS G 151 -12.86 -21.78 31.09
C HIS G 151 -12.01 -22.26 32.26
N SER G 152 -11.01 -21.47 32.59
CA SER G 152 -10.15 -21.71 33.75
C SER G 152 -10.56 -20.69 34.81
N ASN G 153 -11.56 -21.03 35.60
CA ASN G 153 -12.18 -20.12 36.55
C ASN G 153 -11.91 -20.58 37.97
N LYS G 154 -11.30 -19.72 38.77
CA LYS G 154 -11.08 -19.97 40.19
C LYS G 154 -12.16 -19.25 40.99
N ALA G 155 -12.40 -19.73 42.20
CA ALA G 155 -13.45 -19.17 43.05
C ALA G 155 -13.12 -19.45 44.51
N MET G 156 -12.88 -18.41 45.28
CA MET G 156 -12.73 -18.57 46.72
C MET G 156 -14.06 -18.93 47.35
N TYR G 157 -14.01 -19.73 48.42
CA TYR G 157 -15.22 -20.17 49.08
C TYR G 157 -14.94 -20.43 50.54
N VAL G 158 -15.94 -20.13 51.39
CA VAL G 158 -15.91 -20.49 52.80
C VAL G 158 -17.30 -21.00 53.17
N ARG G 159 -17.37 -21.76 54.26
CA ARG G 159 -18.65 -22.13 54.86
C ARG G 159 -18.72 -21.55 56.26
N VAL G 160 -19.81 -20.85 56.55
CA VAL G 160 -20.02 -20.20 57.84
C VAL G 160 -21.47 -20.43 58.27
N SER G 161 -21.71 -20.25 59.57
CA SER G 161 -23.06 -20.35 60.08
C SER G 161 -23.90 -19.16 59.62
N PHE G 162 -25.22 -19.36 59.63
CA PHE G 162 -26.14 -18.32 59.20
C PHE G 162 -26.31 -17.21 60.24
N ASP G 163 -25.73 -17.38 61.43
CA ASP G 163 -25.77 -16.37 62.47
C ASP G 163 -24.49 -15.55 62.56
N THR G 164 -23.62 -15.64 61.55
CA THR G 164 -22.35 -14.93 61.58
C THR G 164 -22.59 -13.43 61.45
N LYS G 165 -21.83 -12.66 62.24
CA LYS G 165 -21.96 -11.21 62.20
C LYS G 165 -21.45 -10.66 60.87
N PRO G 166 -22.14 -9.67 60.29
CA PRO G 166 -21.67 -9.11 59.01
C PRO G 166 -20.31 -8.42 59.10
N ASP G 167 -19.90 -7.96 60.27
CA ASP G 167 -18.61 -7.28 60.39
C ASP G 167 -17.45 -8.23 60.10
N LEU G 168 -17.50 -9.45 60.63
CA LEU G 168 -16.46 -10.42 60.36
C LEU G 168 -16.46 -10.85 58.90
N LEU G 169 -17.65 -10.98 58.29
CA LEU G 169 -17.73 -11.30 56.88
C LEU G 169 -17.10 -10.20 56.03
N LEU G 170 -17.38 -8.94 56.36
CA LEU G 170 -16.76 -7.83 55.63
C LEU G 170 -15.25 -7.81 55.84
N HIS G 171 -14.79 -8.12 57.05
CA HIS G 171 -13.36 -8.19 57.33
C HIS G 171 -12.69 -9.25 56.47
N LEU G 172 -13.30 -10.44 56.39
CA LEU G 172 -12.75 -11.52 55.58
C LEU G 172 -12.82 -11.20 54.09
N MET G 173 -13.85 -10.48 53.66
CA MET G 173 -13.98 -10.13 52.25
C MET G 173 -13.03 -9.02 51.85
N THR G 174 -12.63 -8.17 52.79
CA THR G 174 -11.76 -7.05 52.49
C THR G 174 -10.27 -7.41 52.61
N LYS G 175 -9.89 -8.17 53.64
CA LYS G 175 -8.49 -8.46 53.88
C LYS G 175 -8.07 -9.88 53.49
N GLU G 176 -8.89 -10.88 53.79
CA GLU G 176 -8.53 -12.25 53.44
C GLU G 176 -8.72 -12.55 51.96
N TRP G 177 -9.52 -11.75 51.26
CA TRP G 177 -9.71 -11.92 49.83
C TRP G 177 -9.15 -10.76 49.01
N GLN G 178 -8.63 -9.72 49.66
CA GLN G 178 -7.97 -8.59 49.00
C GLN G 178 -8.91 -7.88 48.01
N LEU G 179 -10.15 -7.69 48.43
CA LEU G 179 -11.15 -6.98 47.64
C LEU G 179 -11.31 -5.56 48.18
N GLU G 180 -11.13 -4.58 47.30
CA GLU G 180 -11.33 -3.19 47.68
C GLU G 180 -12.81 -2.89 47.89
N LEU G 181 -13.07 -1.84 48.67
CA LEU G 181 -14.45 -1.48 48.99
C LEU G 181 -15.18 -1.05 47.72
N PRO G 182 -16.38 -1.57 47.46
CA PRO G 182 -17.07 -1.24 46.21
C PRO G 182 -17.62 0.18 46.20
N LYS G 183 -17.74 0.72 44.99
CA LYS G 183 -18.41 1.98 44.77
C LYS G 183 -19.89 1.82 44.49
N LEU G 184 -20.37 0.59 44.38
CA LEU G 184 -21.76 0.30 44.03
C LEU G 184 -22.06 -1.14 44.40
N LEU G 185 -23.30 -1.39 44.82
CA LEU G 185 -23.77 -2.74 45.12
C LEU G 185 -25.02 -3.01 44.29
N ILE G 186 -25.01 -4.12 43.56
CA ILE G 186 -26.15 -4.55 42.75
C ILE G 186 -26.62 -5.89 43.30
N SER G 187 -27.88 -5.93 43.74
CA SER G 187 -28.48 -7.16 44.26
C SER G 187 -29.46 -7.71 43.23
N VAL G 188 -29.29 -8.98 42.88
CA VAL G 188 -30.12 -9.63 41.88
C VAL G 188 -31.04 -10.62 42.58
N HIS G 189 -32.34 -10.50 42.34
CA HIS G 189 -33.34 -11.40 42.90
C HIS G 189 -34.15 -12.01 41.76
N GLY G 190 -34.51 -13.29 41.92
CA GLY G 190 -35.25 -13.98 40.88
C GLY G 190 -35.88 -15.25 41.41
N GLY G 191 -36.60 -15.92 40.50
CA GLY G 191 -37.27 -17.14 40.88
C GLY G 191 -36.32 -18.32 40.99
N LEU G 192 -36.60 -19.18 41.97
CA LEU G 192 -35.77 -20.37 42.17
C LEU G 192 -35.92 -21.36 41.02
N GLN G 193 -37.13 -21.51 40.48
CA GLN G 193 -37.37 -22.43 39.38
C GLN G 193 -36.66 -21.96 38.12
N ASN G 194 -36.14 -22.92 37.37
CA ASN G 194 -35.39 -22.63 36.14
C ASN G 194 -36.36 -22.21 35.05
N PHE G 195 -36.45 -20.90 34.80
CA PHE G 195 -37.26 -20.35 33.73
C PHE G 195 -36.38 -20.07 32.52
N GLU G 196 -37.01 -19.64 31.42
CA GLU G 196 -36.30 -19.26 30.21
C GLU G 196 -36.73 -17.87 29.79
N LEU G 197 -35.76 -17.09 29.31
CA LEU G 197 -36.02 -15.76 28.80
C LEU G 197 -36.04 -15.79 27.27
N GLN G 198 -36.93 -14.97 26.69
CA GLN G 198 -37.01 -14.89 25.25
C GLN G 198 -35.76 -14.21 24.69
N PRO G 199 -35.40 -14.54 23.44
CA PRO G 199 -34.24 -13.87 22.82
C PRO G 199 -34.48 -12.39 22.63
N LYS G 200 -33.37 -11.68 22.39
CA LYS G 200 -33.31 -10.23 22.20
C LYS G 200 -33.64 -9.45 23.46
N LEU G 201 -33.92 -10.12 24.57
CA LEU G 201 -34.15 -9.48 25.86
C LEU G 201 -33.10 -9.84 26.89
N LYS G 202 -32.71 -11.11 26.98
CA LYS G 202 -31.64 -11.48 27.88
C LYS G 202 -30.29 -10.96 27.40
N GLN G 203 -30.13 -10.75 26.10
CA GLN G 203 -28.86 -10.25 25.57
C GLN G 203 -28.62 -8.81 26.03
N VAL G 204 -29.61 -7.94 25.85
CA VAL G 204 -29.45 -6.55 26.25
C VAL G 204 -29.37 -6.44 27.77
N PHE G 205 -30.14 -7.26 28.48
CA PHE G 205 -30.05 -7.28 29.95
C PHE G 205 -28.67 -7.66 30.42
N GLY G 206 -28.10 -8.73 29.84
CA GLY G 206 -26.76 -9.14 30.23
C GLY G 206 -25.71 -8.11 29.87
N LYS G 207 -25.80 -7.53 28.67
CA LYS G 207 -24.84 -6.51 28.27
C LYS G 207 -24.91 -5.28 29.17
N GLY G 208 -26.12 -4.83 29.50
CA GLY G 208 -26.26 -3.68 30.37
C GLY G 208 -25.75 -3.95 31.78
N LEU G 209 -26.08 -5.12 32.33
CA LEU G 209 -25.60 -5.46 33.66
C LEU G 209 -24.07 -5.56 33.69
N ILE G 210 -23.48 -6.19 32.67
CA ILE G 210 -22.03 -6.33 32.62
C ILE G 210 -21.36 -4.96 32.47
N LYS G 211 -21.92 -4.10 31.62
CA LYS G 211 -21.34 -2.77 31.44
C LYS G 211 -21.44 -1.94 32.72
N ALA G 212 -22.57 -2.03 33.41
CA ALA G 212 -22.73 -1.30 34.67
C ALA G 212 -21.80 -1.82 35.76
N ALA G 213 -21.57 -3.13 35.81
CA ALA G 213 -20.70 -3.70 36.83
C ALA G 213 -19.23 -3.61 36.47
N MET G 214 -18.90 -3.33 35.21
CA MET G 214 -17.51 -3.23 34.78
C MET G 214 -17.01 -1.80 34.70
N THR G 215 -17.80 -0.88 34.15
CA THR G 215 -17.40 0.52 34.10
C THR G 215 -17.35 1.16 35.49
N THR G 216 -18.05 0.57 36.46
CA THR G 216 -18.04 1.01 37.84
C THR G 216 -17.50 -0.11 38.72
N GLY G 217 -16.63 0.23 39.66
CA GLY G 217 -16.18 -0.77 40.62
C GLY G 217 -17.32 -1.16 41.53
N ALA G 218 -17.84 -2.38 41.34
CA ALA G 218 -19.06 -2.77 42.01
C ALA G 218 -19.03 -4.26 42.31
N TRP G 219 -19.89 -4.67 43.24
CA TRP G 219 -20.11 -6.06 43.59
C TRP G 219 -21.51 -6.47 43.17
N ILE G 220 -21.66 -7.73 42.77
CA ILE G 220 -22.95 -8.30 42.41
C ILE G 220 -23.26 -9.42 43.39
N PHE G 221 -24.33 -9.26 44.16
CA PHE G 221 -24.78 -10.29 45.09
C PHE G 221 -25.82 -11.15 44.38
N THR G 222 -25.56 -12.46 44.32
CA THR G 222 -26.44 -13.40 43.65
C THR G 222 -26.69 -14.60 44.57
N GLY G 223 -27.61 -15.46 44.14
CA GLY G 223 -27.90 -16.66 44.89
C GLY G 223 -26.73 -17.63 44.94
N GLY G 224 -26.06 -17.81 43.81
CA GLY G 224 -24.89 -18.66 43.75
C GLY G 224 -25.13 -20.01 43.11
N VAL G 225 -26.26 -20.63 43.41
CA VAL G 225 -26.61 -21.91 42.81
C VAL G 225 -27.11 -21.68 41.39
N ASN G 226 -26.87 -22.66 40.52
CA ASN G 226 -27.16 -22.51 39.09
C ASN G 226 -28.64 -22.78 38.81
N THR G 227 -29.49 -21.97 39.42
CA THR G 227 -30.94 -22.06 39.26
C THR G 227 -31.54 -20.69 39.02
N GLY G 228 -32.43 -20.59 38.04
CA GLY G 228 -33.21 -19.38 37.86
C GLY G 228 -32.41 -18.29 37.17
N VAL G 229 -32.54 -17.06 37.68
CA VAL G 229 -31.86 -15.92 37.09
C VAL G 229 -30.35 -16.01 37.23
N ILE G 230 -29.87 -16.85 38.16
CA ILE G 230 -28.42 -17.00 38.35
C ILE G 230 -27.79 -17.62 37.10
N ARG G 231 -28.50 -18.51 36.41
CA ARG G 231 -28.00 -19.03 35.15
C ARG G 231 -27.89 -17.92 34.10
N HIS G 232 -28.86 -17.01 34.08
CA HIS G 232 -28.79 -15.88 33.16
C HIS G 232 -27.59 -14.99 33.46
N VAL G 233 -27.35 -14.71 34.74
CA VAL G 233 -26.18 -13.91 35.12
C VAL G 233 -24.89 -14.66 34.77
N GLY G 234 -24.89 -15.98 34.94
CA GLY G 234 -23.71 -16.76 34.58
C GLY G 234 -23.40 -16.73 33.10
N ASP G 235 -24.42 -16.87 32.25
CA ASP G 235 -24.14 -16.79 30.82
C ASP G 235 -23.83 -15.37 30.38
N ALA G 236 -24.37 -14.36 31.06
CA ALA G 236 -24.00 -12.98 30.78
C ALA G 236 -22.52 -12.74 31.10
N LEU G 237 -22.05 -13.28 32.22
CA LEU G 237 -20.62 -13.19 32.55
C LEU G 237 -19.78 -14.02 31.58
N LYS G 238 -20.31 -15.15 31.12
CA LYS G 238 -19.57 -16.01 30.20
C LYS G 238 -19.38 -15.33 28.85
N ASP G 239 -20.42 -14.67 28.35
CA ASP G 239 -20.32 -13.97 27.06
C ASP G 239 -19.47 -12.71 27.13
N HIS G 240 -19.17 -12.21 28.33
CA HIS G 240 -18.34 -11.01 28.48
C HIS G 240 -16.86 -11.35 28.58
N ALA G 241 -16.52 -12.44 29.28
CA ALA G 241 -15.12 -12.80 29.45
C ALA G 241 -14.47 -13.26 28.14
N SER G 242 -15.26 -13.58 27.13
CA SER G 242 -14.73 -14.02 25.85
C SER G 242 -14.44 -12.87 24.90
N LYS G 243 -14.70 -11.62 25.30
CA LYS G 243 -14.48 -10.47 24.44
C LYS G 243 -13.77 -9.30 25.10
N SER G 244 -13.67 -9.27 26.43
CA SER G 244 -13.13 -8.11 27.12
C SER G 244 -12.20 -8.54 28.25
N ARG G 245 -11.33 -7.61 28.66
CA ARG G 245 -10.45 -7.82 29.78
C ARG G 245 -11.21 -7.54 31.08
N GLY G 246 -10.50 -7.56 32.20
CA GLY G 246 -11.09 -7.19 33.47
C GLY G 246 -11.91 -8.32 34.09
N LYS G 247 -12.18 -8.16 35.38
CA LYS G 247 -12.94 -9.14 36.15
C LYS G 247 -14.07 -8.45 36.89
N ILE G 248 -15.15 -9.20 37.12
CA ILE G 248 -16.31 -8.71 37.84
C ILE G 248 -16.39 -9.44 39.16
N CYS G 249 -16.58 -8.70 40.25
CA CYS G 249 -16.63 -9.29 41.59
C CYS G 249 -18.04 -9.79 41.87
N THR G 250 -18.35 -10.94 41.28
CA THR G 250 -19.63 -11.60 41.49
C THR G 250 -19.53 -12.50 42.72
N ILE G 251 -20.44 -12.32 43.66
CA ILE G 251 -20.43 -13.02 44.94
C ILE G 251 -21.73 -13.79 45.08
N GLY G 252 -21.62 -15.09 45.36
CA GLY G 252 -22.77 -15.95 45.54
C GLY G 252 -22.93 -16.34 47.00
N ILE G 253 -24.10 -16.08 47.55
CA ILE G 253 -24.44 -16.44 48.92
C ILE G 253 -25.47 -17.56 48.82
N ALA G 254 -25.00 -18.80 48.88
CA ALA G 254 -25.85 -19.96 48.68
C ALA G 254 -25.92 -20.82 49.93
N PRO G 255 -27.07 -21.47 50.18
CA PRO G 255 -27.14 -22.44 51.27
C PRO G 255 -26.27 -23.67 50.99
N TRP G 256 -25.74 -24.25 52.07
CA TRP G 256 -24.86 -25.39 51.96
C TRP G 256 -25.60 -26.69 51.63
N GLY G 257 -26.89 -26.77 51.92
CA GLY G 257 -27.63 -27.99 51.75
C GLY G 257 -28.15 -28.28 50.35
N ILE G 258 -27.87 -27.42 49.38
CA ILE G 258 -28.36 -27.59 48.02
C ILE G 258 -27.26 -27.95 47.03
N VAL G 259 -25.99 -27.87 47.43
CA VAL G 259 -24.90 -28.24 46.53
C VAL G 259 -24.98 -29.72 46.21
N GLU G 260 -24.66 -30.07 44.95
CA GLU G 260 -24.76 -31.46 44.55
C GLU G 260 -23.66 -32.32 45.17
N ASN G 261 -22.56 -31.71 45.59
CA ASN G 261 -21.45 -32.41 46.24
C ASN G 261 -21.11 -31.65 47.52
N GLN G 262 -21.72 -32.05 48.64
CA GLN G 262 -21.31 -31.52 49.93
C GLN G 262 -19.87 -31.93 50.22
N GLU G 263 -19.51 -33.16 49.89
CA GLU G 263 -18.13 -33.61 49.95
C GLU G 263 -17.35 -33.06 48.75
N ASP G 264 -16.10 -33.51 48.61
CA ASP G 264 -15.18 -33.04 47.57
C ASP G 264 -14.91 -31.54 47.68
N LEU G 265 -15.23 -30.95 48.84
CA LEU G 265 -15.05 -29.53 49.07
C LEU G 265 -14.51 -29.24 50.47
N ILE G 266 -14.16 -30.27 51.25
CA ILE G 266 -13.81 -30.11 52.65
C ILE G 266 -12.34 -29.77 52.86
N GLY G 267 -11.56 -29.68 51.79
CA GLY G 267 -10.16 -29.33 51.91
C GLY G 267 -9.93 -27.91 52.38
N ARG G 268 -9.41 -27.76 53.61
CA ARG G 268 -9.21 -26.44 54.19
C ARG G 268 -7.98 -25.78 53.58
N ASP G 269 -8.18 -24.60 52.97
CA ASP G 269 -7.10 -23.80 52.39
C ASP G 269 -6.28 -24.58 51.36
N VAL G 270 -6.97 -25.35 50.52
CA VAL G 270 -6.33 -26.12 49.46
C VAL G 270 -7.28 -26.22 48.28
N VAL G 271 -6.71 -26.39 47.10
CA VAL G 271 -7.47 -26.44 45.85
C VAL G 271 -8.30 -27.73 45.82
N ARG G 272 -9.59 -27.59 45.49
CA ARG G 272 -10.49 -28.72 45.37
C ARG G 272 -11.11 -28.73 43.98
N PRO G 273 -10.97 -29.84 43.23
CA PRO G 273 -11.65 -29.93 41.94
C PRO G 273 -13.16 -29.98 42.13
N TYR G 274 -13.87 -29.44 41.13
CA TYR G 274 -15.33 -29.41 41.15
C TYR G 274 -15.85 -29.67 39.76
N GLN G 275 -16.93 -30.45 39.67
CA GLN G 275 -17.50 -30.86 38.39
C GLN G 275 -18.78 -30.08 38.12
N THR G 276 -18.86 -29.47 36.94
CA THR G 276 -20.02 -28.67 36.56
C THR G 276 -21.13 -29.50 35.93
N MET G 277 -20.90 -30.78 35.64
CA MET G 277 -21.93 -31.61 35.04
C MET G 277 -23.05 -31.88 36.04
N SER G 278 -24.28 -31.85 35.55
CA SER G 278 -25.47 -31.97 36.39
C SER G 278 -26.26 -33.22 36.03
N ASN G 279 -26.81 -33.87 37.06
CA ASN G 279 -27.71 -35.00 36.90
C ASN G 279 -29.10 -34.57 37.36
N PRO G 280 -30.10 -34.55 36.48
CA PRO G 280 -31.44 -34.06 36.88
C PRO G 280 -32.12 -34.89 37.96
N MET G 281 -31.71 -36.14 38.15
CA MET G 281 -32.33 -37.02 39.13
C MET G 281 -31.69 -36.94 40.51
N SER G 282 -30.70 -36.07 40.69
CA SER G 282 -30.01 -35.96 41.97
C SER G 282 -30.76 -35.10 42.98
N LYS G 283 -31.85 -34.45 42.58
CA LYS G 283 -32.70 -33.63 43.44
C LYS G 283 -31.96 -32.44 44.04
N LEU G 284 -30.79 -32.10 43.50
CA LEU G 284 -30.01 -30.96 43.98
C LEU G 284 -29.55 -30.16 42.76
N THR G 285 -28.74 -29.14 43.00
CA THR G 285 -28.23 -28.30 41.93
C THR G 285 -26.74 -28.06 42.15
N VAL G 286 -26.05 -27.73 41.07
CA VAL G 286 -24.61 -27.58 41.08
C VAL G 286 -24.27 -26.10 41.26
N LEU G 287 -23.10 -25.83 41.83
CA LEU G 287 -22.64 -24.47 42.01
C LEU G 287 -22.35 -23.83 40.65
N ASN G 288 -22.79 -22.59 40.50
CA ASN G 288 -22.66 -21.88 39.23
C ASN G 288 -21.23 -21.35 39.08
N SER G 289 -20.60 -21.68 37.95
CA SER G 289 -19.26 -21.19 37.65
C SER G 289 -19.34 -19.73 37.22
N MET G 290 -18.20 -19.16 36.84
CA MET G 290 -18.07 -17.75 36.48
C MET G 290 -18.53 -16.85 37.63
N HIS G 291 -18.26 -17.29 38.85
CA HIS G 291 -18.52 -16.51 40.06
C HIS G 291 -17.21 -16.36 40.82
N SER G 292 -16.92 -15.14 41.26
CA SER G 292 -15.61 -14.86 41.83
C SER G 292 -15.46 -15.44 43.23
N HIS G 293 -16.50 -15.32 44.05
CA HIS G 293 -16.41 -15.76 45.44
C HIS G 293 -17.74 -16.37 45.86
N PHE G 294 -17.69 -17.20 46.90
CA PHE G 294 -18.85 -17.88 47.44
C PHE G 294 -18.89 -17.74 48.95
N ILE G 295 -20.10 -17.55 49.49
CA ILE G 295 -20.35 -17.55 50.92
C ILE G 295 -21.42 -18.60 51.17
N LEU G 296 -21.04 -19.73 51.75
CA LEU G 296 -21.93 -20.86 51.96
C LEU G 296 -22.43 -20.84 53.40
N ALA G 297 -23.73 -20.60 53.56
CA ALA G 297 -24.34 -20.50 54.89
C ALA G 297 -25.19 -21.74 55.14
N ASP G 298 -25.02 -22.34 56.31
CA ASP G 298 -25.73 -23.55 56.68
C ASP G 298 -26.39 -23.39 58.03
N ASN G 299 -27.61 -23.92 58.16
CA ASN G 299 -28.32 -23.96 59.43
C ASN G 299 -28.45 -25.39 59.96
N GLY G 300 -27.76 -26.35 59.36
CA GLY G 300 -27.80 -27.73 59.78
C GLY G 300 -28.67 -28.62 58.91
N THR G 301 -29.56 -28.06 58.10
CA THR G 301 -30.43 -28.86 57.26
C THR G 301 -29.71 -29.26 55.98
N THR G 302 -30.44 -29.94 55.10
CA THR G 302 -29.90 -30.39 53.82
C THR G 302 -31.06 -30.58 52.84
N GLY G 303 -31.00 -29.90 51.71
CA GLY G 303 -32.01 -30.03 50.69
C GLY G 303 -33.12 -29.00 50.73
N LYS G 304 -32.97 -27.93 51.51
CA LYS G 304 -34.00 -26.91 51.62
C LYS G 304 -33.35 -25.53 51.66
N TYR G 305 -34.10 -24.53 51.17
CA TYR G 305 -33.63 -23.17 51.08
C TYR G 305 -33.89 -22.43 52.39
N GLY G 306 -33.72 -21.11 52.38
CA GLY G 306 -34.03 -20.27 53.51
C GLY G 306 -32.93 -20.07 54.51
N ALA G 307 -31.71 -20.54 54.22
CA ALA G 307 -30.60 -20.43 55.15
C ALA G 307 -29.66 -19.27 54.83
N GLU G 308 -30.00 -18.43 53.86
CA GLU G 308 -29.09 -17.37 53.44
C GLU G 308 -29.73 -16.01 53.23
N VAL G 309 -31.06 -15.89 53.26
CA VAL G 309 -31.70 -14.60 52.97
C VAL G 309 -31.40 -13.59 54.06
N LYS G 310 -31.51 -13.99 55.32
CA LYS G 310 -31.28 -13.06 56.42
C LYS G 310 -29.83 -12.60 56.46
N LEU G 311 -28.89 -13.53 56.27
CA LEU G 311 -27.47 -13.16 56.26
C LEU G 311 -27.15 -12.22 55.11
N ARG G 312 -27.73 -12.49 53.93
CA ARG G 312 -27.51 -11.60 52.78
C ARG G 312 -28.05 -10.21 53.05
N ARG G 313 -29.26 -10.12 53.63
CA ARG G 313 -29.82 -8.81 53.93
C ARG G 313 -28.99 -8.07 54.98
N GLN G 314 -28.52 -8.79 56.01
CA GLN G 314 -27.70 -8.15 57.04
C GLN G 314 -26.38 -7.65 56.45
N LEU G 315 -25.76 -8.44 55.57
CA LEU G 315 -24.52 -8.00 54.94
C LEU G 315 -24.76 -6.78 54.05
N GLU G 316 -25.87 -6.76 53.30
CA GLU G 316 -26.20 -5.60 52.50
C GLU G 316 -26.41 -4.36 53.37
N LYS G 317 -27.11 -4.52 54.51
CA LYS G 317 -27.31 -3.40 55.42
C LYS G 317 -25.99 -2.90 55.98
N HIS G 318 -25.09 -3.82 56.34
CA HIS G 318 -23.83 -3.39 56.94
C HIS G 318 -22.92 -2.73 55.92
N ILE G 319 -22.91 -3.21 54.69
CA ILE G 319 -22.07 -2.58 53.66
C ILE G 319 -22.68 -1.30 53.13
N SER G 320 -24.01 -1.13 53.24
CA SER G 320 -24.62 0.13 52.86
C SER G 320 -24.21 1.26 53.79
N LEU G 321 -24.09 0.99 55.09
CA LEU G 321 -23.65 2.00 56.04
C LEU G 321 -22.15 2.23 56.00
N GLN G 322 -21.40 1.39 55.29
CA GLN G 322 -19.96 1.59 55.18
C GLN G 322 -19.66 2.85 54.39
N LYS G 323 -18.59 3.54 54.78
CA LYS G 323 -18.29 4.86 54.23
C LYS G 323 -17.40 4.73 52.99
N ILE G 324 -17.81 5.41 51.91
CA ILE G 324 -17.03 5.50 50.69
C ILE G 324 -15.87 6.46 50.94
N ASN G 325 -14.89 6.48 50.03
CA ASN G 325 -13.68 7.28 50.23
C ASN G 325 -13.96 8.77 50.30
N THR G 326 -15.06 9.24 49.71
CA THR G 326 -15.38 10.66 49.79
C THR G 326 -15.75 11.04 51.21
N ARG G 327 -15.35 12.25 51.61
CA ARG G 327 -15.55 12.73 52.98
C ARG G 327 -16.83 13.53 53.14
N ILE G 328 -17.73 13.49 52.16
CA ILE G 328 -19.03 14.16 52.30
C ILE G 328 -19.84 13.52 53.42
N GLY G 329 -19.88 12.19 53.45
CA GLY G 329 -20.62 11.47 54.47
C GLY G 329 -21.53 10.42 53.88
N GLN G 330 -21.58 10.34 52.55
CA GLN G 330 -22.42 9.37 51.87
C GLN G 330 -21.78 7.99 51.90
N GLY G 331 -22.64 6.97 51.96
CA GLY G 331 -22.20 5.59 51.96
C GLY G 331 -22.26 4.97 50.58
N VAL G 332 -22.02 3.65 50.54
CA VAL G 332 -22.05 2.89 49.30
C VAL G 332 -23.50 2.77 48.82
N PRO G 333 -23.81 3.23 47.61
CA PRO G 333 -25.17 3.08 47.10
C PRO G 333 -25.51 1.62 46.82
N VAL G 334 -26.76 1.26 47.05
CA VAL G 334 -27.26 -0.09 46.87
C VAL G 334 -28.49 -0.04 45.97
N VAL G 335 -28.52 -0.90 44.96
CA VAL G 335 -29.66 -1.02 44.06
C VAL G 335 -30.08 -2.48 44.01
N ALA G 336 -31.33 -2.70 43.62
CA ALA G 336 -31.90 -4.05 43.51
C ALA G 336 -32.42 -4.26 42.10
N LEU G 337 -32.06 -5.41 41.52
CA LEU G 337 -32.49 -5.78 40.18
C LEU G 337 -33.42 -6.98 40.28
N ILE G 338 -34.61 -6.86 39.69
CA ILE G 338 -35.64 -7.88 39.78
C ILE G 338 -35.88 -8.46 38.38
N VAL G 339 -35.68 -9.76 38.23
CA VAL G 339 -36.00 -10.49 37.01
C VAL G 339 -36.79 -11.73 37.42
N GLU G 340 -37.89 -11.99 36.73
CA GLU G 340 -38.83 -13.07 37.08
C GLU G 340 -39.33 -12.79 38.49
N GLY G 341 -39.54 -13.82 39.29
CA GLY G 341 -39.94 -13.61 40.66
C GLY G 341 -40.82 -14.73 41.16
N GLY G 342 -41.73 -14.37 42.06
CA GLY G 342 -42.64 -15.31 42.66
C GLY G 342 -43.44 -14.68 43.78
N PRO G 343 -44.05 -15.52 44.62
CA PRO G 343 -44.84 -14.99 45.75
C PRO G 343 -44.01 -14.22 46.77
N ASN G 344 -42.69 -14.45 46.84
CA ASN G 344 -41.84 -13.79 47.83
C ASN G 344 -41.08 -12.59 47.26
N VAL G 345 -41.02 -12.45 45.93
CA VAL G 345 -40.34 -11.31 45.35
C VAL G 345 -41.08 -10.01 45.68
N ILE G 346 -42.41 -10.05 45.72
CA ILE G 346 -43.17 -8.88 46.14
C ILE G 346 -42.84 -8.51 47.58
N SER G 347 -42.72 -9.53 48.44
CA SER G 347 -42.39 -9.27 49.84
C SER G 347 -40.99 -8.68 49.99
N ILE G 348 -40.00 -9.19 49.25
CA ILE G 348 -38.65 -8.63 49.39
C ILE G 348 -38.57 -7.24 48.77
N VAL G 349 -39.34 -6.98 47.71
CA VAL G 349 -39.40 -5.62 47.17
C VAL G 349 -40.00 -4.67 48.20
N LEU G 350 -41.08 -5.10 48.86
CA LEU G 350 -41.71 -4.26 49.88
C LEU G 350 -40.76 -3.98 51.04
N GLU G 351 -40.05 -5.02 51.50
CA GLU G 351 -39.12 -4.81 52.61
C GLU G 351 -37.89 -4.01 52.19
N TYR G 352 -37.56 -3.99 50.89
CA TYR G 352 -36.56 -3.05 50.40
C TYR G 352 -37.09 -1.62 50.44
N LEU G 353 -38.32 -1.42 49.99
CA LEU G 353 -38.91 -0.08 49.95
C LEU G 353 -39.21 0.47 51.34
N ARG G 354 -39.31 -0.40 52.35
CA ARG G 354 -39.65 0.01 53.71
C ARG G 354 -38.43 0.18 54.60
N ASP G 355 -37.22 0.04 54.06
CA ASP G 355 -36.03 0.26 54.86
C ASP G 355 -35.90 1.73 55.23
N THR G 356 -35.19 2.00 56.33
CA THR G 356 -35.00 3.38 56.77
C THR G 356 -34.25 4.20 55.73
N PRO G 357 -33.15 3.76 55.13
CA PRO G 357 -32.75 4.32 53.83
C PRO G 357 -33.43 3.55 52.70
N PRO G 358 -34.28 4.21 51.91
CA PRO G 358 -34.95 3.51 50.81
C PRO G 358 -33.93 2.99 49.79
N VAL G 359 -34.17 1.79 49.29
CA VAL G 359 -33.32 1.16 48.29
C VAL G 359 -34.10 1.10 46.97
N PRO G 360 -33.68 1.81 45.94
CA PRO G 360 -34.40 1.75 44.66
C PRO G 360 -34.28 0.38 44.01
N VAL G 361 -35.31 -0.01 43.28
CA VAL G 361 -35.34 -1.30 42.60
C VAL G 361 -35.56 -1.05 41.11
N VAL G 362 -35.15 -2.03 40.31
CA VAL G 362 -35.33 -2.01 38.87
C VAL G 362 -35.93 -3.35 38.46
N VAL G 363 -37.06 -3.32 37.75
CA VAL G 363 -37.76 -4.53 37.33
C VAL G 363 -37.78 -4.58 35.81
N CYS G 364 -38.14 -5.76 35.30
CA CYS G 364 -38.24 -5.99 33.87
C CYS G 364 -39.63 -6.52 33.54
N ASP G 365 -40.12 -6.17 32.35
CA ASP G 365 -41.48 -6.49 31.95
C ASP G 365 -41.61 -7.77 31.15
N GLY G 366 -40.55 -8.21 30.47
CA GLY G 366 -40.62 -9.38 29.63
C GLY G 366 -40.40 -10.70 30.33
N SER G 367 -40.22 -10.70 31.66
CA SER G 367 -39.95 -11.93 32.38
C SER G 367 -41.19 -12.82 32.44
N GLY G 368 -42.34 -12.25 32.79
CA GLY G 368 -43.59 -12.98 32.85
C GLY G 368 -44.09 -13.29 34.24
N ARG G 369 -43.21 -13.26 35.24
CA ARG G 369 -43.58 -13.53 36.61
C ARG G 369 -43.97 -12.21 37.29
N ALA G 370 -44.02 -12.19 38.63
CA ALA G 370 -44.50 -11.03 39.38
C ALA G 370 -43.77 -9.74 39.03
N SER G 371 -42.59 -9.82 38.41
CA SER G 371 -41.98 -8.62 37.86
C SER G 371 -42.83 -8.04 36.74
N ASP G 372 -43.36 -8.91 35.87
CA ASP G 372 -44.29 -8.45 34.85
C ASP G 372 -45.60 -7.95 35.46
N ILE G 373 -46.08 -8.60 36.52
CA ILE G 373 -47.28 -8.13 37.20
C ILE G 373 -47.06 -6.75 37.80
N LEU G 374 -45.90 -6.54 38.43
CA LEU G 374 -45.59 -5.23 38.99
C LEU G 374 -45.40 -4.18 37.90
N ALA G 375 -44.82 -4.56 36.76
CA ALA G 375 -44.67 -3.64 35.64
C ALA G 375 -46.04 -3.24 35.09
N PHE G 376 -46.97 -4.19 35.00
CA PHE G 376 -48.33 -3.86 34.62
C PHE G 376 -49.00 -2.95 35.64
N GLY G 377 -48.78 -3.22 36.93
CA GLY G 377 -49.32 -2.39 37.98
C GLY G 377 -48.73 -1.00 38.02
N HIS G 378 -47.55 -0.81 37.41
CA HIS G 378 -46.99 0.54 37.30
C HIS G 378 -47.92 1.44 36.51
N LYS G 379 -48.53 0.91 35.45
CA LYS G 379 -49.61 1.61 34.76
C LYS G 379 -50.84 1.64 35.65
N TYR G 380 -51.60 2.74 35.57
CA TYR G 380 -52.83 2.95 36.34
C TYR G 380 -52.55 2.88 37.85
N SER G 381 -51.79 3.86 38.30
CA SER G 381 -51.49 3.99 39.72
C SER G 381 -52.69 4.58 40.46
N GLU G 382 -52.51 4.88 41.75
CA GLU G 382 -53.59 5.43 42.56
C GLU G 382 -53.13 6.71 43.26
N VAL G 397 -59.83 -2.01 39.75
CA VAL G 397 -59.19 -3.10 39.03
C VAL G 397 -58.72 -4.16 40.02
N THR G 398 -59.65 -5.01 40.46
CA THR G 398 -59.33 -6.11 41.37
C THR G 398 -59.76 -7.47 40.86
N ILE G 399 -60.69 -7.54 39.89
CA ILE G 399 -61.08 -8.82 39.30
C ILE G 399 -60.08 -9.32 38.27
N GLN G 400 -59.09 -8.50 37.91
CA GLN G 400 -58.04 -8.92 36.99
C GLN G 400 -56.91 -9.67 37.67
N LYS G 401 -56.97 -9.86 38.99
CA LYS G 401 -55.92 -10.53 39.73
C LYS G 401 -56.01 -12.05 39.64
N THR G 402 -57.04 -12.60 39.02
CA THR G 402 -57.21 -14.05 38.89
C THR G 402 -56.31 -14.55 37.78
N PHE G 403 -55.13 -15.06 38.16
CA PHE G 403 -54.17 -15.60 37.20
C PHE G 403 -53.92 -17.09 37.40
N THR G 404 -54.67 -17.74 38.30
CA THR G 404 -54.45 -19.13 38.69
C THR G 404 -53.01 -19.35 39.16
N TYR G 405 -52.47 -18.35 39.85
CA TYR G 405 -51.12 -18.39 40.36
C TYR G 405 -51.03 -18.54 41.87
N THR G 406 -52.09 -18.23 42.60
CA THR G 406 -52.19 -18.41 44.04
C THR G 406 -53.45 -19.20 44.35
N ARG G 407 -53.79 -19.28 45.63
CA ARG G 407 -54.97 -20.03 46.07
C ARG G 407 -56.22 -19.25 45.69
N THR G 408 -56.58 -19.35 44.42
CA THR G 408 -57.78 -18.78 43.80
C THR G 408 -57.83 -17.27 44.08
N GLN G 409 -59.04 -16.70 44.11
CA GLN G 409 -59.23 -15.33 44.51
C GLN G 409 -59.33 -15.17 46.02
N ALA G 410 -59.45 -16.28 46.76
CA ALA G 410 -59.50 -16.21 48.21
C ALA G 410 -58.17 -15.77 48.80
N GLN G 411 -57.06 -16.16 48.18
CA GLN G 411 -55.73 -15.72 48.61
C GLN G 411 -55.17 -14.74 47.59
N HIS G 412 -54.71 -13.59 48.08
CA HIS G 412 -54.18 -12.56 47.21
C HIS G 412 -53.05 -11.82 47.91
N LEU G 413 -52.14 -11.27 47.11
CA LEU G 413 -51.06 -10.43 47.60
C LEU G 413 -51.28 -8.96 47.27
N PHE G 414 -52.55 -8.57 47.05
CA PHE G 414 -52.85 -7.24 46.56
C PHE G 414 -52.58 -6.17 47.61
N ILE G 415 -52.62 -6.50 48.90
CA ILE G 415 -52.33 -5.51 49.93
C ILE G 415 -50.88 -5.07 49.87
N ILE G 416 -49.95 -6.03 49.82
CA ILE G 416 -48.54 -5.66 49.71
C ILE G 416 -48.24 -5.09 48.33
N LEU G 417 -48.96 -5.56 47.30
CA LEU G 417 -48.76 -5.00 45.96
C LEU G 417 -49.17 -3.52 45.91
N MET G 418 -50.30 -3.17 46.53
CA MET G 418 -50.73 -1.77 46.53
C MET G 418 -49.87 -0.93 47.48
N GLU G 419 -49.31 -1.54 48.52
CA GLU G 419 -48.33 -0.80 49.32
C GLU G 419 -47.08 -0.46 48.51
N CYS G 420 -46.59 -1.43 47.74
CA CYS G 420 -45.45 -1.19 46.86
C CYS G 420 -45.77 -0.11 45.82
N MET G 421 -46.98 -0.17 45.25
CA MET G 421 -47.39 0.85 44.29
C MET G 421 -47.66 2.19 44.95
N LYS G 422 -47.93 2.21 46.25
CA LYS G 422 -48.04 3.48 46.98
C LYS G 422 -46.65 4.08 47.22
N LYS G 423 -45.63 3.24 47.33
CA LYS G 423 -44.24 3.70 47.38
C LYS G 423 -43.55 3.59 46.03
N LYS G 424 -44.28 3.87 44.94
CA LYS G 424 -43.77 3.71 43.58
C LYS G 424 -42.80 4.80 43.16
N GLU G 425 -42.40 5.71 44.05
CA GLU G 425 -41.50 6.78 43.65
C GLU G 425 -40.08 6.27 43.38
N LEU G 426 -39.75 5.07 43.86
CA LEU G 426 -38.43 4.49 43.65
C LEU G 426 -38.44 3.29 42.71
N ILE G 427 -39.61 2.79 42.33
CA ILE G 427 -39.69 1.68 41.40
C ILE G 427 -39.32 2.16 40.01
N THR G 428 -38.51 1.38 39.30
CA THR G 428 -38.12 1.68 37.94
C THR G 428 -38.42 0.47 37.06
N VAL G 429 -39.06 0.70 35.92
CA VAL G 429 -39.45 -0.36 35.00
C VAL G 429 -38.66 -0.17 33.71
N PHE G 430 -38.01 -1.24 33.26
CA PHE G 430 -37.24 -1.23 32.01
C PHE G 430 -38.07 -1.91 30.92
N ARG G 431 -38.36 -1.17 29.86
CA ARG G 431 -39.12 -1.67 28.73
C ARG G 431 -38.39 -1.36 27.44
N MET G 432 -38.40 -2.33 26.51
CA MET G 432 -37.69 -2.20 25.25
C MET G 432 -38.59 -1.51 24.24
N GLY G 433 -38.20 -0.32 23.81
CA GLY G 433 -38.91 0.39 22.75
C GLY G 433 -40.13 1.16 23.20
N SER G 434 -40.85 0.63 24.20
CA SER G 434 -42.06 1.29 24.66
C SER G 434 -41.77 2.62 25.35
N GLU G 435 -40.73 2.65 26.17
CA GLU G 435 -40.40 3.85 26.94
C GLU G 435 -38.95 4.26 26.71
N GLY G 436 -38.49 5.24 27.49
CA GLY G 436 -37.09 5.62 27.48
C GLY G 436 -36.25 4.68 28.32
N HIS G 437 -34.97 5.05 28.46
CA HIS G 437 -33.97 4.25 29.16
C HIS G 437 -33.90 2.83 28.58
N GLN G 438 -33.54 2.77 27.31
CA GLN G 438 -33.44 1.50 26.60
C GLN G 438 -32.22 0.68 26.99
N ASP G 439 -31.32 1.24 27.79
CA ASP G 439 -30.11 0.55 28.24
C ASP G 439 -30.23 0.19 29.71
N ILE G 440 -29.87 -1.05 30.04
CA ILE G 440 -29.96 -1.51 31.43
C ILE G 440 -28.98 -0.73 32.32
N ASP G 441 -27.75 -0.52 31.84
CA ASP G 441 -26.77 0.20 32.65
C ASP G 441 -27.20 1.65 32.90
N LEU G 442 -27.87 2.27 31.94
CA LEU G 442 -28.43 3.60 32.17
C LEU G 442 -29.61 3.54 33.12
N ALA G 443 -30.43 2.48 33.03
CA ALA G 443 -31.56 2.35 33.95
C ALA G 443 -31.10 2.16 35.39
N ILE G 444 -30.05 1.36 35.60
CA ILE G 444 -29.56 1.14 36.95
C ILE G 444 -28.92 2.39 37.52
N LEU G 445 -28.04 3.04 36.73
CA LEU G 445 -27.27 4.15 37.26
C LEU G 445 -28.12 5.40 37.49
N THR G 446 -29.08 5.67 36.61
CA THR G 446 -29.95 6.83 36.82
C THR G 446 -30.89 6.62 38.00
N ALA G 447 -31.21 5.37 38.36
CA ALA G 447 -32.05 5.13 39.53
C ALA G 447 -31.31 5.42 40.81
N LEU G 448 -29.98 5.28 40.82
CA LEU G 448 -29.19 5.51 42.01
C LEU G 448 -29.02 6.99 42.33
N LEU G 449 -29.20 7.88 41.35
CA LEU G 449 -29.12 9.31 41.61
C LEU G 449 -30.45 9.88 42.07
N LYS G 450 -31.54 9.52 41.38
CA LYS G 450 -32.86 9.94 41.81
C LYS G 450 -33.25 9.28 43.14
N GLY G 451 -32.88 8.01 43.30
CA GLY G 451 -33.22 7.28 44.52
C GLY G 451 -32.39 7.66 45.73
N ALA G 452 -31.26 8.33 45.53
CA ALA G 452 -30.46 8.77 46.66
C ALA G 452 -31.10 9.95 47.37
N ASN G 453 -31.87 10.76 46.64
CA ASN G 453 -32.55 11.94 47.19
C ASN G 453 -31.56 12.89 47.85
N ALA G 454 -30.39 13.06 47.23
CA ALA G 454 -29.35 13.94 47.73
C ALA G 454 -29.28 15.19 46.86
N SER G 455 -28.33 16.08 47.19
CA SER G 455 -28.18 17.32 46.47
C SER G 455 -27.32 17.11 45.22
N ALA G 456 -27.24 18.17 44.40
CA ALA G 456 -26.42 18.11 43.20
C ALA G 456 -24.93 17.86 43.47
N PRO G 457 -24.29 18.47 44.47
CA PRO G 457 -22.89 18.09 44.75
C PRO G 457 -22.70 16.61 45.07
N ASP G 458 -23.65 15.99 45.77
CA ASP G 458 -23.52 14.57 46.07
C ASP G 458 -23.70 13.71 44.83
N GLN G 459 -24.63 14.08 43.94
CA GLN G 459 -24.77 13.37 42.68
C GLN G 459 -23.50 13.51 41.84
N LEU G 460 -22.91 14.70 41.81
CA LEU G 460 -21.68 14.90 41.07
C LEU G 460 -20.54 14.09 41.66
N SER G 461 -20.47 14.01 42.99
CA SER G 461 -19.46 13.19 43.64
C SER G 461 -19.64 11.72 43.31
N LEU G 462 -20.89 11.24 43.28
CA LEU G 462 -21.15 9.85 42.92
C LEU G 462 -20.75 9.57 41.48
N ALA G 463 -21.09 10.47 40.56
CA ALA G 463 -20.71 10.28 39.17
C ALA G 463 -19.20 10.37 38.98
N LEU G 464 -18.52 11.19 39.79
CA LEU G 464 -17.07 11.25 39.73
C LEU G 464 -16.43 9.98 40.26
N ALA G 465 -16.99 9.42 41.33
CA ALA G 465 -16.49 8.16 41.87
C ALA G 465 -16.69 7.02 40.89
N TRP G 466 -17.82 7.01 40.19
CA TRP G 466 -18.09 5.95 39.23
C TRP G 466 -17.36 6.14 37.91
N ASN G 467 -16.73 7.29 37.69
CA ASN G 467 -16.02 7.61 36.46
C ASN G 467 -16.94 7.46 35.23
N ARG G 468 -18.14 7.99 35.36
CA ARG G 468 -19.13 8.00 34.28
C ARG G 468 -19.44 9.45 33.95
N VAL G 469 -18.86 9.95 32.86
CA VAL G 469 -19.06 11.35 32.49
C VAL G 469 -20.38 11.54 31.75
N ASP G 470 -20.88 10.50 31.07
CA ASP G 470 -22.14 10.64 30.35
C ASP G 470 -23.32 10.76 31.30
N ILE G 471 -23.29 10.06 32.43
CA ILE G 471 -24.36 10.16 33.42
C ILE G 471 -24.42 11.57 33.99
N ALA G 472 -23.26 12.16 34.32
CA ALA G 472 -23.24 13.53 34.83
C ALA G 472 -23.63 14.53 33.74
N ARG G 473 -23.27 14.26 32.49
CA ARG G 473 -23.60 15.17 31.40
C ARG G 473 -25.11 15.18 31.13
N SER G 474 -25.74 14.01 31.17
CA SER G 474 -27.14 13.91 30.78
C SER G 474 -28.11 14.15 31.93
N GLN G 475 -27.69 13.92 33.17
CA GLN G 475 -28.58 14.06 34.33
C GLN G 475 -28.22 15.22 35.23
N ILE G 476 -26.96 15.36 35.62
CA ILE G 476 -26.58 16.33 36.65
C ILE G 476 -26.51 17.74 36.08
N PHE G 477 -25.89 17.91 34.92
CA PHE G 477 -25.73 19.24 34.32
C PHE G 477 -26.90 19.51 33.39
N ILE G 478 -27.97 20.06 33.96
CA ILE G 478 -29.17 20.42 33.20
C ILE G 478 -29.60 21.83 33.60
N TYR G 479 -30.74 22.28 33.05
CA TYR G 479 -31.23 23.62 33.31
C TYR G 479 -31.67 23.76 34.76
N GLY G 480 -31.16 24.80 35.44
CA GLY G 480 -31.63 25.14 36.77
C GLY G 480 -31.33 24.13 37.85
N GLN G 481 -30.05 23.97 38.19
CA GLN G 481 -29.66 22.99 39.20
C GLN G 481 -29.29 23.60 40.54
N GLN G 482 -28.97 24.89 40.58
CA GLN G 482 -28.76 25.64 41.83
C GLN G 482 -27.64 25.01 42.67
N TRP G 483 -26.44 25.08 42.11
CA TRP G 483 -25.27 24.61 42.85
C TRP G 483 -24.96 25.54 44.01
N PRO G 484 -24.68 25.01 45.19
CA PRO G 484 -24.26 25.86 46.31
C PRO G 484 -22.92 26.53 46.02
N VAL G 485 -22.72 27.67 46.69
CA VAL G 485 -21.50 28.45 46.48
C VAL G 485 -20.30 27.67 47.04
N GLY G 486 -19.27 27.52 46.22
CA GLY G 486 -18.08 26.78 46.61
C GLY G 486 -18.16 25.29 46.40
N SER G 487 -19.14 24.80 45.65
CA SER G 487 -19.28 23.37 45.41
C SER G 487 -18.53 22.92 44.15
N LEU G 488 -18.65 23.68 43.05
CA LEU G 488 -17.95 23.33 41.83
C LEU G 488 -16.45 23.43 41.99
N GLU G 489 -15.96 24.32 42.86
CA GLU G 489 -14.53 24.39 43.12
C GLU G 489 -14.02 23.11 43.77
N GLN G 490 -14.73 22.62 44.78
CA GLN G 490 -14.34 21.35 45.41
C GLN G 490 -14.50 20.17 44.46
N ALA G 491 -15.52 20.21 43.60
CA ALA G 491 -15.66 19.16 42.60
C ALA G 491 -14.48 19.16 41.62
N MET G 492 -14.05 20.35 41.21
CA MET G 492 -12.88 20.45 40.33
C MET G 492 -11.63 19.96 41.04
N LEU G 493 -11.46 20.29 42.31
CA LEU G 493 -10.31 19.80 43.05
C LEU G 493 -10.32 18.28 43.15
N ASP G 494 -11.49 17.68 43.44
CA ASP G 494 -11.58 16.23 43.53
C ASP G 494 -11.33 15.56 42.19
N ALA G 495 -11.84 16.14 41.10
CA ALA G 495 -11.59 15.58 39.78
C ALA G 495 -10.14 15.74 39.36
N LEU G 496 -9.47 16.79 39.85
CA LEU G 496 -8.07 17.02 39.54
C LEU G 496 -7.16 16.06 40.30
N VAL G 497 -7.50 15.74 41.55
CA VAL G 497 -6.70 14.79 42.31
C VAL G 497 -6.81 13.39 41.72
N LEU G 498 -8.03 12.97 41.39
CA LEU G 498 -8.32 11.60 40.98
C LEU G 498 -7.96 11.31 39.52
N ASP G 499 -7.39 12.28 38.80
CA ASP G 499 -7.02 12.13 37.39
C ASP G 499 -8.24 11.77 36.54
N ARG G 500 -9.20 12.69 36.54
CA ARG G 500 -10.44 12.56 35.77
C ARG G 500 -10.44 13.69 34.75
N VAL G 501 -9.83 13.44 33.59
CA VAL G 501 -9.69 14.48 32.56
C VAL G 501 -11.04 14.88 32.01
N ASP G 502 -11.93 13.91 31.79
CA ASP G 502 -13.24 14.20 31.23
C ASP G 502 -14.05 15.09 32.16
N PHE G 503 -14.00 14.82 33.47
CA PHE G 503 -14.74 15.64 34.42
C PHE G 503 -14.14 17.03 34.56
N VAL G 504 -12.82 17.15 34.47
CA VAL G 504 -12.19 18.47 34.47
C VAL G 504 -12.64 19.28 33.26
N LYS G 505 -12.65 18.65 32.09
CA LYS G 505 -13.13 19.33 30.88
C LYS G 505 -14.60 19.72 31.01
N LEU G 506 -15.42 18.82 31.57
CA LEU G 506 -16.84 19.10 31.73
C LEU G 506 -17.08 20.26 32.70
N LEU G 507 -16.34 20.30 33.80
CA LEU G 507 -16.50 21.38 34.76
C LEU G 507 -15.99 22.71 34.20
N ILE G 508 -14.90 22.68 33.43
CA ILE G 508 -14.41 23.88 32.77
C ILE G 508 -15.47 24.39 31.78
N GLU G 509 -16.08 23.48 31.03
CA GLU G 509 -17.14 23.88 30.11
C GLU G 509 -18.37 24.41 30.82
N ASN G 510 -18.64 23.94 32.04
CA ASN G 510 -19.88 24.24 32.75
C ASN G 510 -19.68 25.26 33.87
N GLY G 511 -18.81 26.24 33.66
CA GLY G 511 -18.81 27.39 34.55
C GLY G 511 -17.54 27.75 35.28
N VAL G 512 -16.77 26.76 35.74
CA VAL G 512 -15.63 27.05 36.59
C VAL G 512 -14.52 27.70 35.77
N SER G 513 -13.76 28.58 36.43
CA SER G 513 -12.65 29.29 35.82
C SER G 513 -11.37 28.91 36.56
N MET G 514 -10.33 28.54 35.81
CA MET G 514 -9.10 28.08 36.43
C MET G 514 -8.30 29.21 37.05
N HIS G 515 -8.61 30.47 36.72
CA HIS G 515 -7.86 31.59 37.29
C HIS G 515 -8.21 31.80 38.75
N ARG G 516 -9.51 31.72 39.10
CA ARG G 516 -9.92 31.90 40.48
C ARG G 516 -9.75 30.63 41.30
N PHE G 517 -9.84 29.47 40.66
CA PHE G 517 -9.72 28.21 41.39
C PHE G 517 -8.32 28.02 41.95
N LEU G 518 -7.30 28.19 41.13
CA LEU G 518 -5.94 27.83 41.51
C LEU G 518 -5.35 28.89 42.43
N THR G 519 -5.02 28.48 43.65
CA THR G 519 -4.33 29.32 44.62
C THR G 519 -3.10 28.57 45.13
N ILE G 520 -2.31 29.25 45.96
CA ILE G 520 -1.09 28.65 46.47
C ILE G 520 -1.39 27.44 47.35
N SER G 521 -2.40 27.56 48.21
CA SER G 521 -2.74 26.46 49.11
C SER G 521 -3.30 25.27 48.32
N ARG G 522 -4.12 25.53 47.30
CA ARG G 522 -4.67 24.45 46.50
C ARG G 522 -3.58 23.73 45.70
N LEU G 523 -2.61 24.47 45.17
CA LEU G 523 -1.50 23.83 44.49
C LEU G 523 -0.64 23.03 45.46
N GLU G 524 -0.47 23.54 46.69
CA GLU G 524 0.25 22.80 47.72
C GLU G 524 -0.46 21.49 48.03
N GLU G 525 -1.79 21.51 48.13
CA GLU G 525 -2.54 20.28 48.36
C GLU G 525 -2.43 19.34 47.17
N LEU G 526 -2.46 19.88 45.95
CA LEU G 526 -2.32 19.07 44.75
C LEU G 526 -0.96 18.39 44.68
N TYR G 527 0.07 19.02 45.23
CA TYR G 527 1.40 18.42 45.21
C TYR G 527 1.62 17.41 46.34
N ASN G 528 0.63 17.21 47.21
CA ASN G 528 0.75 16.31 48.34
C ASN G 528 -0.43 15.36 48.41
N THR G 529 -0.79 14.75 47.29
CA THR G 529 -1.93 13.84 47.26
C THR G 529 -1.47 12.39 47.26
N ARG G 530 -2.42 11.49 47.54
CA ARG G 530 -2.21 10.06 47.49
C ARG G 530 -3.09 9.35 46.48
N HIS G 531 -4.19 9.95 46.05
CA HIS G 531 -5.12 9.34 45.10
C HIS G 531 -4.58 9.56 43.69
N GLY G 532 -3.94 8.53 43.14
CA GLY G 532 -3.42 8.62 41.80
C GLY G 532 -2.42 7.52 41.51
N PRO G 533 -1.94 7.47 40.26
CA PRO G 533 -0.94 6.46 39.89
C PRO G 533 0.42 6.78 40.50
N SER G 534 1.35 5.87 40.29
CA SER G 534 2.69 6.00 40.85
C SER G 534 3.46 7.11 40.15
N ASN G 535 4.30 7.81 40.92
CA ASN G 535 5.18 8.84 40.40
C ASN G 535 6.46 8.87 41.21
N THR G 536 7.52 9.41 40.59
CA THR G 536 8.84 9.46 41.20
C THR G 536 9.16 10.84 41.78
N LEU G 537 8.14 11.58 42.21
CA LEU G 537 8.38 12.92 42.74
C LEU G 537 9.06 12.87 44.10
N TYR G 538 8.66 11.92 44.94
CA TYR G 538 9.24 11.83 46.28
C TYR G 538 10.73 11.47 46.23
N HIS G 539 11.12 10.62 45.29
CA HIS G 539 12.53 10.30 45.14
C HIS G 539 13.36 11.52 44.76
N LEU G 540 12.84 12.33 43.83
CA LEU G 540 13.55 13.56 43.45
C LEU G 540 13.60 14.55 44.61
N VAL G 541 12.51 14.69 45.35
CA VAL G 541 12.49 15.61 46.49
C VAL G 541 13.47 15.14 47.57
N ARG G 542 13.63 13.82 47.73
CA ARG G 542 14.66 13.32 48.64
C ARG G 542 16.07 13.59 48.09
N ASP G 543 16.25 13.44 46.77
CA ASP G 543 17.56 13.67 46.19
C ASP G 543 18.03 15.10 46.37
N VAL G 544 17.12 16.07 46.15
CA VAL G 544 17.43 17.45 46.50
C VAL G 544 17.22 17.64 48.01
N LYS G 545 17.76 18.74 48.54
CA LYS G 545 17.60 19.12 49.94
C LYS G 545 18.09 18.01 50.87
N LYS G 546 19.41 17.80 50.83
CA LYS G 546 20.13 16.83 51.64
C LYS G 546 19.76 15.39 51.30
N GLY G 547 20.52 14.43 51.83
CA GLY G 547 20.20 13.03 51.58
C GLY G 547 19.13 12.48 52.49
N ASN G 548 18.81 13.18 53.58
CA ASN G 548 17.84 12.74 54.55
C ASN G 548 16.57 13.58 54.48
N LEU G 549 15.46 13.00 54.96
CA LEU G 549 14.16 13.66 54.95
C LEU G 549 13.28 13.01 55.99
N PRO G 550 12.50 13.77 56.75
CA PRO G 550 11.58 13.16 57.71
C PRO G 550 10.50 12.37 57.00
N PRO G 551 9.94 11.33 57.65
CA PRO G 551 8.92 10.51 56.98
C PRO G 551 7.63 11.27 56.67
N ASP G 552 7.09 11.97 57.66
CA ASP G 552 5.85 12.74 57.48
C ASP G 552 6.23 14.16 57.11
N TYR G 553 6.50 14.37 55.82
CA TYR G 553 6.92 15.66 55.30
C TYR G 553 5.94 16.14 54.25
N ARG G 554 5.54 17.40 54.35
CA ARG G 554 4.69 18.05 53.36
C ARG G 554 5.58 18.80 52.37
N ILE G 555 5.39 18.54 51.09
CA ILE G 555 6.23 19.12 50.04
C ILE G 555 5.75 20.54 49.78
N SER G 556 6.61 21.52 50.04
CA SER G 556 6.31 22.91 49.79
C SER G 556 6.71 23.30 48.37
N LEU G 557 6.17 24.43 47.91
CA LEU G 557 6.47 24.90 46.56
C LEU G 557 7.92 25.31 46.37
N ILE G 558 8.63 25.63 47.46
CA ILE G 558 10.04 25.93 47.36
C ILE G 558 10.84 24.69 46.96
N ASP G 559 10.49 23.54 47.53
CA ASP G 559 11.14 22.30 47.13
C ASP G 559 10.83 21.95 45.69
N ILE G 560 9.61 22.26 45.23
CA ILE G 560 9.25 22.02 43.85
C ILE G 560 10.04 22.93 42.91
N GLY G 561 10.24 24.19 43.31
CA GLY G 561 11.11 25.06 42.54
C GLY G 561 12.54 24.56 42.49
N LEU G 562 13.05 24.06 43.61
CA LEU G 562 14.41 23.51 43.64
C LEU G 562 14.54 22.30 42.73
N VAL G 563 13.55 21.40 42.75
CA VAL G 563 13.66 20.21 41.91
C VAL G 563 13.46 20.57 40.44
N ILE G 564 12.68 21.60 40.14
CA ILE G 564 12.56 22.05 38.75
C ILE G 564 13.89 22.63 38.28
N GLU G 565 14.56 23.41 39.13
CA GLU G 565 15.87 23.95 38.76
C GLU G 565 16.90 22.85 38.58
N TYR G 566 16.85 21.82 39.42
CA TYR G 566 17.78 20.70 39.29
C TYR G 566 17.51 19.90 38.01
N LEU G 567 16.23 19.70 37.68
CA LEU G 567 15.88 18.94 36.48
C LEU G 567 16.17 19.72 35.20
N MET G 568 16.06 21.04 35.24
CA MET G 568 16.11 21.81 34.00
C MET G 568 17.54 21.98 33.50
N GLY G 569 18.39 22.61 34.29
CA GLY G 569 19.76 22.85 33.87
C GLY G 569 20.48 23.77 34.83
N GLY G 570 21.65 24.22 34.40
CA GLY G 570 22.50 25.06 35.23
C GLY G 570 22.04 26.51 35.33
N ALA G 571 21.70 27.11 34.20
CA ALA G 571 21.34 28.52 34.18
C ALA G 571 19.87 28.78 34.46
N TYR G 572 19.04 27.73 34.56
CA TYR G 572 17.61 27.92 34.76
C TYR G 572 17.31 28.33 36.19
N ARG G 573 16.29 29.18 36.34
CA ARG G 573 15.87 29.68 37.65
C ARG G 573 14.36 29.73 37.68
N CYS G 574 13.74 28.81 38.43
CA CYS G 574 12.29 28.76 38.51
C CYS G 574 11.76 29.95 39.30
N ASN G 575 10.49 30.30 39.04
CA ASN G 575 9.86 31.42 39.70
C ASN G 575 9.58 31.15 41.18
N TYR G 576 9.58 29.88 41.61
CA TYR G 576 9.29 29.57 43.00
C TYR G 576 10.42 29.96 43.92
N THR G 577 11.67 29.84 43.47
CA THR G 577 12.83 30.12 44.30
C THR G 577 13.23 31.59 44.28
N ARG G 578 12.52 32.43 43.51
CA ARG G 578 12.84 33.85 43.47
C ARG G 578 12.43 34.52 44.79
N LYS G 579 13.06 35.66 45.06
CA LYS G 579 12.87 36.33 46.35
C LYS G 579 11.45 36.84 46.53
N ARG G 580 10.82 37.34 45.45
CA ARG G 580 9.46 37.85 45.56
C ARG G 580 8.48 36.76 45.96
N PHE G 581 8.57 35.58 45.33
CA PHE G 581 7.69 34.49 45.70
C PHE G 581 7.99 33.97 47.10
N ARG G 582 9.27 33.98 47.50
CA ARG G 582 9.60 33.57 48.86
C ARG G 582 9.00 34.51 49.90
N THR G 583 9.03 35.82 49.63
CA THR G 583 8.39 36.77 50.53
C THR G 583 6.88 36.61 50.53
N LEU G 584 6.27 36.35 49.36
CA LEU G 584 4.82 36.15 49.31
C LEU G 584 4.40 34.85 50.00
N TYR G 585 5.29 33.86 50.03
CA TYR G 585 4.98 32.56 50.62
C TYR G 585 5.31 32.50 52.11
N HIS G 586 6.23 33.33 52.59
CA HIS G 586 6.63 33.27 54.00
C HIS G 586 5.52 33.74 54.93
N ASN G 587 4.69 34.68 54.48
CA ASN G 587 3.59 35.21 55.27
C ASN G 587 2.25 34.59 54.92
N LEU G 588 2.25 33.32 54.54
CA LEU G 588 1.01 32.62 54.19
C LEU G 588 1.01 31.21 54.77
N ASN G 632 -2.40 33.95 47.54
CA ASN G 632 -2.91 34.78 46.45
C ASN G 632 -3.30 33.91 45.25
N HIS G 633 -3.09 34.42 44.05
CA HIS G 633 -3.41 33.72 42.82
C HIS G 633 -2.17 33.67 41.92
N PHE G 634 -2.36 33.11 40.72
CA PHE G 634 -1.33 33.06 39.71
C PHE G 634 -1.81 33.73 38.43
N PRO G 635 -0.96 34.53 37.77
CA PRO G 635 -1.40 35.14 36.51
C PRO G 635 -1.65 34.13 35.42
N PHE G 636 -0.80 33.11 35.30
CA PHE G 636 -0.97 32.04 34.32
C PHE G 636 -1.11 30.72 35.06
N PRO G 637 -2.33 30.24 35.29
CA PRO G 637 -2.51 29.02 36.09
C PRO G 637 -2.16 27.76 35.33
N PHE G 638 -2.33 27.79 34.01
CA PHE G 638 -2.09 26.59 33.21
C PHE G 638 -0.61 26.25 33.13
N HIS G 639 0.29 27.22 33.28
CA HIS G 639 1.71 26.90 33.34
C HIS G 639 2.02 25.99 34.54
N GLU G 640 1.56 26.40 35.73
CA GLU G 640 1.80 25.60 36.92
C GLU G 640 1.02 24.28 36.87
N LEU G 641 -0.18 24.28 36.31
CA LEU G 641 -0.94 23.03 36.19
C LEU G 641 -0.25 22.05 35.26
N MET G 642 0.29 22.52 34.13
CA MET G 642 1.01 21.62 33.22
C MET G 642 2.31 21.13 33.84
N VAL G 643 3.02 21.99 34.58
CA VAL G 643 4.22 21.54 35.26
C VAL G 643 3.89 20.47 36.30
N TRP G 644 2.81 20.67 37.04
CA TRP G 644 2.37 19.68 38.02
C TRP G 644 2.01 18.35 37.34
N ALA G 645 1.30 18.43 36.21
CA ALA G 645 0.92 17.21 35.50
C ALA G 645 2.15 16.49 34.93
N VAL G 646 3.15 17.24 34.47
CA VAL G 646 4.36 16.62 33.94
C VAL G 646 5.16 15.96 35.07
N LEU G 647 5.30 16.66 36.19
CA LEU G 647 6.09 16.13 37.30
C LEU G 647 5.44 14.92 37.97
N MET G 648 4.12 14.75 37.81
CA MET G 648 3.42 13.62 38.40
C MET G 648 3.07 12.55 37.37
N LYS G 649 3.63 12.64 36.16
CA LYS G 649 3.51 11.60 35.14
C LYS G 649 2.06 11.32 34.76
N ARG G 650 1.29 12.39 34.58
CA ARG G 650 -0.10 12.30 34.13
C ARG G 650 -0.14 12.88 32.72
N GLN G 651 0.00 12.02 31.72
CA GLN G 651 0.21 12.48 30.35
C GLN G 651 -1.06 13.09 29.75
N LYS G 652 -2.22 12.47 30.00
CA LYS G 652 -3.46 13.00 29.45
C LYS G 652 -3.79 14.36 30.05
N MET G 653 -3.57 14.53 31.36
CA MET G 653 -3.80 15.82 31.99
C MET G 653 -2.85 16.87 31.43
N ALA G 654 -1.59 16.51 31.21
CA ALA G 654 -0.62 17.45 30.64
C ALA G 654 -1.00 17.84 29.23
N LEU G 655 -1.45 16.89 28.42
CA LEU G 655 -1.88 17.20 27.06
C LEU G 655 -3.13 18.09 27.06
N PHE G 656 -4.03 17.89 28.02
CA PHE G 656 -5.19 18.77 28.12
C PHE G 656 -4.78 20.18 28.53
N PHE G 657 -3.85 20.30 29.49
CA PHE G 657 -3.42 21.61 29.97
C PHE G 657 -2.51 22.33 28.99
N TRP G 658 -1.89 21.61 28.06
CA TRP G 658 -0.96 22.24 27.13
C TRP G 658 -1.67 23.18 26.16
N GLN G 659 -2.85 22.78 25.68
CA GLN G 659 -3.55 23.56 24.65
C GLN G 659 -4.33 24.73 25.22
N HIS G 660 -4.37 24.89 26.54
CA HIS G 660 -5.05 26.02 27.17
C HIS G 660 -4.02 27.02 27.69
N GLY G 661 -4.27 28.30 27.44
CA GLY G 661 -3.35 29.34 27.84
C GLY G 661 -2.36 29.71 26.74
N GLU G 662 -1.49 30.66 27.07
CA GLU G 662 -0.51 31.18 26.13
C GLU G 662 0.81 30.41 26.25
N GLU G 663 1.71 30.70 25.32
CA GLU G 663 3.06 30.12 25.26
C GLU G 663 3.00 28.60 25.20
N ALA G 664 2.38 28.09 24.14
CA ALA G 664 2.23 26.66 23.97
C ALA G 664 3.54 25.99 23.59
N MET G 665 4.31 26.61 22.70
CA MET G 665 5.58 26.04 22.27
C MET G 665 6.59 25.99 23.40
N ALA G 666 6.66 27.06 24.20
CA ALA G 666 7.55 27.06 25.36
C ALA G 666 7.17 25.97 26.34
N LYS G 667 5.86 25.81 26.59
CA LYS G 667 5.40 24.76 27.49
C LYS G 667 5.75 23.38 26.96
N ALA G 668 5.60 23.17 25.65
CA ALA G 668 5.96 21.87 25.06
C ALA G 668 7.45 21.59 25.22
N LEU G 669 8.30 22.57 24.93
CA LEU G 669 9.74 22.36 25.05
C LEU G 669 10.15 22.12 26.50
N VAL G 670 9.56 22.87 27.43
CA VAL G 670 9.87 22.68 28.85
C VAL G 670 9.43 21.29 29.31
N ALA G 671 8.24 20.85 28.88
CA ALA G 671 7.78 19.52 29.25
C ALA G 671 8.67 18.44 28.67
N CYS G 672 9.13 18.62 27.43
CA CYS G 672 10.05 17.64 26.83
C CYS G 672 11.35 17.55 27.63
N LYS G 673 11.93 18.69 27.99
CA LYS G 673 13.17 18.68 28.76
C LYS G 673 12.96 18.04 30.14
N LEU G 674 11.84 18.38 30.81
CA LEU G 674 11.57 17.82 32.12
C LEU G 674 11.37 16.31 32.05
N CYS G 675 10.64 15.84 31.04
CA CYS G 675 10.42 14.40 30.91
C CYS G 675 11.72 13.66 30.60
N LYS G 676 12.59 14.24 29.77
CA LYS G 676 13.87 13.62 29.50
C LYS G 676 14.73 13.56 30.77
N ALA G 677 14.75 14.64 31.54
CA ALA G 677 15.53 14.66 32.78
C ALA G 677 14.99 13.64 33.78
N MET G 678 13.67 13.54 33.90
CA MET G 678 13.08 12.55 34.80
C MET G 678 13.37 11.13 34.34
N ALA G 679 13.36 10.90 33.03
CA ALA G 679 13.71 9.57 32.52
C ALA G 679 15.15 9.21 32.86
N HIS G 680 16.07 10.17 32.69
CA HIS G 680 17.47 9.92 33.04
C HIS G 680 17.62 9.66 34.53
N GLU G 681 16.93 10.44 35.37
CA GLU G 681 17.01 10.24 36.81
C GLU G 681 16.45 8.88 37.22
N ALA G 682 15.33 8.48 36.62
CA ALA G 682 14.73 7.19 36.94
C ALA G 682 15.62 6.03 36.50
N SER G 683 16.25 6.16 35.33
CA SER G 683 17.15 5.11 34.87
C SER G 683 18.43 5.07 35.69
N GLU G 684 18.84 6.20 36.27
CA GLU G 684 20.04 6.23 37.10
C GLU G 684 19.84 5.47 38.40
N ASN G 685 18.65 5.57 39.00
CA ASN G 685 18.38 5.00 40.32
C ASN G 685 17.68 3.65 40.25
N ASP G 686 18.00 2.83 39.24
CA ASP G 686 17.49 1.48 39.03
C ASP G 686 16.00 1.32 39.31
N MET G 687 15.18 2.04 38.55
CA MET G 687 13.72 1.91 38.67
C MET G 687 13.27 0.66 37.92
N VAL G 688 11.96 0.47 37.77
CA VAL G 688 11.42 -0.72 37.11
C VAL G 688 11.68 -0.75 35.62
N ASP G 689 12.29 0.28 35.05
CA ASP G 689 12.67 0.44 33.65
C ASP G 689 11.47 0.55 32.71
N ASP G 690 10.24 0.44 33.21
CA ASP G 690 9.07 0.80 32.43
C ASP G 690 8.70 2.26 32.63
N ILE G 691 9.00 2.81 33.80
CA ILE G 691 8.83 4.25 34.04
C ILE G 691 9.71 5.04 33.10
N SER G 692 10.95 4.60 32.90
CA SER G 692 11.86 5.30 31.98
C SER G 692 11.33 5.28 30.56
N GLN G 693 10.79 4.14 30.11
CA GLN G 693 10.21 4.06 28.77
C GLN G 693 9.01 4.99 28.64
N GLU G 694 8.15 5.02 29.66
CA GLU G 694 6.99 5.91 29.61
C GLU G 694 7.41 7.38 29.57
N LEU G 695 8.44 7.74 30.36
CA LEU G 695 8.91 9.12 30.36
C LEU G 695 9.55 9.50 29.02
N ASN G 696 10.29 8.57 28.41
CA ASN G 696 10.84 8.83 27.10
C ASN G 696 9.75 8.98 26.05
N HIS G 697 8.69 8.19 26.14
CA HIS G 697 7.56 8.34 25.22
C HIS G 697 6.87 9.69 25.40
N ASN G 698 6.72 10.13 26.67
CA ASN G 698 6.14 11.45 26.92
C ASN G 698 7.01 12.56 26.35
N SER G 699 8.33 12.44 26.51
CA SER G 699 9.25 13.43 25.94
C SER G 699 9.13 13.47 24.42
N ARG G 700 9.07 12.29 23.78
CA ARG G 700 8.90 12.26 22.33
C ARG G 700 7.59 12.89 21.90
N ASP G 701 6.50 12.62 22.62
CA ASP G 701 5.21 13.21 22.28
C ASP G 701 5.24 14.72 22.38
N PHE G 702 5.82 15.26 23.45
CA PHE G 702 5.87 16.71 23.60
C PHE G 702 6.79 17.34 22.55
N GLY G 703 7.91 16.69 22.22
CA GLY G 703 8.77 17.20 21.18
C GLY G 703 8.10 17.23 19.82
N GLN G 704 7.33 16.17 19.50
CA GLN G 704 6.61 16.15 18.23
C GLN G 704 5.53 17.22 18.21
N LEU G 705 4.86 17.44 19.34
CA LEU G 705 3.88 18.54 19.41
C LEU G 705 4.54 19.89 19.13
N ALA G 706 5.71 20.13 19.74
CA ALA G 706 6.42 21.38 19.51
C ALA G 706 6.82 21.54 18.04
N VAL G 707 7.32 20.46 17.43
CA VAL G 707 7.74 20.51 16.03
C VAL G 707 6.54 20.80 15.12
N GLU G 708 5.41 20.14 15.37
CA GLU G 708 4.24 20.35 14.52
C GLU G 708 3.66 21.75 14.70
N LEU G 709 3.68 22.28 15.94
CA LEU G 709 3.24 23.65 16.15
C LEU G 709 4.15 24.65 15.44
N LEU G 710 5.47 24.41 15.49
CA LEU G 710 6.40 25.28 14.76
C LEU G 710 6.15 25.21 13.26
N ASP G 711 5.88 24.02 12.73
CA ASP G 711 5.60 23.87 11.31
C ASP G 711 4.34 24.62 10.91
N GLN G 712 3.28 24.51 11.73
CA GLN G 712 2.04 25.23 11.44
C GLN G 712 2.26 26.73 11.48
N SER G 713 3.00 27.21 12.49
CA SER G 713 3.25 28.64 12.61
C SER G 713 4.06 29.16 11.43
N TYR G 714 5.08 28.42 11.00
CA TYR G 714 5.88 28.86 9.85
C TYR G 714 5.07 28.82 8.57
N LYS G 715 4.21 27.81 8.41
CA LYS G 715 3.39 27.73 7.20
C LYS G 715 2.37 28.86 7.15
N GLN G 716 1.86 29.30 8.30
CA GLN G 716 0.88 30.37 8.31
C GLN G 716 1.52 31.73 8.03
N ASP G 717 2.43 32.16 8.92
CA ASP G 717 3.11 33.44 8.77
C ASP G 717 4.56 33.28 9.18
N GLU G 718 5.47 33.78 8.34
CA GLU G 718 6.89 33.55 8.57
C GLU G 718 7.51 34.55 9.54
N GLN G 719 7.18 35.83 9.40
CA GLN G 719 7.77 36.84 10.26
C GLN G 719 7.35 36.66 11.71
N LEU G 720 6.05 36.38 11.95
CA LEU G 720 5.60 36.11 13.31
C LEU G 720 6.17 34.79 13.83
N ALA G 721 6.40 33.82 12.96
CA ALA G 721 7.03 32.58 13.38
C ALA G 721 8.46 32.82 13.86
N MET G 722 9.20 33.68 13.16
CA MET G 722 10.55 34.03 13.61
C MET G 722 10.51 34.87 14.88
N LYS G 723 9.48 35.71 15.03
CA LYS G 723 9.33 36.48 16.26
C LYS G 723 8.97 35.59 17.44
N LEU G 724 8.33 34.44 17.17
CA LEU G 724 7.98 33.51 18.25
C LEU G 724 9.21 32.87 18.87
N LEU G 725 10.23 32.59 18.07
CA LEU G 725 11.38 31.82 18.52
C LEU G 725 12.45 32.65 19.22
N THR G 726 12.36 33.98 19.19
CA THR G 726 13.42 34.83 19.70
C THR G 726 13.00 35.76 20.82
N TYR G 727 11.71 35.89 21.13
CA TYR G 727 11.29 36.84 22.14
C TYR G 727 11.47 36.26 23.53
N GLU G 728 11.91 37.11 24.47
CA GLU G 728 12.25 36.68 25.81
C GLU G 728 11.01 36.21 26.57
N LEU G 729 11.14 35.10 27.27
CA LEU G 729 10.04 34.54 28.06
C LEU G 729 10.26 34.90 29.52
N LYS G 730 9.41 35.77 30.06
CA LYS G 730 9.55 36.20 31.44
C LYS G 730 9.20 35.09 32.42
N ASN G 731 8.29 34.19 32.03
CA ASN G 731 7.83 33.13 32.93
C ASN G 731 8.76 31.93 32.95
N TRP G 732 9.72 31.82 32.03
CA TRP G 732 10.57 30.65 31.94
C TRP G 732 12.05 31.00 32.10
N SER G 733 12.35 31.80 33.12
CA SER G 733 13.73 32.13 33.51
C SER G 733 14.48 32.89 32.42
N ASN G 734 13.76 33.69 31.64
CA ASN G 734 14.34 34.56 30.61
C ASN G 734 15.19 33.77 29.61
N ALA G 735 14.51 32.88 28.88
CA ALA G 735 15.16 32.07 27.86
C ALA G 735 14.21 31.93 26.67
N THR G 736 14.77 32.08 25.46
CA THR G 736 13.99 31.98 24.25
C THR G 736 13.68 30.52 23.93
N CYS G 737 12.81 30.32 22.94
CA CYS G 737 12.46 28.95 22.54
C CYS G 737 13.63 28.22 21.90
N LEU G 738 14.52 28.96 21.22
CA LEU G 738 15.71 28.33 20.67
C LEU G 738 16.59 27.75 21.77
N GLN G 739 16.78 28.49 22.85
CA GLN G 739 17.60 27.99 23.95
C GLN G 739 16.93 26.81 24.64
N LEU G 740 15.60 26.82 24.75
CA LEU G 740 14.88 25.70 25.34
C LEU G 740 15.00 24.45 24.47
N ALA G 741 14.96 24.62 23.14
CA ALA G 741 15.09 23.48 22.25
C ALA G 741 16.51 22.95 22.21
N VAL G 742 17.50 23.84 22.32
CA VAL G 742 18.90 23.40 22.33
C VAL G 742 19.23 22.68 23.63
N ALA G 743 18.74 23.22 24.76
CA ALA G 743 18.99 22.58 26.05
C ALA G 743 18.34 21.21 26.16
N ALA G 744 17.34 20.92 25.33
CA ALA G 744 16.71 19.61 25.30
C ALA G 744 17.28 18.70 24.23
N LYS G 745 18.32 19.14 23.52
CA LYS G 745 18.94 18.38 22.43
C LYS G 745 17.90 17.94 21.40
N HIS G 746 16.99 18.85 21.07
CA HIS G 746 15.91 18.57 20.12
C HIS G 746 16.42 18.89 18.72
N ARG G 747 16.94 17.88 18.03
CA ARG G 747 17.57 18.09 16.73
C ARG G 747 16.55 18.33 15.62
N ASP G 748 15.34 17.79 15.74
CA ASP G 748 14.33 17.99 14.71
C ASP G 748 13.70 19.38 14.78
N PHE G 749 13.92 20.12 15.88
CA PHE G 749 13.40 21.47 15.98
C PHE G 749 14.36 22.49 15.37
N ILE G 750 15.65 22.37 15.68
CA ILE G 750 16.65 23.29 15.14
C ILE G 750 16.88 23.05 13.65
N ALA G 751 16.59 21.85 13.16
CA ALA G 751 16.80 21.54 11.75
C ALA G 751 15.63 21.96 10.88
N HIS G 752 14.57 22.52 11.46
CA HIS G 752 13.43 22.98 10.68
C HIS G 752 13.82 24.19 9.84
N THR G 753 13.01 24.46 8.82
CA THR G 753 13.33 25.54 7.89
C THR G 753 13.27 26.90 8.57
N CYS G 754 12.28 27.12 9.44
CA CYS G 754 12.19 28.40 10.14
C CYS G 754 13.38 28.62 11.05
N SER G 755 13.79 27.59 11.79
CA SER G 755 14.95 27.72 12.67
C SER G 755 16.22 27.99 11.88
N GLN G 756 16.38 27.33 10.73
CA GLN G 756 17.57 27.56 9.90
C GLN G 756 17.58 28.96 9.31
N MET G 757 16.42 29.47 8.88
CA MET G 757 16.36 30.84 8.39
C MET G 757 16.66 31.83 9.50
N LEU G 758 16.14 31.60 10.70
CA LEU G 758 16.43 32.48 11.82
C LEU G 758 17.91 32.45 12.17
N LEU G 759 18.53 31.26 12.12
CA LEU G 759 19.96 31.14 12.39
C LEU G 759 20.78 31.84 11.31
N THR G 760 20.35 31.76 10.05
CA THR G 760 21.04 32.48 8.99
C THR G 760 20.96 33.99 9.20
N ASP G 761 19.78 34.49 9.57
CA ASP G 761 19.63 35.92 9.84
C ASP G 761 20.48 36.36 11.03
N MET G 762 20.56 35.52 12.06
CA MET G 762 21.39 35.82 13.22
C MET G 762 22.87 35.76 12.88
N TRP G 763 23.26 34.89 11.96
CA TRP G 763 24.65 34.74 11.56
C TRP G 763 25.11 35.87 10.65
N MET G 764 24.22 36.38 9.79
CA MET G 764 24.59 37.45 8.88
C MET G 764 24.77 38.78 9.60
N GLY G 765 24.26 38.92 10.82
CA GLY G 765 24.42 40.14 11.58
C GLY G 765 23.47 41.24 11.15
N ARG G 766 23.98 42.48 11.06
CA ARG G 766 23.20 43.64 10.66
C ARG G 766 23.37 43.95 9.18
N LEU G 767 23.58 42.93 8.35
CA LEU G 767 23.80 43.09 6.93
C LEU G 767 22.62 42.49 6.15
N ARG G 768 22.56 42.82 4.86
CA ARG G 768 21.48 42.35 4.00
C ARG G 768 21.98 41.62 2.77
N MET G 769 23.29 41.48 2.59
CA MET G 769 23.85 40.82 1.41
C MET G 769 23.55 39.32 1.49
N ARG G 770 22.61 38.86 0.66
CA ARG G 770 22.23 37.46 0.63
C ARG G 770 22.45 36.79 -0.71
N LYS G 771 22.76 37.55 -1.77
CA LYS G 771 22.95 36.95 -3.09
C LYS G 771 24.26 36.18 -3.17
N ASN G 772 25.38 36.87 -2.94
CA ASN G 772 26.71 36.25 -3.00
C ASN G 772 27.52 36.76 -1.82
N SER G 773 27.45 36.04 -0.71
CA SER G 773 28.20 36.40 0.49
C SER G 773 29.59 35.77 0.45
N GLY G 774 30.36 35.98 1.51
CA GLY G 774 31.70 35.43 1.58
C GLY G 774 32.74 36.27 0.87
N LEU G 775 32.61 36.38 -0.46
CA LEU G 775 33.56 37.17 -1.23
C LEU G 775 33.50 38.65 -0.86
N LYS G 776 32.29 39.19 -0.67
CA LYS G 776 32.16 40.59 -0.29
C LYS G 776 32.66 40.82 1.13
N VAL G 777 32.45 39.85 2.02
CA VAL G 777 32.97 39.95 3.38
C VAL G 777 34.50 39.96 3.36
N ILE G 778 35.09 39.09 2.53
CA ILE G 778 36.55 39.06 2.41
C ILE G 778 37.07 40.39 1.85
N LEU G 779 36.39 40.93 0.83
CA LEU G 779 36.81 42.21 0.26
C LEU G 779 36.72 43.33 1.28
N GLY G 780 35.64 43.35 2.06
CA GLY G 780 35.51 44.35 3.11
C GLY G 780 36.52 44.20 4.23
N ILE G 781 36.89 42.97 4.58
CA ILE G 781 37.87 42.75 5.64
C ILE G 781 39.29 42.98 5.16
N LEU G 782 39.55 42.93 3.85
CA LEU G 782 40.87 43.24 3.33
C LEU G 782 41.07 44.73 3.09
N LEU G 783 40.11 45.39 2.43
CA LEU G 783 40.16 46.83 2.23
C LEU G 783 38.98 47.48 2.96
N PRO G 784 39.22 48.12 4.10
CA PRO G 784 38.11 48.73 4.88
C PRO G 784 37.34 49.80 4.13
N PRO G 785 37.92 50.52 3.16
CA PRO G 785 37.08 51.41 2.34
C PRO G 785 35.96 50.72 1.59
N SER G 786 36.08 49.42 1.30
CA SER G 786 35.02 48.70 0.59
C SER G 786 33.79 48.45 1.46
N ILE G 787 33.87 48.70 2.77
CA ILE G 787 32.76 48.40 3.66
C ILE G 787 31.56 49.29 3.36
N LEU G 788 31.80 50.58 3.10
CA LEU G 788 30.72 51.55 3.02
C LEU G 788 29.80 51.32 1.84
N SER G 789 30.22 50.54 0.84
CA SER G 789 29.35 50.19 -0.28
C SER G 789 28.62 48.87 -0.01
N LEU G 790 27.95 48.80 1.14
CA LEU G 790 27.20 47.61 1.54
C LEU G 790 25.86 48.04 2.12
N GLU G 791 24.80 47.34 1.71
CA GLU G 791 23.49 47.63 2.26
C GLU G 791 23.36 47.04 3.67
N PHE G 792 22.67 47.76 4.54
CA PHE G 792 22.46 47.35 5.92
C PHE G 792 20.97 47.23 6.20
N LYS G 793 20.65 46.82 7.43
CA LYS G 793 19.27 46.68 7.87
C LYS G 793 18.94 47.77 8.88
N ASN G 794 17.75 48.35 8.75
CA ASN G 794 17.32 49.45 9.58
C ASN G 794 17.17 49.03 11.04
N GLY G 861 31.36 55.72 10.46
CA GLY G 861 31.04 55.90 11.87
C GLY G 861 30.51 54.64 12.53
N ARG G 862 29.19 54.52 12.60
CA ARG G 862 28.57 53.35 13.19
C ARG G 862 28.47 52.19 12.21
N LYS G 863 28.65 52.44 10.92
CA LYS G 863 28.60 51.37 9.93
C LYS G 863 29.77 50.41 10.09
N ILE G 864 30.95 50.94 10.38
CA ILE G 864 32.12 50.09 10.61
C ILE G 864 31.94 49.22 11.83
N TYR G 865 31.37 49.78 12.91
CA TYR G 865 31.13 49.02 14.13
C TYR G 865 30.13 47.90 13.89
N GLU G 866 29.10 48.16 13.09
CA GLU G 866 28.13 47.11 12.78
C GLU G 866 28.70 46.07 11.81
N PHE G 867 29.66 46.48 10.98
CA PHE G 867 30.29 45.51 10.07
C PHE G 867 31.23 44.59 10.81
N TYR G 868 32.05 45.13 11.71
CA TYR G 868 33.08 44.33 12.36
C TYR G 868 32.58 43.55 13.57
N ASN G 869 31.29 43.66 13.91
CA ASN G 869 30.72 42.89 15.00
C ASN G 869 29.78 41.79 14.53
N ALA G 870 29.60 41.62 13.24
CA ALA G 870 28.80 40.52 12.73
C ALA G 870 29.54 39.20 12.91
N PRO G 871 28.82 38.10 13.18
CA PRO G 871 29.49 36.81 13.35
C PRO G 871 30.24 36.34 12.11
N ILE G 872 29.72 36.60 10.91
CA ILE G 872 30.36 36.12 9.70
C ILE G 872 31.69 36.83 9.47
N VAL G 873 31.75 38.13 9.77
CA VAL G 873 32.98 38.88 9.61
C VAL G 873 34.03 38.41 10.62
N LYS G 874 33.60 38.14 11.85
CA LYS G 874 34.52 37.57 12.83
C LYS G 874 35.05 36.21 12.38
N PHE G 875 34.16 35.38 11.82
CA PHE G 875 34.59 34.06 11.35
C PHE G 875 35.60 34.17 10.23
N TRP G 876 35.37 35.06 9.27
CA TRP G 876 36.33 35.21 8.17
C TRP G 876 37.64 35.82 8.64
N PHE G 877 37.59 36.74 9.61
CA PHE G 877 38.82 37.26 10.20
C PHE G 877 39.64 36.15 10.84
N TYR G 878 38.97 35.31 11.63
CA TYR G 878 39.66 34.19 12.27
C TYR G 878 40.20 33.21 11.24
N THR G 879 39.44 32.97 10.17
CA THR G 879 39.87 32.04 9.13
C THR G 879 41.12 32.55 8.41
N LEU G 880 41.13 33.84 8.06
CA LEU G 880 42.31 34.41 7.41
C LEU G 880 43.53 34.40 8.34
N ALA G 881 43.30 34.70 9.63
CA ALA G 881 44.41 34.64 10.58
C ALA G 881 44.96 33.22 10.71
N TYR G 882 44.07 32.22 10.72
CA TYR G 882 44.54 30.84 10.81
C TYR G 882 45.28 30.41 9.56
N ILE G 883 44.84 30.88 8.38
CA ILE G 883 45.55 30.58 7.15
C ILE G 883 46.94 31.18 7.17
N GLY G 884 47.06 32.44 7.62
CA GLY G 884 48.38 33.04 7.73
C GLY G 884 49.28 32.34 8.74
N TYR G 885 48.69 31.91 9.86
CA TYR G 885 49.45 31.16 10.86
C TYR G 885 49.95 29.84 10.29
N LEU G 886 49.09 29.13 9.55
CA LEU G 886 49.52 27.89 8.92
C LEU G 886 50.63 28.14 7.90
N MET G 887 50.53 29.24 7.15
CA MET G 887 51.59 29.56 6.20
C MET G 887 52.93 29.80 6.89
N LEU G 888 52.92 30.57 7.99
CA LEU G 888 54.17 30.81 8.71
C LEU G 888 54.71 29.54 9.35
N PHE G 889 53.82 28.69 9.88
CA PHE G 889 54.24 27.41 10.46
C PHE G 889 54.88 26.52 9.40
N ASN G 890 54.30 26.49 8.19
CA ASN G 890 54.93 25.75 7.10
C ASN G 890 56.27 26.34 6.72
N TYR G 891 56.39 27.67 6.72
CA TYR G 891 57.67 28.29 6.36
C TYR G 891 58.76 27.96 7.35
N ILE G 892 58.46 27.98 8.65
CA ILE G 892 59.53 27.87 9.65
C ILE G 892 60.12 26.47 9.74
N VAL G 893 59.44 25.44 9.25
CA VAL G 893 59.94 24.08 9.42
C VAL G 893 60.70 23.63 8.17
N LEU G 894 60.32 24.17 7.01
CA LEU G 894 60.97 23.75 5.77
C LEU G 894 62.39 24.31 5.67
N VAL G 895 62.58 25.59 6.00
CA VAL G 895 63.89 26.22 5.90
C VAL G 895 64.73 25.85 7.11
N LYS G 896 66.02 26.13 7.04
CA LYS G 896 66.93 25.78 8.12
C LYS G 896 66.64 26.61 9.37
N MET G 897 66.65 25.96 10.53
CA MET G 897 66.39 26.62 11.80
C MET G 897 67.71 27.05 12.42
N GLU G 898 67.80 28.32 12.81
CA GLU G 898 69.03 28.87 13.35
C GLU G 898 69.06 28.70 14.87
N ARG G 899 70.05 29.30 15.52
CA ARG G 899 70.20 29.16 16.96
C ARG G 899 69.05 29.83 17.71
N TRP G 900 68.62 31.00 17.26
CA TRP G 900 67.54 31.73 17.91
C TRP G 900 66.38 31.93 16.95
N PRO G 901 65.14 31.98 17.46
CA PRO G 901 63.98 32.07 16.57
C PRO G 901 63.99 33.33 15.72
N SER G 902 63.53 33.17 14.48
CA SER G 902 63.40 34.29 13.55
C SER G 902 62.06 35.00 13.80
N THR G 903 61.73 35.96 12.95
CA THR G 903 60.49 36.73 13.12
C THR G 903 59.26 35.85 12.97
N GLN G 904 59.25 34.98 11.95
CA GLN G 904 58.10 34.11 11.73
C GLN G 904 57.90 33.14 12.89
N GLU G 905 58.99 32.62 13.43
CA GLU G 905 58.88 31.72 14.58
C GLU G 905 58.33 32.44 15.80
N TRP G 906 58.73 33.70 16.01
CA TRP G 906 58.17 34.47 17.12
C TRP G 906 56.68 34.74 16.89
N ILE G 907 56.27 34.99 15.65
CA ILE G 907 54.85 35.20 15.37
C ILE G 907 54.07 33.92 15.65
N VAL G 908 54.62 32.77 15.27
CA VAL G 908 53.96 31.49 15.53
C VAL G 908 53.83 31.24 17.04
N ILE G 909 54.90 31.53 17.80
CA ILE G 909 54.86 31.35 19.24
C ILE G 909 53.84 32.29 19.88
N SER G 910 53.75 33.52 19.37
CA SER G 910 52.76 34.46 19.87
C SER G 910 51.34 33.97 19.59
N TYR G 911 51.12 33.40 18.39
CA TYR G 911 49.81 32.83 18.07
C TYR G 911 49.46 31.70 19.04
N ILE G 912 50.40 30.81 19.31
CA ILE G 912 50.13 29.69 20.21
C ILE G 912 49.84 30.20 21.62
N PHE G 913 50.62 31.17 22.10
CA PHE G 913 50.42 31.70 23.45
C PHE G 913 49.09 32.40 23.59
N THR G 914 48.73 33.23 22.61
CA THR G 914 47.44 33.92 22.68
C THR G 914 46.27 32.96 22.55
N LEU G 915 46.43 31.90 21.74
CA LEU G 915 45.39 30.88 21.65
C LEU G 915 45.20 30.16 22.98
N GLY G 916 46.30 29.85 23.66
CA GLY G 916 46.19 29.23 24.98
C GLY G 916 45.53 30.15 26.00
N ILE G 917 45.87 31.44 25.97
CA ILE G 917 45.23 32.40 26.86
C ILE G 917 43.74 32.50 26.56
N GLU G 918 43.37 32.48 25.28
CA GLU G 918 41.96 32.52 24.90
C GLU G 918 41.23 31.28 25.37
N LYS G 919 41.87 30.10 25.28
CA LYS G 919 41.25 28.88 25.80
C LYS G 919 41.04 28.97 27.30
N MET G 920 42.02 29.50 28.04
CA MET G 920 41.86 29.68 29.48
C MET G 920 40.71 30.65 29.79
N ARG G 921 40.61 31.72 29.02
CA ARG G 921 39.51 32.68 29.21
C ARG G 921 38.16 32.02 28.94
N GLU G 922 38.09 31.18 27.91
CA GLU G 922 36.84 30.48 27.60
C GLU G 922 36.49 29.48 28.71
N ILE G 923 37.50 28.85 29.30
CA ILE G 923 37.26 27.96 30.44
C ILE G 923 36.71 28.75 31.62
N LEU G 924 37.32 29.90 31.91
CA LEU G 924 36.94 30.65 33.12
C LEU G 924 35.56 31.27 33.01
N MET G 925 35.13 31.66 31.81
CA MET G 925 33.86 32.33 31.61
C MET G 925 32.74 31.36 31.20
N SER G 926 32.81 30.13 31.69
CA SER G 926 31.80 29.12 31.35
C SER G 926 30.55 29.34 32.22
N GLU G 927 29.59 28.42 32.10
CA GLU G 927 28.30 28.55 32.78
C GLU G 927 28.35 28.22 34.28
N PRO G 928 28.92 27.10 34.71
CA PRO G 928 28.91 26.79 36.15
C PRO G 928 29.81 27.72 36.94
N GLY G 929 29.58 27.75 38.25
CA GLY G 929 30.34 28.57 39.15
C GLY G 929 31.48 27.87 39.86
N LYS G 930 31.83 26.65 39.47
CA LYS G 930 32.90 25.88 40.09
C LYS G 930 34.02 25.68 39.08
N LEU G 931 35.27 25.82 39.56
CA LEU G 931 36.42 25.68 38.67
C LEU G 931 36.53 24.28 38.11
N LEU G 932 36.33 23.26 38.95
CA LEU G 932 36.46 21.88 38.50
C LEU G 932 35.26 21.40 37.70
N GLN G 933 34.12 22.10 37.78
CA GLN G 933 32.96 21.75 36.97
C GLN G 933 33.01 22.38 35.59
N LYS G 934 33.59 23.59 35.48
CA LYS G 934 33.79 24.20 34.16
C LYS G 934 34.80 23.42 33.33
N VAL G 935 35.81 22.84 33.98
CA VAL G 935 36.78 22.01 33.26
C VAL G 935 36.11 20.75 32.73
N LYS G 936 35.25 20.12 33.53
CA LYS G 936 34.57 18.90 33.09
C LYS G 936 33.59 19.18 31.95
N VAL G 937 32.98 20.35 31.92
CA VAL G 937 32.06 20.68 30.84
C VAL G 937 32.78 21.26 29.64
N TRP G 938 34.03 21.72 29.81
CA TRP G 938 34.82 22.17 28.68
C TRP G 938 35.53 21.02 27.99
N LEU G 939 35.93 20.00 28.74
CA LEU G 939 36.49 18.78 28.16
C LEU G 939 35.40 17.82 27.71
N GLN G 940 34.45 18.34 26.93
CA GLN G 940 33.38 17.53 26.34
C GLN G 940 33.51 17.39 24.84
N GLU G 941 33.82 18.47 24.13
CA GLU G 941 34.12 18.39 22.72
C GLU G 941 35.56 17.91 22.54
N TYR G 942 35.75 16.99 21.59
CA TYR G 942 37.07 16.43 21.36
C TYR G 942 38.06 17.46 20.82
N TRP G 943 37.56 18.49 20.14
CA TRP G 943 38.45 19.52 19.60
C TRP G 943 39.15 20.28 20.72
N ASN G 944 38.47 20.53 21.84
CA ASN G 944 39.10 21.21 22.96
C ASN G 944 40.22 20.37 23.56
N VAL G 945 39.98 19.07 23.74
CA VAL G 945 41.00 18.19 24.30
C VAL G 945 42.21 18.09 23.37
N THR G 946 41.95 17.96 22.06
CA THR G 946 43.04 17.89 21.10
C THR G 946 43.82 19.21 21.04
N ASP G 947 43.13 20.35 21.13
CA ASP G 947 43.82 21.63 21.18
C ASP G 947 44.70 21.74 22.42
N LEU G 948 44.19 21.29 23.57
CA LEU G 948 45.00 21.32 24.79
C LEU G 948 46.25 20.46 24.64
N ILE G 949 46.09 19.25 24.11
CA ILE G 949 47.23 18.36 23.93
C ILE G 949 48.24 18.96 22.96
N ALA G 950 47.76 19.54 21.86
CA ALA G 950 48.66 20.13 20.87
C ALA G 950 49.39 21.34 21.44
N ILE G 951 48.71 22.17 22.22
CA ILE G 951 49.36 23.32 22.82
C ILE G 951 50.43 22.89 23.81
N LEU G 952 50.14 21.86 24.62
CA LEU G 952 51.16 21.35 25.53
C LEU G 952 52.35 20.77 24.77
N LEU G 953 52.09 20.04 23.69
CA LEU G 953 53.18 19.47 22.90
C LEU G 953 54.02 20.55 22.24
N PHE G 954 53.37 21.61 21.74
CA PHE G 954 54.12 22.71 21.15
C PHE G 954 54.95 23.45 22.19
N SER G 955 54.42 23.58 23.41
CA SER G 955 55.18 24.21 24.47
C SER G 955 56.41 23.38 24.83
N VAL G 956 56.26 22.05 24.91
CA VAL G 956 57.40 21.18 25.18
C VAL G 956 58.43 21.29 24.07
N GLY G 957 57.98 21.27 22.81
CA GLY G 957 58.90 21.40 21.69
C GLY G 957 59.61 22.73 21.63
N MET G 958 58.93 23.80 22.02
CA MET G 958 59.55 25.12 22.07
C MET G 958 60.58 25.21 23.19
N ILE G 959 60.27 24.60 24.35
CA ILE G 959 61.24 24.58 25.45
C ILE G 959 62.48 23.80 25.05
N LEU G 960 62.31 22.63 24.42
CA LEU G 960 63.45 21.85 24.00
C LEU G 960 64.23 22.49 22.86
N ARG G 961 63.61 23.40 22.11
CA ARG G 961 64.27 24.00 20.96
C ARG G 961 65.37 24.98 21.37
N LEU G 962 65.16 25.69 22.48
CA LEU G 962 66.11 26.70 22.95
C LEU G 962 67.19 26.08 23.83
N GLN G 963 67.87 25.08 23.27
CA GLN G 963 68.88 24.30 23.98
C GLN G 963 70.03 24.04 23.02
N ASP G 964 70.89 23.10 23.36
CA ASP G 964 72.01 22.73 22.50
C ASP G 964 71.50 21.96 21.28
N GLN G 965 72.44 21.50 20.45
CA GLN G 965 72.09 20.94 19.14
C GLN G 965 71.19 19.71 19.21
N PRO G 966 71.45 18.68 20.02
CA PRO G 966 70.54 17.51 20.00
C PRO G 966 69.14 17.83 20.50
N PHE G 967 69.03 18.62 21.57
CA PHE G 967 67.70 19.02 22.05
C PHE G 967 67.02 19.95 21.06
N ARG G 968 67.79 20.78 20.35
CA ARG G 968 67.21 21.60 19.28
C ARG G 968 66.64 20.72 18.17
N SER G 969 67.36 19.66 17.80
CA SER G 969 66.85 18.72 16.80
C SER G 969 65.59 18.02 17.30
N ASP G 970 65.56 17.65 18.59
CA ASP G 970 64.37 17.03 19.15
C ASP G 970 63.18 17.99 19.13
N GLY G 971 63.40 19.25 19.47
CA GLY G 971 62.33 20.23 19.40
C GLY G 971 61.84 20.47 17.99
N ARG G 972 62.77 20.46 17.03
CA ARG G 972 62.37 20.60 15.63
C ARG G 972 61.53 19.40 15.18
N VAL G 973 61.90 18.19 15.62
CA VAL G 973 61.10 17.01 15.29
C VAL G 973 59.71 17.10 15.92
N ILE G 974 59.64 17.65 17.14
CA ILE G 974 58.34 17.87 17.76
C ILE G 974 57.50 18.86 16.95
N TYR G 975 58.14 19.92 16.44
CA TYR G 975 57.43 20.86 15.56
C TYR G 975 56.91 20.16 14.31
N CYS G 976 57.74 19.31 13.70
CA CYS G 976 57.35 18.61 12.48
C CYS G 976 56.21 17.64 12.74
N VAL G 977 56.18 17.01 13.91
CA VAL G 977 55.04 16.18 14.27
C VAL G 977 53.81 17.03 14.52
N ASN G 978 53.98 18.20 15.14
CA ASN G 978 52.85 19.03 15.55
C ASN G 978 52.18 19.73 14.39
N ILE G 979 52.89 19.98 13.28
CA ILE G 979 52.26 20.65 12.15
C ILE G 979 51.13 19.83 11.54
N ILE G 980 51.16 18.50 11.73
CA ILE G 980 50.12 17.64 11.17
C ILE G 980 48.77 17.94 11.79
N TYR G 981 48.73 18.16 13.11
CA TYR G 981 47.46 18.43 13.76
C TYR G 981 46.88 19.78 13.32
N TRP G 982 47.73 20.80 13.16
CA TRP G 982 47.23 22.08 12.70
C TRP G 982 46.83 22.04 11.24
N TYR G 983 47.36 21.10 10.46
CA TYR G 983 46.84 20.89 9.11
C TYR G 983 45.48 20.19 9.14
N ILE G 984 45.34 19.19 10.02
CA ILE G 984 44.09 18.44 10.11
C ILE G 984 42.96 19.32 10.64
N ARG G 985 43.29 20.28 11.50
CA ARG G 985 42.27 21.16 12.08
C ARG G 985 41.62 22.11 11.07
N LEU G 986 41.98 22.02 9.78
CA LEU G 986 41.27 22.79 8.77
C LEU G 986 39.89 22.22 8.49
N LEU G 987 39.64 20.96 8.86
CA LEU G 987 38.31 20.39 8.70
C LEU G 987 37.29 21.06 9.61
N ASP G 988 37.74 21.53 10.78
CA ASP G 988 36.87 22.31 11.65
C ASP G 988 36.43 23.61 10.98
N ILE G 989 37.35 24.26 10.27
CA ILE G 989 36.99 25.45 9.52
C ILE G 989 36.09 25.09 8.34
N PHE G 990 36.37 23.97 7.68
CA PHE G 990 35.55 23.50 6.56
C PHE G 990 34.12 23.17 6.98
N GLY G 991 33.90 22.80 8.24
CA GLY G 991 32.59 22.42 8.73
C GLY G 991 31.53 23.51 8.67
N VAL G 992 31.86 24.71 8.22
CA VAL G 992 30.85 25.75 8.04
C VAL G 992 30.16 25.64 6.68
N ASN G 993 30.86 25.14 5.66
CA ASN G 993 30.27 24.95 4.35
C ASN G 993 29.12 23.93 4.43
N LYS G 994 28.10 24.17 3.60
CA LYS G 994 26.89 23.36 3.68
C LYS G 994 27.13 21.92 3.27
N TYR G 995 28.07 21.67 2.36
CA TYR G 995 28.31 20.34 1.84
C TYR G 995 29.57 19.68 2.40
N LEU G 996 30.43 20.43 3.08
CA LEU G 996 31.69 19.88 3.57
C LEU G 996 31.64 19.44 5.03
N GLY G 997 30.61 19.83 5.77
CA GLY G 997 30.45 19.41 7.15
C GLY G 997 29.91 17.99 7.30
N PRO G 998 28.77 17.72 6.67
CA PRO G 998 28.24 16.35 6.69
C PRO G 998 29.20 15.31 6.15
N TYR G 999 30.00 15.64 5.14
CA TYR G 999 31.01 14.70 4.65
C TYR G 999 32.04 14.39 5.72
N VAL G 1000 32.47 15.41 6.46
CA VAL G 1000 33.46 15.20 7.52
C VAL G 1000 32.89 14.32 8.63
N MET G 1001 31.62 14.54 9.00
CA MET G 1001 31.04 13.69 10.04
C MET G 1001 30.78 12.26 9.53
N MET G 1002 30.46 12.11 8.25
CA MET G 1002 30.38 10.77 7.67
C MET G 1002 31.73 10.07 7.74
N ILE G 1003 32.82 10.80 7.46
CA ILE G 1003 34.15 10.24 7.63
C ILE G 1003 34.39 9.81 9.07
N GLY G 1004 33.96 10.64 10.02
CA GLY G 1004 34.12 10.29 11.43
C GLY G 1004 33.40 9.01 11.81
N LYS G 1005 32.23 8.78 11.24
CA LYS G 1005 31.52 7.53 11.52
C LYS G 1005 32.13 6.34 10.78
N MET G 1006 32.58 6.56 9.54
CA MET G 1006 33.16 5.47 8.77
C MET G 1006 34.50 5.02 9.32
N MET G 1007 35.22 5.86 10.06
CA MET G 1007 36.44 5.38 10.72
C MET G 1007 36.11 4.30 11.75
N ILE G 1008 35.07 4.53 12.55
CA ILE G 1008 34.61 3.52 13.51
C ILE G 1008 34.13 2.28 12.76
N ASP G 1009 33.48 2.47 11.62
CA ASP G 1009 33.09 1.33 10.79
C ASP G 1009 34.31 0.54 10.27
N MET G 1010 35.42 1.22 10.02
CA MET G 1010 36.61 0.64 9.40
C MET G 1010 37.55 -0.05 10.37
N MET G 1011 37.47 0.31 11.67
CA MET G 1011 38.39 -0.22 12.67
C MET G 1011 38.40 -1.75 12.71
N TYR G 1012 37.23 -2.39 12.63
CA TYR G 1012 37.16 -3.84 12.77
C TYR G 1012 37.85 -4.56 11.60
N PHE G 1013 37.62 -4.08 10.38
CA PHE G 1013 38.31 -4.65 9.23
C PHE G 1013 39.80 -4.38 9.29
N VAL G 1014 40.20 -3.26 9.88
CA VAL G 1014 41.62 -3.02 10.12
C VAL G 1014 42.18 -4.09 11.04
N ILE G 1015 41.44 -4.46 12.09
CA ILE G 1015 41.90 -5.49 13.02
C ILE G 1015 42.06 -6.84 12.31
N ILE G 1016 41.06 -7.21 11.51
CA ILE G 1016 41.12 -8.51 10.82
C ILE G 1016 42.29 -8.55 9.83
N MET G 1017 42.46 -7.48 9.04
CA MET G 1017 43.58 -7.42 8.12
C MET G 1017 44.90 -7.44 8.87
N LEU G 1018 44.96 -6.83 10.05
CA LEU G 1018 46.18 -6.88 10.86
C LEU G 1018 46.50 -8.31 11.28
N VAL G 1019 45.48 -9.08 11.67
CA VAL G 1019 45.71 -10.48 12.04
C VAL G 1019 46.30 -11.26 10.86
N VAL G 1020 45.68 -11.12 9.69
CA VAL G 1020 46.15 -11.86 8.51
C VAL G 1020 47.57 -11.43 8.14
N LEU G 1021 47.83 -10.12 8.18
CA LEU G 1021 49.15 -9.59 7.84
C LEU G 1021 50.22 -10.08 8.79
N MET G 1022 49.93 -10.10 10.10
CA MET G 1022 50.90 -10.61 11.07
C MET G 1022 51.19 -12.08 10.82
N SER G 1023 50.15 -12.87 10.52
CA SER G 1023 50.36 -14.28 10.21
C SER G 1023 51.32 -14.46 9.03
N PHE G 1024 51.04 -13.78 7.92
CA PHE G 1024 51.88 -13.91 6.73
C PHE G 1024 53.30 -13.42 6.98
N GLY G 1025 53.44 -12.30 7.68
CA GLY G 1025 54.76 -11.75 7.93
C GLY G 1025 55.61 -12.66 8.80
N VAL G 1026 55.03 -13.20 9.88
CA VAL G 1026 55.76 -14.12 10.74
C VAL G 1026 56.17 -15.36 9.97
N ALA G 1027 55.26 -15.90 9.15
CA ALA G 1027 55.59 -17.09 8.37
C ALA G 1027 56.76 -16.84 7.41
N ARG G 1028 56.70 -15.74 6.66
CA ARG G 1028 57.76 -15.44 5.70
C ARG G 1028 59.09 -15.20 6.40
N GLN G 1029 59.09 -14.42 7.48
CA GLN G 1029 60.33 -14.12 8.19
C GLN G 1029 60.93 -15.39 8.78
N ALA G 1030 60.11 -16.28 9.33
CA ALA G 1030 60.64 -17.51 9.90
C ALA G 1030 61.16 -18.45 8.83
N ILE G 1031 60.49 -18.50 7.67
CA ILE G 1031 60.93 -19.42 6.62
C ILE G 1031 62.24 -18.96 6.00
N LEU G 1032 62.35 -17.67 5.67
CA LEU G 1032 63.48 -17.22 4.87
C LEU G 1032 64.77 -17.11 5.69
N PHE G 1033 64.69 -16.65 6.94
CA PHE G 1033 65.87 -16.36 7.75
C PHE G 1033 65.85 -17.21 9.00
N PRO G 1034 66.51 -18.37 9.01
CA PRO G 1034 66.49 -19.28 10.15
C PRO G 1034 67.66 -19.16 11.13
N ASN G 1035 68.54 -18.17 10.97
CA ASN G 1035 69.73 -18.04 11.80
C ASN G 1035 69.87 -16.63 12.33
N GLU G 1036 68.79 -16.11 12.90
CA GLU G 1036 68.75 -14.74 13.40
C GLU G 1036 68.80 -14.71 14.91
N GLU G 1037 69.67 -13.87 15.46
CA GLU G 1037 69.71 -13.63 16.89
C GLU G 1037 68.50 -12.80 17.31
N PRO G 1038 68.11 -12.86 18.59
CA PRO G 1038 66.98 -12.05 19.04
C PRO G 1038 67.31 -10.56 19.05
N SER G 1039 66.73 -9.83 18.10
CA SER G 1039 66.93 -8.39 17.98
C SER G 1039 65.61 -7.73 17.63
N TRP G 1040 65.50 -6.44 17.97
CA TRP G 1040 64.28 -5.70 17.71
C TRP G 1040 64.01 -5.50 16.22
N LYS G 1041 64.99 -5.76 15.36
CA LYS G 1041 64.74 -5.72 13.92
C LYS G 1041 63.83 -6.86 13.47
N LEU G 1042 63.70 -7.91 14.28
CA LEU G 1042 62.76 -8.99 13.96
C LEU G 1042 61.31 -8.51 14.00
N ALA G 1043 61.00 -7.59 14.92
CA ALA G 1043 59.65 -7.04 15.01
C ALA G 1043 59.35 -6.03 13.90
N LYS G 1044 60.38 -5.58 13.17
CA LYS G 1044 60.16 -4.64 12.08
C LYS G 1044 59.85 -5.37 10.77
N ASN G 1045 60.48 -6.52 10.54
CA ASN G 1045 60.28 -7.25 9.29
C ASN G 1045 58.91 -7.91 9.20
N ILE G 1046 58.18 -7.99 10.30
CA ILE G 1046 56.89 -8.65 10.30
C ILE G 1046 55.80 -7.73 9.74
N PHE G 1047 55.83 -6.46 10.15
CA PHE G 1047 54.77 -5.53 9.79
C PHE G 1047 55.08 -4.72 8.52
N TYR G 1048 56.35 -4.36 8.32
CA TYR G 1048 56.74 -3.41 7.28
C TYR G 1048 56.39 -3.89 5.88
N MET G 1049 57.05 -4.95 5.44
CA MET G 1049 56.94 -5.44 4.07
C MET G 1049 55.55 -5.98 3.74
N PRO G 1050 54.92 -6.80 4.58
CA PRO G 1050 53.53 -7.20 4.26
C PRO G 1050 52.55 -6.05 4.19
N TYR G 1051 52.79 -4.96 4.93
CA TYR G 1051 51.90 -3.81 4.84
C TYR G 1051 52.12 -3.05 3.55
N TRP G 1052 53.38 -2.87 3.14
CA TRP G 1052 53.60 -2.22 1.85
C TRP G 1052 53.24 -3.12 0.68
N MET G 1053 53.09 -4.42 0.90
CA MET G 1053 52.77 -5.33 -0.19
C MET G 1053 51.35 -5.14 -0.71
N ILE G 1054 50.40 -4.80 0.16
CA ILE G 1054 49.01 -4.68 -0.26
C ILE G 1054 48.67 -3.32 -0.86
N TYR G 1055 49.65 -2.41 -0.93
CA TYR G 1055 49.43 -1.10 -1.54
C TYR G 1055 50.17 -0.96 -2.86
N GLY G 1056 50.43 -2.08 -3.54
CA GLY G 1056 51.00 -2.06 -4.86
C GLY G 1056 52.47 -2.37 -4.95
N GLU G 1057 53.16 -2.54 -3.82
CA GLU G 1057 54.59 -2.88 -3.81
C GLU G 1057 54.72 -4.38 -3.62
N VAL G 1058 54.58 -5.12 -4.73
CA VAL G 1058 54.56 -6.57 -4.71
C VAL G 1058 55.81 -7.12 -5.38
N PHE G 1059 56.92 -6.39 -5.23
CA PHE G 1059 58.19 -6.77 -5.84
C PHE G 1059 58.56 -8.21 -5.52
N ALA G 1060 58.63 -9.06 -6.54
CA ALA G 1060 58.80 -10.50 -6.36
C ALA G 1060 60.25 -10.91 -6.21
N ASP G 1061 61.19 -9.97 -6.28
CA ASP G 1061 62.59 -10.30 -6.01
C ASP G 1061 62.94 -10.17 -4.53
N GLN G 1062 62.33 -9.22 -3.83
CA GLN G 1062 62.60 -9.06 -2.40
C GLN G 1062 61.95 -10.17 -1.58
N ILE G 1063 60.79 -10.66 -1.99
CA ILE G 1063 60.14 -11.80 -1.33
C ILE G 1063 60.31 -13.02 -2.21
N ASP G 1064 60.71 -14.14 -1.60
CA ASP G 1064 61.07 -15.38 -2.30
C ASP G 1064 62.14 -15.06 -3.35
N PRO G 1065 63.37 -14.76 -2.94
CA PRO G 1065 64.42 -14.44 -3.90
C PRO G 1065 64.79 -15.67 -4.72
N PRO G 1066 65.35 -15.49 -5.92
CA PRO G 1066 65.72 -16.64 -6.75
C PRO G 1066 66.91 -17.40 -6.19
N CYS G 1067 66.66 -18.22 -5.17
CA CYS G 1067 67.70 -19.01 -4.53
C CYS G 1067 67.57 -20.48 -4.90
N GLN G 1080 77.23 -20.41 -8.32
CA GLN G 1080 76.75 -19.09 -8.70
C GLN G 1080 75.58 -18.67 -7.83
N LEU G 1081 74.42 -19.29 -8.07
CA LEU G 1081 73.23 -18.95 -7.30
C LEU G 1081 73.40 -19.37 -5.84
N PRO G 1082 72.91 -18.59 -4.89
CA PRO G 1082 73.03 -18.96 -3.47
C PRO G 1082 72.18 -20.18 -3.17
N PRO G 1083 72.53 -20.94 -2.13
CA PRO G 1083 71.74 -22.14 -1.80
C PRO G 1083 70.32 -21.78 -1.39
N CYS G 1084 69.38 -22.62 -1.81
CA CYS G 1084 67.98 -22.40 -1.49
C CYS G 1084 67.67 -22.86 -0.07
N LYS G 1085 66.88 -22.07 0.64
CA LYS G 1085 66.51 -22.42 2.01
C LYS G 1085 65.50 -23.56 2.00
N THR G 1086 65.45 -24.28 3.12
CA THR G 1086 64.55 -25.42 3.26
C THR G 1086 63.12 -24.92 3.37
N GLY G 1087 62.29 -25.26 2.38
CA GLY G 1087 60.92 -24.81 2.37
C GLY G 1087 60.69 -23.44 1.80
N ALA G 1088 61.62 -22.94 0.99
CA ALA G 1088 61.49 -21.59 0.44
C ALA G 1088 60.45 -21.50 -0.67
N TRP G 1089 59.93 -22.62 -1.15
CA TRP G 1089 58.92 -22.61 -2.20
C TRP G 1089 57.52 -22.33 -1.69
N ILE G 1090 57.32 -22.32 -0.36
CA ILE G 1090 55.99 -22.06 0.19
C ILE G 1090 55.67 -20.57 0.22
N VAL G 1091 56.70 -19.72 0.25
CA VAL G 1091 56.47 -18.28 0.37
C VAL G 1091 55.64 -17.70 -0.77
N PRO G 1092 55.90 -18.02 -2.05
CA PRO G 1092 55.00 -17.49 -3.10
C PRO G 1092 53.56 -17.96 -2.97
N ALA G 1093 53.33 -19.21 -2.54
CA ALA G 1093 51.96 -19.67 -2.35
C ALA G 1093 51.27 -18.93 -1.21
N ILE G 1094 51.98 -18.73 -0.10
CA ILE G 1094 51.42 -17.99 1.02
C ILE G 1094 51.13 -16.55 0.60
N MET G 1095 52.04 -15.95 -0.18
CA MET G 1095 51.81 -14.59 -0.66
C MET G 1095 50.60 -14.52 -1.59
N ALA G 1096 50.42 -15.53 -2.45
CA ALA G 1096 49.26 -15.56 -3.33
C ALA G 1096 47.97 -15.62 -2.53
N CYS G 1097 47.90 -16.53 -1.55
CA CYS G 1097 46.70 -16.64 -0.73
C CYS G 1097 46.45 -15.37 0.07
N TYR G 1098 47.52 -14.77 0.61
CA TYR G 1098 47.39 -13.56 1.41
C TYR G 1098 46.91 -12.38 0.57
N LEU G 1099 47.44 -12.23 -0.64
CA LEU G 1099 46.97 -11.18 -1.53
C LEU G 1099 45.52 -11.39 -1.94
N LEU G 1100 45.14 -12.64 -2.23
CA LEU G 1100 43.76 -12.93 -2.59
C LEU G 1100 42.80 -12.60 -1.44
N VAL G 1101 43.20 -12.91 -0.21
CA VAL G 1101 42.34 -12.61 0.94
C VAL G 1101 42.28 -11.11 1.18
N ALA G 1102 43.43 -10.43 1.13
CA ALA G 1102 43.48 -9.03 1.56
C ALA G 1102 42.92 -8.08 0.52
N ASN G 1103 43.15 -8.33 -0.77
CA ASN G 1103 42.82 -7.37 -1.81
C ASN G 1103 41.55 -7.69 -2.58
N ILE G 1104 40.94 -8.85 -2.36
CA ILE G 1104 39.76 -9.23 -3.14
C ILE G 1104 38.57 -9.45 -2.20
N LEU G 1105 38.83 -9.88 -0.96
CA LEU G 1105 37.77 -10.24 -0.04
C LEU G 1105 37.47 -9.14 0.97
N LEU G 1106 38.47 -8.77 1.79
CA LEU G 1106 38.21 -7.86 2.90
C LEU G 1106 37.89 -6.46 2.41
N VAL G 1107 38.62 -5.97 1.40
CA VAL G 1107 38.38 -4.60 0.93
C VAL G 1107 37.05 -4.51 0.19
N ASN G 1108 36.66 -5.55 -0.56
CA ASN G 1108 35.36 -5.55 -1.21
C ASN G 1108 34.23 -5.64 -0.18
N LEU G 1109 34.42 -6.44 0.88
CA LEU G 1109 33.41 -6.48 1.93
C LEU G 1109 33.30 -5.14 2.65
N LEU G 1110 34.43 -4.45 2.85
CA LEU G 1110 34.39 -3.12 3.44
C LEU G 1110 33.68 -2.12 2.52
N ILE G 1111 33.89 -2.25 1.21
CA ILE G 1111 33.17 -1.41 0.26
C ILE G 1111 31.66 -1.66 0.37
N ALA G 1112 31.26 -2.92 0.47
CA ALA G 1112 29.84 -3.24 0.63
C ALA G 1112 29.29 -2.68 1.94
N VAL G 1113 30.07 -2.76 3.02
CA VAL G 1113 29.62 -2.24 4.31
C VAL G 1113 29.44 -0.73 4.24
N PHE G 1114 30.40 -0.02 3.64
CA PHE G 1114 30.26 1.43 3.47
C PHE G 1114 29.07 1.76 2.58
N ASN G 1115 28.80 0.93 1.57
CA ASN G 1115 27.77 1.24 0.60
C ASN G 1115 26.37 1.04 1.19
N ASN G 1116 26.16 -0.04 1.94
CA ASN G 1116 24.83 -0.37 2.41
C ASN G 1116 24.44 0.36 3.70
N THR G 1117 25.37 1.10 4.32
CA THR G 1117 25.06 1.86 5.51
C THR G 1117 25.37 3.33 5.30
N PHE G 1118 24.98 3.87 4.15
CA PHE G 1118 25.29 5.25 3.79
C PHE G 1118 24.11 6.20 3.95
N PHE G 1119 22.89 5.73 3.70
CA PHE G 1119 21.71 6.59 3.75
C PHE G 1119 21.44 7.09 5.16
N GLU G 1120 21.46 6.18 6.14
CA GLU G 1120 21.22 6.56 7.52
C GLU G 1120 22.31 7.49 8.04
N VAL G 1121 23.57 7.19 7.72
CA VAL G 1121 24.67 8.03 8.15
C VAL G 1121 24.55 9.42 7.54
N LYS G 1122 24.16 9.49 6.25
CA LYS G 1122 24.00 10.78 5.60
C LYS G 1122 22.90 11.61 6.24
N SER G 1123 21.74 10.99 6.52
CA SER G 1123 20.64 11.72 7.14
C SER G 1123 21.01 12.19 8.54
N ILE G 1124 21.64 11.33 9.33
CA ILE G 1124 22.03 11.70 10.68
C ILE G 1124 23.06 12.83 10.65
N SER G 1125 24.01 12.77 9.72
CA SER G 1125 25.01 13.82 9.61
C SER G 1125 24.37 15.15 9.23
N ASN G 1126 23.41 15.14 8.29
CA ASN G 1126 22.74 16.39 7.95
C ASN G 1126 22.00 16.97 9.14
N GLN G 1127 21.27 16.13 9.88
CA GLN G 1127 20.54 16.62 11.05
C GLN G 1127 21.48 17.16 12.12
N VAL G 1128 22.60 16.47 12.37
CA VAL G 1128 23.54 16.90 13.40
C VAL G 1128 24.22 18.21 13.00
N TRP G 1129 24.57 18.36 11.72
CA TRP G 1129 25.19 19.61 11.28
C TRP G 1129 24.21 20.78 11.39
N LYS G 1130 22.96 20.58 10.97
CA LYS G 1130 21.96 21.63 11.11
C LYS G 1130 21.64 21.93 12.57
N PHE G 1131 21.87 20.98 13.48
CA PHE G 1131 21.73 21.27 14.90
C PHE G 1131 22.92 22.09 15.42
N GLN G 1132 24.13 21.73 15.02
CA GLN G 1132 25.35 22.37 15.53
C GLN G 1132 25.61 23.74 14.92
N ARG G 1133 24.89 24.10 13.86
CA ARG G 1133 24.97 25.47 13.33
C ARG G 1133 24.67 26.50 14.43
N TYR G 1134 23.73 26.20 15.33
CA TYR G 1134 23.41 27.12 16.41
C TYR G 1134 24.61 27.35 17.33
N GLN G 1135 25.29 26.27 17.71
CA GLN G 1135 26.46 26.40 18.57
C GLN G 1135 27.57 27.18 17.87
N LEU G 1136 27.76 26.93 16.57
CA LEU G 1136 28.75 27.68 15.80
C LEU G 1136 28.43 29.18 15.83
N ILE G 1137 27.17 29.53 15.56
CA ILE G 1137 26.79 30.93 15.51
C ILE G 1137 26.95 31.59 16.88
N MET G 1138 26.55 30.90 17.94
CA MET G 1138 26.65 31.47 19.27
C MET G 1138 28.11 31.65 19.69
N THR G 1139 28.96 30.65 19.42
CA THR G 1139 30.35 30.75 19.85
C THR G 1139 31.14 31.73 19.01
N PHE G 1140 30.66 32.10 17.82
CA PHE G 1140 31.28 33.21 17.12
C PHE G 1140 30.63 34.55 17.42
N HIS G 1141 29.42 34.54 18.00
CA HIS G 1141 28.82 35.77 18.49
C HIS G 1141 29.44 36.23 19.80
N GLU G 1142 29.88 35.28 20.64
CA GLU G 1142 30.43 35.65 21.94
C GLU G 1142 31.89 36.06 21.89
N ARG G 1143 32.59 35.78 20.78
CA ARG G 1143 34.03 35.98 20.70
C ARG G 1143 34.39 37.45 20.48
N PRO G 1144 35.59 37.86 20.87
CA PRO G 1144 36.06 39.21 20.57
C PRO G 1144 36.29 39.40 19.07
N VAL G 1145 36.39 40.66 18.67
CA VAL G 1145 36.54 40.99 17.26
C VAL G 1145 37.90 40.58 16.74
N LEU G 1146 38.96 40.85 17.50
CA LEU G 1146 40.30 40.66 16.97
C LEU G 1146 40.70 39.18 16.97
N PRO G 1147 41.39 38.73 15.92
CA PRO G 1147 41.79 37.33 15.83
C PRO G 1147 42.92 37.03 16.79
N PRO G 1148 43.24 35.75 17.02
CA PRO G 1148 44.27 35.38 18.02
C PRO G 1148 45.64 35.97 17.76
N PRO G 1149 46.06 36.25 16.52
CA PRO G 1149 47.35 36.93 16.36
C PRO G 1149 47.44 38.26 17.07
N LEU G 1150 46.36 39.03 17.12
CA LEU G 1150 46.35 40.34 17.77
C LEU G 1150 45.20 40.43 18.76
N ILE G 1151 44.83 39.31 19.38
CA ILE G 1151 43.76 39.31 20.38
C ILE G 1151 44.27 39.76 21.75
N ILE G 1152 45.59 39.95 21.90
CA ILE G 1152 46.13 40.37 23.18
C ILE G 1152 45.67 41.79 23.54
N PHE G 1153 45.26 42.58 22.54
CA PHE G 1153 44.67 43.88 22.83
C PHE G 1153 43.27 43.73 23.42
N SER G 1154 42.47 42.82 22.88
CA SER G 1154 41.12 42.61 23.41
C SER G 1154 41.15 41.96 24.79
N HIS G 1155 42.23 41.25 25.12
CA HIS G 1155 42.37 40.69 26.46
C HIS G 1155 42.74 41.76 27.48
N MET G 1156 43.54 42.76 27.08
CA MET G 1156 43.90 43.83 27.99
C MET G 1156 42.72 44.73 28.30
N THR G 1157 41.88 45.01 27.29
CA THR G 1157 40.75 45.92 27.50
C THR G 1157 39.68 45.31 28.39
N MET G 1158 39.63 43.99 28.51
CA MET G 1158 38.68 43.37 29.43
C MET G 1158 39.04 43.66 30.88
N ILE G 1159 40.33 43.80 31.18
CA ILE G 1159 40.75 44.15 32.54
C ILE G 1159 40.32 45.56 32.89
N PHE G 1160 40.41 46.48 31.92
CA PHE G 1160 39.99 47.86 32.17
C PHE G 1160 38.50 47.94 32.44
N GLN G 1161 37.70 47.18 31.69
CA GLN G 1161 36.26 47.11 31.95
C GLN G 1161 35.93 46.25 33.16
N HIS G 1162 36.89 45.45 33.65
CA HIS G 1162 36.64 44.63 34.83
C HIS G 1162 36.58 45.49 36.09
N VAL G 1163 37.49 46.47 36.21
CA VAL G 1163 37.51 47.34 37.39
C VAL G 1163 36.44 48.42 37.34
N CYS G 1164 35.78 48.59 36.19
CA CYS G 1164 34.74 49.60 36.06
C CYS G 1164 33.37 49.02 36.42
N ARG G 1177 21.78 41.83 25.69
CA ARG G 1177 21.72 41.29 24.33
C ARG G 1177 20.47 41.75 23.61
N ASP G 1178 20.54 42.90 22.92
CA ASP G 1178 19.40 43.38 22.15
C ASP G 1178 19.05 42.41 21.04
N TYR G 1179 20.05 41.86 20.37
CA TYR G 1179 19.84 40.78 19.41
C TYR G 1179 21.11 39.95 19.34
N GLY G 1180 20.96 38.72 18.83
CA GLY G 1180 22.03 37.76 18.85
C GLY G 1180 21.70 36.61 19.77
N LEU G 1181 21.05 36.92 20.89
CA LEU G 1181 20.49 35.93 21.78
C LEU G 1181 18.98 36.03 21.89
N LYS G 1182 18.46 37.21 22.24
CA LYS G 1182 17.05 37.39 22.56
C LYS G 1182 16.45 38.49 21.68
N LEU G 1183 15.21 38.87 22.00
CA LEU G 1183 14.51 39.93 21.29
C LEU G 1183 13.45 40.48 22.23
N PHE G 1184 13.65 41.72 22.70
CA PHE G 1184 12.75 42.32 23.68
C PHE G 1184 11.67 43.13 22.97
N ILE G 1185 10.42 42.92 23.39
CA ILE G 1185 9.27 43.55 22.75
C ILE G 1185 8.38 44.16 23.82
N THR G 1186 7.53 45.08 23.38
CA THR G 1186 6.60 45.78 24.27
C THR G 1186 5.38 44.89 24.53
N ASP G 1187 4.39 45.45 25.23
CA ASP G 1187 3.21 44.66 25.59
C ASP G 1187 2.27 44.46 24.41
N ASP G 1188 2.16 45.45 23.51
CA ASP G 1188 1.29 45.30 22.35
C ASP G 1188 1.77 44.19 21.42
N GLU G 1189 3.07 44.17 21.13
CA GLU G 1189 3.63 43.12 20.29
C GLU G 1189 3.53 41.76 20.99
N LEU G 1190 3.69 41.73 22.31
CA LEU G 1190 3.53 40.48 23.06
C LEU G 1190 2.10 39.97 22.96
N LYS G 1191 1.11 40.86 23.08
CA LYS G 1191 -0.29 40.45 22.93
C LYS G 1191 -0.56 39.94 21.52
N LYS G 1192 -0.01 40.61 20.51
CA LYS G 1192 -0.21 40.15 19.13
C LYS G 1192 0.43 38.78 18.92
N VAL G 1193 1.61 38.55 19.51
CA VAL G 1193 2.27 37.26 19.42
C VAL G 1193 1.44 36.17 20.09
N HIS G 1194 0.88 36.46 21.27
CA HIS G 1194 0.05 35.48 21.95
C HIS G 1194 -1.21 35.14 21.15
N ASP G 1195 -1.85 36.17 20.56
CA ASP G 1195 -3.02 35.91 19.73
C ASP G 1195 -2.66 35.08 18.50
N PHE G 1196 -1.52 35.39 17.87
CA PHE G 1196 -1.06 34.59 16.73
C PHE G 1196 -0.81 33.15 17.13
N GLU G 1197 -0.20 32.93 18.29
CA GLU G 1197 0.11 31.58 18.74
C GLU G 1197 -1.15 30.78 19.05
N GLU G 1198 -2.14 31.41 19.70
CA GLU G 1198 -3.37 30.68 19.98
C GLU G 1198 -4.16 30.39 18.70
N GLN G 1199 -4.13 31.31 17.73
CA GLN G 1199 -4.74 31.05 16.43
C GLN G 1199 -4.05 29.88 15.74
N CYS G 1200 -2.72 29.83 15.80
CA CYS G 1200 -1.98 28.73 15.19
C CYS G 1200 -2.31 27.39 15.85
N ILE G 1201 -2.39 27.37 17.18
CA ILE G 1201 -2.64 26.09 17.85
C ILE G 1201 -4.07 25.60 17.59
N GLU G 1202 -5.05 26.52 17.57
CA GLU G 1202 -6.40 26.08 17.28
C GLU G 1202 -6.55 25.63 15.83
N GLU G 1203 -5.85 26.30 14.90
CA GLU G 1203 -5.86 25.86 13.52
C GLU G 1203 -5.22 24.47 13.38
N TYR G 1204 -4.12 24.24 14.12
CA TYR G 1204 -3.44 22.94 14.08
C TYR G 1204 -4.36 21.83 14.57
N PHE G 1205 -5.04 22.06 15.71
CA PHE G 1205 -5.94 21.03 16.22
C PHE G 1205 -7.11 20.79 15.28
N ARG G 1206 -7.67 21.85 14.70
CA ARG G 1206 -8.78 21.68 13.76
C ARG G 1206 -8.35 20.90 12.53
N GLU G 1207 -7.17 21.21 11.99
CA GLU G 1207 -6.66 20.50 10.82
C GLU G 1207 -6.40 19.04 11.14
N LYS G 1208 -5.85 18.76 12.33
CA LYS G 1208 -5.61 17.37 12.72
C LYS G 1208 -6.90 16.59 12.83
N ASP G 1209 -7.93 17.20 13.44
CA ASP G 1209 -9.22 16.53 13.56
C ASP G 1209 -9.85 16.29 12.19
N ASP G 1210 -9.76 17.28 11.29
CA ASP G 1210 -10.31 17.12 9.95
C ASP G 1210 -9.58 16.04 9.16
N ARG G 1211 -8.26 15.94 9.32
CA ARG G 1211 -7.53 14.86 8.66
C ARG G 1211 -7.89 13.50 9.23
N PHE G 1212 -8.10 13.42 10.54
CA PHE G 1212 -8.47 12.14 11.15
C PHE G 1212 -9.86 11.69 10.70
N ASN G 1213 -10.83 12.60 10.65
CA ASN G 1213 -12.20 12.21 10.35
C ASN G 1213 -12.40 11.82 8.89
N SER G 1214 -11.51 12.22 7.99
CA SER G 1214 -11.67 11.94 6.56
C SER G 1214 -10.80 10.78 6.09
N SER G 1215 -10.19 10.03 7.00
CA SER G 1215 -9.39 8.89 6.61
C SER G 1215 -10.28 7.72 6.22
N ASN G 1216 -9.68 6.76 5.50
CA ASN G 1216 -10.45 5.60 5.04
C ASN G 1216 -10.82 4.68 6.18
N ASP G 1217 -9.92 4.49 7.14
CA ASP G 1217 -10.19 3.57 8.24
C ASP G 1217 -11.35 4.06 9.11
N GLU G 1218 -11.36 5.36 9.44
CA GLU G 1218 -12.44 5.91 10.25
C GLU G 1218 -13.77 5.84 9.51
N ARG G 1219 -13.77 6.15 8.22
CA ARG G 1219 -14.99 6.06 7.42
C ARG G 1219 -15.51 4.63 7.37
N ILE G 1220 -14.62 3.65 7.18
CA ILE G 1220 -15.04 2.25 7.15
C ILE G 1220 -15.62 1.84 8.49
N ARG G 1221 -14.97 2.23 9.59
CA ARG G 1221 -15.47 1.85 10.93
C ARG G 1221 -16.84 2.47 11.20
N VAL G 1222 -17.00 3.76 10.88
CA VAL G 1222 -18.28 4.42 11.14
C VAL G 1222 -19.37 3.83 10.25
N THR G 1223 -19.04 3.52 8.99
CA THR G 1223 -20.00 2.88 8.10
C THR G 1223 -20.43 1.52 8.64
N SER G 1224 -19.47 0.73 9.13
CA SER G 1224 -19.80 -0.59 9.67
C SER G 1224 -20.71 -0.47 10.89
N GLU G 1225 -20.39 0.46 11.80
CA GLU G 1225 -21.22 0.63 12.99
C GLU G 1225 -22.63 1.08 12.63
N ARG G 1226 -22.75 2.05 11.72
CA ARG G 1226 -24.07 2.52 11.33
C ARG G 1226 -24.85 1.45 10.58
N VAL G 1227 -24.17 0.62 9.78
CA VAL G 1227 -24.84 -0.48 9.09
C VAL G 1227 -25.35 -1.50 10.10
N GLU G 1228 -24.56 -1.80 11.13
CA GLU G 1228 -25.01 -2.74 12.15
C GLU G 1228 -26.25 -2.21 12.88
N ASN G 1229 -26.23 -0.94 13.28
CA ASN G 1229 -27.39 -0.36 13.94
C ASN G 1229 -28.60 -0.33 13.02
N MET G 1230 -28.40 0.03 11.75
CA MET G 1230 -29.48 0.08 10.79
C MET G 1230 -30.09 -1.29 10.57
N SER G 1231 -29.26 -2.33 10.48
CA SER G 1231 -29.76 -3.68 10.33
C SER G 1231 -30.57 -4.12 11.54
N MET G 1232 -30.10 -3.79 12.75
CA MET G 1232 -30.86 -4.13 13.95
C MET G 1232 -32.22 -3.44 13.94
N ARG G 1233 -32.25 -2.15 13.59
CA ARG G 1233 -33.52 -1.42 13.59
C ARG G 1233 -34.45 -1.94 12.49
N LEU G 1234 -33.90 -2.31 11.33
CA LEU G 1234 -34.75 -2.82 10.26
C LEU G 1234 -35.32 -4.19 10.61
N GLU G 1235 -34.53 -5.03 11.28
CA GLU G 1235 -35.07 -6.31 11.75
C GLU G 1235 -36.15 -6.08 12.80
N GLU G 1236 -35.97 -5.08 13.67
CA GLU G 1236 -37.02 -4.72 14.62
C GLU G 1236 -38.30 -4.30 13.91
N VAL G 1237 -38.18 -3.48 12.86
CA VAL G 1237 -39.36 -3.03 12.11
C VAL G 1237 -40.03 -4.20 11.41
N ASN G 1238 -39.25 -5.06 10.75
CA ASN G 1238 -39.81 -6.15 9.97
C ASN G 1238 -40.47 -7.21 10.86
N GLU G 1239 -39.90 -7.48 12.03
CA GLU G 1239 -40.50 -8.46 12.93
C GLU G 1239 -41.86 -8.01 13.42
N ARG G 1240 -42.03 -6.71 13.67
CA ARG G 1240 -43.26 -6.15 14.22
C ARG G 1240 -44.11 -5.62 13.07
N GLU G 1241 -45.07 -6.43 12.63
CA GLU G 1241 -46.01 -6.05 11.59
C GLU G 1241 -47.43 -6.26 12.10
N HIS G 1242 -48.30 -5.29 11.83
CA HIS G 1242 -49.68 -5.32 12.31
C HIS G 1242 -50.67 -5.79 11.26
N SER G 1243 -50.20 -6.24 10.10
CA SER G 1243 -51.10 -6.72 9.06
C SER G 1243 -50.51 -7.92 8.33
N UNK H 1 -3.79 -20.00 60.61
CA UNK H 1 -4.10 -18.65 60.15
C UNK H 1 -5.44 -18.18 60.72
N UNK H 2 -5.92 -17.03 60.23
CA UNK H 2 -7.19 -16.48 60.68
C UNK H 2 -8.35 -17.11 59.89
N UNK H 3 -8.47 -18.43 60.00
CA UNK H 3 -9.48 -19.17 59.26
C UNK H 3 -10.60 -19.65 60.18
N UNK H 4 -10.22 -20.27 61.29
CA UNK H 4 -11.19 -20.78 62.25
C UNK H 4 -11.67 -19.67 63.18
N UNK H 5 -12.30 -18.65 62.60
CA UNK H 5 -12.82 -17.53 63.36
C UNK H 5 -14.34 -17.53 63.34
N UNK H 6 -14.92 -18.57 62.75
CA UNK H 6 -16.36 -18.72 62.67
C UNK H 6 -16.80 -20.08 63.21
N UNK H 7 -17.95 -20.55 62.75
CA UNK H 7 -18.48 -21.83 63.19
C UNK H 7 -19.38 -22.44 62.11
N UNK H 8 -19.85 -23.65 62.36
CA UNK H 8 -20.74 -24.34 61.42
C UNK H 8 -22.02 -24.79 62.13
N UNK H 9 -22.74 -25.72 61.50
CA UNK H 9 -23.98 -26.25 62.07
C UNK H 9 -24.27 -27.64 61.52
N UNK H 10 -24.23 -28.63 62.40
CA UNK H 10 -24.51 -30.01 62.01
C UNK H 10 -25.62 -30.60 62.87
N UNK H 11 -26.55 -31.31 62.23
CA UNK H 11 -27.67 -31.92 62.93
C UNK H 11 -27.19 -33.08 63.80
N UNK H 12 -27.43 -32.97 65.11
CA UNK H 12 -27.02 -34.01 66.06
C UNK H 12 -28.02 -35.14 66.08
N UNK H 13 -28.47 -35.51 67.28
CA UNK H 13 -29.44 -36.58 67.44
C UNK H 13 -30.81 -36.14 66.91
N UNK H 14 -31.16 -36.61 65.73
CA UNK H 14 -32.42 -36.22 65.10
C UNK H 14 -33.36 -37.42 64.97
N UNK H 15 -34.66 -37.13 64.90
CA UNK H 15 -35.67 -38.17 64.77
C UNK H 15 -36.88 -37.64 63.99
N UNK H 16 -37.12 -38.20 62.82
CA UNK H 16 -38.23 -37.78 61.98
C UNK H 16 -38.70 -38.93 61.08
N UNK H 17 -39.57 -38.60 60.13
CA UNK H 17 -40.13 -39.56 59.17
C UNK H 17 -40.79 -40.75 59.87
#